data_2YI9
#
_entry.id   2YI9
#
_cell.length_a   134.048
_cell.length_b   183.874
_cell.length_c   244.521
_cell.angle_alpha   90.00
_cell.angle_beta   90.00
_cell.angle_gamma   90.00
#
_symmetry.space_group_name_H-M   'P 21 21 21'
#
loop_
_entity.id
_entity.type
_entity.pdbx_description
1 polymer 'RNA-DIRECTED RNA POLYMERASE'
2 non-polymer 'MAGNESIUM ION'
3 non-polymer 'POTASSIUM ION'
4 non-polymer 'CHLORIDE ION'
5 water water
#
_entity_poly.entity_id   1
_entity_poly.type   'polypeptide(L)'
_entity_poly.pdbx_seq_one_letter_code
;MSDIFNSPQNKASILTALMKSTTGDVEDVLIPKRFRPAKDPLDSPQAAAQFLKDNKYRILRPRAIPTMVELETDAALPRL
RQMVEDGKLKDTVSVPEGTTAFYPKYYPFHKPDHDEVGTFGAPDITLLKQLTFFLLENDFPTGPETLRQVREAIATLQYG
SGSYSGQLNRLLAMKGVATGRNPNKTPKTVGYTNEQLAKLLEQTLPINTPKHEDPDLRWAPSWLINYTGDLSTDKSYLPH
VTIKSSAGLPYIGKTKGDTTAEALVLADSFIRDLGRAATSADPEAGVKKTITDFWYLSCGLLFPKGERYTQVDWDKKTRN
IWSAPYPTHLLLSMVSTPVMNESKLNITNTQTPSLYGFSPFHGGMDRIMTIIRDSLDNDEDLVMIYADNIYILQDNTWYS
IDLEKGEANCTPQHMQAMMYYLLTRGWTNEDGSPRYNPTWATFAMNVAPSMVVDSSCLLMNLQLKTYGQGSGNAFTFLNN
HLMSTIVVAEWVKAGKPNPMTKEFMDLEEKTGINFKIERELKNLRETIVEAVETAPQDGYLADGSDLPPIRPGKAVELDL
LGWSAIYSRQMEMFVPVLENERLIASAAYPKGLENKALARKPGAEIAYQIVRYEAIRLVGGWNNPLLETAAKHMSLDKRK
RLEVKGIDVTGFLDDWNNMSEFGGDLEGITLSEPLTNQTLVDINTPLDSFDPKARPQTPRSPKKTLDEVTTAITSGTYKD
PKSAVWRLLDQRTKLRVSTLRDQALALKPASSSVDNWAEATEELAQQQQLLMKANNLLKSSLTETREALEKTGHHHHHH
;
_entity_poly.pdbx_strand_id   A,B,C,D,E
#
loop_
_chem_comp.id
_chem_comp.type
_chem_comp.name
_chem_comp.formula
CL non-polymer 'CHLORIDE ION' 'Cl -1'
K non-polymer 'POTASSIUM ION' 'K 1'
MG non-polymer 'MAGNESIUM ION' 'Mg 2'
#
# COMPACT_ATOMS: atom_id res chain seq x y z
N LYS A 11 13.15 -7.96 -22.92
CA LYS A 11 13.24 -8.73 -24.18
C LYS A 11 12.92 -10.22 -24.03
N ALA A 12 12.00 -10.71 -24.85
CA ALA A 12 11.53 -12.11 -24.86
C ALA A 12 11.59 -12.69 -26.26
N SER A 13 11.55 -14.01 -26.35
CA SER A 13 11.55 -14.68 -27.64
C SER A 13 10.20 -14.51 -28.34
N ILE A 14 10.20 -14.60 -29.69
CA ILE A 14 8.99 -14.52 -30.52
C ILE A 14 7.98 -15.62 -30.12
N LEU A 15 8.47 -16.80 -29.73
CA LEU A 15 7.66 -17.93 -29.25
C LEU A 15 6.83 -17.52 -28.01
N THR A 16 7.48 -16.86 -27.02
CA THR A 16 6.83 -16.35 -25.81
C THR A 16 5.80 -15.26 -26.21
N ALA A 17 6.21 -14.30 -27.10
CA ALA A 17 5.34 -13.24 -27.60
C ALA A 17 4.09 -13.79 -28.33
N LEU A 18 4.23 -14.90 -29.10
CA LEU A 18 3.10 -15.54 -29.79
C LEU A 18 2.08 -16.14 -28.81
N MET A 19 2.57 -16.69 -27.68
CA MET A 19 1.75 -17.31 -26.62
C MET A 19 1.46 -16.33 -25.48
N ILE A 31 1.94 -17.43 -4.41
CA ILE A 31 0.64 -18.08 -4.41
C ILE A 31 0.76 -19.60 -4.55
N PRO A 32 0.19 -20.38 -3.59
CA PRO A 32 0.26 -21.85 -3.72
C PRO A 32 -0.47 -22.34 -4.98
N LYS A 33 0.04 -23.41 -5.60
CA LYS A 33 -0.59 -23.97 -6.81
C LYS A 33 -1.92 -24.68 -6.41
N ARG A 34 -2.88 -24.80 -7.36
CA ARG A 34 -4.14 -25.48 -7.10
C ARG A 34 -3.91 -26.96 -6.82
N PHE A 35 -4.66 -27.50 -5.88
CA PHE A 35 -4.57 -28.92 -5.57
C PHE A 35 -5.30 -29.72 -6.64
N ARG A 36 -4.61 -30.74 -7.19
CA ARG A 36 -5.21 -31.64 -8.17
C ARG A 36 -5.27 -33.03 -7.53
N PRO A 37 -6.47 -33.52 -7.13
CA PRO A 37 -6.55 -34.88 -6.56
C PRO A 37 -5.93 -35.94 -7.48
N ALA A 38 -5.32 -36.97 -6.90
CA ALA A 38 -4.75 -38.07 -7.67
C ALA A 38 -5.89 -38.87 -8.31
N LYS A 39 -5.56 -39.67 -9.34
CA LYS A 39 -6.52 -40.59 -9.97
C LYS A 39 -6.95 -41.56 -8.86
N ASP A 40 -8.23 -41.91 -8.85
CA ASP A 40 -8.75 -42.76 -7.79
C ASP A 40 -8.89 -44.21 -8.29
N PRO A 41 -8.04 -45.15 -7.80
CA PRO A 41 -8.17 -46.55 -8.27
C PRO A 41 -9.42 -47.27 -7.76
N LEU A 42 -10.13 -46.72 -6.77
CA LEU A 42 -11.35 -47.35 -6.22
C LEU A 42 -12.65 -46.78 -6.81
N ASP A 43 -12.55 -46.05 -7.94
CA ASP A 43 -13.71 -45.43 -8.58
C ASP A 43 -14.56 -46.36 -9.47
N SER A 44 -14.44 -47.67 -9.30
CA SER A 44 -15.24 -48.63 -10.04
C SER A 44 -15.83 -49.63 -9.04
N PRO A 45 -17.02 -50.22 -9.32
CA PRO A 45 -17.61 -51.18 -8.37
C PRO A 45 -16.73 -52.38 -8.05
N GLN A 46 -16.00 -52.91 -9.05
CA GLN A 46 -15.14 -54.09 -8.90
C GLN A 46 -13.99 -53.79 -7.95
N ALA A 47 -13.31 -52.65 -8.16
CA ALA A 47 -12.18 -52.25 -7.32
C ALA A 47 -12.63 -51.89 -5.89
N ALA A 48 -13.78 -51.20 -5.76
CA ALA A 48 -14.35 -50.85 -4.44
C ALA A 48 -14.78 -52.11 -3.65
N ALA A 49 -15.50 -53.05 -4.31
CA ALA A 49 -15.95 -54.30 -3.66
C ALA A 49 -14.75 -55.15 -3.20
N GLN A 50 -13.71 -55.26 -4.04
CA GLN A 50 -12.48 -56.01 -3.70
C GLN A 50 -11.78 -55.38 -2.49
N PHE A 51 -11.67 -54.04 -2.46
CA PHE A 51 -11.08 -53.30 -1.34
C PHE A 51 -11.83 -53.58 -0.02
N LEU A 52 -13.19 -53.56 -0.07
CA LEU A 52 -14.02 -53.81 1.10
C LEU A 52 -13.90 -55.26 1.57
N LYS A 53 -13.88 -56.22 0.62
CA LYS A 53 -13.71 -57.64 0.92
C LYS A 53 -12.35 -57.90 1.58
N ASP A 54 -11.26 -57.30 1.03
CA ASP A 54 -9.90 -57.42 1.59
C ASP A 54 -9.82 -56.87 3.00
N ASN A 55 -10.68 -55.90 3.34
CA ASN A 55 -10.70 -55.29 4.66
C ASN A 55 -11.83 -55.81 5.54
N LYS A 56 -12.48 -56.92 5.11
CA LYS A 56 -13.51 -57.63 5.86
C LYS A 56 -14.69 -56.75 6.24
N TYR A 57 -15.09 -55.87 5.32
CA TYR A 57 -16.21 -54.98 5.53
C TYR A 57 -17.40 -55.66 4.89
N ARG A 58 -18.53 -55.75 5.62
CA ARG A 58 -19.71 -56.44 5.08
C ARG A 58 -20.41 -55.75 3.89
N ILE A 59 -20.55 -56.52 2.79
CA ILE A 59 -21.30 -56.15 1.58
C ILE A 59 -22.57 -57.01 1.63
N LEU A 60 -23.76 -56.40 1.56
CA LEU A 60 -25.00 -57.18 1.59
C LEU A 60 -25.26 -57.82 0.24
N ARG A 61 -26.05 -58.91 0.24
CA ARG A 61 -26.56 -59.50 -1.00
C ARG A 61 -27.55 -58.41 -1.50
N PRO A 62 -27.39 -57.89 -2.74
CA PRO A 62 -28.24 -56.75 -3.14
C PRO A 62 -29.73 -57.04 -3.27
N ARG A 63 -30.53 -56.04 -2.93
CA ARG A 63 -31.98 -56.11 -3.04
C ARG A 63 -32.42 -55.18 -4.19
N ALA A 64 -33.52 -55.54 -4.84
CA ALA A 64 -34.04 -54.85 -6.01
C ALA A 64 -35.30 -54.05 -5.68
N ILE A 65 -35.56 -52.99 -6.46
CA ILE A 65 -36.72 -52.13 -6.27
C ILE A 65 -37.60 -52.20 -7.52
N PRO A 66 -38.93 -52.41 -7.36
CA PRO A 66 -39.82 -52.40 -8.54
C PRO A 66 -39.76 -51.07 -9.28
N THR A 67 -39.97 -51.11 -10.60
CA THR A 67 -40.02 -49.89 -11.40
C THR A 67 -41.25 -49.04 -11.02
N MET A 68 -41.21 -47.74 -11.38
CA MET A 68 -42.28 -46.80 -11.08
C MET A 68 -43.52 -47.02 -11.94
N VAL A 69 -44.68 -46.84 -11.32
CA VAL A 69 -46.02 -46.91 -11.94
C VAL A 69 -46.73 -45.58 -11.59
N GLU A 70 -47.44 -45.01 -12.56
CA GLU A 70 -48.20 -43.78 -12.36
C GLU A 70 -49.58 -44.11 -11.81
N LEU A 71 -49.93 -43.50 -10.66
CA LEU A 71 -51.24 -43.64 -10.03
C LEU A 71 -51.90 -42.26 -9.98
N GLU A 72 -53.23 -42.20 -9.89
CA GLU A 72 -53.95 -40.92 -9.75
C GLU A 72 -53.72 -40.41 -8.32
N THR A 73 -53.30 -39.14 -8.19
CA THR A 73 -53.06 -38.51 -6.89
C THR A 73 -54.30 -38.56 -5.99
N ASP A 74 -55.50 -38.27 -6.54
CA ASP A 74 -56.72 -38.30 -5.74
C ASP A 74 -57.17 -39.68 -5.26
N ALA A 75 -56.67 -40.74 -5.90
CA ALA A 75 -56.95 -42.11 -5.46
C ALA A 75 -55.91 -42.49 -4.36
N ALA A 76 -54.62 -42.14 -4.57
CA ALA A 76 -53.54 -42.45 -3.64
C ALA A 76 -53.53 -41.53 -2.40
N LEU A 77 -53.89 -40.25 -2.58
CA LEU A 77 -53.96 -39.25 -1.50
C LEU A 77 -55.37 -38.62 -1.47
N PRO A 78 -56.42 -39.38 -1.02
CA PRO A 78 -57.79 -38.81 -1.03
C PRO A 78 -57.99 -37.53 -0.23
N ARG A 79 -57.21 -37.33 0.84
CA ARG A 79 -57.26 -36.14 1.68
C ARG A 79 -56.84 -34.89 0.92
N LEU A 80 -56.11 -35.05 -0.19
CA LEU A 80 -55.62 -33.93 -0.99
C LEU A 80 -56.36 -33.71 -2.34
N ARG A 81 -57.59 -34.27 -2.48
CA ARG A 81 -58.42 -34.14 -3.69
C ARG A 81 -58.61 -32.69 -4.17
N GLN A 82 -58.92 -31.78 -3.23
CA GLN A 82 -59.13 -30.35 -3.51
C GLN A 82 -57.87 -29.68 -4.06
N MET A 83 -56.68 -30.08 -3.57
CA MET A 83 -55.40 -29.54 -4.03
C MET A 83 -55.15 -29.89 -5.51
N VAL A 84 -55.57 -31.10 -5.93
CA VAL A 84 -55.46 -31.58 -7.31
C VAL A 84 -56.43 -30.75 -8.18
N GLU A 85 -57.72 -30.65 -7.75
CA GLU A 85 -58.79 -29.87 -8.40
C GLU A 85 -58.40 -28.40 -8.60
N ASP A 86 -57.76 -27.77 -7.60
CA ASP A 86 -57.30 -26.38 -7.67
C ASP A 86 -56.02 -26.20 -8.51
N GLY A 87 -55.48 -27.30 -9.04
CA GLY A 87 -54.26 -27.30 -9.84
C GLY A 87 -53.00 -26.97 -9.06
N LYS A 88 -53.04 -27.15 -7.71
CA LYS A 88 -51.90 -26.84 -6.85
C LYS A 88 -51.03 -28.08 -6.56
N LEU A 89 -51.53 -29.27 -6.93
CA LEU A 89 -50.85 -30.55 -6.75
C LEU A 89 -51.03 -31.40 -8.01
N LYS A 90 -49.92 -31.95 -8.55
CA LYS A 90 -49.89 -32.81 -9.73
C LYS A 90 -50.90 -33.95 -9.61
N ASP A 91 -51.63 -34.24 -10.70
CA ASP A 91 -52.69 -35.25 -10.75
C ASP A 91 -52.24 -36.71 -10.77
N THR A 92 -50.94 -36.97 -10.91
CA THR A 92 -50.39 -38.33 -10.85
C THR A 92 -49.22 -38.42 -9.88
N VAL A 93 -49.03 -39.60 -9.27
CA VAL A 93 -47.90 -39.93 -8.37
C VAL A 93 -47.19 -41.16 -8.95
N SER A 94 -45.84 -41.21 -8.84
CA SER A 94 -45.00 -42.32 -9.33
C SER A 94 -44.63 -43.21 -8.16
N VAL A 95 -45.13 -44.42 -8.13
CA VAL A 95 -44.85 -45.33 -7.01
C VAL A 95 -44.18 -46.66 -7.44
N PRO A 96 -43.28 -47.24 -6.59
CA PRO A 96 -42.58 -48.48 -7.00
C PRO A 96 -43.43 -49.73 -6.93
N GLU A 97 -44.30 -49.90 -7.91
CA GLU A 97 -45.22 -51.04 -7.98
C GLU A 97 -45.15 -51.78 -9.31
N GLY A 98 -44.10 -51.52 -10.11
CA GLY A 98 -43.93 -52.16 -11.41
C GLY A 98 -43.74 -53.66 -11.36
N THR A 99 -43.93 -54.31 -12.50
CA THR A 99 -43.81 -55.76 -12.63
C THR A 99 -42.37 -56.26 -12.64
N THR A 100 -41.40 -55.33 -12.84
CA THR A 100 -39.98 -55.66 -12.92
C THR A 100 -39.23 -54.91 -11.85
N ALA A 101 -38.29 -55.58 -11.19
CA ALA A 101 -37.50 -54.93 -10.15
C ALA A 101 -36.02 -54.91 -10.53
N PHE A 102 -35.33 -53.80 -10.21
CA PHE A 102 -33.92 -53.64 -10.56
C PHE A 102 -33.10 -53.16 -9.39
N TYR A 103 -31.79 -53.40 -9.44
CA TYR A 103 -30.85 -52.97 -8.41
C TYR A 103 -30.59 -51.49 -8.56
N PRO A 104 -30.73 -50.71 -7.47
CA PRO A 104 -30.45 -49.26 -7.56
C PRO A 104 -28.95 -48.96 -7.64
N LYS A 105 -28.60 -47.82 -8.24
CA LYS A 105 -27.22 -47.36 -8.38
C LYS A 105 -27.17 -45.89 -8.02
N TYR A 106 -26.15 -45.50 -7.24
CA TYR A 106 -25.99 -44.13 -6.84
C TYR A 106 -24.53 -43.69 -7.04
N TYR A 107 -24.32 -42.67 -7.88
CA TYR A 107 -22.98 -42.14 -8.18
C TYR A 107 -22.85 -40.71 -7.71
N PRO A 108 -22.20 -40.49 -6.58
CA PRO A 108 -22.01 -39.10 -6.13
C PRO A 108 -21.04 -38.27 -6.99
N PHE A 109 -21.05 -36.95 -6.81
CA PHE A 109 -20.13 -36.05 -7.50
C PHE A 109 -18.97 -35.75 -6.58
N HIS A 110 -17.76 -36.08 -7.02
CA HIS A 110 -16.55 -35.84 -6.26
C HIS A 110 -15.81 -34.71 -6.93
N LYS A 111 -15.78 -33.56 -6.26
CA LYS A 111 -15.14 -32.36 -6.82
C LYS A 111 -14.32 -31.61 -5.78
N PRO A 112 -13.15 -31.04 -6.17
CA PRO A 112 -12.49 -31.21 -7.48
C PRO A 112 -12.01 -32.65 -7.64
N ASP A 113 -11.60 -33.03 -8.85
CA ASP A 113 -11.05 -34.37 -9.09
C ASP A 113 -9.85 -34.26 -10.03
N HIS A 114 -9.22 -35.40 -10.39
CA HIS A 114 -8.05 -35.39 -11.25
C HIS A 114 -8.28 -34.71 -12.60
N ASP A 115 -9.48 -34.89 -13.19
CA ASP A 115 -9.82 -34.34 -14.50
C ASP A 115 -10.42 -32.94 -14.49
N GLU A 116 -10.95 -32.49 -13.34
CA GLU A 116 -11.61 -31.20 -13.25
C GLU A 116 -11.23 -30.43 -11.99
N VAL A 117 -10.39 -29.38 -12.18
CA VAL A 117 -9.96 -28.47 -11.14
C VAL A 117 -10.42 -27.10 -11.64
N GLY A 118 -11.55 -26.63 -11.13
CA GLY A 118 -12.12 -25.36 -11.56
C GLY A 118 -12.48 -24.41 -10.44
N THR A 119 -13.56 -23.64 -10.67
CA THR A 119 -14.05 -22.63 -9.72
C THR A 119 -14.56 -23.28 -8.44
N PHE A 120 -15.10 -24.52 -8.53
CA PHE A 120 -15.58 -25.22 -7.33
C PHE A 120 -14.36 -25.60 -6.47
N GLY A 121 -14.39 -25.19 -5.21
CA GLY A 121 -13.30 -25.44 -4.27
C GLY A 121 -12.10 -24.54 -4.47
N ALA A 122 -12.25 -23.44 -5.26
CA ALA A 122 -11.13 -22.49 -5.47
C ALA A 122 -10.82 -21.74 -4.16
N PRO A 123 -9.52 -21.62 -3.78
CA PRO A 123 -9.18 -20.84 -2.58
C PRO A 123 -9.43 -19.35 -2.84
N ASP A 124 -9.61 -18.55 -1.77
CA ASP A 124 -9.81 -17.12 -1.98
C ASP A 124 -8.45 -16.40 -2.14
N ILE A 125 -7.89 -16.45 -3.38
CA ILE A 125 -6.62 -15.84 -3.74
C ILE A 125 -6.72 -14.30 -3.70
N THR A 126 -7.92 -13.76 -4.04
CA THR A 126 -8.16 -12.31 -4.00
C THR A 126 -7.98 -11.83 -2.55
N LEU A 127 -8.58 -12.54 -1.58
CA LEU A 127 -8.44 -12.19 -0.17
C LEU A 127 -6.96 -12.30 0.27
N LEU A 128 -6.26 -13.36 -0.14
CA LEU A 128 -4.84 -13.56 0.16
C LEU A 128 -4.00 -12.33 -0.31
N LYS A 129 -4.25 -11.85 -1.54
CA LYS A 129 -3.56 -10.69 -2.09
C LYS A 129 -3.90 -9.42 -1.30
N GLN A 130 -5.18 -9.23 -0.93
CA GLN A 130 -5.64 -8.07 -0.14
C GLN A 130 -5.02 -8.10 1.27
N LEU A 131 -4.94 -9.28 1.91
CA LEU A 131 -4.31 -9.42 3.23
C LEU A 131 -2.85 -9.00 3.14
N THR A 132 -2.17 -9.35 2.02
CA THR A 132 -0.78 -8.99 1.79
C THR A 132 -0.63 -7.48 1.62
N PHE A 133 -1.46 -6.85 0.75
CA PHE A 133 -1.43 -5.41 0.54
C PHE A 133 -1.69 -4.66 1.85
N PHE A 134 -2.71 -5.07 2.62
CA PHE A 134 -3.03 -4.40 3.88
C PHE A 134 -1.99 -4.60 4.97
N LEU A 135 -1.29 -5.74 4.98
CA LEU A 135 -0.24 -5.98 5.98
C LEU A 135 0.95 -5.04 5.71
N LEU A 136 1.25 -4.78 4.43
CA LEU A 136 2.33 -3.87 4.08
C LEU A 136 2.05 -2.44 4.53
N GLU A 137 0.76 -2.02 4.57
CA GLU A 137 0.35 -0.66 4.96
C GLU A 137 0.02 -0.50 6.46
N ASN A 138 -0.07 -1.60 7.21
CA ASN A 138 -0.50 -1.53 8.61
C ASN A 138 0.38 -2.33 9.54
N ASP A 139 0.71 -1.74 10.67
CA ASP A 139 1.53 -2.41 11.66
C ASP A 139 0.66 -3.11 12.69
N PHE A 140 0.03 -4.20 12.27
CA PHE A 140 -0.78 -4.99 13.18
C PHE A 140 0.13 -6.08 13.74
N PRO A 141 0.39 -6.13 15.07
CA PRO A 141 1.31 -7.18 15.59
C PRO A 141 0.88 -8.63 15.31
N THR A 142 -0.44 -8.92 15.18
CA THR A 142 -0.92 -10.27 14.86
C THR A 142 -1.11 -10.48 13.35
N GLY A 143 -0.91 -9.40 12.56
CA GLY A 143 -1.05 -9.41 11.10
C GLY A 143 -0.15 -10.45 10.43
N PRO A 144 1.19 -10.51 10.73
CA PRO A 144 2.05 -11.53 10.09
C PRO A 144 1.57 -12.96 10.29
N GLU A 145 1.11 -13.29 11.52
CA GLU A 145 0.61 -14.62 11.83
C GLU A 145 -0.71 -14.93 11.09
N THR A 146 -1.60 -13.91 10.95
CA THR A 146 -2.86 -14.10 10.21
C THR A 146 -2.56 -14.43 8.74
N LEU A 147 -1.65 -13.66 8.10
CA LEU A 147 -1.29 -13.89 6.71
C LEU A 147 -0.68 -15.30 6.53
N ARG A 148 0.25 -15.68 7.42
CA ARG A 148 0.91 -16.98 7.39
C ARG A 148 -0.11 -18.14 7.49
N GLN A 149 -1.09 -18.00 8.39
CA GLN A 149 -2.16 -18.99 8.62
C GLN A 149 -3.08 -19.15 7.43
N VAL A 150 -3.46 -18.03 6.79
CA VAL A 150 -4.33 -18.08 5.61
C VAL A 150 -3.57 -18.76 4.45
N ARG A 151 -2.30 -18.39 4.26
CA ARG A 151 -1.43 -18.96 3.22
C ARG A 151 -1.27 -20.47 3.44
N GLU A 152 -1.01 -20.87 4.70
CA GLU A 152 -0.84 -22.28 5.08
C GLU A 152 -2.14 -23.07 4.85
N ALA A 153 -3.32 -22.49 5.18
CA ALA A 153 -4.62 -23.16 4.97
C ALA A 153 -4.88 -23.33 3.46
N ILE A 154 -4.52 -22.32 2.65
CA ILE A 154 -4.67 -22.42 1.18
C ILE A 154 -3.78 -23.58 0.63
N ALA A 155 -2.54 -23.66 1.11
CA ALA A 155 -1.55 -24.66 0.67
C ALA A 155 -1.84 -26.08 1.17
N THR A 156 -2.49 -26.24 2.34
CA THR A 156 -2.68 -27.56 2.94
C THR A 156 -4.09 -28.11 2.93
N LEU A 157 -5.11 -27.24 2.78
CA LEU A 157 -6.50 -27.68 2.78
C LEU A 157 -7.12 -27.62 1.40
N GLN A 158 -8.32 -28.19 1.28
CA GLN A 158 -9.10 -28.19 0.05
C GLN A 158 -10.56 -28.33 0.40
N TYR A 159 -11.37 -27.35 -0.02
CA TYR A 159 -12.81 -27.48 0.13
C TYR A 159 -13.31 -28.35 -1.04
N GLY A 160 -14.14 -29.33 -0.73
CA GLY A 160 -14.72 -30.18 -1.76
C GLY A 160 -15.40 -31.39 -1.21
N SER A 161 -15.78 -32.31 -2.09
CA SER A 161 -16.52 -33.49 -1.70
C SER A 161 -15.73 -34.81 -1.72
N GLY A 162 -14.41 -34.71 -1.54
CA GLY A 162 -13.54 -35.87 -1.43
C GLY A 162 -13.53 -36.81 -2.63
N SER A 163 -13.44 -38.11 -2.35
CA SER A 163 -13.33 -39.14 -3.38
C SER A 163 -13.98 -40.46 -2.93
N TYR A 164 -14.10 -41.42 -3.87
CA TYR A 164 -14.59 -42.77 -3.55
C TYR A 164 -13.65 -43.40 -2.51
N SER A 165 -12.32 -43.31 -2.73
CA SER A 165 -11.31 -43.83 -1.78
C SER A 165 -11.51 -43.24 -0.37
N GLY A 166 -11.75 -41.93 -0.29
CA GLY A 166 -11.99 -41.24 0.99
C GLY A 166 -13.24 -41.76 1.67
N GLN A 167 -14.33 -41.93 0.91
CA GLN A 167 -15.61 -42.46 1.43
C GLN A 167 -15.44 -43.89 1.93
N LEU A 168 -14.72 -44.73 1.16
CA LEU A 168 -14.48 -46.15 1.50
C LEU A 168 -13.56 -46.31 2.70
N ASN A 169 -12.49 -45.50 2.80
CA ASN A 169 -11.60 -45.51 3.96
C ASN A 169 -12.34 -45.02 5.19
N ARG A 170 -13.26 -44.06 5.02
CA ARG A 170 -14.10 -43.57 6.13
C ARG A 170 -15.00 -44.71 6.64
N LEU A 171 -15.62 -45.49 5.71
CA LEU A 171 -16.45 -46.65 6.10
C LEU A 171 -15.63 -47.65 6.94
N LEU A 172 -14.35 -47.90 6.58
CA LEU A 172 -13.47 -48.79 7.34
C LEU A 172 -13.23 -48.26 8.74
N ALA A 173 -13.04 -46.93 8.88
CA ALA A 173 -12.84 -46.31 10.20
C ALA A 173 -14.11 -46.48 11.07
N MET A 174 -15.32 -46.36 10.45
CA MET A 174 -16.61 -46.56 11.15
C MET A 174 -16.72 -48.00 11.63
N LYS A 175 -16.37 -48.99 10.76
CA LYS A 175 -16.36 -50.41 11.15
C LYS A 175 -15.37 -50.63 12.32
N GLY A 176 -14.21 -50.00 12.26
CA GLY A 176 -13.20 -50.11 13.32
C GLY A 176 -13.71 -49.61 14.66
N VAL A 177 -14.44 -48.48 14.67
CA VAL A 177 -15.03 -47.91 15.90
C VAL A 177 -16.11 -48.85 16.45
N ALA A 178 -16.96 -49.37 15.56
CA ALA A 178 -18.06 -50.24 15.96
C ALA A 178 -17.63 -51.63 16.42
N THR A 179 -16.60 -52.22 15.77
CA THR A 179 -16.25 -53.62 16.00
C THR A 179 -14.78 -53.93 16.30
N GLY A 180 -13.90 -52.93 16.25
CA GLY A 180 -12.46 -53.13 16.40
C GLY A 180 -11.93 -53.18 17.82
N ARG A 181 -11.07 -52.21 18.18
CA ARG A 181 -10.43 -52.17 19.51
C ARG A 181 -11.43 -52.11 20.68
N ASN A 182 -12.58 -51.45 20.48
CA ASN A 182 -13.57 -51.25 21.51
C ASN A 182 -14.97 -51.53 20.95
N PRO A 183 -15.37 -52.82 20.80
CA PRO A 183 -16.68 -53.12 20.20
C PRO A 183 -17.86 -52.47 20.94
N ASN A 184 -18.89 -52.08 20.18
CA ASN A 184 -20.09 -51.44 20.70
C ASN A 184 -20.79 -52.30 21.75
N LYS A 185 -21.48 -51.65 22.69
CA LYS A 185 -22.24 -52.32 23.72
C LYS A 185 -23.63 -51.72 23.77
N THR A 186 -24.65 -52.58 23.84
CA THR A 186 -26.02 -52.07 24.01
C THR A 186 -26.12 -51.44 25.44
N PRO A 187 -27.04 -50.49 25.69
CA PRO A 187 -27.22 -49.99 27.07
C PRO A 187 -27.42 -51.13 28.12
N LYS A 188 -28.11 -52.23 27.76
CA LYS A 188 -28.34 -53.42 28.58
C LYS A 188 -27.02 -54.11 28.99
N THR A 189 -26.09 -54.26 28.04
CA THR A 189 -24.77 -54.83 28.32
C THR A 189 -23.99 -53.92 29.30
N VAL A 190 -24.08 -52.58 29.14
CA VAL A 190 -23.41 -51.61 30.03
C VAL A 190 -24.04 -51.72 31.44
N GLY A 191 -25.34 -52.02 31.51
CA GLY A 191 -26.05 -52.21 32.77
C GLY A 191 -27.24 -51.31 33.02
N TYR A 192 -27.78 -50.66 31.97
CA TYR A 192 -28.94 -49.76 32.09
C TYR A 192 -30.19 -50.32 31.45
N THR A 193 -31.33 -50.18 32.12
CA THR A 193 -32.63 -50.53 31.53
C THR A 193 -33.09 -49.23 30.81
N ASN A 194 -34.18 -49.30 30.02
CA ASN A 194 -34.72 -48.12 29.36
C ASN A 194 -35.18 -47.04 30.35
N GLU A 195 -35.78 -47.47 31.47
CA GLU A 195 -36.23 -46.53 32.51
C GLU A 195 -35.06 -45.80 33.18
N GLN A 196 -33.95 -46.51 33.46
CA GLN A 196 -32.75 -45.90 34.03
C GLN A 196 -32.16 -44.87 33.09
N LEU A 197 -32.13 -45.17 31.77
CA LEU A 197 -31.64 -44.22 30.77
C LEU A 197 -32.55 -43.02 30.70
N ALA A 198 -33.89 -43.25 30.79
CA ALA A 198 -34.88 -42.16 30.77
C ALA A 198 -34.68 -41.20 31.97
N LYS A 199 -34.33 -41.75 33.14
CA LYS A 199 -34.07 -40.96 34.34
C LYS A 199 -32.83 -40.09 34.16
N LEU A 200 -31.81 -40.61 33.46
CA LEU A 200 -30.60 -39.82 33.14
C LEU A 200 -30.96 -38.71 32.15
N LEU A 201 -31.73 -39.06 31.09
CA LEU A 201 -32.16 -38.11 30.04
C LEU A 201 -33.07 -36.99 30.57
N GLU A 202 -33.86 -37.25 31.64
CA GLU A 202 -34.68 -36.18 32.26
C GLU A 202 -33.76 -35.04 32.72
N GLN A 203 -32.51 -35.38 33.06
CA GLN A 203 -31.52 -34.40 33.50
C GLN A 203 -30.64 -33.88 32.36
N THR A 204 -30.17 -34.76 31.46
CA THR A 204 -29.23 -34.39 30.37
C THR A 204 -29.89 -33.90 29.11
N LEU A 205 -31.15 -34.27 28.91
CA LEU A 205 -31.93 -33.85 27.74
C LEU A 205 -33.39 -33.61 28.19
N PRO A 206 -33.61 -32.60 29.06
CA PRO A 206 -34.99 -32.34 29.53
C PRO A 206 -35.91 -32.01 28.35
N ILE A 207 -37.10 -32.63 28.34
CA ILE A 207 -38.05 -32.39 27.27
C ILE A 207 -39.41 -32.01 27.82
N ASN A 208 -40.17 -31.26 27.02
CA ASN A 208 -41.55 -30.96 27.31
C ASN A 208 -42.37 -31.86 26.40
N THR A 209 -43.68 -31.94 26.64
CA THR A 209 -44.51 -32.74 25.73
C THR A 209 -44.77 -31.87 24.46
N PRO A 210 -45.20 -32.45 23.32
CA PRO A 210 -45.64 -31.59 22.20
C PRO A 210 -46.82 -30.70 22.67
N LYS A 211 -47.15 -29.64 21.91
CA LYS A 211 -48.29 -28.75 22.19
C LYS A 211 -49.57 -29.58 22.23
N HIS A 212 -50.52 -29.22 23.10
CA HIS A 212 -51.78 -29.95 23.26
C HIS A 212 -52.60 -29.99 21.97
N GLU A 213 -52.45 -28.94 21.14
CA GLU A 213 -53.09 -28.83 19.84
C GLU A 213 -52.33 -29.62 18.74
N ASP A 214 -51.08 -30.07 18.99
CA ASP A 214 -50.35 -30.89 18.02
C ASP A 214 -51.01 -32.26 18.00
N PRO A 215 -51.28 -32.84 16.80
CA PRO A 215 -51.90 -34.17 16.77
C PRO A 215 -51.03 -35.24 17.42
N ASP A 216 -51.67 -36.20 18.07
CA ASP A 216 -51.03 -37.38 18.66
C ASP A 216 -50.47 -38.26 17.52
N LEU A 217 -49.66 -39.27 17.88
CA LEU A 217 -49.10 -40.21 16.89
C LEU A 217 -50.16 -41.29 16.66
N ARG A 218 -51.17 -40.96 15.85
CA ARG A 218 -52.30 -41.85 15.61
C ARG A 218 -52.70 -41.94 14.14
N TRP A 219 -52.08 -41.14 13.28
CA TRP A 219 -52.52 -41.00 11.90
C TRP A 219 -51.48 -41.26 10.85
N ALA A 220 -51.97 -41.49 9.62
CA ALA A 220 -51.13 -41.57 8.43
C ALA A 220 -50.63 -40.12 8.17
N PRO A 221 -49.36 -39.89 7.78
CA PRO A 221 -48.89 -38.50 7.56
C PRO A 221 -49.78 -37.58 6.72
N SER A 222 -50.38 -38.08 5.60
CA SER A 222 -51.20 -37.22 4.74
C SER A 222 -52.46 -36.65 5.41
N TRP A 223 -52.90 -37.26 6.51
CA TRP A 223 -54.06 -36.81 7.29
C TRP A 223 -53.75 -35.58 8.14
N LEU A 224 -52.46 -35.20 8.24
CA LEU A 224 -51.98 -34.05 8.99
C LEU A 224 -51.88 -32.79 8.12
N ILE A 225 -52.40 -32.88 6.89
CA ILE A 225 -52.45 -31.76 5.96
C ILE A 225 -53.89 -31.28 5.85
N ASN A 226 -54.13 -30.01 6.19
CA ASN A 226 -55.45 -29.38 6.12
C ASN A 226 -55.43 -28.39 4.96
N TYR A 227 -56.03 -28.79 3.83
CA TYR A 227 -56.10 -27.93 2.66
C TYR A 227 -57.54 -27.79 2.15
N THR A 228 -58.01 -26.54 1.96
CA THR A 228 -59.35 -26.26 1.36
C THR A 228 -59.26 -25.11 0.34
N GLY A 229 -58.14 -24.40 0.35
CA GLY A 229 -57.92 -23.23 -0.50
C GLY A 229 -57.91 -21.95 0.31
N ASP A 230 -58.54 -21.98 1.50
CA ASP A 230 -58.63 -20.86 2.43
C ASP A 230 -57.27 -20.64 3.12
N LEU A 231 -56.54 -19.58 2.70
CA LEU A 231 -55.21 -19.19 3.21
C LEU A 231 -55.14 -18.93 4.72
N SER A 232 -56.27 -18.54 5.32
CA SER A 232 -56.35 -18.28 6.76
C SER A 232 -56.26 -19.57 7.59
N THR A 233 -56.80 -20.69 7.05
CA THR A 233 -56.82 -21.99 7.75
C THR A 233 -55.91 -23.10 7.18
N ASP A 234 -55.44 -22.95 5.92
CA ASP A 234 -54.59 -23.97 5.26
C ASP A 234 -53.32 -24.21 6.06
N LYS A 235 -53.16 -25.44 6.58
CA LYS A 235 -52.04 -25.80 7.44
C LYS A 235 -51.59 -27.25 7.27
N SER A 236 -50.32 -27.48 7.56
CA SER A 236 -49.71 -28.80 7.63
C SER A 236 -49.19 -28.96 9.07
N TYR A 237 -49.55 -30.07 9.72
CA TYR A 237 -49.09 -30.37 11.08
C TYR A 237 -47.85 -31.28 11.02
N LEU A 238 -47.31 -31.47 9.82
CA LEU A 238 -46.15 -32.30 9.57
C LEU A 238 -44.84 -31.55 9.79
N PRO A 239 -43.70 -32.25 9.96
CA PRO A 239 -42.42 -31.53 10.09
C PRO A 239 -42.09 -30.76 8.80
N HIS A 240 -41.24 -29.72 8.94
CA HIS A 240 -40.77 -28.95 7.80
C HIS A 240 -39.58 -29.69 7.18
N VAL A 241 -39.36 -29.49 5.89
CA VAL A 241 -38.31 -30.23 5.14
C VAL A 241 -37.45 -29.28 4.32
N THR A 242 -36.26 -29.75 3.93
CA THR A 242 -35.36 -29.01 3.05
C THR A 242 -35.74 -29.44 1.65
N ILE A 243 -36.48 -28.59 0.94
CA ILE A 243 -36.99 -28.82 -0.43
C ILE A 243 -35.92 -29.29 -1.44
N LYS A 244 -34.73 -28.68 -1.38
CA LYS A 244 -33.61 -28.97 -2.30
C LYS A 244 -32.78 -30.20 -1.92
N SER A 245 -32.98 -30.76 -0.72
CA SER A 245 -32.23 -31.95 -0.28
C SER A 245 -32.70 -33.19 -1.07
N SER A 246 -31.86 -34.20 -1.09
CA SER A 246 -32.09 -35.45 -1.80
C SER A 246 -33.34 -36.20 -1.27
N ALA A 247 -34.13 -36.77 -2.19
CA ALA A 247 -35.30 -37.57 -1.84
C ALA A 247 -34.86 -38.91 -1.22
N GLY A 248 -33.67 -39.39 -1.60
CA GLY A 248 -33.15 -40.69 -1.19
C GLY A 248 -33.89 -41.79 -1.95
N LEU A 249 -33.68 -43.06 -1.57
CA LEU A 249 -34.40 -44.18 -2.19
C LEU A 249 -35.90 -44.05 -1.91
N PRO A 250 -36.78 -44.43 -2.86
CA PRO A 250 -36.53 -45.00 -4.19
C PRO A 250 -36.47 -43.95 -5.33
N TYR A 251 -36.09 -42.68 -5.03
CA TYR A 251 -36.06 -41.62 -6.05
C TYR A 251 -34.69 -41.00 -6.19
N ILE A 252 -33.70 -41.82 -6.57
CA ILE A 252 -32.31 -41.34 -6.79
C ILE A 252 -32.34 -40.24 -7.87
N GLY A 253 -31.63 -39.14 -7.63
CA GLY A 253 -31.54 -38.04 -8.58
C GLY A 253 -32.65 -37.00 -8.43
N LYS A 254 -33.59 -37.21 -7.50
CA LYS A 254 -34.70 -36.29 -7.25
C LYS A 254 -34.51 -35.58 -5.92
N THR A 255 -35.14 -34.41 -5.77
CA THR A 255 -35.13 -33.65 -4.52
C THR A 255 -36.43 -33.94 -3.77
N LYS A 256 -36.52 -33.49 -2.52
CA LYS A 256 -37.74 -33.59 -1.72
C LYS A 256 -38.89 -32.77 -2.37
N GLY A 257 -38.56 -31.65 -2.99
CA GLY A 257 -39.51 -30.82 -3.73
C GLY A 257 -40.16 -31.54 -4.90
N ASP A 258 -39.46 -32.50 -5.53
CA ASP A 258 -40.02 -33.27 -6.66
C ASP A 258 -40.83 -34.48 -6.19
N THR A 259 -40.70 -34.88 -4.90
CA THR A 259 -41.26 -36.16 -4.43
C THR A 259 -42.09 -36.12 -3.15
N THR A 260 -42.60 -34.96 -2.75
CA THR A 260 -43.41 -34.85 -1.53
C THR A 260 -44.67 -35.71 -1.55
N ALA A 261 -45.42 -35.69 -2.65
CA ALA A 261 -46.64 -36.50 -2.75
C ALA A 261 -46.30 -38.00 -2.67
N GLU A 262 -45.20 -38.42 -3.36
CA GLU A 262 -44.72 -39.80 -3.37
C GLU A 262 -44.29 -40.23 -1.96
N ALA A 263 -43.60 -39.34 -1.21
CA ALA A 263 -43.15 -39.64 0.14
C ALA A 263 -44.36 -39.85 1.05
N LEU A 264 -45.43 -39.05 0.87
CA LEU A 264 -46.65 -39.18 1.66
C LEU A 264 -47.33 -40.50 1.38
N VAL A 265 -47.41 -40.90 0.09
CA VAL A 265 -48.01 -42.19 -0.31
C VAL A 265 -47.24 -43.35 0.34
N LEU A 266 -45.91 -43.35 0.24
CA LEU A 266 -45.04 -44.40 0.80
C LEU A 266 -45.06 -44.44 2.33
N ALA A 267 -44.98 -43.27 2.98
CA ALA A 267 -45.04 -43.18 4.43
C ALA A 267 -46.44 -43.64 4.92
N ASP A 268 -47.54 -43.20 4.25
CA ASP A 268 -48.89 -43.66 4.62
C ASP A 268 -48.97 -45.19 4.47
N SER A 269 -48.50 -45.73 3.32
CA SER A 269 -48.56 -47.18 3.06
C SER A 269 -47.77 -48.00 4.06
N PHE A 270 -46.57 -47.55 4.41
CA PHE A 270 -45.73 -48.27 5.35
C PHE A 270 -46.39 -48.36 6.74
N ILE A 271 -46.88 -47.23 7.27
CA ILE A 271 -47.52 -47.19 8.57
C ILE A 271 -48.87 -47.98 8.59
N ARG A 272 -49.66 -47.86 7.50
CA ARG A 272 -50.93 -48.58 7.35
C ARG A 272 -50.68 -50.10 7.30
N ASP A 273 -49.74 -50.56 6.45
CA ASP A 273 -49.43 -51.99 6.33
C ASP A 273 -48.85 -52.58 7.59
N LEU A 274 -47.99 -51.81 8.30
CA LEU A 274 -47.39 -52.23 9.55
C LEU A 274 -48.48 -52.41 10.62
N GLY A 275 -49.38 -51.43 10.73
CA GLY A 275 -50.48 -51.43 11.67
C GLY A 275 -51.44 -52.58 11.46
N ARG A 276 -51.81 -52.88 10.19
CA ARG A 276 -52.70 -53.98 9.82
C ARG A 276 -52.04 -55.32 10.07
N ALA A 277 -50.74 -55.45 9.72
CA ALA A 277 -49.98 -56.68 9.92
C ALA A 277 -49.86 -57.01 11.40
N ALA A 278 -49.57 -55.99 12.24
CA ALA A 278 -49.39 -56.14 13.68
C ALA A 278 -50.61 -56.71 14.42
N THR A 279 -51.84 -56.45 13.93
CA THR A 279 -53.06 -56.96 14.56
C THR A 279 -53.71 -58.13 13.77
N SER A 280 -53.02 -58.64 12.73
CA SER A 280 -53.53 -59.72 11.89
C SER A 280 -53.44 -61.10 12.60
N ALA A 281 -53.94 -62.16 11.93
CA ALA A 281 -53.92 -63.54 12.42
C ALA A 281 -52.48 -64.08 12.54
N ASP A 282 -51.53 -63.53 11.73
CA ASP A 282 -50.12 -63.90 11.73
C ASP A 282 -49.24 -62.62 11.74
N PRO A 283 -49.07 -61.95 12.93
CA PRO A 283 -48.29 -60.71 12.97
C PRO A 283 -46.83 -60.84 12.51
N GLU A 284 -46.18 -61.96 12.81
CA GLU A 284 -44.80 -62.17 12.37
C GLU A 284 -44.68 -62.19 10.85
N ALA A 285 -45.50 -63.02 10.15
CA ALA A 285 -45.46 -63.13 8.69
C ALA A 285 -45.79 -61.79 8.03
N GLY A 286 -46.82 -61.11 8.52
CA GLY A 286 -47.28 -59.84 7.97
C GLY A 286 -46.29 -58.69 8.18
N VAL A 287 -45.74 -58.59 9.39
CA VAL A 287 -44.77 -57.53 9.73
C VAL A 287 -43.49 -57.72 8.92
N LYS A 288 -42.97 -58.97 8.85
CA LYS A 288 -41.76 -59.26 8.08
C LYS A 288 -41.97 -58.98 6.60
N LYS A 289 -43.14 -59.34 6.06
CA LYS A 289 -43.46 -59.08 4.66
C LYS A 289 -43.42 -57.58 4.33
N THR A 290 -44.06 -56.74 5.18
CA THR A 290 -44.11 -55.28 5.02
C THR A 290 -42.69 -54.70 5.05
N ILE A 291 -41.87 -55.15 6.01
CA ILE A 291 -40.51 -54.69 6.17
C ILE A 291 -39.64 -55.02 4.93
N THR A 292 -39.74 -56.28 4.44
CA THR A 292 -39.04 -56.74 3.23
C THR A 292 -39.53 -55.95 2.01
N ASP A 293 -40.87 -55.77 1.84
CA ASP A 293 -41.44 -55.00 0.71
C ASP A 293 -40.92 -53.56 0.69
N PHE A 294 -40.68 -52.96 1.87
CA PHE A 294 -40.20 -51.59 1.99
C PHE A 294 -38.75 -51.54 2.45
N TRP A 295 -37.92 -52.55 2.08
CA TRP A 295 -36.51 -52.63 2.49
C TRP A 295 -35.74 -51.33 2.25
N TYR A 296 -36.01 -50.67 1.10
CA TYR A 296 -35.30 -49.47 0.65
C TYR A 296 -35.46 -48.27 1.56
N LEU A 297 -36.47 -48.32 2.46
CA LEU A 297 -36.69 -47.30 3.48
C LEU A 297 -35.60 -47.35 4.58
N SER A 298 -34.78 -48.39 4.59
CA SER A 298 -33.69 -48.57 5.56
C SER A 298 -32.29 -48.40 4.92
N CYS A 299 -32.24 -47.99 3.64
CA CYS A 299 -30.97 -47.90 2.95
C CYS A 299 -30.67 -46.43 2.56
N GLY A 300 -29.59 -45.89 3.11
CA GLY A 300 -29.21 -44.51 2.86
C GLY A 300 -28.27 -44.33 1.68
N LEU A 301 -28.42 -43.26 0.90
CA LEU A 301 -27.46 -42.98 -0.18
C LEU A 301 -26.21 -42.43 0.52
N LEU A 302 -25.03 -42.96 0.19
CA LEU A 302 -23.81 -42.52 0.87
C LEU A 302 -23.23 -41.28 0.17
N PHE A 303 -23.74 -40.11 0.58
CA PHE A 303 -23.41 -38.81 0.03
C PHE A 303 -22.08 -38.29 0.61
N PRO A 304 -21.08 -37.95 -0.23
CA PRO A 304 -19.81 -37.40 0.31
C PRO A 304 -20.03 -35.95 0.77
N LYS A 305 -19.74 -35.67 2.03
CA LYS A 305 -19.94 -34.33 2.59
C LYS A 305 -18.88 -33.30 2.08
N GLY A 306 -19.35 -32.11 1.70
CA GLY A 306 -18.49 -31.00 1.31
C GLY A 306 -17.82 -30.40 2.53
N GLU A 307 -16.49 -30.48 2.62
CA GLU A 307 -15.74 -29.96 3.77
C GLU A 307 -14.38 -29.45 3.36
N ARG A 308 -13.68 -28.78 4.30
CA ARG A 308 -12.31 -28.36 4.07
C ARG A 308 -11.42 -29.50 4.54
N TYR A 309 -11.18 -30.44 3.64
CA TYR A 309 -10.33 -31.59 3.94
C TYR A 309 -8.86 -31.21 3.82
N THR A 310 -7.98 -32.01 4.45
CA THR A 310 -6.54 -31.86 4.34
C THR A 310 -6.16 -32.50 2.99
N GLN A 311 -5.37 -31.78 2.18
CA GLN A 311 -4.96 -32.26 0.87
C GLN A 311 -4.25 -33.62 0.92
N VAL A 312 -3.29 -33.80 1.84
CA VAL A 312 -2.55 -35.06 1.96
C VAL A 312 -3.42 -36.26 2.35
N ASP A 313 -4.56 -36.02 3.00
CA ASP A 313 -5.49 -37.05 3.44
C ASP A 313 -6.76 -37.12 2.58
N TRP A 314 -6.80 -36.44 1.40
CA TRP A 314 -7.95 -36.40 0.49
C TRP A 314 -8.59 -37.79 0.23
N ASP A 315 -7.75 -38.80 -0.07
CA ASP A 315 -8.19 -40.17 -0.37
C ASP A 315 -8.27 -41.09 0.85
N LYS A 316 -7.97 -40.56 2.05
CA LYS A 316 -7.97 -41.33 3.29
C LYS A 316 -9.22 -41.08 4.09
N LYS A 317 -9.89 -39.95 3.88
CA LYS A 317 -11.04 -39.59 4.67
C LYS A 317 -11.95 -38.59 3.98
N THR A 318 -13.15 -39.03 3.67
CA THR A 318 -14.23 -38.18 3.18
C THR A 318 -15.37 -38.49 4.16
N ARG A 319 -15.95 -37.47 4.79
CA ARG A 319 -17.09 -37.69 5.67
C ARG A 319 -18.32 -37.97 4.83
N ASN A 320 -19.18 -38.84 5.32
CA ASN A 320 -20.39 -39.22 4.60
C ASN A 320 -21.63 -38.75 5.25
N ILE A 321 -22.65 -38.43 4.45
CA ILE A 321 -24.00 -38.16 4.93
C ILE A 321 -24.81 -39.38 4.48
N TRP A 322 -25.41 -40.10 5.43
CA TRP A 322 -26.29 -41.23 5.15
C TRP A 322 -27.62 -40.54 4.77
N SER A 323 -27.91 -40.46 3.45
CA SER A 323 -29.12 -39.75 2.98
C SER A 323 -30.33 -40.64 3.05
N ALA A 324 -31.12 -40.40 4.08
CA ALA A 324 -32.30 -41.16 4.41
C ALA A 324 -33.40 -41.06 3.39
N PRO A 325 -34.08 -42.19 3.11
CA PRO A 325 -35.27 -42.14 2.26
C PRO A 325 -36.28 -41.13 2.87
N TYR A 326 -36.82 -40.26 2.02
CA TYR A 326 -37.81 -39.24 2.40
C TYR A 326 -38.95 -39.81 3.30
N PRO A 327 -39.61 -40.97 2.97
CA PRO A 327 -40.69 -41.47 3.85
C PRO A 327 -40.22 -41.79 5.27
N THR A 328 -39.01 -42.35 5.40
CA THR A 328 -38.39 -42.69 6.71
C THR A 328 -38.10 -41.39 7.48
N HIS A 329 -37.51 -40.41 6.81
CA HIS A 329 -37.21 -39.11 7.40
C HIS A 329 -38.49 -38.47 7.94
N LEU A 330 -39.56 -38.52 7.17
CA LEU A 330 -40.84 -37.97 7.57
C LEU A 330 -41.44 -38.69 8.79
N LEU A 331 -41.47 -40.02 8.79
CA LEU A 331 -42.02 -40.80 9.91
C LEU A 331 -41.24 -40.60 11.19
N LEU A 332 -39.88 -40.61 11.12
CA LEU A 332 -39.04 -40.38 12.28
C LEU A 332 -39.23 -38.98 12.82
N SER A 333 -39.25 -37.96 11.92
CA SER A 333 -39.39 -36.55 12.30
C SER A 333 -40.75 -36.26 12.96
N MET A 334 -41.78 -37.02 12.63
CA MET A 334 -43.11 -36.88 13.26
C MET A 334 -43.05 -37.25 14.75
N VAL A 335 -42.11 -38.13 15.13
CA VAL A 335 -41.94 -38.56 16.53
C VAL A 335 -41.07 -37.53 17.29
N SER A 336 -39.94 -37.13 16.70
CA SER A 336 -38.98 -36.25 17.37
C SER A 336 -39.31 -34.75 17.37
N THR A 337 -39.61 -34.17 16.21
CA THR A 337 -39.79 -32.73 16.04
C THR A 337 -40.85 -32.06 16.90
N PRO A 338 -42.09 -32.62 17.08
CA PRO A 338 -43.08 -31.92 17.95
C PRO A 338 -42.60 -31.84 19.40
N VAL A 339 -41.78 -32.80 19.84
CA VAL A 339 -41.22 -32.82 21.20
C VAL A 339 -40.07 -31.78 21.26
N MET A 340 -39.10 -31.91 20.35
CA MET A 340 -37.91 -31.06 20.35
C MET A 340 -38.20 -29.58 20.12
N ASN A 341 -39.24 -29.26 19.33
CA ASN A 341 -39.66 -27.86 19.09
C ASN A 341 -40.12 -27.17 20.37
N GLU A 342 -40.59 -27.94 21.37
CA GLU A 342 -41.07 -27.48 22.68
C GLU A 342 -40.00 -27.65 23.77
N SER A 343 -38.79 -28.08 23.39
CA SER A 343 -37.75 -28.45 24.36
C SER A 343 -36.38 -27.80 24.14
N LYS A 344 -36.35 -26.47 23.86
CA LYS A 344 -35.07 -25.73 23.69
C LYS A 344 -34.57 -25.36 25.09
N LEU A 345 -34.25 -26.41 25.84
CA LEU A 345 -33.85 -26.33 27.23
C LEU A 345 -32.40 -26.67 27.35
N ASN A 346 -31.62 -25.71 27.85
CA ASN A 346 -30.19 -25.88 27.98
C ASN A 346 -29.68 -25.16 29.21
N ILE A 347 -28.39 -25.34 29.53
CA ILE A 347 -27.72 -24.77 30.70
C ILE A 347 -27.91 -23.24 30.88
N THR A 348 -28.15 -22.49 29.78
CA THR A 348 -28.33 -21.01 29.88
C THR A 348 -29.73 -20.62 30.34
N ASN A 349 -30.70 -21.54 30.27
CA ASN A 349 -32.07 -21.20 30.67
C ASN A 349 -32.68 -22.25 31.63
N THR A 350 -31.96 -23.35 31.91
CA THR A 350 -32.49 -24.45 32.73
C THR A 350 -31.32 -25.07 33.48
N GLN A 351 -31.60 -25.69 34.63
CA GLN A 351 -30.58 -26.37 35.42
C GLN A 351 -30.37 -27.79 34.86
N THR A 352 -29.58 -27.84 33.80
CA THR A 352 -29.27 -29.06 33.05
C THR A 352 -27.87 -28.96 32.45
N PRO A 353 -27.11 -30.08 32.28
CA PRO A 353 -25.86 -29.99 31.53
C PRO A 353 -26.07 -29.83 30.01
N SER A 354 -27.30 -30.02 29.50
CA SER A 354 -27.59 -29.95 28.06
C SER A 354 -27.24 -28.59 27.42
N LEU A 355 -26.74 -28.64 26.18
CA LEU A 355 -26.47 -27.45 25.38
C LEU A 355 -27.45 -27.39 24.21
N TYR A 356 -28.49 -28.26 24.21
CA TYR A 356 -29.48 -28.28 23.10
C TYR A 356 -30.11 -26.88 22.83
N GLY A 357 -30.08 -26.45 21.58
CA GLY A 357 -30.63 -25.16 21.18
C GLY A 357 -29.77 -23.96 21.59
N PHE A 358 -28.54 -24.20 22.08
CA PHE A 358 -27.67 -23.10 22.51
C PHE A 358 -27.23 -22.19 21.36
N SER A 359 -27.24 -20.89 21.59
CA SER A 359 -26.69 -19.90 20.68
C SER A 359 -25.74 -19.04 21.53
N PRO A 360 -24.50 -18.77 21.07
CA PRO A 360 -23.59 -17.90 21.86
C PRO A 360 -23.95 -16.41 21.70
N PHE A 361 -24.82 -16.09 20.73
CA PHE A 361 -25.25 -14.72 20.47
C PHE A 361 -26.34 -14.30 21.42
N HIS A 362 -26.68 -12.98 21.44
CA HIS A 362 -27.70 -12.42 22.32
C HIS A 362 -27.47 -12.72 23.80
N GLY A 363 -26.20 -12.71 24.20
CA GLY A 363 -25.76 -12.94 25.58
C GLY A 363 -25.50 -14.38 25.99
N GLY A 364 -25.65 -15.32 25.06
CA GLY A 364 -25.45 -16.75 25.33
C GLY A 364 -24.07 -17.10 25.86
N MET A 365 -23.02 -16.60 25.18
CA MET A 365 -21.63 -16.86 25.61
C MET A 365 -21.37 -16.28 27.01
N ASP A 366 -21.89 -15.07 27.30
CA ASP A 366 -21.69 -14.48 28.62
C ASP A 366 -22.42 -15.29 29.71
N ARG A 367 -23.57 -15.90 29.37
CA ARG A 367 -24.28 -16.77 30.34
C ARG A 367 -23.40 -18.00 30.65
N ILE A 368 -22.78 -18.60 29.61
CA ILE A 368 -21.86 -19.73 29.80
C ILE A 368 -20.68 -19.33 30.70
N MET A 369 -20.09 -18.16 30.41
CA MET A 369 -18.94 -17.65 31.16
C MET A 369 -19.27 -17.37 32.61
N THR A 370 -20.51 -16.92 32.89
CA THR A 370 -21.00 -16.70 34.26
C THR A 370 -21.08 -18.04 35.01
N ILE A 371 -21.63 -19.10 34.35
CA ILE A 371 -21.74 -20.43 34.93
C ILE A 371 -20.34 -20.99 35.22
N ILE A 372 -19.41 -20.85 34.25
CA ILE A 372 -18.03 -21.31 34.41
C ILE A 372 -17.37 -20.60 35.59
N ARG A 373 -17.50 -19.26 35.65
CA ARG A 373 -16.89 -18.45 36.71
C ARG A 373 -17.43 -18.78 38.08
N ASP A 374 -18.76 -19.01 38.20
CA ASP A 374 -19.39 -19.39 39.45
C ASP A 374 -18.90 -20.78 39.88
N SER A 375 -18.74 -21.73 38.92
CA SER A 375 -18.23 -23.08 39.23
C SER A 375 -16.81 -22.98 39.77
N LEU A 376 -15.96 -22.16 39.13
CA LEU A 376 -14.58 -21.96 39.56
C LEU A 376 -14.51 -21.34 40.96
N ASP A 377 -15.37 -20.32 41.24
CA ASP A 377 -15.41 -19.65 42.54
C ASP A 377 -15.88 -20.58 43.66
N ASN A 378 -16.80 -21.50 43.35
CA ASN A 378 -17.37 -22.42 44.33
C ASN A 378 -16.65 -23.77 44.38
N ASP A 379 -15.52 -23.89 43.66
CA ASP A 379 -14.72 -25.12 43.56
C ASP A 379 -15.59 -26.34 43.14
N GLU A 380 -16.49 -26.14 42.16
CA GLU A 380 -17.39 -27.18 41.68
C GLU A 380 -17.01 -27.68 40.30
N ASP A 381 -17.18 -28.97 40.06
CA ASP A 381 -17.00 -29.59 38.75
C ASP A 381 -18.22 -29.23 37.92
N LEU A 382 -18.04 -29.18 36.62
CA LEU A 382 -19.12 -28.82 35.73
C LEU A 382 -19.05 -29.72 34.49
N VAL A 383 -20.21 -30.15 33.99
CA VAL A 383 -20.29 -30.95 32.78
C VAL A 383 -21.36 -30.33 31.87
N MET A 384 -21.11 -30.35 30.55
CA MET A 384 -22.08 -29.90 29.55
C MET A 384 -22.08 -30.94 28.43
N ILE A 385 -23.25 -31.18 27.81
CA ILE A 385 -23.39 -32.17 26.75
C ILE A 385 -24.08 -31.58 25.52
N TYR A 386 -23.55 -31.89 24.35
CA TYR A 386 -24.18 -31.51 23.07
C TYR A 386 -23.93 -32.64 22.08
N ALA A 387 -24.92 -33.50 21.85
CA ALA A 387 -24.79 -34.65 20.95
C ALA A 387 -23.50 -35.43 21.31
N ASP A 388 -22.55 -35.60 20.35
CA ASP A 388 -21.30 -36.31 20.57
C ASP A 388 -20.17 -35.45 21.21
N ASN A 389 -20.52 -34.29 21.79
CA ASN A 389 -19.54 -33.41 22.46
C ASN A 389 -19.81 -33.39 23.95
N ILE A 390 -18.73 -33.52 24.72
CA ILE A 390 -18.79 -33.46 26.18
C ILE A 390 -17.80 -32.39 26.61
N TYR A 391 -18.22 -31.50 27.51
CA TYR A 391 -17.34 -30.48 28.08
C TYR A 391 -17.27 -30.72 29.57
N ILE A 392 -16.06 -30.83 30.09
CA ILE A 392 -15.85 -31.01 31.52
C ILE A 392 -14.95 -29.92 32.07
N LEU A 393 -15.40 -29.31 33.15
CA LEU A 393 -14.60 -28.34 33.90
C LEU A 393 -14.26 -29.05 35.22
N GLN A 394 -12.99 -29.37 35.44
CA GLN A 394 -12.50 -29.95 36.68
C GLN A 394 -11.04 -29.65 36.87
N ASP A 395 -10.62 -29.47 38.12
CA ASP A 395 -9.23 -29.17 38.51
C ASP A 395 -8.69 -27.93 37.76
N ASN A 396 -9.48 -26.83 37.75
CA ASN A 396 -9.13 -25.56 37.09
C ASN A 396 -8.70 -25.77 35.60
N THR A 397 -9.36 -26.72 34.93
CA THR A 397 -9.07 -27.09 33.55
C THR A 397 -10.36 -27.32 32.78
N TRP A 398 -10.40 -26.85 31.53
CA TRP A 398 -11.54 -27.05 30.63
C TRP A 398 -11.17 -28.16 29.65
N TYR A 399 -12.01 -29.21 29.57
CA TYR A 399 -11.78 -30.32 28.66
C TYR A 399 -12.88 -30.38 27.63
N SER A 400 -12.50 -30.45 26.37
CA SER A 400 -13.43 -30.63 25.28
C SER A 400 -13.20 -32.06 24.80
N ILE A 401 -14.23 -32.91 24.96
CA ILE A 401 -14.18 -34.33 24.63
C ILE A 401 -15.13 -34.62 23.48
N ASP A 402 -14.72 -35.49 22.55
CA ASP A 402 -15.60 -35.92 21.47
C ASP A 402 -15.69 -37.40 21.48
N LEU A 403 -16.87 -37.92 21.14
CA LEU A 403 -16.98 -39.36 20.89
C LEU A 403 -16.19 -39.56 19.59
N GLU A 404 -15.47 -40.67 19.48
CA GLU A 404 -14.67 -40.93 18.28
C GLU A 404 -15.62 -41.47 17.22
N LYS A 405 -15.81 -40.69 16.12
CA LYS A 405 -16.74 -41.00 15.00
C LYS A 405 -18.07 -41.45 15.63
N GLY A 406 -18.64 -40.55 16.48
CA GLY A 406 -19.81 -40.78 17.34
C GLY A 406 -20.83 -41.80 16.86
N GLU A 407 -21.37 -41.57 15.67
CA GLU A 407 -22.41 -42.38 15.01
C GLU A 407 -22.08 -43.88 14.94
N ALA A 408 -20.80 -44.22 14.75
CA ALA A 408 -20.33 -45.63 14.64
C ALA A 408 -20.48 -46.43 15.93
N ASN A 409 -20.63 -45.75 17.09
CA ASN A 409 -20.79 -46.40 18.40
C ASN A 409 -22.23 -46.79 18.71
N CYS A 410 -23.17 -46.26 17.93
CA CYS A 410 -24.60 -46.46 18.15
C CYS A 410 -25.08 -47.88 17.83
N THR A 411 -25.88 -48.45 18.71
CA THR A 411 -26.52 -49.75 18.47
C THR A 411 -28.01 -49.46 18.26
N PRO A 412 -28.78 -50.34 17.60
CA PRO A 412 -30.24 -50.08 17.47
C PRO A 412 -30.93 -49.91 18.84
N GLN A 413 -30.40 -50.56 19.89
CA GLN A 413 -30.88 -50.46 21.27
C GLN A 413 -30.68 -49.07 21.88
N HIS A 414 -29.65 -48.31 21.46
CA HIS A 414 -29.48 -46.92 21.93
C HIS A 414 -30.66 -46.08 21.38
N MET A 415 -30.96 -46.20 20.06
CA MET A 415 -32.09 -45.48 19.47
C MET A 415 -33.44 -45.91 20.06
N GLN A 416 -33.58 -47.20 20.39
CA GLN A 416 -34.80 -47.72 20.99
C GLN A 416 -35.01 -47.09 22.39
N ALA A 417 -33.92 -46.88 23.15
CA ALA A 417 -33.96 -46.24 24.46
C ALA A 417 -34.40 -44.78 24.29
N MET A 418 -33.95 -44.12 23.20
CA MET A 418 -34.34 -42.74 22.90
C MET A 418 -35.84 -42.68 22.55
N MET A 419 -36.33 -43.64 21.74
CA MET A 419 -37.74 -43.73 21.41
C MET A 419 -38.59 -43.93 22.67
N TYR A 420 -38.10 -44.77 23.60
CA TYR A 420 -38.78 -45.02 24.88
C TYR A 420 -38.88 -43.70 25.67
N TYR A 421 -37.79 -42.93 25.71
CA TYR A 421 -37.74 -41.63 26.39
C TYR A 421 -38.76 -40.65 25.78
N LEU A 422 -38.75 -40.51 24.45
CA LEU A 422 -39.67 -39.62 23.74
C LEU A 422 -41.13 -40.02 23.94
N LEU A 423 -41.44 -41.32 23.88
CA LEU A 423 -42.81 -41.80 24.03
C LEU A 423 -43.34 -41.77 25.44
N THR A 424 -42.45 -41.88 26.45
CA THR A 424 -42.89 -41.84 27.86
C THR A 424 -42.91 -40.40 28.38
N ARG A 425 -41.85 -39.62 28.13
CA ARG A 425 -41.78 -38.24 28.63
C ARG A 425 -42.40 -37.19 27.71
N GLY A 426 -42.44 -37.47 26.41
CA GLY A 426 -42.98 -36.53 25.44
C GLY A 426 -44.42 -36.83 25.07
N TRP A 427 -44.64 -37.99 24.42
CA TRP A 427 -45.96 -38.40 23.91
C TRP A 427 -46.89 -38.98 24.99
N THR A 428 -47.12 -38.17 26.03
CA THR A 428 -47.96 -38.53 27.18
CA THR A 428 -47.94 -38.54 27.19
C THR A 428 -48.90 -37.39 27.56
N ASN A 429 -50.14 -37.72 27.93
CA ASN A 429 -51.13 -36.73 28.37
C ASN A 429 -50.89 -36.49 29.87
N GLU A 430 -51.43 -35.38 30.43
CA GLU A 430 -51.28 -35.06 31.86
C GLU A 430 -51.75 -36.19 32.79
N ASP A 431 -52.78 -36.96 32.39
CA ASP A 431 -53.30 -38.08 33.18
C ASP A 431 -52.44 -39.37 33.05
N GLY A 432 -51.37 -39.32 32.25
CA GLY A 432 -50.48 -40.47 32.04
C GLY A 432 -50.89 -41.36 30.88
N SER A 433 -52.01 -41.04 30.19
CA SER A 433 -52.44 -41.83 29.04
C SER A 433 -51.52 -41.51 27.82
N PRO A 434 -51.26 -42.50 26.94
CA PRO A 434 -50.35 -42.24 25.81
C PRO A 434 -50.93 -41.33 24.73
N ARG A 435 -50.06 -40.56 24.05
CA ARG A 435 -50.44 -39.72 22.90
C ARG A 435 -50.05 -40.45 21.62
N TYR A 436 -50.36 -41.76 21.58
CA TYR A 436 -50.07 -42.64 20.45
C TYR A 436 -50.97 -43.85 20.52
N ASN A 437 -51.12 -44.55 19.40
CA ASN A 437 -51.88 -45.78 19.33
C ASN A 437 -50.89 -46.98 19.15
N PRO A 438 -51.36 -48.25 19.20
CA PRO A 438 -50.43 -49.39 19.01
C PRO A 438 -49.65 -49.40 17.69
N THR A 439 -50.24 -48.88 16.60
CA THR A 439 -49.54 -48.81 15.29
C THR A 439 -48.28 -47.95 15.39
N TRP A 440 -48.41 -46.75 15.97
CA TRP A 440 -47.26 -45.86 16.12
C TRP A 440 -46.27 -46.36 17.16
N ALA A 441 -46.74 -47.06 18.23
CA ALA A 441 -45.83 -47.65 19.21
C ALA A 441 -44.99 -48.75 18.51
N THR A 442 -45.61 -49.50 17.57
CA THR A 442 -44.96 -50.57 16.78
C THR A 442 -43.89 -49.96 15.88
N PHE A 443 -44.24 -48.93 15.11
CA PHE A 443 -43.25 -48.30 14.26
C PHE A 443 -42.08 -47.75 15.11
N ALA A 444 -42.39 -46.92 16.10
CA ALA A 444 -41.37 -46.23 16.91
C ALA A 444 -40.46 -47.17 17.70
N MET A 445 -41.05 -48.14 18.41
CA MET A 445 -40.28 -49.06 19.25
C MET A 445 -39.73 -50.28 18.57
N ASN A 446 -40.53 -50.89 17.68
CA ASN A 446 -40.20 -52.18 17.11
C ASN A 446 -39.45 -52.21 15.82
N VAL A 447 -39.61 -51.17 15.00
CA VAL A 447 -39.10 -51.16 13.63
C VAL A 447 -38.12 -50.03 13.36
N ALA A 448 -38.54 -48.76 13.60
CA ALA A 448 -37.72 -47.54 13.36
C ALA A 448 -36.23 -47.65 13.76
N PRO A 449 -35.83 -48.14 14.96
CA PRO A 449 -34.38 -48.16 15.28
C PRO A 449 -33.54 -49.01 14.32
N SER A 450 -34.12 -50.09 13.72
CA SER A 450 -33.38 -50.93 12.77
C SER A 450 -33.41 -50.40 11.33
N MET A 451 -34.17 -49.33 11.09
CA MET A 451 -34.24 -48.73 9.76
CA MET A 451 -34.26 -48.70 9.77
C MET A 451 -33.05 -47.81 9.53
N VAL A 452 -32.52 -47.18 10.58
CA VAL A 452 -31.40 -46.24 10.45
C VAL A 452 -30.15 -46.58 11.25
N VAL A 453 -30.21 -47.68 12.04
CA VAL A 453 -29.04 -48.08 12.86
C VAL A 453 -28.70 -49.50 12.48
N ASP A 454 -27.40 -49.75 12.11
CA ASP A 454 -26.92 -51.08 11.69
C ASP A 454 -27.73 -51.60 10.50
N SER A 455 -28.16 -50.69 9.63
CA SER A 455 -28.90 -51.09 8.44
C SER A 455 -27.91 -51.09 7.27
N SER A 456 -28.16 -50.27 6.25
CA SER A 456 -27.31 -50.31 5.06
C SER A 456 -27.27 -48.98 4.32
N CYS A 457 -26.34 -48.88 3.37
CA CYS A 457 -26.18 -47.70 2.54
C CYS A 457 -25.86 -48.12 1.10
N LEU A 458 -25.99 -47.17 0.17
CA LEU A 458 -25.75 -47.45 -1.23
C LEU A 458 -24.63 -46.56 -1.77
N LEU A 459 -23.64 -47.19 -2.42
CA LEU A 459 -22.55 -46.47 -3.08
C LEU A 459 -22.29 -47.21 -4.36
N MET A 460 -22.41 -46.51 -5.52
CA MET A 460 -22.38 -47.12 -6.87
C MET A 460 -23.55 -48.13 -6.88
N ASN A 461 -23.33 -49.41 -7.23
CA ASN A 461 -24.37 -50.44 -7.19
C ASN A 461 -24.23 -51.32 -5.91
N LEU A 462 -23.30 -50.95 -5.00
CA LEU A 462 -23.01 -51.72 -3.78
C LEU A 462 -23.90 -51.37 -2.61
N GLN A 463 -24.57 -52.39 -2.04
CA GLN A 463 -25.39 -52.24 -0.85
C GLN A 463 -24.51 -52.68 0.31
N LEU A 464 -24.08 -51.69 1.07
CA LEU A 464 -23.10 -51.89 2.13
C LEU A 464 -23.70 -51.83 3.50
N LYS A 465 -23.17 -52.62 4.42
CA LYS A 465 -23.58 -52.55 5.82
C LYS A 465 -23.24 -51.16 6.38
N THR A 466 -24.12 -50.61 7.21
CA THR A 466 -23.83 -49.38 7.94
C THR A 466 -23.48 -49.87 9.36
N TYR A 467 -22.30 -49.51 9.86
CA TYR A 467 -21.87 -49.86 11.22
C TYR A 467 -22.23 -48.65 12.09
N GLY A 468 -23.18 -48.87 12.99
CA GLY A 468 -23.70 -47.80 13.84
C GLY A 468 -24.85 -47.07 13.17
N GLN A 469 -25.10 -45.82 13.59
CA GLN A 469 -26.21 -45.08 12.98
C GLN A 469 -25.73 -44.31 11.76
N GLY A 470 -26.65 -44.13 10.81
CA GLY A 470 -26.35 -43.35 9.62
C GLY A 470 -26.32 -41.88 9.96
N SER A 471 -25.15 -41.25 9.78
CA SER A 471 -24.94 -39.83 10.05
C SER A 471 -25.78 -38.94 9.15
N GLY A 472 -26.71 -38.21 9.76
CA GLY A 472 -27.63 -37.33 9.04
C GLY A 472 -29.08 -37.74 9.21
N ASN A 473 -29.36 -38.98 9.68
CA ASN A 473 -30.73 -39.41 9.94
C ASN A 473 -31.37 -38.44 11.01
N ALA A 474 -32.72 -38.36 11.06
CA ALA A 474 -33.47 -37.48 11.95
C ALA A 474 -33.07 -37.57 13.46
N PHE A 475 -32.61 -38.76 13.90
CA PHE A 475 -32.23 -39.03 15.30
C PHE A 475 -30.72 -38.95 15.56
N THR A 476 -29.92 -38.46 14.57
CA THR A 476 -28.46 -38.38 14.74
C THR A 476 -28.08 -37.67 16.05
N PHE A 477 -28.56 -36.43 16.25
CA PHE A 477 -28.27 -35.62 17.43
C PHE A 477 -28.71 -36.38 18.71
N LEU A 478 -29.98 -36.82 18.76
CA LEU A 478 -30.56 -37.51 19.92
C LEU A 478 -29.80 -38.76 20.34
N ASN A 479 -29.48 -39.64 19.37
CA ASN A 479 -28.75 -40.89 19.63
C ASN A 479 -27.35 -40.60 20.14
N ASN A 480 -26.65 -39.60 19.52
CA ASN A 480 -25.32 -39.19 19.96
C ASN A 480 -25.36 -38.64 21.38
N HIS A 481 -26.38 -37.79 21.67
CA HIS A 481 -26.56 -37.18 23.00
C HIS A 481 -26.77 -38.25 24.07
N LEU A 482 -27.51 -39.31 23.74
CA LEU A 482 -27.73 -40.43 24.65
C LEU A 482 -26.40 -41.18 24.91
N MET A 483 -25.58 -41.39 23.88
CA MET A 483 -24.28 -42.04 24.07
C MET A 483 -23.36 -41.20 24.96
N SER A 484 -23.36 -39.87 24.77
CA SER A 484 -22.56 -38.98 25.64
C SER A 484 -23.10 -39.02 27.07
N THR A 485 -24.45 -39.13 27.22
CA THR A 485 -25.10 -39.22 28.53
C THR A 485 -24.60 -40.47 29.28
N ILE A 486 -24.46 -41.61 28.57
CA ILE A 486 -23.96 -42.86 29.16
C ILE A 486 -22.50 -42.67 29.63
N VAL A 487 -21.65 -42.07 28.79
CA VAL A 487 -20.25 -41.80 29.15
C VAL A 487 -20.17 -40.92 30.41
N VAL A 488 -20.96 -39.81 30.45
CA VAL A 488 -20.99 -38.88 31.58
C VAL A 488 -21.51 -39.57 32.85
N ALA A 489 -22.59 -40.38 32.73
CA ALA A 489 -23.14 -41.10 33.89
C ALA A 489 -22.07 -42.06 34.47
N GLU A 490 -21.26 -42.70 33.60
CA GLU A 490 -20.19 -43.61 34.01
C GLU A 490 -19.03 -42.85 34.65
N TRP A 491 -18.75 -41.62 34.16
CA TRP A 491 -17.72 -40.73 34.71
C TRP A 491 -18.12 -40.33 36.14
N VAL A 492 -19.41 -39.96 36.34
CA VAL A 492 -19.92 -39.62 37.67
C VAL A 492 -19.79 -40.84 38.60
N LYS A 493 -20.22 -42.05 38.12
CA LYS A 493 -20.16 -43.30 38.87
C LYS A 493 -18.72 -43.69 39.28
N ALA A 494 -17.72 -43.36 38.45
CA ALA A 494 -16.32 -43.67 38.74
C ALA A 494 -15.64 -42.65 39.65
N GLY A 495 -16.42 -41.71 40.19
CA GLY A 495 -15.89 -40.67 41.09
C GLY A 495 -15.29 -39.50 40.34
N LYS A 496 -15.80 -39.22 39.11
CA LYS A 496 -15.32 -38.12 38.25
C LYS A 496 -13.78 -38.15 38.03
N PRO A 497 -13.19 -39.27 37.52
CA PRO A 497 -11.74 -39.25 37.26
C PRO A 497 -11.39 -38.15 36.25
N ASN A 498 -10.20 -37.57 36.41
CA ASN A 498 -9.74 -36.51 35.51
C ASN A 498 -9.65 -37.05 34.07
N PRO A 499 -10.15 -36.31 33.06
CA PRO A 499 -10.09 -36.80 31.66
C PRO A 499 -8.73 -37.23 31.10
N MET A 500 -7.62 -36.77 31.69
CA MET A 500 -6.26 -37.11 31.24
C MET A 500 -5.73 -38.42 31.84
N THR A 501 -6.51 -39.10 32.69
CA THR A 501 -6.07 -40.31 33.38
C THR A 501 -6.56 -41.58 32.70
N LYS A 502 -5.94 -42.72 33.04
CA LYS A 502 -6.32 -44.03 32.56
C LYS A 502 -7.72 -44.40 33.06
N GLU A 503 -8.08 -43.96 34.28
CA GLU A 503 -9.41 -44.23 34.86
C GLU A 503 -10.53 -43.63 34.00
N PHE A 504 -10.28 -42.47 33.38
CA PHE A 504 -11.24 -41.86 32.48
C PHE A 504 -11.27 -42.64 31.16
N MET A 505 -10.09 -42.97 30.59
CA MET A 505 -10.01 -43.70 29.32
C MET A 505 -10.61 -45.12 29.41
N ASP A 506 -10.59 -45.73 30.62
CA ASP A 506 -11.20 -47.04 30.88
C ASP A 506 -12.72 -47.04 30.71
N LEU A 507 -13.35 -45.85 30.69
CA LEU A 507 -14.80 -45.72 30.45
C LEU A 507 -15.16 -46.11 29.02
N GLU A 508 -14.18 -46.15 28.08
CA GLU A 508 -14.41 -46.58 26.69
C GLU A 508 -14.88 -48.04 26.70
N GLU A 509 -14.12 -48.93 27.37
CA GLU A 509 -14.45 -50.35 27.46
C GLU A 509 -15.73 -50.57 28.27
N LYS A 510 -15.89 -49.82 29.36
CA LYS A 510 -17.06 -49.94 30.23
C LYS A 510 -18.37 -49.65 29.44
N THR A 511 -18.34 -48.64 28.56
CA THR A 511 -19.52 -48.21 27.80
C THR A 511 -19.62 -48.79 26.39
N GLY A 512 -18.51 -49.26 25.82
CA GLY A 512 -18.44 -49.69 24.42
C GLY A 512 -18.42 -48.47 23.48
N ILE A 513 -18.24 -47.26 24.05
CA ILE A 513 -18.24 -46.00 23.29
C ILE A 513 -16.82 -45.42 23.25
N ASN A 514 -16.29 -45.24 22.05
CA ASN A 514 -14.94 -44.67 21.85
C ASN A 514 -15.03 -43.16 21.99
N PHE A 515 -14.02 -42.55 22.59
CA PHE A 515 -13.98 -41.08 22.73
C PHE A 515 -12.52 -40.64 22.85
N LYS A 516 -12.29 -39.34 22.73
CA LYS A 516 -10.97 -38.75 22.86
C LYS A 516 -11.08 -37.33 23.37
N ILE A 517 -10.02 -36.88 24.03
CA ILE A 517 -9.90 -35.53 24.54
C ILE A 517 -9.37 -34.71 23.37
N GLU A 518 -10.14 -33.73 22.91
CA GLU A 518 -9.77 -32.86 21.79
CA GLU A 518 -9.71 -32.89 21.81
C GLU A 518 -8.92 -31.69 22.28
N ARG A 519 -9.29 -31.14 23.45
CA ARG A 519 -8.63 -29.97 24.01
C ARG A 519 -8.60 -30.04 25.51
N GLU A 520 -7.48 -29.53 26.06
CA GLU A 520 -7.23 -29.40 27.48
C GLU A 520 -6.77 -27.94 27.68
N LEU A 521 -7.65 -27.12 28.26
CA LEU A 521 -7.37 -25.71 28.50
C LEU A 521 -6.99 -25.54 29.97
N LYS A 522 -5.69 -25.56 30.24
CA LYS A 522 -5.14 -25.47 31.60
C LYS A 522 -5.22 -24.06 32.18
N ASN A 523 -5.14 -23.94 33.52
CA ASN A 523 -5.14 -22.67 34.28
C ASN A 523 -6.31 -21.82 33.83
N LEU A 524 -7.52 -22.40 33.92
CA LEU A 524 -8.73 -21.76 33.43
C LEU A 524 -9.03 -20.43 34.09
N ARG A 525 -9.00 -20.40 35.42
CA ARG A 525 -9.24 -19.21 36.26
C ARG A 525 -8.31 -18.05 35.80
N GLU A 526 -7.01 -18.35 35.63
CA GLU A 526 -5.98 -17.40 35.21
C GLU A 526 -6.18 -16.95 33.77
N THR A 527 -6.63 -17.87 32.88
CA THR A 527 -6.90 -17.58 31.46
C THR A 527 -8.05 -16.59 31.38
N ILE A 528 -9.10 -16.78 32.18
CA ILE A 528 -10.27 -15.90 32.22
C ILE A 528 -9.86 -14.50 32.73
N VAL A 529 -9.03 -14.44 33.78
CA VAL A 529 -8.51 -13.16 34.31
C VAL A 529 -7.73 -12.44 33.18
N GLU A 530 -6.86 -13.18 32.47
CA GLU A 530 -6.07 -12.64 31.36
C GLU A 530 -6.97 -12.09 30.22
N ALA A 531 -8.07 -12.81 29.88
CA ALA A 531 -9.02 -12.39 28.84
C ALA A 531 -9.66 -11.04 29.19
N VAL A 532 -10.00 -10.83 30.48
CA VAL A 532 -10.59 -9.57 30.96
C VAL A 532 -9.53 -8.45 30.94
N GLU A 533 -8.34 -8.71 31.54
CA GLU A 533 -7.26 -7.73 31.66
C GLU A 533 -6.64 -7.29 30.34
N THR A 534 -6.56 -8.19 29.36
CA THR A 534 -5.96 -7.85 28.06
C THR A 534 -7.00 -7.30 27.07
N ALA A 535 -8.30 -7.17 27.48
CA ALA A 535 -9.33 -6.63 26.60
C ALA A 535 -8.84 -5.24 26.13
N PRO A 536 -8.86 -5.01 24.79
CA PRO A 536 -8.34 -3.71 24.28
C PRO A 536 -9.19 -2.54 24.73
N GLN A 537 -8.57 -1.36 24.70
CA GLN A 537 -9.24 -0.10 25.02
C GLN A 537 -9.78 0.53 23.75
N ASP A 538 -9.27 0.08 22.60
CA ASP A 538 -9.59 0.64 21.29
C ASP A 538 -10.35 -0.30 20.39
N GLY A 539 -11.26 0.26 19.61
CA GLY A 539 -11.99 -0.47 18.58
C GLY A 539 -13.34 -1.02 18.94
N TYR A 540 -13.82 -1.93 18.07
CA TYR A 540 -15.10 -2.62 18.19
C TYR A 540 -15.28 -3.18 19.58
N LEU A 541 -16.44 -2.90 20.20
CA LEU A 541 -16.81 -3.42 21.52
C LEU A 541 -15.83 -3.08 22.64
N ALA A 542 -14.93 -2.11 22.40
CA ALA A 542 -13.90 -1.70 23.38
C ALA A 542 -14.25 -0.26 23.74
N ASP A 543 -13.99 0.69 22.84
CA ASP A 543 -14.48 2.07 23.01
C ASP A 543 -15.64 2.32 22.02
N GLY A 544 -15.99 1.30 21.22
CA GLY A 544 -17.11 1.34 20.30
C GLY A 544 -16.91 2.00 18.96
N SER A 545 -15.66 2.20 18.54
CA SER A 545 -15.37 2.77 17.23
C SER A 545 -15.52 1.64 16.18
N ASP A 546 -15.58 2.01 14.89
CA ASP A 546 -15.76 1.04 13.80
C ASP A 546 -14.45 0.47 13.27
N LEU A 547 -13.52 0.17 14.18
CA LEU A 547 -12.21 -0.35 13.79
C LEU A 547 -11.84 -1.55 14.60
N PRO A 548 -11.07 -2.50 14.04
CA PRO A 548 -10.62 -3.63 14.85
C PRO A 548 -9.56 -3.14 15.86
N PRO A 549 -9.33 -3.87 16.98
CA PRO A 549 -8.27 -3.43 17.89
C PRO A 549 -6.90 -3.60 17.23
N ILE A 550 -5.91 -2.80 17.60
CA ILE A 550 -4.55 -2.98 17.07
C ILE A 550 -4.01 -4.31 17.62
N ARG A 551 -4.28 -4.57 18.90
CA ARG A 551 -3.83 -5.78 19.57
C ARG A 551 -5.06 -6.45 20.22
N PRO A 552 -5.62 -7.50 19.59
CA PRO A 552 -6.78 -8.18 20.23
C PRO A 552 -6.42 -8.72 21.60
N GLY A 553 -7.42 -8.82 22.47
CA GLY A 553 -7.21 -9.41 23.79
C GLY A 553 -7.11 -10.91 23.69
N LYS A 554 -6.77 -11.56 24.79
CA LYS A 554 -6.67 -13.02 24.88
C LYS A 554 -8.08 -13.66 24.80
N ALA A 555 -8.25 -14.69 23.92
CA ALA A 555 -9.50 -15.43 23.81
C ALA A 555 -9.49 -16.61 24.79
N VAL A 556 -10.67 -16.94 25.35
CA VAL A 556 -10.81 -18.14 26.19
C VAL A 556 -11.23 -19.20 25.15
N GLU A 557 -10.28 -20.05 24.76
CA GLU A 557 -10.50 -21.02 23.66
C GLU A 557 -11.25 -22.29 24.08
N LEU A 558 -12.51 -22.11 24.45
CA LEU A 558 -13.38 -23.17 24.92
C LEU A 558 -13.72 -24.20 23.84
N ASP A 559 -13.74 -23.76 22.59
CA ASP A 559 -14.24 -24.55 21.45
C ASP A 559 -15.65 -25.04 21.80
N LEU A 560 -16.47 -24.13 22.33
CA LEU A 560 -17.82 -24.44 22.75
C LEU A 560 -18.66 -24.41 21.49
N LEU A 561 -18.87 -25.59 20.89
CA LEU A 561 -19.59 -25.75 19.63
C LEU A 561 -18.97 -24.88 18.52
N GLY A 562 -17.64 -24.78 18.53
CA GLY A 562 -16.88 -24.00 17.57
C GLY A 562 -16.60 -22.55 17.98
N TRP A 563 -16.99 -22.14 19.20
CA TRP A 563 -16.81 -20.76 19.66
C TRP A 563 -15.81 -20.55 20.79
N SER A 564 -15.08 -19.42 20.73
CA SER A 564 -14.18 -18.92 21.78
C SER A 564 -14.88 -17.73 22.41
N ALA A 565 -14.44 -17.31 23.60
CA ALA A 565 -15.01 -16.15 24.31
C ALA A 565 -13.96 -15.03 24.39
N ILE A 566 -14.39 -13.81 24.11
CA ILE A 566 -13.56 -12.60 24.14
C ILE A 566 -14.28 -11.60 25.04
N TYR A 567 -13.52 -10.87 25.87
CA TYR A 567 -14.15 -9.91 26.75
C TYR A 567 -14.31 -8.54 26.05
N SER A 568 -15.51 -7.96 26.18
CA SER A 568 -15.85 -6.63 25.65
C SER A 568 -15.87 -5.61 26.79
N ARG A 569 -15.01 -4.57 26.72
CA ARG A 569 -14.99 -3.49 27.73
C ARG A 569 -16.22 -2.61 27.59
N GLN A 570 -16.68 -2.39 26.34
CA GLN A 570 -17.85 -1.54 26.10
C GLN A 570 -19.10 -2.13 26.77
N MET A 571 -19.37 -3.41 26.51
CA MET A 571 -20.56 -4.12 26.96
C MET A 571 -20.40 -4.79 28.33
N GLU A 572 -19.14 -4.93 28.80
CA GLU A 572 -18.80 -5.55 30.10
C GLU A 572 -19.30 -6.98 30.16
N MET A 573 -18.99 -7.74 29.12
CA MET A 573 -19.41 -9.12 29.02
C MET A 573 -18.52 -9.84 28.03
N PHE A 574 -18.56 -11.19 28.10
CA PHE A 574 -17.88 -12.03 27.11
C PHE A 574 -18.80 -12.14 25.91
N VAL A 575 -18.21 -12.15 24.73
CA VAL A 575 -18.93 -12.29 23.47
C VAL A 575 -18.26 -13.43 22.69
N PRO A 576 -18.99 -14.12 21.78
CA PRO A 576 -18.34 -15.20 21.02
C PRO A 576 -17.56 -14.72 19.80
N VAL A 577 -16.52 -15.48 19.48
CA VAL A 577 -15.75 -15.34 18.22
C VAL A 577 -15.53 -16.76 17.74
N LEU A 578 -15.67 -16.98 16.43
CA LEU A 578 -15.46 -18.29 15.85
C LEU A 578 -14.03 -18.73 16.16
N GLU A 579 -13.85 -20.01 16.58
CA GLU A 579 -12.50 -20.54 16.84
C GLU A 579 -11.59 -20.20 15.66
N ASN A 580 -10.40 -19.68 15.96
CA ASN A 580 -9.44 -19.24 14.98
C ASN A 580 -9.22 -20.16 13.78
N GLU A 581 -8.96 -21.45 14.06
CA GLU A 581 -8.72 -22.45 13.02
C GLU A 581 -9.90 -22.54 12.01
N ARG A 582 -11.15 -22.51 12.49
CA ARG A 582 -12.33 -22.55 11.61
C ARG A 582 -12.45 -21.23 10.84
N LEU A 583 -12.19 -20.09 11.48
CA LEU A 583 -12.23 -18.77 10.85
C LEU A 583 -11.26 -18.70 9.67
N ILE A 584 -10.01 -19.15 9.89
CA ILE A 584 -8.95 -19.17 8.88
C ILE A 584 -9.30 -20.10 7.72
N ALA A 585 -9.79 -21.32 8.02
CA ALA A 585 -10.17 -22.31 7.00
C ALA A 585 -11.29 -21.76 6.11
N SER A 586 -12.28 -21.08 6.72
CA SER A 586 -13.41 -20.48 6.00
CA SER A 586 -13.41 -20.47 6.00
C SER A 586 -12.95 -19.29 5.15
N ALA A 587 -11.97 -18.50 5.65
CA ALA A 587 -11.43 -17.35 4.90
C ALA A 587 -10.63 -17.89 3.69
N ALA A 588 -9.86 -18.98 3.89
CA ALA A 588 -9.04 -19.57 2.84
C ALA A 588 -9.87 -20.26 1.75
N TYR A 589 -10.88 -21.05 2.16
CA TYR A 589 -11.75 -21.80 1.25
C TYR A 589 -13.20 -21.49 1.50
N PRO A 590 -13.70 -20.35 1.00
CA PRO A 590 -15.12 -20.04 1.21
C PRO A 590 -16.01 -21.01 0.41
N LYS A 591 -17.22 -21.31 0.93
CA LYS A 591 -18.17 -22.15 0.21
C LYS A 591 -18.75 -21.25 -0.85
N GLY A 592 -18.97 -21.77 -2.04
CA GLY A 592 -19.58 -21.02 -3.14
C GLY A 592 -21.07 -20.82 -2.95
N LEU A 593 -21.71 -20.20 -3.93
CA LEU A 593 -23.16 -19.96 -3.90
C LEU A 593 -23.97 -21.28 -3.82
N GLU A 594 -23.53 -22.32 -4.55
CA GLU A 594 -24.13 -23.68 -4.53
C GLU A 594 -25.66 -23.69 -4.76
N ASN A 595 -26.12 -22.81 -5.66
CA ASN A 595 -27.52 -22.64 -6.04
C ASN A 595 -27.49 -22.08 -7.45
N LYS A 596 -27.55 -22.99 -8.44
CA LYS A 596 -27.52 -22.68 -9.88
C LYS A 596 -28.61 -21.69 -10.30
N ALA A 597 -29.82 -21.79 -9.70
CA ALA A 597 -30.96 -20.90 -9.97
C ALA A 597 -30.64 -19.47 -9.53
N LEU A 598 -30.10 -19.32 -8.32
CA LEU A 598 -29.72 -18.02 -7.77
C LEU A 598 -28.54 -17.43 -8.55
N ALA A 599 -27.54 -18.28 -8.88
CA ALA A 599 -26.34 -17.90 -9.63
C ALA A 599 -26.61 -17.31 -11.02
N ARG A 600 -27.77 -17.64 -11.63
CA ARG A 600 -28.12 -17.10 -12.95
C ARG A 600 -28.82 -15.74 -12.91
N LYS A 601 -29.08 -15.21 -11.72
CA LYS A 601 -29.70 -13.90 -11.54
C LYS A 601 -28.59 -12.82 -11.52
N PRO A 602 -28.74 -11.73 -12.31
CA PRO A 602 -27.70 -10.66 -12.28
C PRO A 602 -27.56 -10.06 -10.89
N GLY A 603 -26.33 -9.88 -10.44
CA GLY A 603 -26.04 -9.33 -9.13
C GLY A 603 -25.97 -10.33 -7.99
N ALA A 604 -26.36 -11.60 -8.22
CA ALA A 604 -26.34 -12.63 -7.16
C ALA A 604 -24.92 -12.98 -6.72
N GLU A 605 -23.99 -13.08 -7.66
CA GLU A 605 -22.60 -13.40 -7.37
C GLU A 605 -21.92 -12.27 -6.55
N ILE A 606 -22.11 -10.99 -6.94
CA ILE A 606 -21.57 -9.85 -6.21
C ILE A 606 -22.21 -9.74 -4.82
N ALA A 607 -23.54 -10.02 -4.71
CA ALA A 607 -24.26 -9.99 -3.42
C ALA A 607 -23.71 -11.08 -2.53
N TYR A 608 -23.49 -12.28 -3.08
CA TYR A 608 -22.92 -13.42 -2.36
C TYR A 608 -21.49 -13.08 -1.86
N GLN A 609 -20.68 -12.37 -2.68
CA GLN A 609 -19.33 -11.94 -2.29
C GLN A 609 -19.41 -10.96 -1.13
N ILE A 610 -20.37 -10.02 -1.17
CA ILE A 610 -20.59 -9.08 -0.05
C ILE A 610 -20.95 -9.89 1.21
N VAL A 611 -21.88 -10.86 1.06
CA VAL A 611 -22.30 -11.75 2.16
C VAL A 611 -21.11 -12.50 2.77
N ARG A 612 -20.29 -13.14 1.92
CA ARG A 612 -19.10 -13.91 2.30
C ARG A 612 -18.18 -13.03 3.21
N TYR A 613 -17.85 -11.80 2.77
CA TYR A 613 -16.97 -10.89 3.53
C TYR A 613 -17.62 -10.32 4.78
N GLU A 614 -18.93 -10.01 4.73
CA GLU A 614 -19.64 -9.50 5.92
C GLU A 614 -19.77 -10.60 6.98
N ALA A 615 -20.17 -11.81 6.57
CA ALA A 615 -20.36 -12.92 7.50
C ALA A 615 -19.04 -13.34 8.18
N ILE A 616 -17.91 -13.35 7.44
CA ILE A 616 -16.60 -13.68 8.03
C ILE A 616 -16.21 -12.62 9.11
N ARG A 617 -16.62 -11.37 8.92
CA ARG A 617 -16.36 -10.30 9.88
C ARG A 617 -17.24 -10.50 11.11
N LEU A 618 -18.55 -10.75 10.89
CA LEU A 618 -19.56 -10.95 11.93
C LEU A 618 -19.24 -12.06 12.92
N VAL A 619 -18.78 -13.21 12.41
CA VAL A 619 -18.49 -14.38 13.26
C VAL A 619 -17.19 -14.29 14.07
N GLY A 620 -16.33 -13.29 13.78
CA GLY A 620 -15.09 -13.14 14.53
C GLY A 620 -13.97 -12.44 13.81
N GLY A 621 -14.10 -12.29 12.48
CA GLY A 621 -13.12 -11.58 11.68
C GLY A 621 -12.94 -10.14 12.13
N TRP A 622 -14.00 -9.52 12.71
CA TRP A 622 -13.99 -8.15 13.24
C TRP A 622 -12.88 -7.96 14.27
N ASN A 623 -12.52 -9.04 15.01
CA ASN A 623 -11.51 -9.00 16.06
C ASN A 623 -10.11 -9.41 15.59
N ASN A 624 -9.95 -9.61 14.27
CA ASN A 624 -8.67 -9.95 13.66
C ASN A 624 -8.36 -8.73 12.78
N PRO A 625 -7.47 -7.83 13.24
CA PRO A 625 -7.27 -6.57 12.50
C PRO A 625 -6.94 -6.67 11.02
N LEU A 626 -6.04 -7.58 10.64
CA LEU A 626 -5.69 -7.75 9.23
C LEU A 626 -6.90 -8.29 8.41
N LEU A 627 -7.56 -9.34 8.91
CA LEU A 627 -8.72 -9.92 8.25
C LEU A 627 -9.88 -8.93 8.13
N GLU A 628 -10.16 -8.21 9.22
CA GLU A 628 -11.21 -7.19 9.25
C GLU A 628 -10.92 -6.09 8.24
N THR A 629 -9.67 -5.61 8.19
CA THR A 629 -9.26 -4.54 7.27
C THR A 629 -9.46 -4.96 5.81
N ALA A 630 -8.95 -6.14 5.44
CA ALA A 630 -9.07 -6.65 4.06
C ALA A 630 -10.54 -6.95 3.71
N ALA A 631 -11.29 -7.64 4.58
CA ALA A 631 -12.70 -8.01 4.32
C ALA A 631 -13.62 -6.77 4.25
N LYS A 632 -13.37 -5.76 5.10
CA LYS A 632 -14.14 -4.52 5.06
C LYS A 632 -13.91 -3.80 3.73
N HIS A 633 -12.63 -3.66 3.32
CA HIS A 633 -12.29 -3.03 2.04
C HIS A 633 -13.04 -3.73 0.89
N MET A 634 -12.98 -5.05 0.84
CA MET A 634 -13.61 -5.84 -0.22
C MET A 634 -15.12 -5.70 -0.28
N SER A 635 -15.81 -5.76 0.88
CA SER A 635 -17.25 -5.57 0.89
C SER A 635 -17.62 -4.13 0.53
N LEU A 636 -16.89 -3.10 1.07
CA LEU A 636 -17.17 -1.69 0.75
C LEU A 636 -16.93 -1.36 -0.72
N ASP A 637 -15.88 -1.94 -1.31
CA ASP A 637 -15.54 -1.73 -2.72
C ASP A 637 -16.67 -2.28 -3.60
N LYS A 638 -17.21 -3.44 -3.25
CA LYS A 638 -18.31 -4.05 -3.99
C LYS A 638 -19.61 -3.25 -3.86
N ARG A 639 -19.91 -2.73 -2.66
CA ARG A 639 -21.10 -1.90 -2.41
C ARG A 639 -21.02 -0.58 -3.19
N LYS A 640 -19.83 0.01 -3.27
CA LYS A 640 -19.58 1.26 -3.99
C LYS A 640 -19.80 1.07 -5.49
N ARG A 641 -19.31 -0.06 -6.04
CA ARG A 641 -19.46 -0.41 -7.45
C ARG A 641 -20.95 -0.52 -7.79
N LEU A 642 -21.74 -1.19 -6.93
CA LEU A 642 -23.19 -1.35 -7.11
C LEU A 642 -23.93 -0.02 -7.05
N GLU A 643 -23.54 0.85 -6.12
CA GLU A 643 -24.12 2.18 -5.94
C GLU A 643 -23.86 3.06 -7.19
N VAL A 644 -22.61 3.08 -7.69
CA VAL A 644 -22.23 3.84 -8.90
C VAL A 644 -23.00 3.29 -10.12
N LYS A 645 -23.16 1.96 -10.20
CA LYS A 645 -23.81 1.31 -11.33
C LYS A 645 -25.35 1.36 -11.25
N GLY A 646 -25.89 1.72 -10.10
CA GLY A 646 -27.32 1.81 -9.86
C GLY A 646 -27.98 0.44 -9.81
N ILE A 647 -27.24 -0.57 -9.37
CA ILE A 647 -27.74 -1.94 -9.28
C ILE A 647 -28.09 -2.25 -7.82
N ASP A 648 -29.35 -2.58 -7.57
CA ASP A 648 -29.89 -2.86 -6.24
C ASP A 648 -29.89 -4.36 -5.95
N VAL A 649 -29.13 -4.78 -4.91
CA VAL A 649 -29.08 -6.18 -4.47
C VAL A 649 -29.62 -6.35 -3.02
N THR A 650 -30.35 -5.32 -2.50
CA THR A 650 -30.90 -5.33 -1.12
C THR A 650 -31.72 -6.57 -0.82
N GLY A 651 -32.44 -7.06 -1.83
CA GLY A 651 -33.22 -8.30 -1.74
C GLY A 651 -32.36 -9.47 -1.31
N PHE A 652 -31.23 -9.69 -2.02
CA PHE A 652 -30.29 -10.77 -1.70
C PHE A 652 -29.65 -10.55 -0.32
N LEU A 653 -29.31 -9.29 0.01
CA LEU A 653 -28.66 -8.94 1.28
C LEU A 653 -29.57 -9.04 2.51
N ASP A 654 -30.90 -8.82 2.32
CA ASP A 654 -31.89 -8.97 3.39
C ASP A 654 -32.10 -10.46 3.66
N ASP A 655 -32.09 -11.29 2.60
CA ASP A 655 -32.28 -12.74 2.64
C ASP A 655 -30.95 -13.48 2.51
N TRP A 656 -29.93 -12.98 3.19
CA TRP A 656 -28.55 -13.48 3.13
C TRP A 656 -28.30 -14.86 3.74
N ASN A 657 -29.07 -15.23 4.77
CA ASN A 657 -28.89 -16.47 5.55
C ASN A 657 -28.74 -17.73 4.73
N ASN A 658 -29.55 -17.86 3.67
CA ASN A 658 -29.55 -19.02 2.80
C ASN A 658 -28.31 -19.10 1.92
N MET A 659 -27.60 -17.97 1.70
CA MET A 659 -26.41 -18.00 0.87
C MET A 659 -25.07 -18.00 1.66
N SER A 660 -25.13 -18.28 2.97
CA SER A 660 -23.95 -18.28 3.84
C SER A 660 -23.91 -19.52 4.72
N GLU A 661 -22.71 -20.11 4.89
CA GLU A 661 -22.52 -21.22 5.83
C GLU A 661 -22.74 -20.75 7.28
N PHE A 662 -22.75 -19.42 7.53
CA PHE A 662 -22.97 -18.86 8.86
C PHE A 662 -24.39 -18.31 9.02
N GLY A 663 -25.25 -18.56 8.01
CA GLY A 663 -26.63 -18.09 7.99
C GLY A 663 -27.49 -18.55 9.15
N GLY A 664 -27.30 -19.81 9.56
CA GLY A 664 -28.02 -20.39 10.69
C GLY A 664 -27.57 -19.85 12.02
N ASP A 665 -26.36 -19.24 12.08
CA ASP A 665 -25.82 -18.68 13.32
C ASP A 665 -26.34 -17.31 13.66
N LEU A 666 -26.72 -16.51 12.65
CA LEU A 666 -27.17 -15.13 12.84
C LEU A 666 -28.51 -14.80 12.17
N GLU A 667 -29.59 -15.37 12.66
CA GLU A 667 -30.91 -15.09 12.07
C GLU A 667 -31.44 -13.75 12.61
N GLY A 668 -32.29 -13.09 11.82
CA GLY A 668 -32.89 -11.82 12.21
C GLY A 668 -32.10 -10.55 11.92
N ILE A 669 -30.91 -10.66 11.30
CA ILE A 669 -30.09 -9.49 10.93
C ILE A 669 -30.04 -9.34 9.41
N THR A 670 -29.86 -8.10 8.91
CA THR A 670 -29.75 -7.81 7.48
C THR A 670 -28.33 -7.33 7.14
N LEU A 671 -27.85 -7.63 5.92
CA LEU A 671 -26.52 -7.20 5.46
C LEU A 671 -26.61 -6.07 4.44
N SER A 672 -27.81 -5.47 4.29
CA SER A 672 -28.02 -4.37 3.33
C SER A 672 -27.23 -3.13 3.70
N GLU A 673 -26.96 -2.95 4.98
CA GLU A 673 -26.14 -1.85 5.48
C GLU A 673 -24.77 -2.44 5.90
N PRO A 674 -23.66 -1.74 5.63
CA PRO A 674 -22.34 -2.28 6.03
C PRO A 674 -22.23 -2.52 7.53
N LEU A 675 -21.47 -3.54 7.93
CA LEU A 675 -21.21 -3.87 9.32
C LEU A 675 -20.55 -2.66 10.06
N THR A 676 -21.04 -2.34 11.28
CA THR A 676 -20.46 -1.30 12.13
C THR A 676 -20.38 -1.86 13.55
N ASN A 677 -19.90 -1.06 14.51
CA ASN A 677 -19.89 -1.49 15.91
C ASN A 677 -21.31 -1.80 16.39
N GLN A 678 -22.32 -1.05 15.92
CA GLN A 678 -23.74 -1.25 16.30
C GLN A 678 -24.24 -2.64 15.94
N THR A 679 -23.80 -3.19 14.77
CA THR A 679 -24.14 -4.56 14.36
C THR A 679 -23.64 -5.56 15.42
N LEU A 680 -22.38 -5.38 15.88
CA LEU A 680 -21.73 -6.26 16.86
C LEU A 680 -22.40 -6.15 18.22
N VAL A 681 -22.85 -4.93 18.60
CA VAL A 681 -23.59 -4.69 19.83
C VAL A 681 -24.95 -5.44 19.73
N ASP A 682 -25.68 -5.21 18.62
CA ASP A 682 -27.01 -5.80 18.40
C ASP A 682 -27.04 -7.33 18.44
N ILE A 683 -26.08 -8.01 17.82
CA ILE A 683 -26.01 -9.48 17.83
C ILE A 683 -25.65 -10.04 19.23
N ASN A 684 -25.07 -9.17 20.10
CA ASN A 684 -24.67 -9.60 21.44
C ASN A 684 -25.59 -9.14 22.55
N THR A 685 -26.62 -8.38 22.21
CA THR A 685 -27.53 -7.82 23.21
C THR A 685 -28.46 -8.89 23.81
N PRO A 686 -28.41 -9.13 25.13
CA PRO A 686 -29.37 -10.08 25.71
C PRO A 686 -30.76 -9.47 25.87
N LEU A 687 -31.83 -10.25 25.73
CA LEU A 687 -33.21 -9.77 25.97
C LEU A 687 -33.42 -9.52 27.46
N ASP A 688 -32.80 -10.37 28.30
CA ASP A 688 -32.91 -10.31 29.74
C ASP A 688 -31.59 -10.47 30.46
N SER A 689 -31.52 -9.94 31.68
CA SER A 689 -30.38 -10.08 32.59
C SER A 689 -30.34 -11.54 33.06
N PHE A 690 -29.18 -12.00 33.46
CA PHE A 690 -29.04 -13.38 33.86
C PHE A 690 -28.69 -13.57 35.30
N ASP A 691 -29.45 -14.47 35.94
CA ASP A 691 -29.23 -14.92 37.30
C ASP A 691 -29.25 -16.46 37.20
N PRO A 692 -28.07 -17.12 37.30
CA PRO A 692 -28.05 -18.60 37.18
C PRO A 692 -28.96 -19.32 38.18
N LYS A 693 -29.16 -18.75 39.39
CA LYS A 693 -30.02 -19.30 40.43
C LYS A 693 -31.50 -19.21 40.07
N ALA A 694 -31.88 -18.28 39.17
CA ALA A 694 -33.26 -18.10 38.72
C ALA A 694 -33.64 -19.06 37.58
N ARG A 695 -32.69 -19.85 37.03
CA ARG A 695 -33.01 -20.81 35.96
C ARG A 695 -33.99 -21.86 36.50
N PRO A 696 -35.09 -22.14 35.79
CA PRO A 696 -36.00 -23.20 36.26
C PRO A 696 -35.28 -24.55 36.29
N GLN A 697 -35.77 -25.45 37.13
CA GLN A 697 -35.26 -26.82 37.21
C GLN A 697 -35.84 -27.59 36.01
N THR A 698 -35.39 -28.84 35.78
CA THR A 698 -35.88 -29.67 34.67
C THR A 698 -37.39 -29.96 34.79
N PRO A 699 -38.15 -30.10 33.67
CA PRO A 699 -39.60 -30.41 33.79
C PRO A 699 -39.89 -31.68 34.61
N ARG A 700 -39.06 -32.75 34.47
CA ARG A 700 -39.24 -33.99 35.24
C ARG A 700 -38.13 -34.08 36.24
N SER A 701 -38.44 -34.68 37.42
CA SER A 701 -37.53 -34.81 38.57
C SER A 701 -36.78 -33.46 38.78
N PRO A 702 -37.53 -32.33 38.94
CA PRO A 702 -36.89 -31.01 39.01
C PRO A 702 -35.79 -30.84 40.03
N LYS A 703 -36.02 -31.29 41.27
CA LYS A 703 -35.06 -31.15 42.37
C LYS A 703 -33.84 -32.05 42.25
N LYS A 704 -33.93 -33.13 41.45
CA LYS A 704 -32.81 -34.05 41.26
C LYS A 704 -31.73 -33.50 40.34
N THR A 705 -30.49 -33.91 40.57
CA THR A 705 -29.36 -33.57 39.71
C THR A 705 -28.92 -34.87 39.04
N LEU A 706 -28.05 -34.77 38.03
CA LEU A 706 -27.45 -35.91 37.35
C LEU A 706 -26.72 -36.83 38.37
N ASP A 707 -26.00 -36.24 39.33
CA ASP A 707 -25.28 -36.96 40.38
C ASP A 707 -26.21 -37.80 41.27
N GLU A 708 -27.37 -37.24 41.67
CA GLU A 708 -28.36 -37.97 42.48
C GLU A 708 -28.97 -39.14 41.71
N VAL A 709 -29.27 -38.92 40.41
CA VAL A 709 -29.80 -39.98 39.52
C VAL A 709 -28.81 -41.13 39.39
N THR A 710 -27.53 -40.82 39.18
CA THR A 710 -26.46 -41.82 39.04
C THR A 710 -26.32 -42.64 40.34
N THR A 711 -26.39 -41.97 41.49
CA THR A 711 -26.32 -42.63 42.81
C THR A 711 -27.48 -43.62 42.93
N ALA A 712 -28.71 -43.15 42.58
CA ALA A 712 -29.92 -43.99 42.65
C ALA A 712 -29.78 -45.21 41.74
N ILE A 713 -29.29 -45.04 40.50
CA ILE A 713 -29.07 -46.13 39.54
C ILE A 713 -28.06 -47.16 40.06
N THR A 714 -26.90 -46.68 40.55
CA THR A 714 -25.86 -47.52 41.13
C THR A 714 -26.46 -48.42 42.19
N SER A 715 -27.37 -47.88 43.04
CA SER A 715 -28.07 -48.64 44.09
C SER A 715 -29.15 -49.65 43.57
N GLY A 716 -29.45 -49.63 42.26
CA GLY A 716 -30.43 -50.52 41.63
C GLY A 716 -31.83 -49.94 41.43
N THR A 717 -32.00 -48.63 41.63
CA THR A 717 -33.29 -47.94 41.47
C THR A 717 -33.61 -47.71 39.98
N TYR A 718 -34.92 -47.57 39.69
CA TYR A 718 -35.50 -47.26 38.38
C TYR A 718 -35.34 -48.34 37.33
N LYS A 719 -35.16 -49.60 37.72
CA LYS A 719 -35.07 -50.69 36.76
C LYS A 719 -36.33 -50.75 35.89
N ASP A 720 -37.49 -50.65 36.53
CA ASP A 720 -38.78 -50.68 35.86
C ASP A 720 -39.57 -49.42 36.13
N PRO A 721 -40.33 -48.88 35.13
CA PRO A 721 -41.16 -47.69 35.42
C PRO A 721 -42.36 -48.10 36.29
N LYS A 722 -42.96 -47.15 37.01
CA LYS A 722 -44.13 -47.44 37.82
C LYS A 722 -45.39 -47.48 36.97
N SER A 723 -45.54 -46.53 36.03
CA SER A 723 -46.68 -46.46 35.10
C SER A 723 -46.82 -47.77 34.31
N ALA A 724 -48.05 -48.29 34.25
CA ALA A 724 -48.38 -49.53 33.53
C ALA A 724 -48.24 -49.32 32.01
N VAL A 725 -48.54 -48.10 31.54
CA VAL A 725 -48.40 -47.69 30.14
C VAL A 725 -46.91 -47.78 29.76
N TRP A 726 -46.03 -47.23 30.63
CA TRP A 726 -44.58 -47.22 30.42
C TRP A 726 -44.03 -48.64 30.51
N ARG A 727 -44.59 -49.49 31.40
CA ARG A 727 -44.19 -50.89 31.51
C ARG A 727 -44.54 -51.66 30.23
N LEU A 728 -45.69 -51.37 29.60
CA LEU A 728 -46.06 -52.01 28.33
C LEU A 728 -45.06 -51.63 27.24
N LEU A 729 -44.62 -50.35 27.23
CA LEU A 729 -43.66 -49.84 26.25
C LEU A 729 -42.28 -50.49 26.44
N ASP A 730 -41.87 -50.74 27.70
CA ASP A 730 -40.60 -51.40 27.96
C ASP A 730 -40.68 -52.90 27.58
N GLN A 731 -41.81 -53.57 27.90
CA GLN A 731 -42.04 -54.97 27.53
C GLN A 731 -42.02 -55.15 25.99
N ARG A 732 -42.51 -54.13 25.26
CA ARG A 732 -42.53 -54.05 23.79
C ARG A 732 -41.12 -54.19 23.18
N THR A 733 -40.08 -53.79 23.93
CA THR A 733 -38.68 -53.90 23.48
C THR A 733 -38.12 -55.32 23.66
N LYS A 734 -38.84 -56.18 24.40
CA LYS A 734 -38.38 -57.53 24.71
C LYS A 734 -39.15 -58.64 24.01
N LEU A 735 -40.42 -58.38 23.67
CA LEU A 735 -41.30 -59.36 23.03
C LEU A 735 -41.12 -59.45 21.54
N ARG A 736 -41.16 -60.68 21.02
CA ARG A 736 -41.05 -60.95 19.59
C ARG A 736 -42.27 -60.43 18.82
N VAL A 737 -42.10 -60.15 17.51
CA VAL A 737 -43.16 -59.62 16.65
C VAL A 737 -44.46 -60.43 16.60
N SER A 738 -44.40 -61.77 16.81
CA SER A 738 -45.61 -62.62 16.80
C SER A 738 -46.58 -62.23 17.91
N THR A 739 -46.10 -61.54 18.97
CA THR A 739 -46.92 -61.10 20.10
C THR A 739 -47.58 -59.72 19.89
N LEU A 740 -47.34 -59.07 18.73
CA LEU A 740 -47.84 -57.70 18.47
C LEU A 740 -49.36 -57.50 18.59
N ARG A 741 -50.16 -58.50 18.18
CA ARG A 741 -51.63 -58.41 18.28
C ARG A 741 -52.06 -58.36 19.74
N ASP A 742 -51.43 -59.19 20.60
CA ASP A 742 -51.70 -59.20 22.05
C ASP A 742 -51.22 -57.92 22.72
N GLN A 743 -50.07 -57.38 22.27
CA GLN A 743 -49.52 -56.12 22.79
C GLN A 743 -50.45 -54.95 22.44
N ALA A 744 -51.07 -54.99 21.23
CA ALA A 744 -52.02 -53.96 20.78
C ALA A 744 -53.25 -53.98 21.70
N LEU A 745 -53.74 -55.19 22.05
CA LEU A 745 -54.88 -55.36 22.96
C LEU A 745 -54.56 -54.84 24.36
N ALA A 746 -53.30 -55.01 24.82
CA ALA A 746 -52.87 -54.54 26.14
C ALA A 746 -52.84 -53.01 26.23
N LEU A 747 -52.53 -52.34 25.10
CA LEU A 747 -52.42 -50.87 25.01
C LEU A 747 -53.74 -50.17 24.60
N LYS A 748 -54.66 -50.89 23.91
CA LYS A 748 -55.93 -50.35 23.43
C LYS A 748 -56.74 -49.54 24.47
N PRO A 749 -57.00 -50.02 25.71
CA PRO A 749 -57.76 -49.19 26.67
C PRO A 749 -57.12 -47.83 26.98
N ALA A 750 -55.78 -47.79 27.23
CA ALA A 750 -55.06 -46.55 27.51
C ALA A 750 -55.01 -45.64 26.28
N SER A 751 -54.78 -46.25 25.10
CA SER A 751 -54.70 -45.54 23.83
C SER A 751 -56.06 -44.88 23.45
N SER A 752 -57.18 -45.51 23.82
CA SER A 752 -58.54 -45.03 23.56
C SER A 752 -59.08 -44.19 24.71
N SER A 753 -58.34 -44.12 25.85
CA SER A 753 -58.74 -43.42 27.08
C SER A 753 -60.16 -43.84 27.51
N VAL A 754 -60.43 -45.17 27.50
CA VAL A 754 -61.73 -45.72 27.93
C VAL A 754 -61.94 -45.45 29.41
N ASP A 755 -63.19 -45.57 29.88
CA ASP A 755 -63.50 -45.39 31.28
C ASP A 755 -62.75 -46.49 32.06
N ASN A 756 -62.01 -46.07 33.10
CA ASN A 756 -61.20 -46.96 33.96
C ASN A 756 -59.98 -47.56 33.22
N TRP A 757 -59.45 -46.83 32.20
CA TRP A 757 -58.28 -47.26 31.43
C TRP A 757 -57.06 -47.57 32.30
N ALA A 758 -56.82 -46.78 33.39
CA ALA A 758 -55.65 -46.96 34.25
C ALA A 758 -55.66 -48.30 34.96
N GLU A 759 -56.81 -48.69 35.53
CA GLU A 759 -56.99 -49.97 36.20
C GLU A 759 -56.86 -51.11 35.18
N ALA A 760 -57.52 -50.96 34.02
CA ALA A 760 -57.48 -51.93 32.92
C ALA A 760 -56.04 -52.13 32.42
N THR A 761 -55.26 -51.04 32.27
CA THR A 761 -53.86 -51.08 31.82
C THR A 761 -52.98 -51.82 32.84
N GLU A 762 -53.21 -51.51 34.13
CA GLU A 762 -52.51 -52.13 35.24
C GLU A 762 -52.69 -53.65 35.16
N GLU A 763 -53.93 -54.11 34.94
CA GLU A 763 -54.25 -55.53 34.82
C GLU A 763 -53.63 -56.17 33.59
N LEU A 764 -53.74 -55.51 32.42
CA LEU A 764 -53.15 -56.00 31.17
C LEU A 764 -51.62 -56.08 31.21
N ALA A 765 -50.94 -55.06 31.80
CA ALA A 765 -49.48 -55.07 31.96
C ALA A 765 -49.04 -56.21 32.89
N GLN A 766 -49.82 -56.49 33.97
CA GLN A 766 -49.57 -57.59 34.90
C GLN A 766 -49.67 -58.95 34.21
N GLN A 767 -50.69 -59.13 33.33
CA GLN A 767 -50.90 -60.34 32.56
C GLN A 767 -49.78 -60.56 31.55
N GLN A 768 -49.35 -59.47 30.88
CA GLN A 768 -48.29 -59.53 29.89
C GLN A 768 -46.94 -59.85 30.54
N GLN A 769 -46.66 -59.26 31.74
CA GLN A 769 -45.44 -59.53 32.52
C GLN A 769 -45.35 -61.03 32.86
N LEU A 770 -46.48 -61.62 33.28
CA LEU A 770 -46.59 -63.04 33.62
C LEU A 770 -46.30 -63.93 32.41
N LEU A 771 -46.92 -63.63 31.26
CA LEU A 771 -46.75 -64.39 30.02
C LEU A 771 -45.33 -64.36 29.44
N MET A 772 -44.56 -63.28 29.74
CA MET A 772 -43.16 -63.07 29.37
C MET A 772 -42.18 -64.05 30.03
N LYS A 773 -42.66 -64.86 31.01
CA LYS A 773 -41.87 -65.91 31.69
C LYS A 773 -41.48 -66.97 30.64
N ALA A 774 -42.29 -67.09 29.57
CA ALA A 774 -42.05 -67.96 28.40
C ALA A 774 -40.92 -67.31 27.55
N ASN A 775 -39.72 -67.93 27.60
CA ASN A 775 -38.49 -67.50 26.92
C ASN A 775 -38.60 -67.50 25.39
N ASN A 776 -39.49 -68.39 24.84
CA ASN A 776 -39.76 -68.53 23.41
C ASN A 776 -40.39 -67.26 22.82
N LEU A 777 -41.00 -66.43 23.67
CA LEU A 777 -41.62 -65.17 23.26
C LEU A 777 -40.65 -64.00 23.31
N LEU A 778 -39.44 -64.22 23.85
CA LEU A 778 -38.42 -63.19 24.03
C LEU A 778 -37.39 -63.15 22.92
N LYS A 779 -37.54 -62.15 22.05
CA LYS A 779 -36.64 -61.88 20.92
C LYS A 779 -36.78 -60.42 20.56
N SER A 780 -35.66 -59.75 20.31
CA SER A 780 -35.69 -58.34 19.91
C SER A 780 -36.32 -58.21 18.53
N SER A 781 -37.35 -57.35 18.41
CA SER A 781 -38.00 -57.05 17.14
C SER A 781 -37.01 -56.28 16.24
N LEU A 782 -35.94 -55.69 16.84
CA LEU A 782 -34.91 -54.96 16.08
C LEU A 782 -34.09 -55.92 15.26
N THR A 783 -33.81 -57.11 15.82
CA THR A 783 -33.10 -58.20 15.12
C THR A 783 -34.01 -58.75 14.01
N GLU A 784 -35.30 -58.97 14.34
CA GLU A 784 -36.30 -59.48 13.37
C GLU A 784 -36.47 -58.48 12.23
N THR A 785 -36.48 -57.16 12.52
CA THR A 785 -36.57 -56.11 11.50
C THR A 785 -35.35 -56.19 10.58
N ARG A 786 -34.12 -56.24 11.14
CA ARG A 786 -32.88 -56.33 10.37
C ARG A 786 -32.87 -57.54 9.43
N GLU A 787 -33.32 -58.71 9.94
CA GLU A 787 -33.40 -59.96 9.15
C GLU A 787 -34.39 -59.81 7.99
N ALA A 788 -35.57 -59.19 8.22
CA ALA A 788 -36.55 -58.98 7.15
C ALA A 788 -36.02 -57.95 6.10
N LEU A 789 -35.31 -56.88 6.57
CA LEU A 789 -34.75 -55.86 5.67
C LEU A 789 -33.70 -56.43 4.73
N GLU A 790 -32.93 -57.40 5.21
CA GLU A 790 -31.82 -57.99 4.47
C GLU A 790 -32.19 -59.24 3.66
N LYS A 791 -33.44 -59.71 3.80
CA LYS A 791 -33.94 -60.90 3.10
C LYS A 791 -33.86 -60.74 1.58
N THR A 792 -33.30 -61.74 0.89
CA THR A 792 -33.19 -61.82 -0.58
C THR A 792 -33.71 -63.20 -0.99
N LYS B 11 45.84 -4.27 31.47
CA LYS B 11 45.60 -5.67 31.14
C LYS B 11 44.33 -6.25 31.76
N ALA B 12 43.49 -6.88 30.92
CA ALA B 12 42.24 -7.50 31.33
C ALA B 12 42.16 -8.96 30.91
N SER B 13 41.30 -9.73 31.57
CA SER B 13 41.10 -11.13 31.21
C SER B 13 40.35 -11.24 29.86
N ILE B 14 40.52 -12.37 29.17
CA ILE B 14 39.84 -12.68 27.90
C ILE B 14 38.31 -12.60 28.06
N LEU B 15 37.80 -13.04 29.22
CA LEU B 15 36.38 -13.00 29.58
C LEU B 15 35.84 -11.56 29.54
N THR B 16 36.58 -10.60 30.15
CA THR B 16 36.26 -9.16 30.16
C THR B 16 36.31 -8.64 28.72
N ALA B 17 37.39 -8.98 27.96
CA ALA B 17 37.59 -8.58 26.55
C ALA B 17 36.44 -9.08 25.65
N LEU B 18 35.93 -10.31 25.88
CA LEU B 18 34.81 -10.87 25.11
C LEU B 18 33.51 -10.10 25.36
N MET B 19 33.29 -9.62 26.59
CA MET B 19 32.10 -8.84 27.01
C MET B 19 32.36 -7.34 26.94
N ILE B 31 26.57 10.93 37.27
CA ILE B 31 25.23 11.13 36.70
C ILE B 31 24.18 10.31 37.45
N PRO B 32 23.09 10.96 37.96
CA PRO B 32 22.05 10.19 38.67
C PRO B 32 21.37 9.18 37.74
N LYS B 33 20.99 8.01 38.26
CA LYS B 33 20.32 6.97 37.47
C LYS B 33 18.88 7.41 37.14
N ARG B 34 18.28 6.90 36.04
CA ARG B 34 16.93 7.26 35.65
C ARG B 34 15.92 6.78 36.71
N PHE B 35 14.91 7.60 36.97
CA PHE B 35 13.87 7.21 37.91
C PHE B 35 12.91 6.23 37.23
N ARG B 36 12.68 5.09 37.89
CA ARG B 36 11.74 4.09 37.41
C ARG B 36 10.58 4.04 38.43
N PRO B 37 9.38 4.55 38.08
CA PRO B 37 8.24 4.47 39.02
C PRO B 37 7.99 3.04 39.47
N ALA B 38 7.56 2.86 40.73
CA ALA B 38 7.21 1.55 41.26
C ALA B 38 5.95 1.04 40.55
N LYS B 39 5.70 -0.28 40.64
CA LYS B 39 4.46 -0.87 40.11
C LYS B 39 3.31 -0.21 40.89
N ASP B 40 2.22 0.08 40.21
CA ASP B 40 1.10 0.79 40.83
C ASP B 40 0.01 -0.21 41.20
N PRO B 41 -0.22 -0.50 42.51
CA PRO B 41 -1.28 -1.45 42.88
C PRO B 41 -2.69 -0.94 42.65
N LEU B 42 -2.87 0.38 42.41
CA LEU B 42 -4.20 0.96 42.19
C LEU B 42 -4.57 1.13 40.71
N ASP B 43 -3.80 0.51 39.81
CA ASP B 43 -4.00 0.63 38.37
C ASP B 43 -5.13 -0.27 37.77
N SER B 44 -6.05 -0.75 38.61
CA SER B 44 -7.19 -1.54 38.15
C SER B 44 -8.45 -0.96 38.77
N PRO B 45 -9.63 -1.06 38.12
CA PRO B 45 -10.86 -0.48 38.71
C PRO B 45 -11.24 -1.05 40.07
N GLN B 46 -11.00 -2.37 40.29
CA GLN B 46 -11.33 -3.04 41.55
C GLN B 46 -10.49 -2.50 42.70
N ALA B 47 -9.16 -2.39 42.48
CA ALA B 47 -8.24 -1.89 43.50
C ALA B 47 -8.48 -0.38 43.76
N ALA B 48 -8.73 0.42 42.70
CA ALA B 48 -9.01 1.86 42.83
C ALA B 48 -10.34 2.10 43.59
N ALA B 49 -11.43 1.38 43.22
CA ALA B 49 -12.74 1.51 43.88
C ALA B 49 -12.64 1.13 45.37
N GLN B 50 -11.91 0.03 45.70
CA GLN B 50 -11.73 -0.41 47.08
C GLN B 50 -10.96 0.65 47.90
N PHE B 51 -9.91 1.24 47.30
CA PHE B 51 -9.11 2.30 47.92
C PHE B 51 -10.01 3.53 48.25
N LEU B 52 -10.85 3.94 47.30
CA LEU B 52 -11.76 5.07 47.47
C LEU B 52 -12.82 4.78 48.53
N LYS B 53 -13.40 3.55 48.50
CA LYS B 53 -14.37 3.12 49.49
C LYS B 53 -13.77 3.10 50.91
N ASP B 54 -12.54 2.57 51.05
CA ASP B 54 -11.81 2.54 52.34
C ASP B 54 -11.56 3.93 52.89
N ASN B 55 -11.45 4.93 52.00
CA ASN B 55 -11.21 6.32 52.38
C ASN B 55 -12.46 7.18 52.33
N LYS B 56 -13.64 6.52 52.21
CA LYS B 56 -14.96 7.18 52.21
C LYS B 56 -15.09 8.25 51.13
N TYR B 57 -14.50 8.01 49.97
CA TYR B 57 -14.61 8.95 48.86
C TYR B 57 -15.83 8.55 48.05
N ARG B 58 -16.71 9.50 47.76
CA ARG B 58 -17.96 9.21 47.02
C ARG B 58 -17.80 8.76 45.57
N ILE B 59 -18.27 7.54 45.30
CA ILE B 59 -18.33 6.95 43.97
C ILE B 59 -19.80 7.03 43.58
N LEU B 60 -20.14 7.65 42.44
CA LEU B 60 -21.54 7.76 42.01
C LEU B 60 -22.03 6.45 41.44
N ARG B 61 -23.36 6.25 41.44
CA ARG B 61 -23.99 5.12 40.74
C ARG B 61 -23.74 5.49 39.24
N PRO B 62 -23.09 4.63 38.45
CA PRO B 62 -22.70 5.06 37.08
C PRO B 62 -23.86 5.31 36.14
N ARG B 63 -23.68 6.28 35.25
CA ARG B 63 -24.66 6.66 34.23
C ARG B 63 -24.10 6.24 32.88
N ALA B 64 -25.01 5.88 31.97
CA ALA B 64 -24.68 5.37 30.64
C ALA B 64 -24.94 6.40 29.55
N ILE B 65 -24.22 6.27 28.44
CA ILE B 65 -24.33 7.19 27.31
C ILE B 65 -24.78 6.38 26.09
N PRO B 66 -25.81 6.85 25.34
CA PRO B 66 -26.20 6.13 24.11
C PRO B 66 -25.06 6.07 23.09
N THR B 67 -25.04 5.01 22.29
CA THR B 67 -24.03 4.89 21.22
C THR B 67 -24.26 6.00 20.14
N MET B 68 -23.22 6.25 19.36
CA MET B 68 -23.25 7.28 18.30
C MET B 68 -24.08 6.87 17.10
N VAL B 69 -24.79 7.86 16.54
CA VAL B 69 -25.62 7.75 15.34
C VAL B 69 -25.15 8.85 14.38
N GLU B 70 -25.07 8.54 13.08
CA GLU B 70 -24.67 9.50 12.06
C GLU B 70 -25.89 10.28 11.59
N LEU B 71 -25.82 11.62 11.64
CA LEU B 71 -26.86 12.52 11.14
C LEU B 71 -26.25 13.39 10.06
N GLU B 72 -27.09 13.94 9.15
CA GLU B 72 -26.63 14.83 8.09
C GLU B 72 -26.29 16.18 8.74
N THR B 73 -25.09 16.71 8.48
CA THR B 73 -24.64 18.00 9.01
C THR B 73 -25.61 19.14 8.66
N ASP B 74 -26.10 19.18 7.40
CA ASP B 74 -27.02 20.25 6.99
C ASP B 74 -28.40 20.20 7.64
N ALA B 75 -28.80 19.03 8.16
CA ALA B 75 -30.06 18.90 8.90
C ALA B 75 -29.81 19.32 10.38
N ALA B 76 -28.68 18.88 10.98
CA ALA B 76 -28.33 19.17 12.36
C ALA B 76 -27.81 20.61 12.57
N LEU B 77 -27.07 21.14 11.58
CA LEU B 77 -26.52 22.50 11.60
C LEU B 77 -26.98 23.25 10.33
N PRO B 78 -28.28 23.65 10.23
CA PRO B 78 -28.76 24.33 9.00
C PRO B 78 -28.04 25.63 8.65
N ARG B 79 -27.53 26.35 9.66
CA ARG B 79 -26.80 27.61 9.50
C ARG B 79 -25.47 27.40 8.77
N LEU B 80 -24.98 26.15 8.72
CA LEU B 80 -23.71 25.81 8.07
C LEU B 80 -23.84 25.02 6.74
N ARG B 81 -25.04 25.04 6.11
CA ARG B 81 -25.32 24.34 4.83
C ARG B 81 -24.30 24.64 3.72
N GLN B 82 -23.94 25.92 3.55
CA GLN B 82 -22.97 26.38 2.54
C GLN B 82 -21.58 25.81 2.77
N MET B 83 -21.17 25.65 4.05
CA MET B 83 -19.87 25.09 4.42
C MET B 83 -19.77 23.61 3.99
N VAL B 84 -20.88 22.87 4.09
CA VAL B 84 -20.98 21.46 3.68
C VAL B 84 -20.87 21.42 2.14
N GLU B 85 -21.69 22.24 1.43
CA GLU B 85 -21.72 22.37 -0.03
C GLU B 85 -20.35 22.72 -0.61
N ASP B 86 -19.60 23.62 0.04
CA ASP B 86 -18.26 24.03 -0.38
C ASP B 86 -17.16 23.00 -0.04
N GLY B 87 -17.57 21.90 0.61
CA GLY B 87 -16.66 20.82 1.03
C GLY B 87 -15.70 21.22 2.13
N LYS B 88 -16.04 22.28 2.90
CA LYS B 88 -15.19 22.78 3.99
C LYS B 88 -15.59 22.19 5.36
N LEU B 89 -16.75 21.52 5.41
CA LEU B 89 -17.29 20.89 6.61
C LEU B 89 -17.86 19.52 6.25
N LYS B 90 -17.47 18.47 7.01
CA LYS B 90 -17.93 17.08 6.84
C LYS B 90 -19.46 17.01 6.78
N ASP B 91 -19.99 16.21 5.86
CA ASP B 91 -21.43 16.06 5.60
C ASP B 91 -22.23 15.27 6.63
N THR B 92 -21.53 14.61 7.59
CA THR B 92 -22.22 13.88 8.67
C THR B 92 -21.66 14.27 10.03
N VAL B 93 -22.50 14.20 11.07
CA VAL B 93 -22.13 14.43 12.46
C VAL B 93 -22.51 13.18 13.27
N SER B 94 -21.64 12.78 14.24
CA SER B 94 -21.89 11.63 15.11
C SER B 94 -22.47 12.10 16.44
N VAL B 95 -23.72 11.75 16.72
CA VAL B 95 -24.40 12.18 17.96
C VAL B 95 -24.89 11.02 18.85
N PRO B 96 -24.84 11.18 20.21
CA PRO B 96 -25.27 10.05 21.08
C PRO B 96 -26.77 9.82 21.16
N GLU B 97 -27.32 9.21 20.11
CA GLU B 97 -28.75 8.95 20.02
C GLU B 97 -29.08 7.48 19.72
N GLY B 98 -28.10 6.58 19.89
CA GLY B 98 -28.27 5.15 19.63
C GLY B 98 -29.27 4.46 20.52
N THR B 99 -29.70 3.28 20.12
CA THR B 99 -30.72 2.49 20.83
C THR B 99 -30.16 1.81 22.09
N THR B 100 -28.82 1.73 22.21
CA THR B 100 -28.14 1.08 23.33
C THR B 100 -27.25 2.07 24.03
N ALA B 101 -27.24 2.04 25.36
CA ALA B 101 -26.40 2.94 26.14
C ALA B 101 -25.37 2.16 26.95
N PHE B 102 -24.14 2.68 27.05
CA PHE B 102 -23.06 2.01 27.77
C PHE B 102 -22.34 2.95 28.68
N TYR B 103 -21.65 2.38 29.70
CA TYR B 103 -20.87 3.15 30.65
C TYR B 103 -19.57 3.56 30.00
N PRO B 104 -19.22 4.87 30.08
CA PRO B 104 -17.94 5.33 29.50
C PRO B 104 -16.75 4.90 30.34
N LYS B 105 -15.58 4.79 29.68
CA LYS B 105 -14.31 4.42 30.32
C LYS B 105 -13.25 5.34 29.80
N TYR B 106 -12.40 5.84 30.71
CA TYR B 106 -11.31 6.72 30.36
C TYR B 106 -10.01 6.24 31.01
N TYR B 107 -8.99 5.93 30.19
CA TYR B 107 -7.69 5.45 30.68
C TYR B 107 -6.59 6.42 30.30
N PRO B 108 -6.15 7.25 31.22
CA PRO B 108 -5.05 8.17 30.88
C PRO B 108 -3.69 7.49 30.67
N PHE B 109 -2.72 8.22 30.09
CA PHE B 109 -1.36 7.73 29.90
C PHE B 109 -0.50 8.26 31.02
N HIS B 110 0.08 7.35 31.78
CA HIS B 110 0.96 7.70 32.88
C HIS B 110 2.37 7.36 32.47
N LYS B 111 3.18 8.40 32.26
CA LYS B 111 4.55 8.24 31.79
C LYS B 111 5.52 9.16 32.54
N PRO B 112 6.77 8.69 32.82
CA PRO B 112 7.23 7.30 32.65
C PRO B 112 6.48 6.37 33.62
N ASP B 113 6.62 5.06 33.44
CA ASP B 113 6.01 4.10 34.35
C ASP B 113 6.98 2.93 34.61
N HIS B 114 6.58 1.95 35.42
CA HIS B 114 7.46 0.83 35.75
C HIS B 114 8.00 0.07 34.53
N ASP B 115 7.16 -0.10 33.49
CA ASP B 115 7.51 -0.84 32.27
C ASP B 115 8.16 -0.01 31.17
N GLU B 116 8.01 1.33 31.20
CA GLU B 116 8.54 2.18 30.16
C GLU B 116 9.20 3.44 30.70
N VAL B 117 10.54 3.45 30.65
CA VAL B 117 11.38 4.59 31.02
C VAL B 117 12.17 4.92 29.75
N GLY B 118 11.72 5.93 29.03
CA GLY B 118 12.37 6.32 27.78
C GLY B 118 12.73 7.79 27.68
N THR B 119 12.66 8.31 26.44
CA THR B 119 12.98 9.70 26.11
C THR B 119 11.99 10.66 26.77
N PHE B 120 10.72 10.23 26.97
CA PHE B 120 9.72 11.07 27.65
C PHE B 120 10.13 11.22 29.12
N GLY B 121 10.25 12.47 29.58
CA GLY B 121 10.66 12.76 30.95
C GLY B 121 12.15 12.59 31.20
N ALA B 122 12.98 12.48 30.12
CA ALA B 122 14.42 12.32 30.30
C ALA B 122 15.04 13.62 30.84
N PRO B 123 15.93 13.55 31.86
CA PRO B 123 16.58 14.79 32.35
C PRO B 123 17.58 15.32 31.30
N ASP B 124 17.91 16.60 31.34
CA ASP B 124 18.89 17.11 30.37
C ASP B 124 20.33 16.85 30.86
N ILE B 125 20.83 15.63 30.61
CA ILE B 125 22.18 15.17 30.96
C ILE B 125 23.24 15.90 30.14
N THR B 126 22.92 16.25 28.88
CA THR B 126 23.82 17.01 28.01
C THR B 126 24.12 18.37 28.65
N LEU B 127 23.06 19.08 29.12
CA LEU B 127 23.23 20.36 29.80
C LEU B 127 24.06 20.18 31.09
N LEU B 128 23.77 19.13 31.88
CA LEU B 128 24.52 18.82 33.12
C LEU B 128 26.03 18.70 32.84
N LYS B 129 26.40 17.98 31.75
CA LYS B 129 27.79 17.81 31.34
C LYS B 129 28.40 19.14 30.92
N GLN B 130 27.65 19.96 30.12
CA GLN B 130 28.12 21.27 29.67
C GLN B 130 28.31 22.23 30.86
N LEU B 131 27.40 22.20 31.86
CA LEU B 131 27.53 23.03 33.07
C LEU B 131 28.82 22.66 33.80
N THR B 132 29.14 21.36 33.83
CA THR B 132 30.36 20.84 34.47
C THR B 132 31.61 21.32 33.73
N PHE B 133 31.64 21.17 32.38
CA PHE B 133 32.76 21.63 31.57
C PHE B 133 32.97 23.13 31.73
N PHE B 134 31.89 23.93 31.67
CA PHE B 134 32.00 25.38 31.81
C PHE B 134 32.39 25.87 33.21
N LEU B 135 31.99 25.12 34.25
CA LEU B 135 32.38 25.48 35.61
C LEU B 135 33.89 25.29 35.80
N LEU B 136 34.45 24.25 35.17
CA LEU B 136 35.90 24.00 35.25
C LEU B 136 36.70 25.10 34.59
N GLU B 137 36.17 25.75 33.56
CA GLU B 137 36.86 26.83 32.80
C GLU B 137 36.56 28.25 33.32
N ASN B 138 35.57 28.42 34.20
CA ASN B 138 35.15 29.76 34.64
C ASN B 138 35.02 29.87 36.13
N ASP B 139 35.51 30.96 36.68
CA ASP B 139 35.41 31.21 38.10
C ASP B 139 34.19 32.05 38.43
N PHE B 140 33.01 31.43 38.30
CA PHE B 140 31.77 32.11 38.64
C PHE B 140 31.48 31.80 40.11
N PRO B 141 31.41 32.80 41.02
CA PRO B 141 31.14 32.47 42.44
C PRO B 141 29.84 31.71 42.71
N THR B 142 28.79 31.91 41.88
CA THR B 142 27.51 31.20 42.05
C THR B 142 27.45 29.91 41.22
N GLY B 143 28.48 29.67 40.40
CA GLY B 143 28.60 28.49 39.53
C GLY B 143 28.50 27.18 40.28
N PRO B 144 29.30 26.97 41.38
CA PRO B 144 29.19 25.68 42.13
C PRO B 144 27.78 25.38 42.64
N GLU B 145 27.08 26.39 43.14
CA GLU B 145 25.70 26.23 43.64
C GLU B 145 24.72 25.93 42.49
N THR B 146 24.91 26.55 41.30
CA THR B 146 24.03 26.29 40.16
C THR B 146 24.18 24.81 39.73
N LEU B 147 25.44 24.33 39.61
CA LEU B 147 25.69 22.93 39.23
C LEU B 147 25.06 21.96 40.25
N ARG B 148 25.26 22.23 41.55
CA ARG B 148 24.72 21.41 42.63
C ARG B 148 23.18 21.33 42.56
N GLN B 149 22.53 22.48 42.30
CA GLN B 149 21.06 22.57 42.22
C GLN B 149 20.51 21.82 41.01
N VAL B 150 21.17 21.91 39.86
CA VAL B 150 20.73 21.18 38.66
C VAL B 150 20.86 19.67 38.89
N ARG B 151 21.99 19.24 39.47
CA ARG B 151 22.27 17.84 39.79
C ARG B 151 21.20 17.30 40.78
N GLU B 152 20.90 18.09 41.83
CA GLU B 152 19.91 17.75 42.85
C GLU B 152 18.51 17.65 42.23
N ALA B 153 18.14 18.59 41.34
CA ALA B 153 16.82 18.55 40.66
C ALA B 153 16.71 17.31 39.76
N ILE B 154 17.81 16.94 39.06
CA ILE B 154 17.82 15.73 38.23
C ILE B 154 17.61 14.46 39.12
N ALA B 155 18.30 14.41 40.27
CA ALA B 155 18.23 13.28 41.21
C ALA B 155 16.92 13.18 41.99
N THR B 156 16.22 14.30 42.25
CA THR B 156 15.03 14.28 43.10
C THR B 156 13.69 14.51 42.39
N LEU B 157 13.70 15.12 41.20
CA LEU B 157 12.47 15.39 40.46
C LEU B 157 12.31 14.46 39.27
N GLN B 158 11.12 14.52 38.67
CA GLN B 158 10.78 13.76 37.48
C GLN B 158 9.67 14.48 36.75
N TYR B 159 9.93 14.84 35.48
CA TYR B 159 8.87 15.39 34.66
C TYR B 159 8.05 14.19 34.12
N GLY B 160 6.72 14.31 34.22
CA GLY B 160 5.85 13.27 33.69
C GLY B 160 4.43 13.44 34.15
N SER B 161 3.60 12.43 33.86
CA SER B 161 2.17 12.50 34.17
C SER B 161 1.70 11.64 35.35
N GLY B 162 2.61 11.38 36.28
CA GLY B 162 2.30 10.68 37.52
C GLY B 162 1.77 9.27 37.36
N SER B 163 0.79 8.92 38.22
CA SER B 163 0.23 7.57 38.26
C SER B 163 -1.23 7.59 38.72
N TYR B 164 -1.89 6.42 38.62
CA TYR B 164 -3.26 6.27 39.14
C TYR B 164 -3.28 6.54 40.63
N SER B 165 -2.29 5.98 41.38
CA SER B 165 -2.14 6.20 42.83
C SER B 165 -2.02 7.69 43.15
N GLY B 166 -1.21 8.41 42.38
CA GLY B 166 -1.02 9.85 42.55
C GLY B 166 -2.31 10.62 42.33
N GLN B 167 -3.06 10.27 41.27
CA GLN B 167 -4.34 10.91 40.94
C GLN B 167 -5.38 10.65 42.04
N LEU B 168 -5.44 9.40 42.55
CA LEU B 168 -6.39 8.98 43.57
C LEU B 168 -6.08 9.60 44.92
N ASN B 169 -4.78 9.69 45.31
CA ASN B 169 -4.36 10.36 46.54
C ASN B 169 -4.66 11.84 46.45
N ARG B 170 -4.50 12.44 45.25
CA ARG B 170 -4.83 13.84 45.04
C ARG B 170 -6.35 14.07 45.26
N LEU B 171 -7.21 13.18 44.71
CA LEU B 171 -8.66 13.26 44.94
C LEU B 171 -8.99 13.25 46.44
N LEU B 172 -8.30 12.42 47.23
CA LEU B 172 -8.51 12.36 48.69
C LEU B 172 -8.14 13.67 49.35
N ALA B 173 -7.06 14.33 48.89
CA ALA B 173 -6.65 15.63 49.43
C ALA B 173 -7.71 16.69 49.10
N MET B 174 -8.33 16.63 47.89
CA MET B 174 -9.40 17.56 47.46
C MET B 174 -10.63 17.36 48.37
N LYS B 175 -11.00 16.10 48.65
CA LYS B 175 -12.10 15.79 49.56
C LYS B 175 -11.80 16.37 50.97
N GLY B 176 -10.57 16.21 51.43
CA GLY B 176 -10.15 16.71 52.72
C GLY B 176 -10.30 18.22 52.82
N VAL B 177 -9.91 18.95 51.76
CA VAL B 177 -10.03 20.42 51.73
C VAL B 177 -11.52 20.85 51.75
N ALA B 178 -12.34 20.15 50.95
CA ALA B 178 -13.76 20.47 50.86
C ALA B 178 -14.57 20.11 52.10
N THR B 179 -14.24 18.98 52.75
CA THR B 179 -15.11 18.45 53.81
C THR B 179 -14.42 18.07 55.12
N GLY B 180 -13.09 18.16 55.20
CA GLY B 180 -12.33 17.71 56.36
C GLY B 180 -12.20 18.68 57.50
N ARG B 181 -10.95 19.12 57.79
CA ARG B 181 -10.66 20.03 58.92
C ARG B 181 -11.42 21.36 58.84
N ASN B 182 -11.66 21.87 57.62
CA ASN B 182 -12.29 23.16 57.41
C ASN B 182 -13.35 23.04 56.30
N PRO B 183 -14.54 22.49 56.60
CA PRO B 183 -15.55 22.31 55.53
C PRO B 183 -15.93 23.60 54.81
N ASN B 184 -16.23 23.48 53.52
CA ASN B 184 -16.63 24.60 52.66
C ASN B 184 -17.84 25.34 53.16
N LYS B 185 -17.92 26.63 52.84
CA LYS B 185 -19.05 27.48 53.20
C LYS B 185 -19.52 28.23 51.98
N THR B 186 -20.85 28.28 51.76
CA THR B 186 -21.36 29.11 50.66
C THR B 186 -21.12 30.61 51.04
N PRO B 187 -21.05 31.54 50.05
CA PRO B 187 -20.93 32.98 50.43
C PRO B 187 -22.02 33.45 51.40
N LYS B 188 -23.24 32.95 51.25
CA LYS B 188 -24.30 33.33 52.18
C LYS B 188 -24.03 32.89 53.62
N THR B 189 -23.52 31.66 53.82
CA THR B 189 -23.14 31.18 55.17
C THR B 189 -22.07 32.13 55.75
N VAL B 190 -21.08 32.56 54.94
CA VAL B 190 -20.05 33.52 55.39
C VAL B 190 -20.72 34.87 55.76
N GLY B 191 -21.79 35.24 55.07
CA GLY B 191 -22.57 36.43 55.38
C GLY B 191 -22.77 37.41 54.23
N TYR B 192 -22.47 37.01 52.99
CA TYR B 192 -22.61 37.89 51.81
C TYR B 192 -23.75 37.51 50.89
N THR B 193 -24.52 38.52 50.44
CA THR B 193 -25.55 38.30 49.40
C THR B 193 -24.79 38.42 48.06
N ASN B 194 -25.45 38.08 46.93
CA ASN B 194 -24.82 38.20 45.61
C ASN B 194 -24.45 39.65 45.29
N GLU B 195 -25.32 40.62 45.69
CA GLU B 195 -25.06 42.03 45.46
C GLU B 195 -23.84 42.54 46.25
N GLN B 196 -23.70 42.11 47.51
CA GLN B 196 -22.53 42.47 48.34
C GLN B 196 -21.24 41.92 47.74
N LEU B 197 -21.28 40.68 47.22
CA LEU B 197 -20.12 40.09 46.54
C LEU B 197 -19.80 40.85 45.27
N ALA B 198 -20.84 41.26 44.51
CA ALA B 198 -20.66 42.04 43.29
C ALA B 198 -19.98 43.39 43.59
N LYS B 199 -20.34 44.03 44.73
CA LYS B 199 -19.73 45.29 45.15
C LYS B 199 -18.24 45.12 45.47
N LEU B 200 -17.87 43.94 46.06
CA LEU B 200 -16.46 43.62 46.32
C LEU B 200 -15.73 43.39 44.99
N LEU B 201 -16.35 42.61 44.09
CA LEU B 201 -15.78 42.28 42.76
C LEU B 201 -15.60 43.50 41.86
N GLU B 202 -16.46 44.55 42.01
CA GLU B 202 -16.27 45.80 41.25
C GLU B 202 -14.88 46.38 41.55
N GLN B 203 -14.35 46.10 42.76
CA GLN B 203 -13.03 46.55 43.18
C GLN B 203 -11.93 45.53 42.91
N THR B 204 -12.15 44.24 43.20
CA THR B 204 -11.12 43.18 43.09
C THR B 204 -11.04 42.53 41.72
N LEU B 205 -12.12 42.63 40.93
CA LEU B 205 -12.15 42.10 39.57
C LEU B 205 -12.96 43.07 38.70
N PRO B 206 -12.48 44.32 38.50
CA PRO B 206 -13.23 45.28 37.66
C PRO B 206 -13.43 44.74 36.25
N ILE B 207 -14.65 44.87 35.75
CA ILE B 207 -14.96 44.39 34.41
C ILE B 207 -15.65 45.46 33.58
N ASN B 208 -15.47 45.38 32.26
CA ASN B 208 -16.19 46.22 31.31
C ASN B 208 -17.27 45.33 30.71
N THR B 209 -18.20 45.92 29.97
CA THR B 209 -19.22 45.10 29.31
C THR B 209 -18.58 44.51 28.04
N PRO B 210 -19.12 43.44 27.42
CA PRO B 210 -18.61 43.03 26.09
C PRO B 210 -18.77 44.20 25.09
N LYS B 211 -18.08 44.15 23.94
CA LYS B 211 -18.21 45.18 22.89
C LYS B 211 -19.67 45.28 22.43
N HIS B 212 -20.13 46.49 22.07
CA HIS B 212 -21.51 46.67 21.62
C HIS B 212 -21.87 45.85 20.39
N GLU B 213 -20.86 45.50 19.57
CA GLU B 213 -21.03 44.67 18.38
C GLU B 213 -20.99 43.17 18.71
N ASP B 214 -20.54 42.78 19.92
CA ASP B 214 -20.57 41.36 20.32
C ASP B 214 -22.02 40.97 20.54
N PRO B 215 -22.46 39.81 19.99
CA PRO B 215 -23.86 39.39 20.20
C PRO B 215 -24.19 39.19 21.68
N ASP B 216 -25.40 39.55 22.07
CA ASP B 216 -25.96 39.32 23.40
C ASP B 216 -26.10 37.81 23.62
N LEU B 217 -26.37 37.40 24.87
CA LEU B 217 -26.59 35.98 25.18
C LEU B 217 -28.05 35.66 24.88
N ARG B 218 -28.34 35.46 23.58
CA ARG B 218 -29.72 35.23 23.12
C ARG B 218 -29.84 34.09 22.12
N TRP B 219 -28.73 33.50 21.70
CA TRP B 219 -28.73 32.55 20.59
C TRP B 219 -28.11 31.20 20.86
N ALA B 220 -28.42 30.24 19.99
CA ALA B 220 -27.76 28.92 19.98
C ALA B 220 -26.33 29.18 19.44
N PRO B 221 -25.28 28.52 19.98
CA PRO B 221 -23.91 28.80 19.50
C PRO B 221 -23.69 28.80 17.99
N SER B 222 -24.27 27.85 17.24
CA SER B 222 -24.06 27.77 15.78
C SER B 222 -24.55 29.01 15.00
N TRP B 223 -25.44 29.81 15.60
CA TRP B 223 -25.97 31.03 14.98
C TRP B 223 -24.96 32.18 15.04
N LEU B 224 -23.86 32.01 15.78
CA LEU B 224 -22.78 32.99 15.93
C LEU B 224 -21.66 32.76 14.91
N ILE B 225 -21.90 31.86 13.95
CA ILE B 225 -20.96 31.57 12.86
C ILE B 225 -21.53 32.16 11.58
N ASN B 226 -20.77 33.07 10.96
CA ASN B 226 -21.15 33.72 9.70
C ASN B 226 -20.24 33.16 8.60
N TYR B 227 -20.76 32.23 7.80
CA TYR B 227 -20.02 31.63 6.70
C TYR B 227 -20.82 31.74 5.40
N THR B 228 -20.20 32.31 4.35
CA THR B 228 -20.79 32.45 3.01
C THR B 228 -19.81 31.98 1.94
N GLY B 229 -18.52 32.15 2.22
CA GLY B 229 -17.41 31.82 1.34
C GLY B 229 -16.46 33.00 1.17
N ASP B 230 -16.99 34.23 1.32
CA ASP B 230 -16.23 35.47 1.22
C ASP B 230 -15.33 35.63 2.45
N LEU B 231 -14.01 35.40 2.24
CA LEU B 231 -12.95 35.46 3.26
C LEU B 231 -12.93 36.78 4.07
N SER B 232 -13.43 37.87 3.49
CA SER B 232 -13.47 39.19 4.12
C SER B 232 -14.66 39.40 5.08
N THR B 233 -15.74 38.60 4.93
CA THR B 233 -16.94 38.69 5.78
C THR B 233 -17.10 37.51 6.73
N ASP B 234 -16.55 36.33 6.36
CA ASP B 234 -16.58 35.09 7.14
C ASP B 234 -15.97 35.28 8.52
N LYS B 235 -16.81 35.06 9.55
CA LYS B 235 -16.44 35.27 10.95
C LYS B 235 -17.21 34.36 11.90
N SER B 236 -16.59 34.08 13.04
CA SER B 236 -17.20 33.35 14.15
C SER B 236 -17.17 34.33 15.34
N TYR B 237 -18.31 34.51 16.00
CA TYR B 237 -18.41 35.37 17.18
C TYR B 237 -18.28 34.51 18.45
N LEU B 238 -17.91 33.23 18.28
CA LEU B 238 -17.75 32.27 19.34
C LEU B 238 -16.38 32.36 19.99
N PRO B 239 -16.18 31.84 21.23
CA PRO B 239 -14.82 31.84 21.82
C PRO B 239 -13.88 30.95 21.00
N HIS B 240 -12.57 31.22 21.12
CA HIS B 240 -11.53 30.45 20.46
C HIS B 240 -11.24 29.22 21.30
N VAL B 241 -10.78 28.14 20.65
CA VAL B 241 -10.53 26.85 21.32
C VAL B 241 -9.14 26.31 21.01
N THR B 242 -8.66 25.38 21.85
CA THR B 242 -7.40 24.67 21.62
C THR B 242 -7.79 23.43 20.84
N ILE B 243 -7.53 23.45 19.53
CA ILE B 243 -7.86 22.38 18.58
C ILE B 243 -7.38 20.97 19.00
N LYS B 244 -6.14 20.88 19.54
CA LYS B 244 -5.52 19.62 19.96
C LYS B 244 -5.94 19.12 21.35
N SER B 245 -6.66 19.94 22.13
CA SER B 245 -7.12 19.55 23.46
C SER B 245 -8.25 18.53 23.36
N SER B 246 -8.45 17.79 24.43
CA SER B 246 -9.45 16.74 24.51
C SER B 246 -10.88 17.27 24.30
N ALA B 247 -11.70 16.51 23.55
CA ALA B 247 -13.12 16.83 23.34
C ALA B 247 -13.93 16.63 24.64
N GLY B 248 -13.45 15.71 25.50
CA GLY B 248 -14.14 15.29 26.72
C GLY B 248 -15.34 14.43 26.36
N LEU B 249 -16.19 14.14 27.34
CA LEU B 249 -17.41 13.37 27.07
C LEU B 249 -18.33 14.14 26.13
N PRO B 250 -19.07 13.48 25.22
CA PRO B 250 -19.13 12.01 24.98
C PRO B 250 -18.15 11.50 23.89
N TYR B 251 -17.01 12.19 23.67
CA TYR B 251 -16.06 11.79 22.62
C TYR B 251 -14.69 11.49 23.17
N ILE B 252 -14.60 10.48 24.04
CA ILE B 252 -13.32 10.05 24.63
C ILE B 252 -12.36 9.64 23.50
N GLY B 253 -11.12 10.09 23.56
CA GLY B 253 -10.10 9.77 22.57
C GLY B 253 -10.08 10.69 21.36
N LYS B 254 -10.98 11.69 21.33
CA LYS B 254 -11.04 12.65 20.24
C LYS B 254 -10.58 14.02 20.72
N THR B 255 -10.13 14.86 19.78
CA THR B 255 -9.71 16.23 20.07
C THR B 255 -10.87 17.17 19.74
N LYS B 256 -10.77 18.44 20.11
CA LYS B 256 -11.74 19.48 19.76
C LYS B 256 -11.79 19.66 18.22
N GLY B 257 -10.64 19.52 17.55
CA GLY B 257 -10.55 19.57 16.09
C GLY B 257 -11.35 18.50 15.38
N ASP B 258 -11.54 17.32 16.01
CA ASP B 258 -12.32 16.23 15.41
C ASP B 258 -13.80 16.36 15.71
N THR B 259 -14.20 17.22 16.68
CA THR B 259 -15.58 17.24 17.19
C THR B 259 -16.26 18.60 17.29
N THR B 260 -15.78 19.62 16.55
CA THR B 260 -16.38 20.95 16.59
C THR B 260 -17.85 20.97 16.14
N ALA B 261 -18.17 20.30 15.06
CA ALA B 261 -19.55 20.26 14.57
C ALA B 261 -20.45 19.55 15.60
N GLU B 262 -19.97 18.43 16.19
CA GLU B 262 -20.68 17.67 17.22
C GLU B 262 -20.91 18.53 18.46
N ALA B 263 -19.90 19.31 18.88
CA ALA B 263 -20.01 20.17 20.05
C ALA B 263 -21.07 21.24 19.83
N LEU B 264 -21.14 21.80 18.59
CA LEU B 264 -22.15 22.80 18.23
C LEU B 264 -23.54 22.21 18.28
N VAL B 265 -23.72 20.98 17.74
CA VAL B 265 -25.01 20.28 17.77
C VAL B 265 -25.47 20.07 19.22
N LEU B 266 -24.58 19.54 20.08
CA LEU B 266 -24.90 19.27 21.48
C LEU B 266 -25.14 20.53 22.28
N ALA B 267 -24.29 21.57 22.10
CA ALA B 267 -24.46 22.86 22.79
C ALA B 267 -25.78 23.52 22.34
N ASP B 268 -26.07 23.54 21.01
CA ASP B 268 -27.35 24.07 20.50
C ASP B 268 -28.52 23.30 21.13
N SER B 269 -28.47 21.95 21.12
CA SER B 269 -29.56 21.12 21.66
C SER B 269 -29.81 21.35 23.13
N PHE B 270 -28.72 21.43 23.93
CA PHE B 270 -28.85 21.64 25.36
C PHE B 270 -29.53 22.99 25.69
N ILE B 271 -29.07 24.08 25.07
CA ILE B 271 -29.64 25.41 25.30
C ILE B 271 -31.09 25.52 24.78
N ARG B 272 -31.38 24.92 23.60
CA ARG B 272 -32.71 24.91 23.00
C ARG B 272 -33.68 24.15 23.89
N ASP B 273 -33.32 22.91 24.31
CA ASP B 273 -34.18 22.07 25.16
C ASP B 273 -34.41 22.68 26.54
N LEU B 274 -33.38 23.32 27.12
CA LEU B 274 -33.48 24.00 28.42
C LEU B 274 -34.47 25.17 28.31
N GLY B 275 -34.32 25.99 27.26
CA GLY B 275 -35.17 27.14 27.00
C GLY B 275 -36.64 26.79 26.81
N ARG B 276 -36.90 25.73 26.01
CA ARG B 276 -38.25 25.24 25.74
C ARG B 276 -38.87 24.64 27.00
N ALA B 277 -38.09 23.85 27.77
CA ALA B 277 -38.55 23.22 29.00
C ALA B 277 -38.92 24.29 30.05
N ALA B 278 -38.10 25.34 30.18
CA ALA B 278 -38.28 26.42 31.16
C ALA B 278 -39.60 27.17 31.00
N THR B 279 -40.12 27.29 29.77
CA THR B 279 -41.39 28.02 29.51
C THR B 279 -42.57 27.05 29.21
N SER B 280 -42.37 25.74 29.39
CA SER B 280 -43.40 24.73 29.13
C SER B 280 -44.46 24.70 30.24
N ALA B 281 -45.50 23.85 30.06
CA ALA B 281 -46.59 23.64 31.02
C ALA B 281 -46.08 23.01 32.33
N ASP B 282 -44.94 22.26 32.27
CA ASP B 282 -44.30 21.61 33.42
C ASP B 282 -42.77 21.89 33.40
N PRO B 283 -42.33 23.11 33.83
CA PRO B 283 -40.89 23.44 33.78
C PRO B 283 -39.99 22.51 34.57
N GLU B 284 -40.45 22.06 35.75
CA GLU B 284 -39.65 21.15 36.56
C GLU B 284 -39.36 19.81 35.83
N ALA B 285 -40.43 19.14 35.31
CA ALA B 285 -40.27 17.87 34.59
C ALA B 285 -39.38 18.02 33.36
N GLY B 286 -39.60 19.07 32.58
CA GLY B 286 -38.86 19.32 31.36
C GLY B 286 -37.40 19.66 31.58
N VAL B 287 -37.13 20.53 32.56
CA VAL B 287 -35.76 20.96 32.88
C VAL B 287 -34.95 19.78 33.44
N LYS B 288 -35.54 19.02 34.38
CA LYS B 288 -34.87 17.85 34.94
C LYS B 288 -34.59 16.80 33.87
N LYS B 289 -35.55 16.57 32.96
CA LYS B 289 -35.37 15.61 31.88
C LYS B 289 -34.17 15.97 30.98
N THR B 290 -34.07 17.26 30.58
CA THR B 290 -32.98 17.78 29.75
C THR B 290 -31.63 17.57 30.45
N ILE B 291 -31.58 17.92 31.74
CA ILE B 291 -30.36 17.80 32.55
C ILE B 291 -29.90 16.33 32.65
N THR B 292 -30.82 15.41 32.94
CA THR B 292 -30.57 13.96 33.00
C THR B 292 -30.13 13.42 31.61
N ASP B 293 -30.82 13.81 30.53
CA ASP B 293 -30.46 13.40 29.17
C ASP B 293 -29.03 13.84 28.79
N PHE B 294 -28.61 15.01 29.29
CA PHE B 294 -27.28 15.55 29.00
C PHE B 294 -26.37 15.47 30.22
N TRP B 295 -26.55 14.45 31.10
CA TRP B 295 -25.75 14.31 32.32
C TRP B 295 -24.23 14.42 32.07
N TYR B 296 -23.75 13.84 30.95
CA TYR B 296 -22.33 13.74 30.59
C TYR B 296 -21.68 15.09 30.39
N LEU B 297 -22.49 16.15 30.19
CA LEU B 297 -22.02 17.53 30.08
C LEU B 297 -21.48 18.07 31.43
N SER B 298 -21.74 17.34 32.53
CA SER B 298 -21.29 17.72 33.86
C SER B 298 -20.16 16.80 34.38
N CYS B 299 -19.65 15.90 33.54
CA CYS B 299 -18.65 14.94 33.98
C CYS B 299 -17.30 15.16 33.26
N GLY B 300 -16.27 15.50 34.02
CA GLY B 300 -14.95 15.76 33.45
C GLY B 300 -14.04 14.54 33.39
N LEU B 301 -13.23 14.40 32.33
CA LEU B 301 -12.25 13.29 32.27
C LEU B 301 -11.12 13.71 33.21
N LEU B 302 -10.72 12.81 34.12
CA LEU B 302 -9.67 13.15 35.08
C LEU B 302 -8.27 12.92 34.47
N PHE B 303 -7.80 13.93 33.76
CA PHE B 303 -6.53 13.93 33.05
C PHE B 303 -5.35 14.20 34.01
N PRO B 304 -4.33 13.31 34.05
CA PRO B 304 -3.16 13.58 34.93
C PRO B 304 -2.27 14.66 34.31
N LYS B 305 -2.04 15.74 35.04
CA LYS B 305 -1.22 16.86 34.53
C LYS B 305 0.29 16.52 34.47
N GLY B 306 0.94 16.87 33.36
CA GLY B 306 2.38 16.74 33.18
C GLY B 306 3.11 17.81 33.99
N GLU B 307 3.90 17.41 34.97
CA GLU B 307 4.62 18.35 35.84
C GLU B 307 5.94 17.75 36.29
N ARG B 308 6.77 18.59 36.94
CA ARG B 308 8.01 18.13 37.54
C ARG B 308 7.68 17.71 38.96
N TYR B 309 7.26 16.47 39.11
CA TYR B 309 6.91 15.93 40.42
C TYR B 309 8.16 15.51 41.18
N THR B 310 8.05 15.38 42.49
CA THR B 310 9.12 14.88 43.35
C THR B 310 9.06 13.35 43.20
N GLN B 311 10.22 12.72 42.94
CA GLN B 311 10.31 11.26 42.77
C GLN B 311 9.75 10.49 43.95
N VAL B 312 10.11 10.86 45.20
CA VAL B 312 9.64 10.17 46.41
C VAL B 312 8.12 10.27 46.62
N ASP B 313 7.47 11.32 46.07
CA ASP B 313 6.04 11.53 46.18
C ASP B 313 5.26 11.22 44.89
N TRP B 314 5.91 10.53 43.92
CA TRP B 314 5.30 10.18 42.61
C TRP B 314 3.88 9.59 42.73
N ASP B 315 3.70 8.63 43.65
CA ASP B 315 2.43 7.92 43.87
C ASP B 315 1.54 8.56 44.93
N LYS B 316 1.97 9.70 45.50
CA LYS B 316 1.22 10.40 46.56
C LYS B 316 0.49 11.60 46.00
N LYS B 317 0.94 12.14 44.89
CA LYS B 317 0.34 13.35 44.34
C LYS B 317 0.58 13.50 42.85
N THR B 318 -0.49 13.46 42.09
CA THR B 318 -0.50 13.78 40.67
C THR B 318 -1.59 14.84 40.57
N ARG B 319 -1.27 16.00 39.99
CA ARG B 319 -2.31 17.02 39.80
C ARG B 319 -3.20 16.61 38.65
N ASN B 320 -4.47 16.93 38.74
CA ASN B 320 -5.47 16.56 37.74
C ASN B 320 -6.01 17.74 37.01
N ILE B 321 -6.33 17.54 35.72
CA ILE B 321 -7.07 18.52 34.93
C ILE B 321 -8.45 17.88 34.74
N TRP B 322 -9.52 18.57 35.20
CA TRP B 322 -10.90 18.13 35.02
C TRP B 322 -11.20 18.54 33.56
N SER B 323 -11.16 17.58 32.63
CA SER B 323 -11.36 17.88 31.19
CA SER B 323 -11.34 17.87 31.20
C SER B 323 -12.82 17.97 30.85
N ALA B 324 -13.30 19.20 30.76
CA ALA B 324 -14.69 19.52 30.49
C ALA B 324 -15.19 19.09 29.15
N PRO B 325 -16.45 18.59 29.11
CA PRO B 325 -17.06 18.27 27.81
C PRO B 325 -17.04 19.56 26.95
N TYR B 326 -16.63 19.42 25.69
CA TYR B 326 -16.56 20.50 24.71
C TYR B 326 -17.85 21.38 24.68
N PRO B 327 -19.10 20.81 24.64
CA PRO B 327 -20.28 21.69 24.62
C PRO B 327 -20.42 22.59 25.85
N THR B 328 -20.07 22.05 27.04
CA THR B 328 -20.09 22.80 28.32
C THR B 328 -19.05 23.91 28.28
N HIS B 329 -17.83 23.59 27.83
CA HIS B 329 -16.74 24.55 27.71
C HIS B 329 -17.17 25.72 26.80
N LEU B 330 -17.81 25.39 25.68
CA LEU B 330 -18.29 26.38 24.74
C LEU B 330 -19.37 27.29 25.34
N LEU B 331 -20.39 26.72 25.99
CA LEU B 331 -21.48 27.51 26.60
C LEU B 331 -21.00 28.41 27.73
N LEU B 332 -20.13 27.89 28.62
CA LEU B 332 -19.55 28.69 29.70
C LEU B 332 -18.69 29.81 29.16
N SER B 333 -17.83 29.51 28.17
CA SER B 333 -16.93 30.50 27.55
C SER B 333 -17.67 31.62 26.84
N MET B 334 -18.88 31.35 26.33
CA MET B 334 -19.72 32.38 25.68
C MET B 334 -20.17 33.44 26.70
N VAL B 335 -20.27 33.06 27.98
CA VAL B 335 -20.67 33.99 29.07
C VAL B 335 -19.44 34.80 29.55
N SER B 336 -18.33 34.11 29.82
CA SER B 336 -17.13 34.73 30.39
C SER B 336 -16.22 35.49 29.43
N THR B 337 -15.82 34.86 28.32
CA THR B 337 -14.83 35.43 27.39
C THR B 337 -15.14 36.81 26.78
N PRO B 338 -16.39 37.12 26.32
CA PRO B 338 -16.62 38.48 25.75
C PRO B 338 -16.45 39.57 26.81
N VAL B 339 -16.71 39.24 28.09
CA VAL B 339 -16.53 40.18 29.20
C VAL B 339 -15.03 40.30 29.52
N MET B 340 -14.36 39.16 29.76
CA MET B 340 -12.96 39.13 30.15
C MET B 340 -12.01 39.69 29.10
N ASN B 341 -12.33 39.51 27.79
CA ASN B 341 -11.52 40.07 26.69
C ASN B 341 -11.47 41.59 26.72
N GLU B 342 -12.50 42.24 27.31
CA GLU B 342 -12.62 43.70 27.45
C GLU B 342 -12.21 44.19 28.85
N SER B 343 -11.69 43.27 29.70
CA SER B 343 -11.43 43.56 31.11
C SER B 343 -10.03 43.19 31.61
N LYS B 344 -8.97 43.51 30.82
CA LYS B 344 -7.57 43.25 31.21
C LYS B 344 -7.15 44.41 32.14
N LEU B 345 -7.83 44.50 33.27
CA LEU B 345 -7.69 45.56 34.24
C LEU B 345 -7.02 45.03 35.46
N ASN B 346 -5.86 45.61 35.77
CA ASN B 346 -5.07 45.16 36.92
C ASN B 346 -4.38 46.35 37.57
N ILE B 347 -3.72 46.10 38.71
CA ILE B 347 -3.01 47.10 39.51
C ILE B 347 -2.01 47.97 38.71
N THR B 348 -1.46 47.47 37.58
CA THR B 348 -0.48 48.25 36.78
C THR B 348 -1.16 49.26 35.86
N ASN B 349 -2.47 49.12 35.61
CA ASN B 349 -3.15 50.07 34.71
C ASN B 349 -4.45 50.62 35.33
N THR B 350 -4.85 50.14 36.52
CA THR B 350 -6.13 50.54 37.16
C THR B 350 -5.94 50.51 38.65
N GLN B 351 -6.73 51.29 39.37
CA GLN B 351 -6.69 51.33 40.83
C GLN B 351 -7.55 50.17 41.38
N THR B 352 -6.94 48.98 41.38
CA THR B 352 -7.55 47.73 41.82
C THR B 352 -6.46 46.81 42.41
N PRO B 353 -6.79 45.93 43.40
CA PRO B 353 -5.80 44.91 43.82
C PRO B 353 -5.63 43.76 42.78
N SER B 354 -6.51 43.68 41.78
CA SER B 354 -6.43 42.61 40.78
C SER B 354 -5.12 42.53 40.00
N LEU B 355 -4.66 41.30 39.70
CA LEU B 355 -3.49 41.08 38.87
C LEU B 355 -3.93 40.44 37.55
N TYR B 356 -5.26 40.41 37.26
CA TYR B 356 -5.76 39.80 36.01
C TYR B 356 -5.10 40.40 34.75
N GLY B 357 -4.60 39.52 33.87
CA GLY B 357 -3.94 39.92 32.64
C GLY B 357 -2.54 40.50 32.84
N PHE B 358 -1.99 40.41 34.06
CA PHE B 358 -0.66 40.96 34.36
C PHE B 358 0.45 40.23 33.59
N SER B 359 1.39 40.97 33.05
CA SER B 359 2.60 40.40 32.49
C SER B 359 3.77 41.15 33.15
N PRO B 360 4.84 40.47 33.63
CA PRO B 360 5.97 41.22 34.23
C PRO B 360 6.88 41.85 33.16
N PHE B 361 6.67 41.47 31.90
CA PHE B 361 7.44 41.99 30.77
C PHE B 361 6.91 43.33 30.33
N HIS B 362 7.66 44.03 29.44
CA HIS B 362 7.28 45.35 28.92
C HIS B 362 7.01 46.38 30.01
N GLY B 363 7.81 46.32 31.09
CA GLY B 363 7.74 47.24 32.23
C GLY B 363 6.79 46.86 33.34
N GLY B 364 6.10 45.72 33.22
CA GLY B 364 5.14 45.27 34.22
C GLY B 364 5.74 45.10 35.61
N MET B 365 6.88 44.40 35.73
CA MET B 365 7.54 44.19 37.04
C MET B 365 7.95 45.53 37.67
N ASP B 366 8.46 46.47 36.86
CA ASP B 366 8.84 47.77 37.40
C ASP B 366 7.63 48.57 37.87
N ARG B 367 6.47 48.42 37.20
CA ARG B 367 5.25 49.09 37.67
C ARG B 367 4.87 48.52 39.05
N ILE B 368 4.96 47.21 39.24
CA ILE B 368 4.67 46.56 40.53
C ILE B 368 5.62 47.10 41.61
N MET B 369 6.93 47.17 41.28
CA MET B 369 7.96 47.64 42.20
C MET B 369 7.76 49.09 42.61
N THR B 370 7.25 49.93 41.69
CA THR B 370 6.93 51.33 41.97
C THR B 370 5.76 51.40 42.99
N ILE B 371 4.72 50.59 42.79
CA ILE B 371 3.55 50.51 43.69
C ILE B 371 4.00 50.04 45.08
N ILE B 372 4.84 48.99 45.12
CA ILE B 372 5.38 48.46 46.39
C ILE B 372 6.18 49.54 47.12
N ARG B 373 7.09 50.21 46.39
CA ARG B 373 7.95 51.24 46.97
C ARG B 373 7.18 52.44 47.48
N ASP B 374 6.14 52.88 46.73
CA ASP B 374 5.26 53.98 47.17
C ASP B 374 4.48 53.57 48.41
N SER B 375 4.01 52.30 48.50
CA SER B 375 3.30 51.80 49.69
C SER B 375 4.22 51.82 50.91
N LEU B 376 5.47 51.36 50.73
CA LEU B 376 6.46 51.36 51.81
C LEU B 376 6.78 52.79 52.28
N ASP B 377 6.95 53.73 51.34
CA ASP B 377 7.24 55.14 51.66
C ASP B 377 6.10 55.83 52.38
N ASN B 378 4.85 55.48 52.04
CA ASN B 378 3.67 56.08 52.63
C ASN B 378 3.12 55.32 53.83
N ASP B 379 3.86 54.29 54.29
CA ASP B 379 3.46 53.42 55.39
C ASP B 379 2.05 52.83 55.20
N GLU B 380 1.74 52.38 53.97
CA GLU B 380 0.45 51.81 53.61
C GLU B 380 0.51 50.31 53.39
N ASP B 381 -0.55 49.61 53.78
CA ASP B 381 -0.69 48.17 53.53
C ASP B 381 -1.10 48.04 52.07
N LEU B 382 -0.78 46.91 51.48
CA LEU B 382 -1.11 46.68 50.09
C LEU B 382 -1.58 45.23 49.93
N VAL B 383 -2.56 45.02 49.05
CA VAL B 383 -3.05 43.67 48.75
C VAL B 383 -3.17 43.53 47.24
N MET B 384 -2.84 42.35 46.73
CA MET B 384 -3.01 42.01 45.31
C MET B 384 -3.63 40.63 45.23
N ILE B 385 -4.48 40.40 44.21
CA ILE B 385 -5.20 39.13 44.04
C ILE B 385 -5.04 38.59 42.63
N TYR B 386 -4.76 37.29 42.51
CA TYR B 386 -4.71 36.62 41.22
C TYR B 386 -5.25 35.22 41.42
N ALA B 387 -6.52 34.98 41.03
CA ALA B 387 -7.18 33.68 41.22
C ALA B 387 -6.97 33.21 42.67
N ASP B 388 -6.35 32.03 42.89
CA ASP B 388 -6.10 31.47 44.23
C ASP B 388 -4.81 32.01 44.90
N ASN B 389 -4.24 33.12 44.41
CA ASN B 389 -3.04 33.72 45.00
C ASN B 389 -3.40 35.07 45.60
N ILE B 390 -2.90 35.32 46.81
CA ILE B 390 -3.08 36.57 47.53
C ILE B 390 -1.69 37.06 47.90
N TYR B 391 -1.43 38.34 47.66
CA TYR B 391 -0.17 38.97 48.05
C TYR B 391 -0.50 40.08 49.01
N ILE B 392 0.13 40.08 50.18
CA ILE B 392 -0.06 41.12 51.17
C ILE B 392 1.27 41.76 51.53
N LEU B 393 1.29 43.08 51.50
CA LEU B 393 2.41 43.87 51.97
C LEU B 393 1.94 44.53 53.27
N GLN B 394 2.52 44.18 54.40
CA GLN B 394 2.25 44.83 55.69
C GLN B 394 3.41 44.63 56.62
N ASP B 395 3.60 45.56 57.57
CA ASP B 395 4.69 45.51 58.56
C ASP B 395 6.06 45.25 57.89
N ASN B 396 6.36 46.01 56.80
CA ASN B 396 7.62 45.89 56.04
C ASN B 396 7.93 44.42 55.63
N THR B 397 6.89 43.66 55.29
CA THR B 397 6.99 42.25 54.95
C THR B 397 6.08 41.94 53.77
N TRP B 398 6.57 41.12 52.83
CA TRP B 398 5.82 40.67 51.68
C TRP B 398 5.35 39.23 51.97
N TYR B 399 4.04 38.99 51.87
CA TYR B 399 3.47 37.66 52.09
C TYR B 399 2.87 37.15 50.82
N SER B 400 3.23 35.95 50.43
CA SER B 400 2.65 35.25 49.31
C SER B 400 1.78 34.15 49.90
N ILE B 401 0.47 34.27 49.70
CA ILE B 401 -0.52 33.35 50.27
C ILE B 401 -1.20 32.58 49.15
N ASP B 402 -1.45 31.29 49.36
CA ASP B 402 -2.19 30.49 48.40
C ASP B 402 -3.36 29.87 49.07
N LEU B 403 -4.47 29.78 48.35
CA LEU B 403 -5.58 28.98 48.86
C LEU B 403 -5.05 27.55 48.80
N GLU B 404 -5.39 26.72 49.80
CA GLU B 404 -4.90 25.34 49.81
C GLU B 404 -5.77 24.54 48.85
N LYS B 405 -5.17 24.03 47.73
CA LYS B 405 -5.87 23.27 46.67
C LYS B 405 -7.15 24.04 46.33
N GLY B 406 -6.96 25.32 45.95
CA GLY B 406 -8.01 26.32 45.73
C GLY B 406 -9.37 25.82 45.30
N GLU B 407 -9.39 25.12 44.16
CA GLU B 407 -10.60 24.57 43.50
C GLU B 407 -11.50 23.76 44.44
N ALA B 408 -10.90 23.01 45.38
CA ALA B 408 -11.61 22.14 46.33
C ALA B 408 -12.49 22.93 47.32
N ASN B 409 -12.22 24.24 47.50
CA ASN B 409 -12.99 25.11 48.41
C ASN B 409 -14.26 25.69 47.79
N CYS B 410 -14.38 25.57 46.46
CA CYS B 410 -15.49 26.14 45.70
C CYS B 410 -16.81 25.41 45.92
N THR B 411 -17.90 26.17 46.13
CA THR B 411 -19.24 25.62 46.23
C THR B 411 -19.97 26.06 44.93
N PRO B 412 -21.06 25.38 44.49
CA PRO B 412 -21.80 25.87 43.32
C PRO B 412 -22.28 27.32 43.48
N GLN B 413 -22.56 27.73 44.74
CA GLN B 413 -22.99 29.10 45.10
C GLN B 413 -21.90 30.15 44.86
N HIS B 414 -20.60 29.78 44.95
CA HIS B 414 -19.51 30.73 44.62
C HIS B 414 -19.58 31.03 43.12
N MET B 415 -19.71 29.99 42.27
CA MET B 415 -19.82 30.18 40.82
C MET B 415 -21.12 30.94 40.43
N GLN B 416 -22.20 30.70 41.17
CA GLN B 416 -23.47 31.38 40.92
C GLN B 416 -23.32 32.90 41.21
N ALA B 417 -22.56 33.25 42.26
CA ALA B 417 -22.28 34.65 42.59
C ALA B 417 -21.44 35.29 41.47
N MET B 418 -20.51 34.52 40.87
CA MET B 418 -19.69 34.99 39.74
C MET B 418 -20.58 35.23 38.53
N MET B 419 -21.51 34.30 38.24
CA MET B 419 -22.46 34.45 37.13
C MET B 419 -23.32 35.69 37.32
N TYR B 420 -23.75 35.94 38.57
CA TYR B 420 -24.54 37.12 38.91
C TYR B 420 -23.73 38.40 38.59
N TYR B 421 -22.46 38.42 38.98
CA TYR B 421 -21.54 39.54 38.73
C TYR B 421 -21.38 39.79 37.23
N LEU B 422 -21.10 38.73 36.45
CA LEU B 422 -20.94 38.83 34.99
C LEU B 422 -22.21 39.32 34.31
N LEU B 423 -23.38 38.78 34.71
CA LEU B 423 -24.66 39.16 34.09
C LEU B 423 -25.17 40.54 34.46
N THR B 424 -24.81 41.05 35.66
CA THR B 424 -25.24 42.37 36.10
C THR B 424 -24.26 43.43 35.63
N ARG B 425 -22.95 43.24 35.84
CA ARG B 425 -21.92 44.23 35.47
C ARG B 425 -21.42 44.11 34.04
N GLY B 426 -21.49 42.91 33.46
CA GLY B 426 -21.02 42.70 32.10
C GLY B 426 -22.13 42.73 31.07
N TRP B 427 -23.05 41.77 31.14
CA TRP B 427 -24.15 41.61 30.18
C TRP B 427 -25.33 42.56 30.40
N THR B 428 -25.03 43.87 30.41
CA THR B 428 -25.99 44.93 30.63
CA THR B 428 -25.99 44.95 30.64
C THR B 428 -25.80 46.07 29.61
N ASN B 429 -26.92 46.64 29.13
CA ASN B 429 -26.88 47.77 28.19
C ASN B 429 -26.75 49.05 29.04
N GLU B 430 -26.35 50.18 28.42
CA GLU B 430 -26.21 51.47 29.12
C GLU B 430 -27.50 51.91 29.85
N ASP B 431 -28.68 51.57 29.30
CA ASP B 431 -29.96 51.91 29.93
C ASP B 431 -30.35 50.96 31.09
N GLY B 432 -29.51 49.96 31.38
CA GLY B 432 -29.76 48.99 32.45
C GLY B 432 -30.52 47.76 32.01
N SER B 433 -30.93 47.69 30.72
CA SER B 433 -31.64 46.52 30.19
C SER B 433 -30.63 45.35 30.02
N PRO B 434 -31.07 44.09 30.20
CA PRO B 434 -30.13 42.96 30.10
C PRO B 434 -29.68 42.65 28.67
N ARG B 435 -28.45 42.14 28.52
CA ARG B 435 -27.91 41.67 27.23
C ARG B 435 -28.03 40.13 27.18
N TYR B 436 -29.20 39.63 27.59
CA TYR B 436 -29.52 38.21 27.62
C TYR B 436 -31.03 38.03 27.65
N ASN B 437 -31.49 36.84 27.29
CA ASN B 437 -32.90 36.50 27.34
C ASN B 437 -33.14 35.50 28.51
N PRO B 438 -34.41 35.14 28.84
CA PRO B 438 -34.63 34.17 29.94
C PRO B 438 -33.94 32.80 29.78
N THR B 439 -33.79 32.30 28.53
CA THR B 439 -33.12 31.01 28.29
C THR B 439 -31.66 31.05 28.77
N TRP B 440 -30.92 32.11 28.39
CA TRP B 440 -29.53 32.26 28.82
C TRP B 440 -29.40 32.57 30.30
N ALA B 441 -30.37 33.30 30.89
CA ALA B 441 -30.36 33.57 32.34
C ALA B 441 -30.55 32.23 33.09
N THR B 442 -31.39 31.32 32.53
CA THR B 442 -31.64 29.98 33.09
C THR B 442 -30.38 29.14 33.04
N PHE B 443 -29.73 29.06 31.88
CA PHE B 443 -28.48 28.30 31.79
C PHE B 443 -27.43 28.87 32.77
N ALA B 444 -27.14 30.17 32.67
CA ALA B 444 -26.08 30.81 33.46
C ALA B 444 -26.30 30.76 34.97
N MET B 445 -27.51 31.11 35.43
CA MET B 445 -27.80 31.17 36.87
C MET B 445 -28.27 29.88 37.48
N ASN B 446 -29.11 29.15 36.75
CA ASN B 446 -29.80 27.99 37.32
C ASN B 446 -29.17 26.66 37.16
N VAL B 447 -28.37 26.48 36.11
CA VAL B 447 -27.85 25.15 35.73
C VAL B 447 -26.32 25.10 35.72
N ALA B 448 -25.67 25.99 34.93
CA ALA B 448 -24.21 26.04 34.75
C ALA B 448 -23.37 25.83 36.04
N PRO B 449 -23.64 26.50 37.20
CA PRO B 449 -22.77 26.26 38.37
C PRO B 449 -22.72 24.80 38.86
N SER B 450 -23.81 24.03 38.69
CA SER B 450 -23.85 22.62 39.10
C SER B 450 -23.28 21.66 38.05
N MET B 451 -22.94 22.19 36.87
CA MET B 451 -22.35 21.35 35.82
CA MET B 451 -22.36 21.37 35.80
C MET B 451 -20.86 21.15 36.05
N VAL B 452 -20.19 22.13 36.68
CA VAL B 452 -18.73 22.06 36.88
C VAL B 452 -18.29 22.18 38.33
N VAL B 453 -19.24 22.39 39.26
CA VAL B 453 -18.90 22.49 40.69
C VAL B 453 -19.69 21.44 41.44
N ASP B 454 -19.00 20.61 42.26
CA ASP B 454 -19.61 19.51 43.04
C ASP B 454 -20.34 18.54 42.09
N SER B 455 -19.81 18.37 40.86
CA SER B 455 -20.43 17.45 39.94
C SER B 455 -19.63 16.15 39.97
N SER B 456 -19.03 15.73 38.84
CA SER B 456 -18.36 14.45 38.81
C SER B 456 -17.23 14.38 37.78
N CYS B 457 -16.43 13.33 37.85
CA CYS B 457 -15.33 13.09 36.94
C CYS B 457 -15.24 11.61 36.61
N LEU B 458 -14.49 11.27 35.56
CA LEU B 458 -14.35 9.90 35.13
C LEU B 458 -12.89 9.45 35.16
N LEU B 459 -12.64 8.31 35.81
CA LEU B 459 -11.30 7.72 35.85
C LEU B 459 -11.52 6.23 35.73
N MET B 460 -10.92 5.61 34.68
CA MET B 460 -11.18 4.20 34.31
C MET B 460 -12.71 4.13 34.01
N ASN B 461 -13.46 3.21 34.63
CA ASN B 461 -14.92 3.12 34.46
C ASN B 461 -15.65 3.77 35.67
N LEU B 462 -14.89 4.40 36.59
CA LEU B 462 -15.45 5.00 37.81
C LEU B 462 -15.92 6.43 37.62
N GLN B 463 -17.19 6.67 37.97
CA GLN B 463 -17.78 8.01 37.96
C GLN B 463 -17.69 8.51 39.40
N LEU B 464 -16.78 9.43 39.60
CA LEU B 464 -16.43 9.91 40.93
C LEU B 464 -16.95 11.28 41.20
N LYS B 465 -17.33 11.53 42.45
CA LYS B 465 -17.74 12.87 42.87
C LYS B 465 -16.53 13.82 42.70
N THR B 466 -16.79 15.05 42.27
CA THR B 466 -15.77 16.09 42.24
C THR B 466 -16.09 16.95 43.48
N TYR B 467 -15.11 17.12 44.37
CA TYR B 467 -15.28 17.95 45.57
C TYR B 467 -14.76 19.33 45.20
N GLY B 468 -15.67 20.30 45.12
CA GLY B 468 -15.34 21.65 44.70
C GLY B 468 -15.44 21.78 43.19
N GLN B 469 -14.73 22.77 42.61
CA GLN B 469 -14.81 22.95 41.17
C GLN B 469 -13.77 22.11 40.46
N GLY B 470 -14.09 21.71 39.24
CA GLY B 470 -13.15 20.95 38.42
C GLY B 470 -12.07 21.86 37.88
N SER B 471 -10.82 21.59 38.28
CA SER B 471 -9.64 22.37 37.87
C SER B 471 -9.42 22.30 36.35
N GLY B 472 -9.56 23.43 35.67
CA GLY B 472 -9.43 23.52 34.22
C GLY B 472 -10.71 23.96 33.54
N ASN B 473 -11.87 23.92 34.24
CA ASN B 473 -13.12 24.41 33.65
C ASN B 473 -12.95 25.93 33.29
N ALA B 474 -13.77 26.46 32.35
CA ALA B 474 -13.73 27.85 31.87
C ALA B 474 -13.77 28.93 33.00
N PHE B 475 -14.40 28.60 34.16
CA PHE B 475 -14.55 29.53 35.29
C PHE B 475 -13.53 29.30 36.42
N THR B 476 -12.52 28.41 36.20
CA THR B 476 -11.53 28.11 37.25
C THR B 476 -10.92 29.37 37.85
N PHE B 477 -10.33 30.25 37.00
CA PHE B 477 -9.70 31.48 37.44
C PHE B 477 -10.72 32.37 38.21
N LEU B 478 -11.89 32.64 37.58
CA LEU B 478 -12.93 33.51 38.14
C LEU B 478 -13.43 33.06 39.51
N ASN B 479 -13.75 31.77 39.65
CA ASN B 479 -14.26 31.20 40.92
C ASN B 479 -13.18 31.27 41.99
N ASN B 480 -11.92 30.96 41.64
CA ASN B 480 -10.79 31.05 42.59
C ASN B 480 -10.58 32.51 43.04
N HIS B 481 -10.66 33.46 42.10
CA HIS B 481 -10.49 34.90 42.35
C HIS B 481 -11.57 35.40 43.31
N LEU B 482 -12.79 34.89 43.15
CA LEU B 482 -13.90 35.24 44.04
C LEU B 482 -13.64 34.70 45.47
N MET B 483 -13.13 33.46 45.59
CA MET B 483 -12.79 32.91 46.90
C MET B 483 -11.68 33.72 47.59
N SER B 484 -10.65 34.14 46.83
CA SER B 484 -9.60 34.98 47.39
C SER B 484 -10.15 36.35 47.79
N THR B 485 -11.12 36.89 47.00
CA THR B 485 -11.82 38.15 47.31
C THR B 485 -12.51 38.06 48.68
N ILE B 486 -13.17 36.93 48.96
CA ILE B 486 -13.87 36.71 50.25
C ILE B 486 -12.84 36.71 51.40
N VAL B 487 -11.72 35.98 51.23
CA VAL B 487 -10.66 35.93 52.25
C VAL B 487 -10.12 37.35 52.53
N VAL B 488 -9.80 38.10 51.47
CA VAL B 488 -9.28 39.47 51.59
C VAL B 488 -10.31 40.41 52.24
N ALA B 489 -11.60 40.33 51.82
CA ALA B 489 -12.65 41.17 52.43
C ALA B 489 -12.76 40.89 53.95
N GLU B 490 -12.58 39.61 54.36
CA GLU B 490 -12.63 39.20 55.77
C GLU B 490 -11.40 39.68 56.52
N TRP B 491 -10.24 39.71 55.85
CA TRP B 491 -8.99 40.22 56.41
C TRP B 491 -9.14 41.73 56.69
N VAL B 492 -9.72 42.48 55.73
CA VAL B 492 -9.97 43.91 55.91
C VAL B 492 -10.93 44.13 57.09
N LYS B 493 -12.05 43.37 57.13
CA LYS B 493 -13.04 43.47 58.21
C LYS B 493 -12.41 43.20 59.60
N ALA B 494 -11.50 42.21 59.69
CA ALA B 494 -10.85 41.84 60.95
C ALA B 494 -9.76 42.83 61.41
N GLY B 495 -9.61 43.95 60.69
CA GLY B 495 -8.63 44.97 61.00
C GLY B 495 -7.25 44.64 60.44
N LYS B 496 -7.20 43.90 59.31
CA LYS B 496 -5.95 43.51 58.64
C LYS B 496 -4.95 42.80 59.59
N PRO B 497 -5.35 41.68 60.27
CA PRO B 497 -4.36 40.99 61.13
C PRO B 497 -3.17 40.50 60.29
N ASN B 498 -1.99 40.49 60.91
CA ASN B 498 -0.78 40.05 60.23
C ASN B 498 -0.92 38.58 59.79
N PRO B 499 -0.54 38.22 58.53
CA PRO B 499 -0.70 36.81 58.08
C PRO B 499 -0.08 35.70 58.94
N MET B 500 0.91 36.03 59.78
CA MET B 500 1.58 35.04 60.65
C MET B 500 0.87 34.81 61.98
N THR B 501 -0.27 35.50 62.23
CA THR B 501 -0.99 35.41 63.50
C THR B 501 -2.16 34.47 63.43
N LYS B 502 -2.65 34.05 64.62
CA LYS B 502 -3.82 33.19 64.75
C LYS B 502 -5.07 33.89 64.22
N GLU B 503 -5.17 35.22 64.41
CA GLU B 503 -6.30 36.02 63.93
C GLU B 503 -6.44 35.95 62.41
N PHE B 504 -5.31 35.86 61.68
CA PHE B 504 -5.35 35.70 60.23
C PHE B 504 -5.76 34.26 59.90
N MET B 505 -5.14 33.24 60.54
CA MET B 505 -5.47 31.83 60.30
C MET B 505 -6.92 31.47 60.63
N ASP B 506 -7.54 32.21 61.59
CA ASP B 506 -8.95 32.04 61.95
C ASP B 506 -9.91 32.40 60.82
N LEU B 507 -9.41 33.12 59.78
CA LEU B 507 -10.22 33.46 58.61
C LEU B 507 -10.54 32.21 57.79
N GLU B 508 -9.81 31.09 57.98
CA GLU B 508 -10.09 29.82 57.29
C GLU B 508 -11.47 29.32 57.70
N GLU B 509 -11.74 29.22 59.01
CA GLU B 509 -13.04 28.80 59.53
C GLU B 509 -14.14 29.82 59.21
N LYS B 510 -13.82 31.11 59.31
CA LYS B 510 -14.79 32.17 59.04
C LYS B 510 -15.31 32.10 57.59
N THR B 511 -14.41 31.79 56.63
CA THR B 511 -14.76 31.74 55.21
C THR B 511 -15.07 30.35 54.66
N GLY B 512 -14.63 29.29 55.35
CA GLY B 512 -14.71 27.90 54.86
C GLY B 512 -13.66 27.64 53.78
N ILE B 513 -12.70 28.58 53.61
CA ILE B 513 -11.67 28.51 52.58
C ILE B 513 -10.31 28.26 53.22
N ASN B 514 -9.66 27.14 52.85
CA ASN B 514 -8.35 26.78 53.38
C ASN B 514 -7.29 27.60 52.65
N PHE B 515 -6.26 28.03 53.37
CA PHE B 515 -5.16 28.77 52.74
C PHE B 515 -3.91 28.57 53.59
N LYS B 516 -2.77 28.95 53.03
CA LYS B 516 -1.50 28.88 53.73
C LYS B 516 -0.57 29.96 53.22
N ILE B 517 0.35 30.37 54.08
CA ILE B 517 1.37 31.36 53.76
C ILE B 517 2.49 30.55 53.10
N GLU B 518 2.78 30.84 51.83
CA GLU B 518 3.82 30.15 51.07
CA GLU B 518 3.84 30.13 51.14
C GLU B 518 5.17 30.79 51.33
N ARG B 519 5.21 32.12 51.41
CA ARG B 519 6.42 32.88 51.59
C ARG B 519 6.19 34.10 52.44
N GLU B 520 7.19 34.41 53.24
CA GLU B 520 7.27 35.56 54.12
C GLU B 520 8.63 36.21 53.81
N LEU B 521 8.62 37.34 53.11
CA LEU B 521 9.82 38.08 52.73
C LEU B 521 9.98 39.26 53.69
N LYS B 522 10.79 39.03 54.73
CA LYS B 522 11.03 40.01 55.79
C LYS B 522 11.95 41.15 55.34
N ASN B 523 11.89 42.31 56.06
CA ASN B 523 12.74 43.48 55.84
C ASN B 523 12.70 43.88 54.37
N LEU B 524 11.47 44.09 53.86
CA LEU B 524 11.21 44.38 52.47
C LEU B 524 11.94 45.61 51.95
N ARG B 525 11.80 46.72 52.66
CA ARG B 525 12.42 48.02 52.36
C ARG B 525 13.95 47.84 52.17
N GLU B 526 14.60 47.12 53.13
CA GLU B 526 16.05 46.84 53.12
C GLU B 526 16.43 45.88 51.98
N THR B 527 15.57 44.88 51.69
CA THR B 527 15.80 43.91 50.59
C THR B 527 15.79 44.64 49.26
N ILE B 528 14.85 45.60 49.07
CA ILE B 528 14.75 46.41 47.85
C ILE B 528 15.99 47.30 47.69
N VAL B 529 16.44 47.94 48.79
CA VAL B 529 17.66 48.77 48.78
C VAL B 529 18.85 47.89 48.35
N GLU B 530 18.97 46.68 48.94
CA GLU B 530 20.03 45.73 48.62
C GLU B 530 20.00 45.31 47.12
N ALA B 531 18.80 45.08 46.55
CA ALA B 531 18.64 44.70 45.14
C ALA B 531 19.17 45.78 44.21
N VAL B 532 18.92 47.07 44.56
CA VAL B 532 19.41 48.22 43.78
C VAL B 532 20.94 48.34 43.94
N GLU B 533 21.44 48.34 45.18
CA GLU B 533 22.86 48.53 45.50
C GLU B 533 23.77 47.42 45.00
N THR B 534 23.30 46.17 44.99
CA THR B 534 24.12 45.05 44.52
C THR B 534 23.98 44.81 43.02
N ALA B 535 23.15 45.60 42.30
CA ALA B 535 23.01 45.45 40.84
C ALA B 535 24.42 45.54 40.22
N PRO B 536 24.77 44.55 39.39
CA PRO B 536 26.15 44.54 38.83
C PRO B 536 26.41 45.72 37.90
N GLN B 537 27.68 46.04 37.72
CA GLN B 537 28.11 47.09 36.80
C GLN B 537 28.41 46.48 35.44
N ASP B 538 28.60 45.15 35.40
CA ASP B 538 29.01 44.40 34.21
C ASP B 538 27.92 43.47 33.68
N GLY B 539 27.87 43.36 32.36
CA GLY B 539 27.00 42.42 31.68
C GLY B 539 25.64 42.91 31.23
N TYR B 540 24.78 41.93 30.88
CA TYR B 540 23.42 42.14 30.42
C TYR B 540 22.69 43.10 31.31
N LEU B 541 22.05 44.12 30.72
CA LEU B 541 21.22 45.10 31.42
C LEU B 541 21.95 45.89 32.51
N ALA B 542 23.28 45.82 32.53
CA ALA B 542 24.12 46.49 33.55
C ALA B 542 24.91 47.54 32.77
N ASP B 543 25.92 47.14 31.99
CA ASP B 543 26.59 48.05 31.06
C ASP B 543 26.15 47.71 29.61
N GLY B 544 25.30 46.70 29.46
CA GLY B 544 24.72 46.32 28.19
C GLY B 544 25.52 45.42 27.28
N SER B 545 26.56 44.76 27.83
CA SER B 545 27.37 43.83 27.03
C SER B 545 26.58 42.50 26.93
N ASP B 546 27.00 41.60 26.03
CA ASP B 546 26.32 40.32 25.81
C ASP B 546 26.84 39.21 26.72
N LEU B 547 27.09 39.53 27.98
CA LEU B 547 27.62 38.56 28.93
C LEU B 547 26.86 38.57 30.22
N PRO B 548 26.75 37.41 30.91
CA PRO B 548 26.09 37.43 32.22
C PRO B 548 27.00 38.17 33.24
N PRO B 549 26.47 38.69 34.36
CA PRO B 549 27.37 39.32 35.34
C PRO B 549 28.23 38.22 36.00
N ILE B 550 29.40 38.57 36.49
CA ILE B 550 30.24 37.59 37.20
C ILE B 550 29.54 37.26 38.53
N ARG B 551 28.99 38.31 39.17
CA ARG B 551 28.28 38.19 40.42
C ARG B 551 26.88 38.83 40.29
N PRO B 552 25.82 38.03 40.08
CA PRO B 552 24.47 38.61 39.97
C PRO B 552 24.09 39.40 41.23
N GLY B 553 23.22 40.41 41.06
CA GLY B 553 22.73 41.20 42.17
C GLY B 553 21.69 40.42 42.95
N LYS B 554 21.30 40.95 44.10
CA LYS B 554 20.27 40.35 44.95
C LYS B 554 18.88 40.46 44.25
N ALA B 555 18.13 39.34 44.19
CA ALA B 555 16.78 39.34 43.64
C ALA B 555 15.76 39.62 44.76
N VAL B 556 14.67 40.32 44.43
CA VAL B 556 13.57 40.55 45.37
C VAL B 556 12.65 39.36 45.05
N GLU B 557 12.68 38.33 45.92
CA GLU B 557 11.96 37.07 45.68
C GLU B 557 10.48 37.12 46.01
N LEU B 558 9.75 37.94 45.27
CA LEU B 558 8.31 38.15 45.44
C LEU B 558 7.48 36.93 45.14
N ASP B 559 7.97 36.04 44.24
CA ASP B 559 7.21 34.92 43.68
C ASP B 559 5.87 35.47 43.16
N LEU B 560 5.96 36.58 42.43
CA LEU B 560 4.80 37.22 41.88
C LEU B 560 4.43 36.45 40.63
N LEU B 561 3.50 35.51 40.77
CA LEU B 561 3.08 34.61 39.67
C LEU B 561 4.28 33.86 39.08
N GLY B 562 5.21 33.46 39.94
CA GLY B 562 6.43 32.75 39.55
C GLY B 562 7.63 33.63 39.23
N TRP B 563 7.54 34.95 39.43
CA TRP B 563 8.63 35.89 39.08
C TRP B 563 9.27 36.59 40.27
N SER B 564 10.61 36.78 40.18
CA SER B 564 11.41 37.59 41.11
C SER B 564 11.74 38.88 40.36
N ALA B 565 12.18 39.92 41.08
CA ALA B 565 12.58 41.22 40.50
C ALA B 565 14.06 41.44 40.71
N ILE B 566 14.73 41.87 39.64
CA ILE B 566 16.17 42.17 39.61
C ILE B 566 16.32 43.60 39.12
N TYR B 567 17.22 44.36 39.72
CA TYR B 567 17.42 45.74 39.27
C TYR B 567 18.42 45.81 38.10
N SER B 568 18.05 46.59 37.07
CA SER B 568 18.87 46.83 35.89
C SER B 568 19.46 48.23 35.98
N ARG B 569 20.80 48.36 35.99
CA ARG B 569 21.47 49.67 36.01
C ARG B 569 21.34 50.34 34.66
N GLN B 570 21.37 49.56 33.57
CA GLN B 570 21.28 50.12 32.23
C GLN B 570 19.92 50.83 32.02
N MET B 571 18.85 50.13 32.33
CA MET B 571 17.46 50.58 32.12
C MET B 571 16.89 51.36 33.30
N GLU B 572 17.55 51.29 34.49
CA GLU B 572 17.15 51.99 35.73
C GLU B 572 15.74 51.56 36.13
N MET B 573 15.54 50.25 36.18
CA MET B 573 14.25 49.68 36.51
C MET B 573 14.43 48.26 36.94
N PHE B 574 13.39 47.73 37.63
CA PHE B 574 13.35 46.32 37.98
C PHE B 574 12.83 45.56 36.78
N VAL B 575 13.38 44.38 36.55
CA VAL B 575 12.99 43.50 35.46
C VAL B 575 12.68 42.12 36.06
N PRO B 576 11.81 41.30 35.43
CA PRO B 576 11.54 39.97 36.01
C PRO B 576 12.57 38.91 35.63
N VAL B 577 12.74 37.96 36.56
CA VAL B 577 13.53 36.74 36.34
C VAL B 577 12.69 35.63 36.93
N LEU B 578 12.63 34.49 36.23
CA LEU B 578 11.87 33.35 36.72
C LEU B 578 12.43 32.93 38.10
N GLU B 579 11.55 32.66 39.08
CA GLU B 579 12.00 32.20 40.42
C GLU B 579 12.99 31.04 40.24
N ASN B 580 14.12 31.13 40.93
CA ASN B 580 15.24 30.19 40.82
C ASN B 580 14.85 28.71 40.80
N GLU B 581 14.03 28.27 41.75
CA GLU B 581 13.57 26.89 41.84
C GLU B 581 12.88 26.40 40.55
N ARG B 582 12.01 27.23 39.95
CA ARG B 582 11.33 26.89 38.69
C ARG B 582 12.34 26.86 37.53
N LEU B 583 13.27 27.84 37.50
CA LEU B 583 14.31 27.91 36.47
C LEU B 583 15.16 26.63 36.46
N ILE B 584 15.63 26.19 37.65
CA ILE B 584 16.45 24.99 37.83
C ILE B 584 15.69 23.74 37.42
N ALA B 585 14.42 23.60 37.87
CA ALA B 585 13.57 22.46 37.54
C ALA B 585 13.36 22.34 36.02
N SER B 586 13.15 23.48 35.33
CA SER B 586 12.97 23.52 33.89
CA SER B 586 12.97 23.52 33.88
C SER B 586 14.26 23.19 33.15
N ALA B 587 15.43 23.62 33.69
CA ALA B 587 16.73 23.31 33.09
C ALA B 587 17.03 21.79 33.25
N ALA B 588 16.68 21.23 34.42
CA ALA B 588 16.91 19.81 34.71
C ALA B 588 16.00 18.89 33.88
N TYR B 589 14.69 19.23 33.81
CA TYR B 589 13.69 18.42 33.12
C TYR B 589 12.94 19.27 32.11
N PRO B 590 13.54 19.50 30.93
CA PRO B 590 12.82 20.30 29.91
C PRO B 590 11.64 19.50 29.35
N LYS B 591 10.57 20.20 28.95
CA LYS B 591 9.41 19.54 28.34
C LYS B 591 9.85 19.27 26.90
N GLY B 592 9.47 18.13 26.36
CA GLY B 592 9.82 17.77 24.99
C GLY B 592 8.97 18.47 23.97
N LEU B 593 9.16 18.14 22.68
CA LEU B 593 8.40 18.75 21.58
C LEU B 593 6.88 18.49 21.72
N GLU B 594 6.48 17.27 22.14
CA GLU B 594 5.09 16.87 22.42
C GLU B 594 4.13 17.18 21.24
N ASN B 595 4.61 16.98 20.00
CA ASN B 595 3.90 17.22 18.75
C ASN B 595 4.51 16.31 17.71
N LYS B 596 3.93 15.10 17.56
CA LYS B 596 4.36 14.04 16.65
C LYS B 596 4.45 14.50 15.18
N ALA B 597 3.51 15.38 14.76
CA ALA B 597 3.45 15.95 13.40
C ALA B 597 4.66 16.84 13.14
N LEU B 598 4.99 17.71 14.10
CA LEU B 598 6.12 18.63 14.01
C LEU B 598 7.42 17.83 14.09
N ALA B 599 7.50 16.84 15.00
CA ALA B 599 8.66 15.97 15.21
C ALA B 599 9.10 15.19 13.97
N ARG B 600 8.18 14.93 13.02
CA ARG B 600 8.52 14.20 11.79
C ARG B 600 9.08 15.08 10.66
N LYS B 601 9.16 16.40 10.88
CA LYS B 601 9.72 17.32 9.92
C LYS B 601 11.24 17.46 10.16
N PRO B 602 12.08 17.36 9.09
CA PRO B 602 13.53 17.49 9.30
C PRO B 602 13.88 18.86 9.86
N GLY B 603 14.76 18.89 10.85
CA GLY B 603 15.17 20.13 11.51
C GLY B 603 14.31 20.61 12.66
N ALA B 604 13.14 19.98 12.90
CA ALA B 604 12.24 20.37 13.99
C ALA B 604 12.83 20.11 15.38
N GLU B 605 13.52 18.97 15.55
CA GLU B 605 14.15 18.60 16.82
C GLU B 605 15.29 19.57 17.16
N ILE B 606 16.18 19.89 16.18
CA ILE B 606 17.29 20.82 16.39
C ILE B 606 16.75 22.25 16.66
N ALA B 607 15.67 22.65 15.95
CA ALA B 607 15.04 23.95 16.15
C ALA B 607 14.45 24.02 17.56
N TYR B 608 13.77 22.95 17.99
CA TYR B 608 13.22 22.85 19.34
C TYR B 608 14.33 22.93 20.42
N GLN B 609 15.50 22.30 20.16
CA GLN B 609 16.63 22.36 21.09
C GLN B 609 17.16 23.79 21.19
N ILE B 610 17.24 24.51 20.05
CA ILE B 610 17.65 25.92 20.05
C ILE B 610 16.63 26.72 20.89
N VAL B 611 15.32 26.50 20.65
CA VAL B 611 14.23 27.15 21.40
C VAL B 611 14.37 26.90 22.94
N ARG B 612 14.60 25.64 23.35
CA ARG B 612 14.75 25.24 24.75
C ARG B 612 15.87 26.05 25.44
N TYR B 613 17.02 26.14 24.80
CA TYR B 613 18.15 26.87 25.37
C TYR B 613 17.99 28.38 25.32
N GLU B 614 17.37 28.92 24.25
CA GLU B 614 17.12 30.36 24.16
C GLU B 614 16.07 30.80 25.19
N ALA B 615 14.97 30.05 25.29
CA ALA B 615 13.88 30.38 26.20
C ALA B 615 14.33 30.33 27.68
N ILE B 616 15.17 29.34 28.06
CA ILE B 616 15.69 29.25 29.43
C ILE B 616 16.56 30.49 29.77
N ARG B 617 17.28 31.02 28.77
CA ARG B 617 18.09 32.22 28.94
C ARG B 617 17.19 33.43 29.10
N LEU B 618 16.19 33.57 28.21
CA LEU B 618 15.22 34.67 28.18
C LEU B 618 14.47 34.90 29.48
N VAL B 619 13.98 33.82 30.09
CA VAL B 619 13.18 33.91 31.33
C VAL B 619 13.98 34.20 32.60
N GLY B 620 15.32 34.12 32.53
CA GLY B 620 16.13 34.40 33.71
C GLY B 620 17.49 33.73 33.74
N GLY B 621 17.71 32.75 32.86
CA GLY B 621 19.00 32.05 32.75
C GLY B 621 20.13 33.00 32.39
N TRP B 622 19.81 34.12 31.68
CA TRP B 622 20.77 35.17 31.31
C TRP B 622 21.49 35.75 32.52
N ASN B 623 20.81 35.74 33.70
CA ASN B 623 21.36 36.31 34.92
C ASN B 623 22.05 35.27 35.82
N ASN B 624 22.17 34.04 35.32
CA ASN B 624 22.85 32.95 36.02
C ASN B 624 24.08 32.67 35.16
N PRO B 625 25.29 33.16 35.56
CA PRO B 625 26.45 33.04 34.67
C PRO B 625 26.79 31.65 34.14
N LEU B 626 26.76 30.61 35.00
CA LEU B 626 27.05 29.26 34.56
C LEU B 626 25.99 28.74 33.56
N LEU B 627 24.70 28.90 33.90
CA LEU B 627 23.59 28.47 33.05
C LEU B 627 23.59 29.21 31.71
N GLU B 628 23.78 30.53 31.74
CA GLU B 628 23.85 31.36 30.56
C GLU B 628 25.01 30.91 29.66
N THR B 629 26.20 30.66 30.24
CA THR B 629 27.39 30.24 29.49
C THR B 629 27.15 28.92 28.76
N ALA B 630 26.64 27.90 29.48
CA ALA B 630 26.37 26.59 28.92
C ALA B 630 25.26 26.63 27.88
N ALA B 631 24.12 27.31 28.19
CA ALA B 631 22.97 27.39 27.26
C ALA B 631 23.30 28.19 25.99
N LYS B 632 24.10 29.27 26.12
CA LYS B 632 24.53 30.06 24.97
C LYS B 632 25.39 29.19 24.05
N HIS B 633 26.38 28.46 24.63
CA HIS B 633 27.25 27.60 23.84
C HIS B 633 26.42 26.57 23.07
N MET B 634 25.47 25.93 23.73
CA MET B 634 24.62 24.90 23.11
C MET B 634 23.75 25.43 21.97
N SER B 635 23.09 26.60 22.17
CA SER B 635 22.30 27.16 21.08
C SER B 635 23.20 27.64 19.94
N LEU B 636 24.35 28.29 20.23
CA LEU B 636 25.28 28.75 19.17
C LEU B 636 25.87 27.59 18.36
N ASP B 637 26.18 26.49 19.04
CA ASP B 637 26.76 25.30 18.41
C ASP B 637 25.74 24.71 17.41
N LYS B 638 24.47 24.67 17.81
CA LYS B 638 23.40 24.16 16.96
C LYS B 638 23.14 25.07 15.75
N ARG B 639 23.18 26.40 15.95
CA ARG B 639 23.00 27.38 14.86
C ARG B 639 24.14 27.28 13.83
N LYS B 640 25.38 27.08 14.33
CA LYS B 640 26.57 26.96 13.48
C LYS B 640 26.48 25.70 12.61
N ARG B 641 26.04 24.57 13.20
CA ARG B 641 25.87 23.31 12.50
C ARG B 641 24.88 23.48 11.34
N LEU B 642 23.74 24.15 11.59
CA LEU B 642 22.71 24.43 10.60
C LEU B 642 23.22 25.31 9.46
N GLU B 643 24.00 26.35 9.80
CA GLU B 643 24.58 27.30 8.86
C GLU B 643 25.58 26.56 7.93
N VAL B 644 26.49 25.75 8.49
CA VAL B 644 27.47 24.97 7.74
C VAL B 644 26.75 23.95 6.81
N LYS B 645 25.66 23.34 7.30
CA LYS B 645 24.92 22.33 6.56
C LYS B 645 23.94 22.92 5.54
N GLY B 646 23.68 24.23 5.63
CA GLY B 646 22.77 24.94 4.73
C GLY B 646 21.34 24.57 4.96
N ILE B 647 20.98 24.25 6.23
CA ILE B 647 19.62 23.87 6.60
C ILE B 647 18.95 25.04 7.30
N ASP B 648 17.82 25.48 6.75
CA ASP B 648 17.06 26.63 7.24
C ASP B 648 15.91 26.20 8.16
N VAL B 649 15.94 26.65 9.42
CA VAL B 649 14.87 26.38 10.39
C VAL B 649 14.20 27.69 10.90
N THR B 650 14.41 28.82 10.18
CA THR B 650 13.86 30.15 10.54
C THR B 650 12.36 30.13 10.77
N GLY B 651 11.66 29.31 9.97
CA GLY B 651 10.22 29.11 10.11
C GLY B 651 9.84 28.64 11.50
N PHE B 652 10.52 27.57 12.01
CA PHE B 652 10.29 27.04 13.35
C PHE B 652 10.69 28.08 14.43
N LEU B 653 11.81 28.80 14.21
CA LEU B 653 12.32 29.77 15.17
C LEU B 653 11.48 31.07 15.26
N ASP B 654 10.80 31.46 14.17
CA ASP B 654 9.89 32.61 14.14
C ASP B 654 8.62 32.24 14.88
N ASP B 655 8.15 30.98 14.73
CA ASP B 655 6.94 30.43 15.34
C ASP B 655 7.29 29.54 16.56
N TRP B 656 8.24 29.99 17.37
CA TRP B 656 8.77 29.27 18.51
C TRP B 656 7.82 29.07 19.70
N ASN B 657 6.89 30.02 19.92
CA ASN B 657 5.97 30.05 21.07
C ASN B 657 5.25 28.76 21.34
N ASN B 658 4.78 28.09 20.28
CA ASN B 658 4.04 26.84 20.39
C ASN B 658 4.91 25.67 20.80
N MET B 659 6.24 25.76 20.60
CA MET B 659 7.11 24.67 21.00
C MET B 659 7.88 24.88 22.33
N SER B 660 7.42 25.86 23.14
CA SER B 660 8.06 26.19 24.41
C SER B 660 7.04 26.36 25.52
N GLU B 661 7.35 25.84 26.72
CA GLU B 661 6.52 26.06 27.91
C GLU B 661 6.50 27.55 28.29
N PHE B 662 7.46 28.34 27.77
CA PHE B 662 7.55 29.78 28.07
C PHE B 662 7.01 30.63 26.90
N GLY B 663 6.43 29.97 25.91
CA GLY B 663 5.87 30.61 24.71
C GLY B 663 4.79 31.64 24.98
N GLY B 664 3.92 31.34 25.95
CA GLY B 664 2.84 32.23 26.38
C GLY B 664 3.35 33.45 27.14
N ASP B 665 4.58 33.38 27.69
CA ASP B 665 5.18 34.47 28.44
C ASP B 665 5.78 35.56 27.60
N LEU B 666 6.32 35.23 26.41
CA LEU B 666 7.08 36.16 25.56
C LEU B 666 6.61 36.33 24.11
N GLU B 667 5.38 36.82 23.94
CA GLU B 667 4.81 37.04 22.61
C GLU B 667 5.48 38.21 21.88
N GLY B 668 5.51 38.11 20.54
CA GLY B 668 6.04 39.14 19.65
C GLY B 668 7.53 39.21 19.40
N ILE B 669 8.30 38.21 19.89
CA ILE B 669 9.75 38.14 19.67
C ILE B 669 10.12 36.89 18.88
N THR B 670 11.16 36.94 18.06
CA THR B 670 11.60 35.81 17.23
C THR B 670 12.93 35.25 17.78
N LEU B 671 13.17 33.95 17.59
CA LEU B 671 14.42 33.31 18.04
C LEU B 671 15.34 32.98 16.88
N SER B 672 15.04 33.53 15.66
CA SER B 672 15.84 33.28 14.47
C SER B 672 17.23 33.87 14.60
N GLU B 673 17.35 34.95 15.38
CA GLU B 673 18.65 35.56 15.68
C GLU B 673 19.03 35.20 17.12
N PRO B 674 20.31 34.91 17.41
CA PRO B 674 20.71 34.58 18.79
C PRO B 674 20.34 35.66 19.80
N LEU B 675 20.06 35.27 21.04
CA LEU B 675 19.76 36.20 22.13
C LEU B 675 20.97 37.12 22.38
N THR B 676 20.71 38.44 22.54
CA THR B 676 21.75 39.43 22.88
C THR B 676 21.17 40.34 23.97
N ASN B 677 21.93 41.34 24.42
CA ASN B 677 21.42 42.30 25.38
C ASN B 677 20.17 43.01 24.83
N GLN B 678 20.14 43.29 23.50
CA GLN B 678 19.00 43.96 22.84
C GLN B 678 17.69 43.18 23.01
N THR B 679 17.76 41.83 22.97
CA THR B 679 16.59 40.99 23.21
C THR B 679 16.01 41.26 24.62
N LEU B 680 16.89 41.32 25.62
CA LEU B 680 16.52 41.55 27.02
C LEU B 680 15.98 42.95 27.24
N VAL B 681 16.53 43.93 26.52
CA VAL B 681 16.04 45.31 26.54
C VAL B 681 14.61 45.32 25.93
N ASP B 682 14.45 44.71 24.72
CA ASP B 682 13.18 44.71 23.99
C ASP B 682 12.01 44.08 24.76
N ILE B 683 12.23 42.94 25.44
CA ILE B 683 11.18 42.30 26.25
C ILE B 683 10.82 43.12 27.50
N ASN B 684 11.71 44.04 27.93
CA ASN B 684 11.47 44.84 29.13
C ASN B 684 11.08 46.28 28.85
N THR B 685 11.00 46.66 27.57
CA THR B 685 10.69 48.04 27.19
C THR B 685 9.21 48.38 27.40
N PRO B 686 8.83 49.38 28.22
CA PRO B 686 7.40 49.72 28.33
C PRO B 686 6.95 50.61 27.14
N LEU B 687 5.65 50.55 26.79
CA LEU B 687 5.08 51.41 25.73
C LEU B 687 5.04 52.84 26.27
N ASP B 688 4.59 52.97 27.54
CA ASP B 688 4.46 54.26 28.21
C ASP B 688 5.12 54.33 29.58
N SER B 689 5.49 55.56 29.99
CA SER B 689 6.03 55.86 31.31
C SER B 689 4.90 55.66 32.33
N PHE B 690 5.26 55.41 33.58
CA PHE B 690 4.29 55.09 34.59
C PHE B 690 4.17 56.10 35.68
N ASP B 691 2.93 56.51 35.94
CA ASP B 691 2.56 57.38 37.04
C ASP B 691 1.39 56.65 37.72
N PRO B 692 1.64 56.05 38.94
CA PRO B 692 0.56 55.31 39.62
C PRO B 692 -0.71 56.14 39.87
N LYS B 693 -0.55 57.46 40.08
CA LYS B 693 -1.68 58.38 40.31
C LYS B 693 -2.51 58.62 39.05
N ALA B 694 -1.93 58.39 37.86
CA ALA B 694 -2.62 58.54 36.57
C ALA B 694 -3.46 57.30 36.19
N ARG B 695 -3.36 56.18 36.96
CA ARG B 695 -4.16 54.98 36.66
C ARG B 695 -5.65 55.30 36.80
N PRO B 696 -6.49 54.96 35.81
CA PRO B 696 -7.94 55.20 35.96
C PRO B 696 -8.49 54.39 37.14
N GLN B 697 -9.59 54.90 37.70
CA GLN B 697 -10.30 54.21 38.76
C GLN B 697 -11.11 53.06 38.13
N THR B 698 -11.72 52.19 38.94
CA THR B 698 -12.50 51.04 38.43
C THR B 698 -13.72 51.51 37.61
N PRO B 699 -14.18 50.75 36.57
CA PRO B 699 -15.36 51.19 35.80
C PRO B 699 -16.61 51.44 36.68
N ARG B 700 -16.84 50.59 37.69
CA ARG B 700 -17.99 50.74 38.61
C ARG B 700 -17.47 51.19 39.95
N SER B 701 -18.26 52.00 40.67
CA SER B 701 -17.91 52.61 41.95
C SER B 701 -16.46 53.12 41.90
N PRO B 702 -16.14 54.01 40.91
CA PRO B 702 -14.73 54.43 40.72
C PRO B 702 -14.01 55.00 41.92
N LYS B 703 -14.67 55.91 42.65
CA LYS B 703 -14.08 56.58 43.80
C LYS B 703 -13.93 55.67 45.03
N LYS B 704 -14.67 54.56 45.09
CA LYS B 704 -14.62 53.64 46.22
C LYS B 704 -13.39 52.75 46.19
N THR B 705 -12.93 52.35 47.38
CA THR B 705 -11.83 51.41 47.53
C THR B 705 -12.44 50.13 48.13
N LEU B 706 -11.66 49.04 48.13
CA LEU B 706 -12.05 47.79 48.75
C LEU B 706 -12.40 48.00 50.26
N ASP B 707 -11.62 48.81 50.96
CA ASP B 707 -11.83 49.14 52.38
C ASP B 707 -13.18 49.84 52.63
N GLU B 708 -13.56 50.79 51.75
CA GLU B 708 -14.84 51.50 51.88
C GLU B 708 -16.01 50.55 51.63
N VAL B 709 -15.88 49.66 50.64
CA VAL B 709 -16.92 48.65 50.33
C VAL B 709 -17.11 47.71 51.52
N THR B 710 -15.98 47.24 52.15
CA THR B 710 -16.13 46.33 53.31
C THR B 710 -16.83 47.02 54.48
N THR B 711 -16.49 48.31 54.72
CA THR B 711 -17.12 49.11 55.77
C THR B 711 -18.63 49.21 55.51
N ALA B 712 -19.01 49.48 54.26
CA ALA B 712 -20.42 49.58 53.86
C ALA B 712 -21.14 48.25 54.10
N ILE B 713 -20.50 47.12 53.70
CA ILE B 713 -21.08 45.77 53.90
C ILE B 713 -21.28 45.46 55.38
N THR B 714 -20.29 45.78 56.24
CA THR B 714 -20.38 45.54 57.67
C THR B 714 -21.63 46.23 58.24
N SER B 715 -21.88 47.48 57.83
CA SER B 715 -23.07 48.24 58.26
C SER B 715 -24.41 47.68 57.69
N GLY B 716 -24.36 46.70 56.78
CA GLY B 716 -25.55 46.09 56.20
C GLY B 716 -25.99 46.65 54.87
N THR B 717 -25.13 47.43 54.21
CA THR B 717 -25.41 48.02 52.90
C THR B 717 -25.26 46.98 51.77
N TYR B 718 -25.96 47.22 50.65
CA TYR B 718 -25.93 46.44 49.41
C TYR B 718 -26.50 45.04 49.49
N LYS B 719 -27.38 44.76 50.46
CA LYS B 719 -27.99 43.43 50.57
C LYS B 719 -28.73 43.08 49.27
N ASP B 720 -29.50 44.04 48.74
CA ASP B 720 -30.26 43.87 47.53
C ASP B 720 -29.86 44.92 46.50
N PRO B 721 -29.82 44.56 45.20
CA PRO B 721 -29.51 45.59 44.18
C PRO B 721 -30.70 46.55 44.03
N LYS B 722 -30.47 47.81 43.60
CA LYS B 722 -31.54 48.78 43.39
C LYS B 722 -32.27 48.50 42.06
N SER B 723 -31.53 48.10 41.01
CA SER B 723 -32.07 47.72 39.69
C SER B 723 -33.02 46.51 39.81
N ALA B 724 -34.22 46.61 39.24
CA ALA B 724 -35.24 45.55 39.25
C ALA B 724 -34.79 44.33 38.42
N VAL B 725 -34.07 44.58 37.31
CA VAL B 725 -33.48 43.54 36.45
C VAL B 725 -32.52 42.68 37.31
N TRP B 726 -31.66 43.36 38.09
CA TRP B 726 -30.69 42.72 38.98
C TRP B 726 -31.40 41.99 40.11
N ARG B 727 -32.51 42.55 40.62
CA ARG B 727 -33.32 41.90 41.66
C ARG B 727 -33.94 40.59 41.12
N LEU B 728 -34.40 40.59 39.86
CA LEU B 728 -34.95 39.37 39.25
C LEU B 728 -33.88 38.29 39.16
N LEU B 729 -32.64 38.70 38.81
CA LEU B 729 -31.50 37.78 38.70
C LEU B 729 -31.11 37.20 40.06
N ASP B 730 -31.19 38.00 41.14
CA ASP B 730 -30.92 37.50 42.49
C ASP B 730 -32.05 36.55 42.96
N GLN B 731 -33.32 36.91 42.69
CA GLN B 731 -34.48 36.07 43.03
C GLN B 731 -34.41 34.70 42.30
N ARG B 732 -33.86 34.69 41.08
CA ARG B 732 -33.64 33.51 40.23
C ARG B 732 -32.76 32.46 40.95
N THR B 733 -31.87 32.91 41.84
CA THR B 733 -30.99 32.02 42.61
C THR B 733 -31.73 31.38 43.78
N LYS B 734 -32.94 31.86 44.13
CA LYS B 734 -33.71 31.37 45.28
C LYS B 734 -34.95 30.56 44.92
N LEU B 735 -35.55 30.84 43.77
CA LEU B 735 -36.75 30.16 43.32
C LEU B 735 -36.50 28.80 42.66
N ARG B 736 -37.39 27.88 42.93
CA ARG B 736 -37.27 26.53 42.42
C ARG B 736 -37.58 26.47 40.89
N VAL B 737 -37.10 25.43 40.19
CA VAL B 737 -37.28 25.29 38.73
C VAL B 737 -38.72 25.32 38.21
N SER B 738 -39.71 24.89 39.04
CA SER B 738 -41.12 24.90 38.62
C SER B 738 -41.63 26.33 38.36
N THR B 739 -40.93 27.34 38.93
CA THR B 739 -41.28 28.77 38.76
C THR B 739 -40.64 29.40 37.51
N LEU B 740 -39.86 28.64 36.71
CA LEU B 740 -39.13 29.19 35.56
C LEU B 740 -39.95 29.89 34.48
N ARG B 741 -41.17 29.39 34.20
CA ARG B 741 -42.05 30.00 33.20
C ARG B 741 -42.49 31.39 33.68
N ASP B 742 -42.84 31.52 34.97
CA ASP B 742 -43.22 32.81 35.58
C ASP B 742 -42.01 33.77 35.65
N GLN B 743 -40.82 33.25 35.93
CA GLN B 743 -39.60 34.05 35.96
C GLN B 743 -39.26 34.58 34.56
N ALA B 744 -39.53 33.77 33.50
CA ALA B 744 -39.32 34.18 32.10
C ALA B 744 -40.26 35.34 31.77
N LEU B 745 -41.52 35.26 32.24
CA LEU B 745 -42.51 36.33 32.05
C LEU B 745 -42.09 37.62 32.77
N ALA B 746 -41.46 37.50 33.97
CA ALA B 746 -40.98 38.65 34.74
C ALA B 746 -39.84 39.40 34.05
N LEU B 747 -38.98 38.65 33.30
CA LEU B 747 -37.81 39.18 32.59
C LEU B 747 -38.10 39.58 31.13
N LYS B 748 -39.14 39.01 30.50
CA LYS B 748 -39.50 39.27 29.10
C LYS B 748 -39.58 40.77 28.73
N PRO B 749 -40.27 41.68 29.48
CA PRO B 749 -40.28 43.09 29.07
C PRO B 749 -38.89 43.73 28.98
N ALA B 750 -38.02 43.50 30.00
CA ALA B 750 -36.65 44.06 30.00
C ALA B 750 -35.78 43.41 28.92
N SER B 751 -35.92 42.09 28.74
CA SER B 751 -35.17 41.32 27.74
C SER B 751 -35.51 41.74 26.30
N SER B 752 -36.79 42.14 26.07
CA SER B 752 -37.30 42.57 24.76
CA SER B 752 -37.25 42.56 24.74
C SER B 752 -37.23 44.09 24.60
N SER B 753 -36.83 44.82 25.67
CA SER B 753 -36.75 46.29 25.72
C SER B 753 -38.05 46.95 25.21
N VAL B 754 -39.21 46.44 25.69
CA VAL B 754 -40.54 46.97 25.33
C VAL B 754 -40.67 48.39 25.85
N ASP B 755 -41.64 49.13 25.32
CA ASP B 755 -41.89 50.50 25.77
C ASP B 755 -42.31 50.41 27.24
N ASN B 756 -41.66 51.21 28.11
CA ASN B 756 -41.90 51.26 29.55
C ASN B 756 -41.44 49.96 30.28
N TRP B 757 -40.41 49.27 29.72
CA TRP B 757 -39.85 48.05 30.32
C TRP B 757 -39.39 48.25 31.76
N ALA B 758 -38.80 49.42 32.10
CA ALA B 758 -38.26 49.68 33.44
C ALA B 758 -39.36 49.69 34.50
N GLU B 759 -40.47 50.37 34.23
CA GLU B 759 -41.62 50.41 35.12
C GLU B 759 -42.26 49.03 35.25
N ALA B 760 -42.42 48.34 34.10
CA ALA B 760 -42.98 46.97 34.04
C ALA B 760 -42.10 46.00 34.86
N THR B 761 -40.77 46.11 34.74
CA THR B 761 -39.82 45.26 35.47
C THR B 761 -39.90 45.50 36.98
N GLU B 762 -40.01 46.78 37.39
CA GLU B 762 -40.14 47.19 38.80
C GLU B 762 -41.33 46.50 39.45
N GLU B 763 -42.50 46.53 38.79
CA GLU B 763 -43.72 45.88 39.28
C GLU B 763 -43.55 44.35 39.35
N LEU B 764 -42.89 43.75 38.35
CA LEU B 764 -42.65 42.30 38.26
C LEU B 764 -41.67 41.80 39.33
N ALA B 765 -40.62 42.59 39.61
CA ALA B 765 -39.66 42.26 40.68
C ALA B 765 -40.34 42.33 42.08
N GLN B 766 -41.18 43.37 42.33
CA GLN B 766 -41.92 43.52 43.61
C GLN B 766 -42.90 42.37 43.84
N GLN B 767 -43.64 41.93 42.80
CA GLN B 767 -44.58 40.79 42.86
C GLN B 767 -43.78 39.54 43.23
N GLN B 768 -42.64 39.33 42.52
CA GLN B 768 -41.80 38.17 42.74
C GLN B 768 -41.13 38.20 44.11
N GLN B 769 -40.88 39.40 44.68
CA GLN B 769 -40.33 39.55 46.04
C GLN B 769 -41.26 38.93 47.10
N LEU B 770 -42.58 39.02 46.88
CA LEU B 770 -43.56 38.43 47.81
C LEU B 770 -43.34 36.92 47.96
N LEU B 771 -42.76 36.27 46.93
CA LEU B 771 -42.48 34.82 46.91
C LEU B 771 -41.32 34.39 47.81
N MET B 772 -40.51 35.35 48.29
CA MET B 772 -39.41 35.05 49.23
C MET B 772 -39.94 34.59 50.62
N LYS B 773 -41.28 34.62 50.80
CA LYS B 773 -41.97 34.20 52.02
C LYS B 773 -42.82 32.93 51.79
N ALA B 774 -42.84 32.40 50.54
CA ALA B 774 -43.61 31.21 50.16
C ALA B 774 -42.64 30.02 50.24
N ASN B 775 -42.55 29.44 51.42
CA ASN B 775 -41.65 28.35 51.71
C ASN B 775 -41.62 27.15 50.74
N ASN B 776 -42.75 26.83 50.08
CA ASN B 776 -42.78 25.76 49.09
C ASN B 776 -42.11 26.12 47.73
N LEU B 777 -41.89 27.42 47.44
CA LEU B 777 -41.28 27.86 46.16
C LEU B 777 -39.76 28.09 46.26
N LEU B 778 -39.22 28.03 47.48
CA LEU B 778 -37.81 28.30 47.76
C LEU B 778 -36.96 27.03 47.81
N LYS B 779 -36.21 26.81 46.74
CA LYS B 779 -35.26 25.71 46.59
C LYS B 779 -34.25 26.13 45.55
N SER B 780 -32.99 25.90 45.84
CA SER B 780 -31.90 26.20 44.92
C SER B 780 -32.00 25.28 43.68
N SER B 781 -32.02 25.89 42.49
CA SER B 781 -32.03 25.14 41.22
C SER B 781 -30.67 24.41 41.06
N LEU B 782 -29.64 24.83 41.80
CA LEU B 782 -28.32 24.17 41.78
C LEU B 782 -28.41 22.78 42.42
N THR B 783 -29.21 22.66 43.48
CA THR B 783 -29.48 21.37 44.14
C THR B 783 -30.31 20.49 43.21
N GLU B 784 -31.35 21.09 42.58
CA GLU B 784 -32.23 20.38 41.64
C GLU B 784 -31.42 19.90 40.42
N THR B 785 -30.48 20.73 39.92
CA THR B 785 -29.62 20.36 38.79
C THR B 785 -28.77 19.15 39.16
N ARG B 786 -28.09 19.19 40.31
CA ARG B 786 -27.26 18.08 40.75
C ARG B 786 -28.09 16.78 40.87
N GLU B 787 -29.28 16.85 41.49
CA GLU B 787 -30.17 15.67 41.63
C GLU B 787 -30.53 15.08 40.26
N ALA B 788 -30.87 15.93 39.27
CA ALA B 788 -31.19 15.44 37.92
C ALA B 788 -29.92 14.85 37.23
N LEU B 789 -28.73 15.46 37.43
CA LEU B 789 -27.47 14.97 36.83
C LEU B 789 -27.08 13.60 37.34
N GLU B 790 -27.39 13.32 38.60
CA GLU B 790 -27.01 12.08 39.26
C GLU B 790 -28.07 10.98 39.20
N LYS B 791 -29.26 11.31 38.66
CA LYS B 791 -30.37 10.37 38.52
C LYS B 791 -29.97 9.14 37.66
N THR B 792 -30.27 7.93 38.16
CA THR B 792 -30.01 6.65 37.47
C THR B 792 -31.31 5.85 37.30
N LYS C 11 -35.66 -24.55 5.28
CA LYS C 11 -36.76 -25.46 5.61
C LYS C 11 -38.14 -24.87 5.35
N ALA C 12 -39.00 -25.65 4.67
CA ALA C 12 -40.34 -25.24 4.33
C ALA C 12 -41.39 -26.26 4.77
N SER C 13 -42.64 -25.83 4.86
CA SER C 13 -43.72 -26.73 5.24
C SER C 13 -44.04 -27.70 4.09
N ILE C 14 -44.63 -28.86 4.43
CA ILE C 14 -45.05 -29.88 3.45
C ILE C 14 -46.04 -29.28 2.42
N LEU C 15 -46.90 -28.35 2.87
CA LEU C 15 -47.87 -27.65 2.03
C LEU C 15 -47.15 -26.88 0.91
N THR C 16 -46.08 -26.12 1.26
CA THR C 16 -45.24 -25.37 0.32
C THR C 16 -44.55 -26.36 -0.63
N ALA C 17 -43.96 -27.45 -0.08
CA ALA C 17 -43.28 -28.50 -0.85
C ALA C 17 -44.22 -29.18 -1.86
N LEU C 18 -45.51 -29.42 -1.48
CA LEU C 18 -46.52 -30.00 -2.38
C LEU C 18 -46.82 -29.09 -3.57
N MET C 19 -46.84 -27.76 -3.35
CA MET C 19 -47.13 -26.73 -4.36
C MET C 19 -45.85 -26.16 -4.96
N ILE C 31 -36.93 -6.62 -11.80
CA ILE C 31 -37.59 -6.57 -13.10
C ILE C 31 -39.00 -5.96 -12.99
N PRO C 32 -39.31 -4.91 -13.79
CA PRO C 32 -40.67 -4.31 -13.72
C PRO C 32 -41.74 -5.31 -14.09
N LYS C 33 -42.93 -5.23 -13.45
CA LYS C 33 -44.05 -6.13 -13.74
C LYS C 33 -44.64 -5.80 -15.12
N ARG C 34 -45.28 -6.78 -15.80
CA ARG C 34 -45.87 -6.55 -17.11
C ARG C 34 -47.04 -5.57 -17.00
N PHE C 35 -47.16 -4.69 -17.99
CA PHE C 35 -48.27 -3.75 -18.01
C PHE C 35 -49.55 -4.48 -18.47
N ARG C 36 -50.63 -4.31 -17.70
CA ARG C 36 -51.93 -4.88 -18.02
C ARG C 36 -52.88 -3.70 -18.28
N PRO C 37 -53.26 -3.44 -19.56
CA PRO C 37 -54.19 -2.33 -19.84
C PRO C 37 -55.49 -2.47 -19.03
N ALA C 38 -56.08 -1.35 -18.63
CA ALA C 38 -57.34 -1.33 -17.90
C ALA C 38 -58.45 -1.79 -18.84
N LYS C 39 -59.61 -2.22 -18.27
CA LYS C 39 -60.80 -2.56 -19.06
C LYS C 39 -61.19 -1.28 -19.81
N ASP C 40 -61.61 -1.43 -21.06
CA ASP C 40 -61.95 -0.28 -21.89
C ASP C 40 -63.47 -0.07 -21.93
N PRO C 41 -63.98 1.00 -21.28
CA PRO C 41 -65.46 1.22 -21.31
C PRO C 41 -65.99 1.65 -22.68
N LEU C 42 -65.11 2.06 -23.62
CA LEU C 42 -65.56 2.50 -24.95
C LEU C 42 -65.45 1.40 -26.03
N ASP C 43 -65.29 0.14 -25.61
CA ASP C 43 -65.15 -1.01 -26.51
C ASP C 43 -66.47 -1.54 -27.11
N SER C 44 -67.54 -0.76 -27.08
CA SER C 44 -68.82 -1.16 -27.68
C SER C 44 -69.30 -0.01 -28.55
N PRO C 45 -70.07 -0.29 -29.64
CA PRO C 45 -70.55 0.80 -30.50
C PRO C 45 -71.38 1.87 -29.79
N GLN C 46 -72.24 1.45 -28.83
CA GLN C 46 -73.13 2.35 -28.08
C GLN C 46 -72.32 3.32 -27.22
N ALA C 47 -71.34 2.79 -26.46
CA ALA C 47 -70.50 3.61 -25.60
C ALA C 47 -69.57 4.54 -26.44
N ALA C 48 -69.01 4.03 -27.54
CA ALA C 48 -68.16 4.84 -28.43
C ALA C 48 -68.95 5.97 -29.13
N ALA C 49 -70.17 5.67 -29.68
CA ALA C 49 -71.02 6.67 -30.32
C ALA C 49 -71.44 7.78 -29.32
N GLN C 50 -71.80 7.38 -28.09
CA GLN C 50 -72.19 8.34 -27.04
C GLN C 50 -71.00 9.27 -26.68
N PHE C 51 -69.80 8.69 -26.55
CA PHE C 51 -68.57 9.45 -26.27
C PHE C 51 -68.30 10.49 -27.37
N LEU C 52 -68.44 10.09 -28.64
CA LEU C 52 -68.23 10.99 -29.78
C LEU C 52 -69.27 12.09 -29.84
N LYS C 53 -70.55 11.72 -29.60
CA LYS C 53 -71.66 12.69 -29.57
C LYS C 53 -71.46 13.72 -28.45
N ASP C 54 -71.06 13.27 -27.22
CA ASP C 54 -70.77 14.14 -26.07
C ASP C 54 -69.65 15.12 -26.38
N ASN C 55 -68.73 14.73 -27.28
CA ASN C 55 -67.59 15.57 -27.65
C ASN C 55 -67.78 16.29 -28.99
N LYS C 56 -69.02 16.34 -29.53
CA LYS C 56 -69.37 17.04 -30.80
C LYS C 56 -68.56 16.56 -32.03
N TYR C 57 -68.21 15.27 -32.04
CA TYR C 57 -67.45 14.68 -33.14
C TYR C 57 -68.50 14.13 -34.11
N ARG C 58 -68.43 14.52 -35.39
CA ARG C 58 -69.42 14.10 -36.40
C ARG C 58 -69.41 12.59 -36.75
N ILE C 59 -70.55 11.95 -36.61
CA ILE C 59 -70.82 10.55 -36.97
C ILE C 59 -71.68 10.65 -38.22
N LEU C 60 -71.27 9.99 -39.33
CA LEU C 60 -72.09 10.05 -40.54
C LEU C 60 -73.30 9.13 -40.44
N ARG C 61 -74.33 9.42 -41.24
CA ARG C 61 -75.46 8.52 -41.41
C ARG C 61 -74.83 7.34 -42.18
N PRO C 62 -74.91 6.08 -41.67
CA PRO C 62 -74.16 4.98 -42.31
C PRO C 62 -74.61 4.62 -43.72
N ARG C 63 -73.65 4.24 -44.55
CA ARG C 63 -73.89 3.81 -45.91
C ARG C 63 -73.62 2.30 -45.98
N ALA C 64 -74.34 1.64 -46.89
CA ALA C 64 -74.30 0.18 -47.05
C ALA C 64 -73.55 -0.22 -48.32
N ILE C 65 -72.99 -1.45 -48.30
CA ILE C 65 -72.23 -1.98 -49.44
C ILE C 65 -72.95 -3.22 -49.97
N PRO C 66 -73.16 -3.32 -51.31
CA PRO C 66 -73.79 -4.53 -51.85
C PRO C 66 -72.96 -5.78 -51.56
N THR C 67 -73.64 -6.92 -51.43
CA THR C 67 -72.96 -8.20 -51.19
C THR C 67 -72.12 -8.58 -52.43
N MET C 68 -71.14 -9.47 -52.23
CA MET C 68 -70.25 -9.92 -53.29
C MET C 68 -70.95 -10.87 -54.25
N VAL C 69 -70.61 -10.73 -55.53
CA VAL C 69 -71.07 -11.56 -56.63
C VAL C 69 -69.80 -12.09 -57.33
N GLU C 70 -69.80 -13.38 -57.70
CA GLU C 70 -68.66 -13.99 -58.41
C GLU C 70 -68.82 -13.74 -59.92
N LEU C 71 -67.78 -13.13 -60.54
CA LEU C 71 -67.75 -12.90 -61.99
C LEU C 71 -66.56 -13.66 -62.56
N GLU C 72 -66.59 -13.98 -63.85
CA GLU C 72 -65.46 -14.64 -64.53
C GLU C 72 -64.36 -13.60 -64.70
N THR C 73 -63.12 -13.94 -64.28
CA THR C 73 -61.96 -13.06 -64.40
C THR C 73 -61.72 -12.62 -65.84
N ASP C 74 -61.83 -13.53 -66.82
CA ASP C 74 -61.62 -13.17 -68.22
C ASP C 74 -62.67 -12.26 -68.83
N ALA C 75 -63.87 -12.19 -68.22
CA ALA C 75 -64.90 -11.26 -68.66
C ALA C 75 -64.65 -9.89 -68.00
N ALA C 76 -64.32 -9.88 -66.69
CA ALA C 76 -64.07 -8.65 -65.92
C ALA C 76 -62.72 -8.01 -66.24
N LEU C 77 -61.69 -8.83 -66.50
CA LEU C 77 -60.33 -8.38 -66.82
C LEU C 77 -59.88 -9.01 -68.15
N PRO C 78 -60.45 -8.59 -69.31
CA PRO C 78 -60.08 -9.22 -70.60
C PRO C 78 -58.61 -9.18 -70.96
N ARG C 79 -57.88 -8.15 -70.47
CA ARG C 79 -56.44 -7.97 -70.71
C ARG C 79 -55.62 -9.07 -70.06
N LEU C 80 -56.20 -9.75 -69.07
CA LEU C 80 -55.52 -10.82 -68.33
C LEU C 80 -55.98 -12.25 -68.67
N ARG C 81 -56.67 -12.45 -69.82
CA ARG C 81 -57.18 -13.76 -70.28
C ARG C 81 -56.12 -14.88 -70.28
N GLN C 82 -54.92 -14.57 -70.79
CA GLN C 82 -53.80 -15.52 -70.88
C GLN C 82 -53.31 -15.96 -69.50
N MET C 83 -53.34 -15.03 -68.50
CA MET C 83 -52.94 -15.34 -67.13
C MET C 83 -53.87 -16.36 -66.48
N VAL C 84 -55.18 -16.28 -66.80
CA VAL C 84 -56.21 -17.21 -66.32
C VAL C 84 -55.94 -18.59 -66.98
N GLU C 85 -55.80 -18.61 -68.33
CA GLU C 85 -55.51 -19.79 -69.16
C GLU C 85 -54.25 -20.53 -68.68
N ASP C 86 -53.18 -19.80 -68.32
CA ASP C 86 -51.93 -20.37 -67.83
C ASP C 86 -52.00 -20.83 -66.36
N GLY C 87 -53.17 -20.64 -65.73
CA GLY C 87 -53.39 -21.00 -64.33
C GLY C 87 -52.62 -20.15 -63.34
N LYS C 88 -52.20 -18.94 -63.76
CA LYS C 88 -51.43 -18.04 -62.89
C LYS C 88 -52.32 -17.00 -62.18
N LEU C 89 -53.59 -16.91 -62.59
CA LEU C 89 -54.59 -16.00 -62.03
C LEU C 89 -55.91 -16.73 -61.88
N LYS C 90 -56.55 -16.63 -60.68
CA LYS C 90 -57.85 -17.23 -60.35
C LYS C 90 -58.90 -16.86 -61.38
N ASP C 91 -59.72 -17.85 -61.78
CA ASP C 91 -60.74 -17.72 -62.82
C ASP C 91 -62.00 -16.95 -62.44
N THR C 92 -62.17 -16.61 -61.15
CA THR C 92 -63.31 -15.79 -60.70
C THR C 92 -62.85 -14.61 -59.87
N VAL C 93 -63.60 -13.51 -59.90
CA VAL C 93 -63.38 -12.31 -59.08
C VAL C 93 -64.68 -12.04 -58.29
N SER C 94 -64.55 -11.63 -57.03
CA SER C 94 -65.69 -11.34 -56.17
C SER C 94 -65.90 -9.83 -56.11
N VAL C 95 -67.01 -9.31 -56.69
CA VAL C 95 -67.30 -7.86 -56.77
C VAL C 95 -68.60 -7.41 -56.08
N PRO C 96 -68.64 -6.19 -55.46
CA PRO C 96 -69.86 -5.78 -54.74
C PRO C 96 -71.00 -5.34 -55.64
N GLU C 97 -71.69 -6.32 -56.24
CA GLU C 97 -72.80 -6.07 -57.16
C GLU C 97 -74.06 -6.82 -56.77
N GLY C 98 -74.12 -7.34 -55.55
CA GLY C 98 -75.29 -8.09 -55.07
C GLY C 98 -76.56 -7.27 -54.97
N THR C 99 -77.71 -7.96 -54.89
CA THR C 99 -79.03 -7.31 -54.82
C THR C 99 -79.33 -6.72 -53.43
N THR C 100 -78.54 -7.13 -52.41
CA THR C 100 -78.74 -6.70 -51.02
C THR C 100 -77.51 -5.99 -50.55
N ALA C 101 -77.69 -4.89 -49.82
CA ALA C 101 -76.56 -4.13 -49.30
C ALA C 101 -76.59 -4.11 -47.79
N PHE C 102 -75.42 -4.19 -47.15
CA PHE C 102 -75.30 -4.20 -45.68
C PHE C 102 -74.26 -3.23 -45.18
N TYR C 103 -74.37 -2.85 -43.91
CA TYR C 103 -73.42 -1.91 -43.29
C TYR C 103 -72.15 -2.66 -42.93
N PRO C 104 -70.98 -2.11 -43.32
CA PRO C 104 -69.71 -2.78 -42.98
C PRO C 104 -69.34 -2.58 -41.50
N LYS C 105 -68.55 -3.52 -40.96
CA LYS C 105 -68.08 -3.49 -39.58
C LYS C 105 -66.61 -3.84 -39.58
N TYR C 106 -65.83 -3.08 -38.81
CA TYR C 106 -64.40 -3.31 -38.72
C TYR C 106 -63.97 -3.31 -37.25
N TYR C 107 -63.41 -4.44 -36.77
CA TYR C 107 -62.96 -4.59 -35.38
C TYR C 107 -61.47 -4.80 -35.34
N PRO C 108 -60.70 -3.77 -35.01
CA PRO C 108 -59.24 -3.97 -34.92
C PRO C 108 -58.80 -4.84 -33.73
N PHE C 109 -57.54 -5.29 -33.75
CA PHE C 109 -56.96 -6.07 -32.66
C PHE C 109 -56.18 -5.12 -31.79
N HIS C 110 -56.58 -5.03 -30.53
CA HIS C 110 -55.90 -4.17 -29.56
C HIS C 110 -55.13 -5.08 -28.62
N LYS C 111 -53.80 -5.05 -28.73
CA LYS C 111 -52.93 -5.91 -27.95
C LYS C 111 -51.71 -5.16 -27.41
N PRO C 112 -51.28 -5.46 -26.16
CA PRO C 112 -51.96 -6.33 -25.18
C PRO C 112 -53.27 -5.68 -24.72
N ASP C 113 -54.10 -6.43 -24.02
CA ASP C 113 -55.34 -5.88 -23.46
C ASP C 113 -55.56 -6.42 -22.04
N HIS C 114 -56.66 -6.02 -21.39
CA HIS C 114 -56.94 -6.47 -20.03
C HIS C 114 -56.97 -7.99 -19.87
N ASP C 115 -57.52 -8.70 -20.86
CA ASP C 115 -57.66 -10.16 -20.81
C ASP C 115 -56.46 -10.95 -21.35
N GLU C 116 -55.60 -10.31 -22.16
CA GLU C 116 -54.47 -11.00 -22.78
C GLU C 116 -53.18 -10.20 -22.72
N VAL C 117 -52.26 -10.64 -21.85
CA VAL C 117 -50.93 -10.06 -21.68
C VAL C 117 -49.99 -11.25 -21.96
N GLY C 118 -49.45 -11.31 -23.17
CA GLY C 118 -48.57 -12.39 -23.58
C GLY C 118 -47.27 -11.96 -24.22
N THR C 119 -46.78 -12.79 -25.14
CA THR C 119 -45.52 -12.56 -25.85
C THR C 119 -45.57 -11.31 -26.71
N PHE C 120 -46.76 -10.95 -27.24
CA PHE C 120 -46.89 -9.74 -28.05
C PHE C 120 -46.74 -8.51 -27.11
N GLY C 121 -45.82 -7.63 -27.47
CA GLY C 121 -45.50 -6.45 -26.67
C GLY C 121 -44.66 -6.74 -25.44
N ALA C 122 -44.06 -7.95 -25.35
CA ALA C 122 -43.20 -8.28 -24.20
C ALA C 122 -41.90 -7.44 -24.24
N PRO C 123 -41.49 -6.84 -23.10
CA PRO C 123 -40.21 -6.09 -23.09
C PRO C 123 -39.03 -7.07 -23.22
N ASP C 124 -37.86 -6.58 -23.67
CA ASP C 124 -36.72 -7.48 -23.78
C ASP C 124 -36.02 -7.62 -22.42
N ILE C 125 -36.54 -8.52 -21.56
CA ILE C 125 -36.02 -8.81 -20.22
C ILE C 125 -34.67 -9.51 -20.30
N THR C 126 -34.46 -10.34 -21.35
CA THR C 126 -33.19 -11.02 -21.57
C THR C 126 -32.09 -9.97 -21.78
N LEU C 127 -32.34 -8.96 -22.64
CA LEU C 127 -31.39 -7.88 -22.86
C LEU C 127 -31.13 -7.11 -21.55
N LEU C 128 -32.20 -6.79 -20.78
CA LEU C 128 -32.09 -6.09 -19.50
C LEU C 128 -31.12 -6.85 -18.55
N LYS C 129 -31.27 -8.19 -18.46
CA LYS C 129 -30.41 -9.02 -17.63
C LYS C 129 -28.96 -9.00 -18.14
N GLN C 130 -28.77 -9.11 -19.47
CA GLN C 130 -27.44 -9.05 -20.09
C GLN C 130 -26.76 -7.70 -19.86
N LEU C 131 -27.51 -6.59 -19.97
CA LEU C 131 -26.98 -5.23 -19.70
C LEU C 131 -26.51 -5.15 -18.26
N THR C 132 -27.26 -5.78 -17.33
CA THR C 132 -26.91 -5.83 -15.91
C THR C 132 -25.63 -6.63 -15.67
N PHE C 133 -25.53 -7.84 -16.26
CA PHE C 133 -24.34 -8.69 -16.14
C PHE C 133 -23.12 -7.95 -16.71
N PHE C 134 -23.25 -7.35 -17.91
CA PHE C 134 -22.11 -6.65 -18.51
C PHE C 134 -21.70 -5.37 -17.80
N LEU C 135 -22.64 -4.68 -17.15
CA LEU C 135 -22.31 -3.47 -16.39
C LEU C 135 -21.49 -3.83 -15.16
N LEU C 136 -21.81 -4.99 -14.53
CA LEU C 136 -21.03 -5.46 -13.38
C LEU C 136 -19.59 -5.79 -13.73
N GLU C 137 -19.32 -6.24 -14.96
CA GLU C 137 -17.98 -6.62 -15.42
C GLU C 137 -17.20 -5.49 -16.12
N ASN C 138 -17.86 -4.36 -16.44
CA ASN C 138 -17.21 -3.31 -17.22
C ASN C 138 -17.42 -1.94 -16.64
N ASP C 139 -16.33 -1.16 -16.58
CA ASP C 139 -16.42 0.20 -16.07
C ASP C 139 -16.64 1.20 -17.21
N PHE C 140 -17.85 1.18 -17.76
CA PHE C 140 -18.23 2.11 -18.80
C PHE C 140 -18.85 3.32 -18.11
N PRO C 141 -18.25 4.55 -18.23
CA PRO C 141 -18.86 5.71 -17.51
C PRO C 141 -20.33 6.00 -17.86
N THR C 142 -20.77 5.70 -19.10
CA THR C 142 -22.17 5.92 -19.53
C THR C 142 -23.05 4.67 -19.32
N GLY C 143 -22.43 3.56 -18.89
CA GLY C 143 -23.12 2.29 -18.62
C GLY C 143 -24.24 2.41 -17.60
N PRO C 144 -24.03 3.02 -16.40
CA PRO C 144 -25.13 3.16 -15.44
C PRO C 144 -26.36 3.88 -15.99
N GLU C 145 -26.14 4.96 -16.76
CA GLU C 145 -27.24 5.72 -17.37
C GLU C 145 -27.96 4.90 -18.45
N THR C 146 -27.22 4.09 -19.24
CA THR C 146 -27.85 3.24 -20.26
C THR C 146 -28.78 2.22 -19.59
N LEU C 147 -28.29 1.53 -18.54
CA LEU C 147 -29.09 0.54 -17.83
C LEU C 147 -30.35 1.20 -17.22
N ARG C 148 -30.18 2.36 -16.57
CA ARG C 148 -31.29 3.10 -15.96
C ARG C 148 -32.36 3.47 -17.01
N GLN C 149 -31.94 3.93 -18.19
CA GLN C 149 -32.83 4.32 -19.28
C GLN C 149 -33.59 3.15 -19.86
N VAL C 150 -32.93 1.99 -20.04
CA VAL C 150 -33.60 0.78 -20.55
C VAL C 150 -34.64 0.30 -19.53
N ARG C 151 -34.26 0.29 -18.24
CA ARG C 151 -35.15 -0.12 -17.14
C ARG C 151 -36.37 0.80 -17.08
N GLU C 152 -36.15 2.12 -17.18
CA GLU C 152 -37.20 3.14 -17.13
C GLU C 152 -38.14 3.00 -18.35
N ALA C 153 -37.59 2.73 -19.56
CA ALA C 153 -38.41 2.52 -20.77
C ALA C 153 -39.26 1.25 -20.63
N ILE C 154 -38.70 0.17 -20.03
CA ILE C 154 -39.47 -1.05 -19.78
C ILE C 154 -40.65 -0.77 -18.80
N ALA C 155 -40.37 -0.02 -17.73
CA ALA C 155 -41.36 0.32 -16.70
C ALA C 155 -42.42 1.35 -17.13
N THR C 156 -42.10 2.24 -18.07
CA THR C 156 -43.02 3.33 -18.45
C THR C 156 -43.66 3.21 -19.82
N LEU C 157 -43.07 2.44 -20.74
CA LEU C 157 -43.59 2.30 -22.09
C LEU C 157 -44.22 0.93 -22.31
N GLN C 158 -44.90 0.78 -23.45
CA GLN C 158 -45.53 -0.44 -23.86
C GLN C 158 -45.65 -0.46 -25.36
N TYR C 159 -45.06 -1.47 -26.01
CA TYR C 159 -45.24 -1.63 -27.44
C TYR C 159 -46.59 -2.37 -27.63
N GLY C 160 -47.40 -1.86 -28.54
CA GLY C 160 -48.67 -2.50 -28.82
C GLY C 160 -49.56 -1.64 -29.67
N SER C 161 -50.81 -2.07 -29.82
CA SER C 161 -51.75 -1.39 -30.68
C SER C 161 -52.85 -0.59 -29.96
N GLY C 162 -52.56 -0.16 -28.75
CA GLY C 162 -53.45 0.69 -27.98
C GLY C 162 -54.81 0.12 -27.67
N SER C 163 -55.84 0.98 -27.72
CA SER C 163 -57.20 0.61 -27.36
C SER C 163 -58.22 1.43 -28.14
N TYR C 164 -59.50 1.05 -28.04
CA TYR C 164 -60.60 1.82 -28.64
C TYR C 164 -60.60 3.23 -28.05
N SER C 165 -60.47 3.36 -26.70
CA SER C 165 -60.41 4.66 -26.02
C SER C 165 -59.27 5.53 -26.58
N GLY C 166 -58.10 4.93 -26.78
CA GLY C 166 -56.95 5.63 -27.34
C GLY C 166 -57.21 6.13 -28.74
N GLN C 167 -57.83 5.29 -29.59
CA GLN C 167 -58.17 5.64 -30.97
C GLN C 167 -59.19 6.77 -31.01
N LEU C 168 -60.22 6.69 -30.13
CA LEU C 168 -61.29 7.68 -30.06
C LEU C 168 -60.81 9.02 -29.52
N ASN C 169 -59.93 9.01 -28.49
CA ASN C 169 -59.34 10.23 -27.95
C ASN C 169 -58.42 10.87 -28.99
N ARG C 170 -57.72 10.05 -29.78
CA ARG C 170 -56.88 10.54 -30.86
C ARG C 170 -57.75 11.26 -31.92
N LEU C 171 -58.90 10.66 -32.30
CA LEU C 171 -59.82 11.31 -33.25
C LEU C 171 -60.26 12.70 -32.74
N LEU C 172 -60.53 12.84 -31.43
CA LEU C 172 -60.90 14.12 -30.84
C LEU C 172 -59.78 15.14 -30.96
N ALA C 173 -58.52 14.71 -30.77
CA ALA C 173 -57.35 15.60 -30.92
C ALA C 173 -57.22 16.06 -32.39
N MET C 174 -57.50 15.16 -33.36
CA MET C 174 -57.49 15.50 -34.81
C MET C 174 -58.56 16.54 -35.11
N LYS C 175 -59.79 16.36 -34.56
CA LYS C 175 -60.87 17.34 -34.73
C LYS C 175 -60.43 18.70 -34.13
N GLY C 176 -59.79 18.68 -32.96
CA GLY C 176 -59.31 19.88 -32.29
C GLY C 176 -58.31 20.65 -33.16
N VAL C 177 -57.39 19.93 -33.82
CA VAL C 177 -56.38 20.56 -34.70
C VAL C 177 -57.07 21.18 -35.94
N ALA C 178 -58.02 20.45 -36.52
CA ALA C 178 -58.74 20.90 -37.71
C ALA C 178 -59.71 22.04 -37.47
N THR C 179 -60.41 22.04 -36.31
CA THR C 179 -61.51 22.97 -36.11
C THR C 179 -61.50 23.75 -34.79
N GLY C 180 -60.56 23.47 -33.89
CA GLY C 180 -60.54 24.07 -32.55
C GLY C 180 -59.90 25.42 -32.43
N ARG C 181 -58.79 25.51 -31.66
CA ARG C 181 -58.07 26.76 -31.41
C ARG C 181 -57.59 27.49 -32.68
N ASN C 182 -57.20 26.71 -33.71
CA ASN C 182 -56.66 27.24 -34.95
C ASN C 182 -57.31 26.54 -36.15
N PRO C 183 -58.56 26.90 -36.52
CA PRO C 183 -59.22 26.19 -37.64
C PRO C 183 -58.44 26.21 -38.95
N ASN C 184 -58.55 25.13 -39.72
CA ASN C 184 -57.87 24.97 -41.01
C ASN C 184 -58.22 26.07 -42.00
N LYS C 185 -57.28 26.38 -42.90
CA LYS C 185 -57.50 27.38 -43.94
C LYS C 185 -57.07 26.79 -45.27
N THR C 186 -57.88 27.00 -46.30
CA THR C 186 -57.49 26.54 -47.63
C THR C 186 -56.29 27.43 -48.11
N PRO C 187 -55.42 26.96 -49.04
CA PRO C 187 -54.36 27.85 -49.58
C PRO C 187 -54.90 29.21 -50.09
N LYS C 188 -56.09 29.22 -50.74
CA LYS C 188 -56.75 30.43 -51.22
C LYS C 188 -56.96 31.43 -50.06
N THR C 189 -57.54 30.97 -48.92
CA THR C 189 -57.78 31.81 -47.74
C THR C 189 -56.45 32.41 -47.23
N VAL C 190 -55.36 31.61 -47.22
CA VAL C 190 -54.03 32.07 -46.80
C VAL C 190 -53.52 33.15 -47.77
N GLY C 191 -53.91 33.05 -49.04
CA GLY C 191 -53.58 34.03 -50.07
C GLY C 191 -52.82 33.52 -51.27
N TYR C 192 -52.79 32.18 -51.49
CA TYR C 192 -52.07 31.57 -52.62
C TYR C 192 -52.99 30.98 -53.65
N THR C 193 -52.71 31.20 -54.94
CA THR C 193 -53.44 30.52 -56.01
C THR C 193 -52.67 29.19 -56.23
N ASN C 194 -53.19 28.26 -57.04
CA ASN C 194 -52.52 27.01 -57.35
C ASN C 194 -51.18 27.23 -58.05
N GLU C 195 -51.11 28.23 -58.96
CA GLU C 195 -49.88 28.56 -59.67
C GLU C 195 -48.79 29.10 -58.72
N GLN C 196 -49.17 29.95 -57.76
CA GLN C 196 -48.23 30.48 -56.76
C GLN C 196 -47.68 29.34 -55.89
N LEU C 197 -48.54 28.38 -55.49
CA LEU C 197 -48.11 27.22 -54.73
C LEU C 197 -47.17 26.35 -55.55
N ALA C 198 -47.48 26.17 -56.84
CA ALA C 198 -46.63 25.40 -57.76
C ALA C 198 -45.23 26.03 -57.89
N LYS C 199 -45.16 27.38 -57.92
CA LYS C 199 -43.89 28.10 -57.99
C LYS C 199 -43.06 27.87 -56.71
N LEU C 200 -43.73 27.77 -55.55
CA LEU C 200 -43.05 27.46 -54.29
C LEU C 200 -42.55 26.01 -54.31
N LEU C 201 -43.42 25.08 -54.76
CA LEU C 201 -43.10 23.65 -54.83
C LEU C 201 -41.97 23.34 -55.82
N GLU C 202 -41.81 24.14 -56.90
CA GLU C 202 -40.66 23.96 -57.82
C GLU C 202 -39.35 24.07 -57.03
N GLN C 203 -39.37 24.85 -55.94
CA GLN C 203 -38.20 25.03 -55.07
C GLN C 203 -38.16 24.06 -53.90
N THR C 204 -39.30 23.83 -53.21
CA THR C 204 -39.35 22.99 -52.00
C THR C 204 -39.57 21.53 -52.25
N LEU C 205 -40.12 21.19 -53.42
CA LEU C 205 -40.35 19.80 -53.81
C LEU C 205 -40.06 19.67 -55.33
N PRO C 206 -38.81 19.89 -55.76
CA PRO C 206 -38.50 19.79 -57.20
C PRO C 206 -38.83 18.43 -57.75
N ILE C 207 -39.51 18.41 -58.91
CA ILE C 207 -39.88 17.14 -59.52
C ILE C 207 -39.43 17.08 -60.97
N ASN C 208 -39.19 15.85 -61.46
CA ASN C 208 -38.94 15.61 -62.87
C ASN C 208 -40.23 15.04 -63.43
N THR C 209 -40.34 14.93 -64.74
CA THR C 209 -41.54 14.31 -65.31
C THR C 209 -41.37 12.78 -65.18
N PRO C 210 -42.43 11.95 -65.28
CA PRO C 210 -42.20 10.49 -65.36
C PRO C 210 -41.32 10.19 -66.61
N LYS C 211 -40.72 8.99 -66.68
CA LYS C 211 -39.93 8.57 -67.85
C LYS C 211 -40.80 8.64 -69.11
N HIS C 212 -40.17 8.94 -70.23
CA HIS C 212 -40.89 9.07 -71.49
C HIS C 212 -41.58 7.79 -71.92
N GLU C 213 -41.03 6.63 -71.50
CA GLU C 213 -41.59 5.31 -71.75
C GLU C 213 -42.69 4.94 -70.75
N ASP C 214 -42.84 5.67 -69.62
CA ASP C 214 -43.92 5.41 -68.67
C ASP C 214 -45.24 5.84 -69.34
N PRO C 215 -46.30 5.01 -69.26
CA PRO C 215 -47.57 5.42 -69.88
C PRO C 215 -48.13 6.70 -69.27
N ASP C 216 -48.78 7.53 -70.12
CA ASP C 216 -49.50 8.73 -69.71
C ASP C 216 -50.72 8.31 -68.86
N LEU C 217 -51.39 9.29 -68.21
CA LEU C 217 -52.60 9.01 -67.43
C LEU C 217 -53.77 9.04 -68.41
N ARG C 218 -53.95 7.92 -69.14
CA ARG C 218 -54.97 7.83 -70.18
C ARG C 218 -55.74 6.51 -70.15
N TRP C 219 -55.34 5.58 -69.29
CA TRP C 219 -55.86 4.22 -69.32
C TRP C 219 -56.46 3.71 -68.03
N ALA C 220 -57.24 2.62 -68.15
CA ALA C 220 -57.75 1.88 -67.00
C ALA C 220 -56.52 1.13 -66.43
N PRO C 221 -56.35 1.03 -65.08
CA PRO C 221 -55.17 0.34 -64.53
C PRO C 221 -54.80 -1.02 -65.12
N SER C 222 -55.80 -1.91 -65.39
CA SER C 222 -55.50 -3.26 -65.91
C SER C 222 -54.82 -3.27 -67.29
N TRP C 223 -54.91 -2.17 -68.04
CA TRP C 223 -54.30 -2.02 -69.36
C TRP C 223 -52.79 -1.77 -69.27
N LEU C 224 -52.28 -1.52 -68.04
CA LEU C 224 -50.86 -1.27 -67.76
C LEU C 224 -50.13 -2.56 -67.39
N ILE C 225 -50.82 -3.71 -67.54
CA ILE C 225 -50.24 -5.02 -67.29
C ILE C 225 -49.99 -5.72 -68.62
N ASN C 226 -48.74 -6.07 -68.90
CA ASN C 226 -48.34 -6.76 -70.12
C ASN C 226 -47.96 -8.20 -69.73
N TYR C 227 -48.88 -9.15 -69.97
CA TYR C 227 -48.62 -10.56 -69.66
C TYR C 227 -48.89 -11.42 -70.90
N THR C 228 -47.92 -12.25 -71.32
CA THR C 228 -48.09 -13.22 -72.43
C THR C 228 -47.56 -14.60 -72.05
N GLY C 229 -46.68 -14.63 -71.05
CA GLY C 229 -46.00 -15.83 -70.56
C GLY C 229 -44.50 -15.73 -70.72
N ASP C 230 -44.03 -14.86 -71.64
CA ASP C 230 -42.62 -14.60 -71.94
C ASP C 230 -42.02 -13.75 -70.82
N LEU C 231 -41.19 -14.36 -69.96
CA LEU C 231 -40.57 -13.70 -68.81
C LEU C 231 -39.68 -12.47 -69.10
N SER C 232 -39.24 -12.31 -70.36
CA SER C 232 -38.39 -11.22 -70.81
C SER C 232 -39.20 -9.98 -71.19
N THR C 233 -40.47 -10.17 -71.58
CA THR C 233 -41.35 -9.06 -71.97
C THR C 233 -42.48 -8.77 -70.96
N ASP C 234 -42.80 -9.75 -70.06
CA ASP C 234 -43.85 -9.63 -69.05
C ASP C 234 -43.51 -8.53 -68.05
N LYS C 235 -44.40 -7.53 -67.95
CA LYS C 235 -44.21 -6.35 -67.13
C LYS C 235 -45.54 -5.70 -66.69
N SER C 236 -45.49 -5.03 -65.55
CA SER C 236 -46.57 -4.22 -65.03
C SER C 236 -46.02 -2.79 -64.95
N TYR C 237 -46.76 -1.82 -65.50
CA TYR C 237 -46.37 -0.41 -65.44
C TYR C 237 -47.08 0.28 -64.27
N LEU C 238 -47.73 -0.52 -63.42
CA LEU C 238 -48.47 -0.07 -62.25
C LEU C 238 -47.57 0.14 -61.05
N PRO C 239 -48.01 0.92 -60.03
CA PRO C 239 -47.18 1.03 -58.82
C PRO C 239 -47.05 -0.31 -58.09
N HIS C 240 -45.98 -0.46 -57.29
CA HIS C 240 -45.77 -1.66 -56.48
C HIS C 240 -46.59 -1.54 -55.21
N VAL C 241 -46.98 -2.67 -54.63
CA VAL C 241 -47.84 -2.70 -53.43
C VAL C 241 -47.27 -3.59 -52.32
N THR C 242 -47.75 -3.40 -51.09
CA THR C 242 -47.38 -4.23 -49.95
C THR C 242 -48.44 -5.33 -49.92
N ILE C 243 -48.07 -6.51 -50.39
CA ILE C 243 -48.93 -7.70 -50.50
C ILE C 243 -49.69 -8.06 -49.22
N LYS C 244 -49.00 -7.97 -48.07
CA LYS C 244 -49.54 -8.34 -46.76
C LYS C 244 -50.38 -7.23 -46.10
N SER C 245 -50.38 -6.02 -46.65
CA SER C 245 -51.17 -4.91 -46.09
C SER C 245 -52.66 -5.13 -46.35
N SER C 246 -53.49 -4.47 -45.57
CA SER C 246 -54.93 -4.57 -45.64
C SER C 246 -55.49 -4.12 -47.02
N ALA C 247 -56.48 -4.85 -47.54
CA ALA C 247 -57.16 -4.49 -48.78
C ALA C 247 -58.03 -3.22 -48.58
N GLY C 248 -58.50 -3.01 -47.34
CA GLY C 248 -59.45 -1.95 -47.00
C GLY C 248 -60.83 -2.30 -47.53
N LEU C 249 -61.77 -1.33 -47.47
CA LEU C 249 -63.11 -1.54 -48.05
C LEU C 249 -63.02 -1.76 -49.56
N PRO C 250 -63.86 -2.62 -50.16
CA PRO C 250 -64.94 -3.44 -49.55
C PRO C 250 -64.51 -4.85 -49.13
N TYR C 251 -63.24 -5.09 -48.81
CA TYR C 251 -62.73 -6.43 -48.47
C TYR C 251 -62.09 -6.47 -47.09
N ILE C 252 -62.91 -6.18 -46.07
CA ILE C 252 -62.46 -6.22 -44.66
C ILE C 252 -61.94 -7.63 -44.34
N GLY C 253 -60.78 -7.71 -43.70
CA GLY C 253 -60.19 -8.99 -43.31
C GLY C 253 -59.33 -9.65 -44.37
N LYS C 254 -59.21 -9.00 -45.55
CA LYS C 254 -58.38 -9.51 -46.64
C LYS C 254 -57.14 -8.66 -46.82
N THR C 255 -56.10 -9.23 -47.42
CA THR C 255 -54.85 -8.52 -47.74
C THR C 255 -54.91 -8.09 -49.20
N LYS C 256 -53.95 -7.25 -49.62
CA LYS C 256 -53.81 -6.84 -51.02
C LYS C 256 -53.50 -8.07 -51.92
N GLY C 257 -52.74 -9.02 -51.38
CA GLY C 257 -52.43 -10.29 -52.06
C GLY C 257 -53.65 -11.13 -52.39
N ASP C 258 -54.72 -11.04 -51.57
CA ASP C 258 -55.96 -11.79 -51.83
C ASP C 258 -56.90 -11.06 -52.76
N THR C 259 -56.67 -9.76 -53.02
CA THR C 259 -57.65 -8.91 -53.72
C THR C 259 -57.13 -8.06 -54.88
N THR C 260 -55.97 -8.41 -55.46
CA THR C 260 -55.40 -7.61 -56.55
C THR C 260 -56.30 -7.57 -57.79
N ALA C 261 -56.84 -8.71 -58.20
CA ALA C 261 -57.74 -8.75 -59.36
C ALA C 261 -59.01 -7.91 -59.10
N GLU C 262 -59.57 -8.01 -57.88
CA GLU C 262 -60.76 -7.26 -57.45
C GLU C 262 -60.46 -5.75 -57.46
N ALA C 263 -59.28 -5.35 -56.98
CA ALA C 263 -58.90 -3.95 -56.94
C ALA C 263 -58.78 -3.38 -58.34
N LEU C 264 -58.27 -4.18 -59.31
CA LEU C 264 -58.16 -3.77 -60.70
C LEU C 264 -59.53 -3.59 -61.31
N VAL C 265 -60.46 -4.52 -61.04
CA VAL C 265 -61.84 -4.44 -61.55
C VAL C 265 -62.51 -3.15 -61.03
N LEU C 266 -62.42 -2.89 -59.71
CA LEU C 266 -63.03 -1.72 -59.09
C LEU C 266 -62.39 -0.41 -59.55
N ALA C 267 -61.05 -0.36 -59.62
CA ALA C 267 -60.33 0.83 -60.08
C ALA C 267 -60.68 1.09 -61.57
N ASP C 268 -60.67 0.02 -62.43
CA ASP C 268 -61.07 0.19 -63.83
C ASP C 268 -62.51 0.73 -63.91
N SER C 269 -63.45 0.14 -63.14
CA SER C 269 -64.86 0.57 -63.17
C SER C 269 -65.05 1.99 -62.73
N PHE C 270 -64.38 2.39 -61.65
CA PHE C 270 -64.52 3.75 -61.14
C PHE C 270 -64.05 4.80 -62.16
N ILE C 271 -62.86 4.60 -62.74
CA ILE C 271 -62.32 5.53 -63.73
C ILE C 271 -63.16 5.54 -65.04
N ARG C 272 -63.61 4.37 -65.50
CA ARG C 272 -64.46 4.23 -66.68
C ARG C 272 -65.80 4.95 -66.48
N ASP C 273 -66.49 4.68 -65.35
CA ASP C 273 -67.79 5.30 -65.05
C ASP C 273 -67.69 6.80 -64.86
N LEU C 274 -66.60 7.28 -64.22
CA LEU C 274 -66.34 8.71 -64.01
C LEU C 274 -66.17 9.40 -65.36
N GLY C 275 -65.33 8.81 -66.23
CA GLY C 275 -65.05 9.33 -67.55
C GLY C 275 -66.28 9.44 -68.43
N ARG C 276 -67.13 8.38 -68.44
CA ARG C 276 -68.38 8.32 -69.21
C ARG C 276 -69.39 9.32 -68.67
N ALA C 277 -69.52 9.42 -67.33
CA ALA C 277 -70.45 10.37 -66.69
C ALA C 277 -70.07 11.82 -67.00
N ALA C 278 -68.76 12.14 -66.93
CA ALA C 278 -68.23 13.49 -67.15
C ALA C 278 -68.55 14.06 -68.55
N THR C 279 -68.66 13.20 -69.58
CA THR C 279 -68.97 13.63 -70.96
C THR C 279 -70.41 13.31 -71.38
N SER C 280 -71.26 12.85 -70.44
CA SER C 280 -72.66 12.49 -70.71
C SER C 280 -73.54 13.75 -70.87
N ALA C 281 -74.84 13.52 -71.20
CA ALA C 281 -75.86 14.56 -71.37
C ALA C 281 -76.13 15.31 -70.04
N ASP C 282 -75.89 14.65 -68.88
CA ASP C 282 -76.08 15.21 -67.55
C ASP C 282 -74.84 14.87 -66.66
N PRO C 283 -73.70 15.62 -66.82
CA PRO C 283 -72.48 15.29 -66.05
C PRO C 283 -72.65 15.34 -64.54
N GLU C 284 -73.44 16.30 -64.03
CA GLU C 284 -73.68 16.38 -62.58
C GLU C 284 -74.37 15.12 -62.04
N ALA C 285 -75.51 14.70 -62.67
CA ALA C 285 -76.24 13.52 -62.21
C ALA C 285 -75.39 12.25 -62.30
N GLY C 286 -74.67 12.08 -63.40
CA GLY C 286 -73.84 10.92 -63.66
C GLY C 286 -72.63 10.83 -62.76
N VAL C 287 -71.93 11.96 -62.55
CA VAL C 287 -70.73 12.01 -61.69
C VAL C 287 -71.12 11.75 -60.25
N LYS C 288 -72.18 12.40 -59.76
CA LYS C 288 -72.66 12.19 -58.40
C LYS C 288 -73.11 10.74 -58.18
N LYS C 289 -73.79 10.13 -59.17
CA LYS C 289 -74.24 8.75 -59.07
C LYS C 289 -73.04 7.79 -58.92
N THR C 290 -71.98 7.96 -59.75
CA THR C 290 -70.75 7.15 -59.70
C THR C 290 -70.08 7.26 -58.33
N ILE C 291 -69.97 8.49 -57.83
CA ILE C 291 -69.35 8.76 -56.54
C ILE C 291 -70.12 8.09 -55.39
N THR C 292 -71.46 8.20 -55.38
CA THR C 292 -72.34 7.57 -54.40
C THR C 292 -72.26 6.04 -54.51
N ASP C 293 -72.30 5.47 -55.75
CA ASP C 293 -72.16 4.02 -55.97
C ASP C 293 -70.82 3.47 -55.42
N PHE C 294 -69.76 4.27 -55.50
CA PHE C 294 -68.44 3.86 -55.02
C PHE C 294 -68.05 4.60 -53.75
N TRP C 295 -69.03 4.97 -52.90
CA TRP C 295 -68.76 5.74 -51.66
C TRP C 295 -67.63 5.15 -50.81
N TYR C 296 -67.58 3.79 -50.73
CA TYR C 296 -66.65 3.03 -49.87
C TYR C 296 -65.19 3.23 -50.25
N LEU C 297 -64.94 3.75 -51.47
CA LEU C 297 -63.59 4.10 -51.94
C LEU C 297 -63.03 5.33 -51.20
N SER C 298 -63.89 6.04 -50.44
CA SER C 298 -63.50 7.23 -49.68
C SER C 298 -63.51 6.97 -48.16
N CYS C 299 -63.69 5.72 -47.75
CA CYS C 299 -63.80 5.42 -46.33
C CYS C 299 -62.64 4.50 -45.89
N GLY C 300 -61.80 5.01 -44.98
CA GLY C 300 -60.66 4.25 -44.51
C GLY C 300 -60.94 3.43 -43.27
N LEU C 301 -60.36 2.22 -43.17
CA LEU C 301 -60.49 1.43 -41.93
C LEU C 301 -59.58 2.10 -40.92
N LEU C 302 -60.09 2.37 -39.71
CA LEU C 302 -59.28 3.07 -38.71
C LEU C 302 -58.44 2.06 -37.92
N PHE C 303 -57.28 1.74 -38.48
CA PHE C 303 -56.33 0.77 -37.96
C PHE C 303 -55.48 1.37 -36.82
N PRO C 304 -55.47 0.74 -35.62
CA PRO C 304 -54.61 1.27 -34.53
C PRO C 304 -53.14 0.94 -34.81
N LYS C 305 -52.30 1.96 -34.86
CA LYS C 305 -50.88 1.76 -35.17
C LYS C 305 -50.10 1.13 -33.97
N GLY C 306 -49.27 0.13 -34.27
CA GLY C 306 -48.39 -0.48 -33.30
C GLY C 306 -47.24 0.47 -32.99
N GLU C 307 -47.14 0.93 -31.74
CA GLU C 307 -46.08 1.86 -31.31
C GLU C 307 -45.69 1.61 -29.88
N ARG C 308 -44.61 2.29 -29.43
CA ARG C 308 -44.19 2.25 -28.03
C ARG C 308 -44.92 3.39 -27.34
N TYR C 309 -46.13 3.11 -26.89
CA TYR C 309 -46.93 4.10 -26.20
C TYR C 309 -46.49 4.21 -24.74
N THR C 310 -46.84 5.34 -24.09
CA THR C 310 -46.60 5.54 -22.67
C THR C 310 -47.73 4.77 -21.96
N GLN C 311 -47.39 3.95 -20.94
CA GLN C 311 -48.37 3.16 -20.20
C GLN C 311 -49.48 4.00 -19.59
N VAL C 312 -49.13 5.13 -18.92
CA VAL C 312 -50.12 6.02 -18.29
C VAL C 312 -51.09 6.67 -19.27
N ASP C 313 -50.68 6.82 -20.54
CA ASP C 313 -51.50 7.43 -21.59
C ASP C 313 -52.06 6.41 -22.57
N TRP C 314 -52.01 5.09 -22.26
CA TRP C 314 -52.49 4.00 -23.14
C TRP C 314 -53.89 4.26 -23.73
N ASP C 315 -54.85 4.69 -22.89
CA ASP C 315 -56.23 4.95 -23.28
C ASP C 315 -56.50 6.39 -23.73
N LYS C 316 -55.46 7.25 -23.74
CA LYS C 316 -55.59 8.66 -24.10
C LYS C 316 -55.12 8.91 -25.52
N LYS C 317 -54.28 8.03 -26.06
CA LYS C 317 -53.72 8.24 -27.38
C LYS C 317 -53.25 6.96 -28.02
N THR C 318 -53.89 6.60 -29.11
CA THR C 318 -53.46 5.52 -29.99
C THR C 318 -53.40 6.18 -31.36
N ARG C 319 -52.26 6.11 -32.05
CA ARG C 319 -52.18 6.67 -33.41
C ARG C 319 -52.93 5.77 -34.36
N ASN C 320 -53.55 6.36 -35.36
CA ASN C 320 -54.34 5.61 -36.34
C ASN C 320 -53.72 5.64 -37.71
N ILE C 321 -53.90 4.55 -38.46
CA ILE C 321 -53.57 4.47 -39.87
C ILE C 321 -54.94 4.43 -40.57
N TRP C 322 -55.21 5.41 -41.43
CA TRP C 322 -56.42 5.46 -42.23
C TRP C 322 -56.13 4.49 -43.38
N SER C 323 -56.67 3.26 -43.30
CA SER C 323 -56.37 2.22 -44.29
C SER C 323 -57.24 2.37 -45.50
N ALA C 324 -56.64 2.93 -46.54
CA ALA C 324 -57.28 3.25 -47.80
C ALA C 324 -57.76 2.05 -48.56
N PRO C 325 -58.95 2.16 -49.17
CA PRO C 325 -59.40 1.08 -50.06
C PRO C 325 -58.33 0.87 -51.16
N TYR C 326 -57.99 -0.38 -51.42
CA TYR C 326 -57.00 -0.78 -52.44
C TYR C 326 -57.25 -0.07 -53.81
N PRO C 327 -58.49 0.00 -54.38
CA PRO C 327 -58.64 0.68 -55.69
C PRO C 327 -58.25 2.16 -55.66
N THR C 328 -58.57 2.85 -54.54
CA THR C 328 -58.23 4.27 -54.33
C THR C 328 -56.71 4.43 -54.24
N HIS C 329 -56.07 3.56 -53.45
CA HIS C 329 -54.61 3.55 -53.29
C HIS C 329 -53.93 3.39 -54.66
N LEU C 330 -54.44 2.47 -55.47
CA LEU C 330 -53.92 2.21 -56.80
C LEU C 330 -54.06 3.42 -57.74
N LEU C 331 -55.26 4.03 -57.81
CA LEU C 331 -55.51 5.18 -58.67
C LEU C 331 -54.67 6.40 -58.27
N LEU C 332 -54.58 6.70 -56.96
CA LEU C 332 -53.75 7.80 -56.46
C LEU C 332 -52.28 7.56 -56.76
N SER C 333 -51.79 6.35 -56.51
CA SER C 333 -50.38 5.98 -56.72
C SER C 333 -49.97 6.04 -58.18
N MET C 334 -50.91 5.83 -59.11
CA MET C 334 -50.65 5.94 -60.55
C MET C 334 -50.30 7.41 -60.93
N VAL C 335 -50.80 8.37 -60.16
CA VAL C 335 -50.55 9.80 -60.41
C VAL C 335 -49.21 10.21 -59.76
N SER C 336 -49.01 9.84 -58.50
CA SER C 336 -47.83 10.25 -57.74
C SER C 336 -46.52 9.48 -58.01
N THR C 337 -46.56 8.15 -57.97
CA THR C 337 -45.36 7.31 -58.05
C THR C 337 -44.50 7.46 -59.31
N PRO C 338 -45.04 7.55 -60.56
CA PRO C 338 -44.14 7.71 -61.72
C PRO C 338 -43.36 9.03 -61.68
N VAL C 339 -43.95 10.05 -61.04
CA VAL C 339 -43.29 11.36 -60.88
C VAL C 339 -42.23 11.24 -59.77
N MET C 340 -42.66 10.78 -58.58
CA MET C 340 -41.78 10.70 -57.41
C MET C 340 -40.59 9.76 -57.58
N ASN C 341 -40.75 8.66 -58.35
CA ASN C 341 -39.67 7.71 -58.64
C ASN C 341 -38.52 8.37 -59.42
N GLU C 342 -38.82 9.45 -60.17
CA GLU C 342 -37.86 10.22 -60.99
C GLU C 342 -37.41 11.50 -60.26
N SER C 343 -37.84 11.70 -59.02
CA SER C 343 -37.64 12.96 -58.30
C SER C 343 -37.04 12.82 -56.88
N LYS C 344 -35.97 11.99 -56.73
CA LYS C 344 -35.28 11.83 -55.42
C LYS C 344 -34.28 12.98 -55.31
N LEU C 345 -34.83 14.19 -55.26
CA LEU C 345 -34.08 15.43 -55.29
C LEU C 345 -34.19 16.07 -53.93
N ASN C 346 -33.03 16.25 -53.28
CA ASN C 346 -33.00 16.84 -51.95
C ASN C 346 -31.74 17.70 -51.80
N ILE C 347 -31.64 18.39 -50.66
CA ILE C 347 -30.55 19.31 -50.33
C ILE C 347 -29.12 18.70 -50.50
N THR C 348 -28.98 17.36 -50.40
CA THR C 348 -27.65 16.73 -50.54
C THR C 348 -27.22 16.56 -52.00
N ASN C 349 -28.17 16.66 -52.95
CA ASN C 349 -27.81 16.48 -54.36
C ASN C 349 -28.38 17.61 -55.26
N THR C 350 -29.16 18.54 -54.68
CA THR C 350 -29.83 19.61 -55.46
C THR C 350 -29.92 20.83 -54.58
N GLN C 351 -29.99 22.01 -55.19
CA GLN C 351 -30.13 23.28 -54.48
C GLN C 351 -31.62 23.51 -54.17
N THR C 352 -32.07 22.85 -53.11
CA THR C 352 -33.45 22.86 -52.64
C THR C 352 -33.48 22.67 -51.10
N PRO C 353 -34.47 23.22 -50.36
CA PRO C 353 -34.59 22.87 -48.92
C PRO C 353 -35.16 21.44 -48.70
N SER C 354 -35.68 20.80 -49.75
CA SER C 354 -36.28 19.47 -49.61
C SER C 354 -35.35 18.39 -49.06
N LEU C 355 -35.90 17.50 -48.23
CA LEU C 355 -35.17 16.35 -47.70
C LEU C 355 -35.76 15.07 -48.31
N TYR C 356 -36.64 15.19 -49.34
CA TYR C 356 -37.25 14.00 -49.97
C TYR C 356 -36.20 12.97 -50.46
N GLY C 357 -36.38 11.71 -50.07
CA GLY C 357 -35.47 10.63 -50.46
C GLY C 357 -34.14 10.66 -49.69
N PHE C 358 -34.00 11.52 -48.66
CA PHE C 358 -32.74 11.63 -47.91
C PHE C 358 -32.44 10.36 -47.12
N SER C 359 -31.18 9.95 -47.14
CA SER C 359 -30.70 8.88 -46.28
C SER C 359 -29.47 9.44 -45.57
N PRO C 360 -29.32 9.28 -44.22
CA PRO C 360 -28.09 9.77 -43.55
C PRO C 360 -26.89 8.86 -43.79
N PHE C 361 -27.14 7.66 -44.35
CA PHE C 361 -26.10 6.70 -44.65
C PHE C 361 -25.41 7.03 -45.96
N HIS C 362 -24.29 6.33 -46.26
CA HIS C 362 -23.51 6.54 -47.49
C HIS C 362 -23.07 8.00 -47.69
N GLY C 363 -22.74 8.66 -46.58
CA GLY C 363 -22.25 10.04 -46.55
C GLY C 363 -23.30 11.12 -46.45
N GLY C 364 -24.58 10.73 -46.36
CA GLY C 364 -25.68 11.69 -46.30
C GLY C 364 -25.60 12.65 -45.13
N MET C 365 -25.35 12.12 -43.90
CA MET C 365 -25.25 12.98 -42.71
C MET C 365 -24.08 13.96 -42.83
N ASP C 366 -22.94 13.51 -43.38
CA ASP C 366 -21.80 14.39 -43.55
C ASP C 366 -22.08 15.51 -44.58
N ARG C 367 -22.90 15.20 -45.62
CA ARG C 367 -23.28 16.23 -46.60
C ARG C 367 -24.13 17.28 -45.88
N ILE C 368 -25.08 16.86 -45.03
CA ILE C 368 -25.91 17.78 -44.23
C ILE C 368 -25.03 18.66 -43.32
N MET C 369 -24.07 18.02 -42.64
CA MET C 369 -23.14 18.73 -41.73
C MET C 369 -22.28 19.75 -42.46
N THR C 370 -21.89 19.45 -43.71
CA THR C 370 -21.13 20.38 -44.55
C THR C 370 -21.99 21.61 -44.89
N ILE C 371 -23.27 21.39 -45.26
CA ILE C 371 -24.22 22.47 -45.57
C ILE C 371 -24.45 23.34 -44.32
N ILE C 372 -24.65 22.69 -43.16
CA ILE C 372 -24.86 23.40 -41.88
C ILE C 372 -23.61 24.27 -41.56
N ARG C 373 -22.42 23.66 -41.66
CA ARG C 373 -21.16 24.35 -41.36
C ARG C 373 -20.89 25.52 -42.28
N ASP C 374 -21.18 25.36 -43.60
CA ASP C 374 -21.04 26.45 -44.57
C ASP C 374 -22.03 27.57 -44.27
N SER C 375 -23.28 27.23 -43.87
CA SER C 375 -24.28 28.25 -43.49
C SER C 375 -23.81 29.04 -42.28
N LEU C 376 -23.28 28.34 -41.26
CA LEU C 376 -22.75 28.98 -40.05
C LEU C 376 -21.57 29.90 -40.37
N ASP C 377 -20.64 29.46 -41.24
CA ASP C 377 -19.46 30.23 -41.65
C ASP C 377 -19.84 31.47 -42.43
N ASN C 378 -20.89 31.40 -43.26
CA ASN C 378 -21.32 32.50 -44.11
C ASN C 378 -22.41 33.35 -43.47
N ASP C 379 -22.75 33.09 -42.19
CA ASP C 379 -23.79 33.78 -41.43
C ASP C 379 -25.14 33.77 -42.18
N GLU C 380 -25.50 32.62 -42.76
CA GLU C 380 -26.73 32.46 -43.54
C GLU C 380 -27.75 31.60 -42.80
N ASP C 381 -29.03 31.94 -42.96
CA ASP C 381 -30.14 31.16 -42.42
C ASP C 381 -30.30 29.96 -43.33
N LEU C 382 -30.82 28.89 -42.79
CA LEU C 382 -31.01 27.67 -43.56
C LEU C 382 -32.34 27.05 -43.17
N VAL C 383 -33.06 26.50 -44.15
CA VAL C 383 -34.32 25.82 -43.94
C VAL C 383 -34.30 24.50 -44.70
N MET C 384 -34.86 23.45 -44.09
CA MET C 384 -35.02 22.14 -44.72
C MET C 384 -36.45 21.65 -44.44
N ILE C 385 -37.04 20.93 -45.41
CA ILE C 385 -38.43 20.46 -45.27
C ILE C 385 -38.54 18.95 -45.58
N TYR C 386 -39.27 18.22 -44.74
CA TYR C 386 -39.56 16.81 -44.96
C TYR C 386 -40.95 16.56 -44.47
N ALA C 387 -41.93 16.48 -45.38
CA ALA C 387 -43.35 16.27 -45.03
C ALA C 387 -43.75 17.25 -43.92
N ASP C 388 -44.21 16.76 -42.75
CA ASP C 388 -44.63 17.61 -41.63
C ASP C 388 -43.46 18.08 -40.71
N ASN C 389 -42.21 17.94 -41.17
CA ASN C 389 -41.03 18.38 -40.40
C ASN C 389 -40.38 19.57 -41.08
N ILE C 390 -40.03 20.58 -40.28
CA ILE C 390 -39.34 21.77 -40.74
C ILE C 390 -38.10 21.91 -39.87
N TYR C 391 -36.96 22.18 -40.49
CA TYR C 391 -35.71 22.42 -39.78
C TYR C 391 -35.24 23.81 -40.13
N ILE C 392 -34.98 24.61 -39.12
CA ILE C 392 -34.49 25.97 -39.32
C ILE C 392 -33.18 26.17 -38.57
N LEU C 393 -32.19 26.71 -39.28
CA LEU C 393 -30.95 27.12 -38.71
C LEU C 393 -30.95 28.66 -38.77
N GLN C 394 -30.96 29.32 -37.61
CA GLN C 394 -30.85 30.78 -37.52
C GLN C 394 -30.32 31.20 -36.17
N ASP C 395 -29.57 32.31 -36.12
CA ASP C 395 -29.01 32.86 -34.88
C ASP C 395 -28.22 31.78 -34.11
N ASN C 396 -27.33 31.05 -34.83
CA ASN C 396 -26.48 30.00 -34.25
C ASN C 396 -27.28 28.95 -33.44
N THR C 397 -28.49 28.64 -33.92
CA THR C 397 -29.42 27.71 -33.26
C THR C 397 -30.10 26.82 -34.29
N TRP C 398 -30.25 25.52 -33.97
CA TRP C 398 -30.94 24.56 -34.80
C TRP C 398 -32.33 24.33 -34.21
N TYR C 399 -33.36 24.51 -35.03
CA TYR C 399 -34.75 24.31 -34.59
C TYR C 399 -35.37 23.16 -35.36
N SER C 400 -35.95 22.22 -34.65
CA SER C 400 -36.69 21.12 -35.24
C SER C 400 -38.15 21.44 -34.93
N ILE C 401 -38.93 21.67 -35.99
CA ILE C 401 -40.34 22.05 -35.90
C ILE C 401 -41.21 20.97 -36.50
N ASP C 402 -42.34 20.68 -35.87
CA ASP C 402 -43.28 19.71 -36.41
C ASP C 402 -44.61 20.36 -36.55
N LEU C 403 -45.35 20.00 -37.60
CA LEU C 403 -46.74 20.41 -37.68
C LEU C 403 -47.43 19.60 -36.55
N GLU C 404 -48.39 20.19 -35.86
CA GLU C 404 -49.07 19.50 -34.78
C GLU C 404 -50.12 18.59 -35.41
N LYS C 405 -49.94 17.25 -35.25
CA LYS C 405 -50.81 16.20 -35.85
C LYS C 405 -51.07 16.59 -37.31
N GLY C 406 -49.97 16.76 -38.05
CA GLY C 406 -49.90 17.28 -39.42
C GLY C 406 -51.11 17.09 -40.31
N GLU C 407 -51.50 15.81 -40.48
CA GLU C 407 -52.62 15.36 -41.33
C GLU C 407 -53.94 16.07 -41.05
N ALA C 408 -54.22 16.40 -39.79
CA ALA C 408 -55.45 17.07 -39.34
C ALA C 408 -55.60 18.49 -39.87
N ASN C 409 -54.49 19.12 -40.32
CA ASN C 409 -54.49 20.50 -40.86
C ASN C 409 -54.84 20.56 -42.34
N CYS C 410 -54.83 19.41 -43.01
CA CYS C 410 -55.05 19.31 -44.45
C CYS C 410 -56.49 19.57 -44.86
N THR C 411 -56.70 20.38 -45.89
CA THR C 411 -58.01 20.62 -46.47
C THR C 411 -57.99 19.90 -47.83
N PRO C 412 -59.16 19.55 -48.42
CA PRO C 412 -59.14 18.93 -49.77
C PRO C 412 -58.43 19.84 -50.80
N GLN C 413 -58.48 21.18 -50.60
CA GLN C 413 -57.81 22.19 -51.44
C GLN C 413 -56.29 22.11 -51.38
N HIS C 414 -55.71 21.66 -50.25
CA HIS C 414 -54.24 21.46 -50.18
C HIS C 414 -53.86 20.30 -51.13
N MET C 415 -54.58 19.18 -51.08
CA MET C 415 -54.33 18.05 -51.96
C MET C 415 -54.58 18.39 -53.44
N GLN C 416 -55.60 19.23 -53.69
CA GLN C 416 -55.93 19.68 -55.05
C GLN C 416 -54.77 20.52 -55.62
N ALA C 417 -54.13 21.36 -54.78
CA ALA C 417 -52.98 22.15 -55.18
C ALA C 417 -51.80 21.21 -55.51
N MET C 418 -51.65 20.11 -54.76
CA MET C 418 -50.59 19.11 -55.00
C MET C 418 -50.86 18.40 -56.34
N MET C 419 -52.13 18.02 -56.61
CA MET C 419 -52.52 17.41 -57.89
C MET C 419 -52.23 18.35 -59.05
N TYR C 420 -52.49 19.67 -58.86
CA TYR C 420 -52.22 20.69 -59.87
C TYR C 420 -50.71 20.73 -60.17
N TYR C 421 -49.89 20.69 -59.11
CA TYR C 421 -48.43 20.69 -59.23
C TYR C 421 -47.93 19.45 -60.00
N LEU C 422 -48.42 18.26 -59.62
CA LEU C 422 -48.05 17.01 -60.29
C LEU C 422 -48.45 16.99 -61.75
N LEU C 423 -49.67 17.44 -62.06
CA LEU C 423 -50.18 17.44 -63.44
C LEU C 423 -49.58 18.50 -64.34
N THR C 424 -49.13 19.63 -63.78
CA THR C 424 -48.51 20.69 -64.58
C THR C 424 -47.01 20.46 -64.71
N ARG C 425 -46.30 20.17 -63.62
CA ARG C 425 -44.85 19.99 -63.65
C ARG C 425 -44.39 18.57 -63.95
N GLY C 426 -45.22 17.58 -63.63
CA GLY C 426 -44.89 16.18 -63.85
C GLY C 426 -45.48 15.64 -65.14
N TRP C 427 -46.81 15.56 -65.21
CA TRP C 427 -47.54 14.97 -66.34
C TRP C 427 -47.68 15.91 -67.56
N THR C 428 -46.51 16.37 -68.05
CA THR C 428 -46.42 17.28 -69.18
CA THR C 428 -46.41 17.31 -69.17
C THR C 428 -45.34 16.85 -70.16
N ASN C 429 -45.61 17.00 -71.46
CA ASN C 429 -44.64 16.66 -72.52
C ASN C 429 -43.73 17.87 -72.71
N GLU C 430 -42.57 17.70 -73.36
CA GLU C 430 -41.61 18.80 -73.63
C GLU C 430 -42.26 20.00 -74.35
N ASP C 431 -43.24 19.73 -75.25
CA ASP C 431 -43.93 20.79 -75.99
C ASP C 431 -45.04 21.50 -75.16
N GLY C 432 -45.24 21.07 -73.90
CA GLY C 432 -46.25 21.66 -73.02
C GLY C 432 -47.61 20.99 -73.09
N SER C 433 -47.76 19.97 -73.96
CA SER C 433 -49.02 19.24 -74.07
C SER C 433 -49.17 18.29 -72.84
N PRO C 434 -50.40 18.03 -72.37
CA PRO C 434 -50.57 17.20 -71.17
C PRO C 434 -50.30 15.71 -71.42
N ARG C 435 -49.84 15.00 -70.38
CA ARG C 435 -49.64 13.55 -70.40
C ARG C 435 -50.83 12.89 -69.67
N TYR C 436 -52.04 13.37 -70.00
CA TYR C 436 -53.29 12.89 -69.44
C TYR C 436 -54.44 13.28 -70.34
N ASN C 437 -55.57 12.60 -70.19
CA ASN C 437 -56.78 12.90 -70.94
C ASN C 437 -57.82 13.55 -69.96
N PRO C 438 -58.97 14.06 -70.46
CA PRO C 438 -59.96 14.66 -69.53
C PRO C 438 -60.47 13.75 -68.42
N THR C 439 -60.58 12.43 -68.66
CA THR C 439 -61.03 11.46 -67.63
C THR C 439 -60.07 11.49 -66.42
N TRP C 440 -58.76 11.38 -66.68
CA TRP C 440 -57.78 11.41 -65.60
C TRP C 440 -57.66 12.79 -64.95
N ALA C 441 -57.85 13.89 -65.71
CA ALA C 441 -57.84 15.25 -65.13
C ALA C 441 -59.06 15.37 -64.16
N THR C 442 -60.20 14.75 -64.52
CA THR C 442 -61.42 14.74 -63.69
C THR C 442 -61.17 13.97 -62.40
N PHE C 443 -60.64 12.75 -62.49
CA PHE C 443 -60.34 12.00 -61.29
C PHE C 443 -59.37 12.79 -60.39
N ALA C 444 -58.21 13.17 -60.94
CA ALA C 444 -57.13 13.81 -60.18
C ALA C 444 -57.52 15.14 -59.54
N MET C 445 -58.14 16.04 -60.33
CA MET C 445 -58.48 17.37 -59.85
C MET C 445 -59.82 17.49 -59.17
N ASN C 446 -60.84 16.80 -59.70
CA ASN C 446 -62.21 17.02 -59.26
C ASN C 446 -62.73 16.12 -58.19
N VAL C 447 -62.20 14.89 -58.10
CA VAL C 447 -62.75 13.87 -57.21
C VAL C 447 -61.76 13.38 -56.16
N ALA C 448 -60.57 12.89 -56.60
CA ALA C 448 -59.50 12.33 -55.71
C ALA C 448 -59.27 13.10 -54.41
N PRO C 449 -59.12 14.46 -54.36
CA PRO C 449 -58.85 15.11 -53.06
C PRO C 449 -59.94 14.89 -52.02
N SER C 450 -61.23 14.73 -52.43
CA SER C 450 -62.32 14.51 -51.47
C SER C 450 -62.51 13.03 -51.09
N MET C 451 -61.74 12.14 -51.72
CA MET C 451 -61.82 10.73 -51.40
CA MET C 451 -61.79 10.71 -51.42
C MET C 451 -60.99 10.41 -50.17
N VAL C 452 -59.89 11.15 -49.94
CA VAL C 452 -58.99 10.90 -48.80
C VAL C 452 -58.81 12.07 -47.84
N VAL C 453 -59.44 13.23 -48.15
CA VAL C 453 -59.32 14.42 -47.28
C VAL C 453 -60.71 14.84 -46.88
N ASP C 454 -60.96 14.99 -45.57
CA ASP C 454 -62.26 15.38 -45.04
C ASP C 454 -63.36 14.39 -45.47
N SER C 455 -62.99 13.11 -45.59
CA SER C 455 -63.96 12.08 -45.97
C SER C 455 -64.38 11.34 -44.70
N SER C 456 -64.16 10.04 -44.62
CA SER C 456 -64.63 9.27 -43.48
C SER C 456 -63.78 8.03 -43.19
N CYS C 457 -64.04 7.42 -42.04
CA CYS C 457 -63.35 6.23 -41.61
C CYS C 457 -64.34 5.28 -40.92
N LEU C 458 -63.93 4.02 -40.76
CA LEU C 458 -64.79 3.02 -40.15
C LEU C 458 -64.14 2.46 -38.89
N LEU C 459 -64.89 2.44 -37.80
CA LEU C 459 -64.44 1.85 -36.54
C LEU C 459 -65.66 1.17 -35.96
N MET C 460 -65.58 -0.17 -35.74
CA MET C 460 -66.73 -1.02 -35.35
C MET C 460 -67.75 -0.88 -36.51
N ASN C 461 -69.01 -0.53 -36.23
CA ASN C 461 -70.02 -0.30 -37.28
C ASN C 461 -70.20 1.22 -37.52
N LEU C 462 -69.37 2.06 -36.88
CA LEU C 462 -69.48 3.54 -36.97
C LEU C 462 -68.72 4.14 -38.13
N GLN C 463 -69.41 4.90 -38.96
CA GLN C 463 -68.82 5.64 -40.07
C GLN C 463 -68.62 7.06 -39.56
N LEU C 464 -67.35 7.37 -39.33
CA LEU C 464 -66.96 8.61 -38.69
C LEU C 464 -66.34 9.58 -39.64
N LYS C 465 -66.57 10.87 -39.40
CA LYS C 465 -65.91 11.91 -40.19
C LYS C 465 -64.38 11.82 -39.98
N THR C 466 -63.61 12.04 -41.03
CA THR C 466 -62.15 12.18 -40.92
C THR C 466 -61.91 13.71 -41.02
N TYR C 467 -61.24 14.27 -40.01
CA TYR C 467 -60.90 15.69 -39.99
C TYR C 467 -59.48 15.78 -40.55
N GLY C 468 -59.36 16.41 -41.71
CA GLY C 468 -58.08 16.51 -42.41
C GLY C 468 -57.85 15.30 -43.31
N GLN C 469 -56.59 15.02 -43.63
CA GLN C 469 -56.31 13.88 -44.51
C GLN C 469 -56.12 12.61 -43.69
N GLY C 470 -56.47 11.49 -44.29
CA GLY C 470 -56.31 10.20 -43.65
C GLY C 470 -54.84 9.82 -43.66
N SER C 471 -54.24 9.68 -42.46
CA SER C 471 -52.83 9.32 -42.28
C SER C 471 -52.53 7.93 -42.82
N GLY C 472 -51.72 7.87 -43.86
CA GLY C 472 -51.36 6.62 -44.52
C GLY C 472 -51.80 6.57 -45.97
N ASN C 473 -52.71 7.47 -46.41
CA ASN C 473 -53.10 7.54 -47.81
C ASN C 473 -51.82 7.83 -48.70
N ALA C 474 -51.87 7.48 -50.00
CA ALA C 474 -50.75 7.63 -50.96
C ALA C 474 -50.13 9.05 -51.00
N PHE C 475 -50.93 10.09 -50.69
CA PHE C 475 -50.50 11.51 -50.74
C PHE C 475 -50.16 12.09 -49.36
N THR C 476 -50.10 11.24 -48.31
CA THR C 476 -49.80 11.73 -46.95
C THR C 476 -48.55 12.60 -46.91
N PHE C 477 -47.41 12.08 -47.40
CA PHE C 477 -46.13 12.80 -47.42
C PHE C 477 -46.27 14.12 -48.21
N LEU C 478 -46.79 14.03 -49.48
CA LEU C 478 -46.93 15.17 -50.38
C LEU C 478 -47.77 16.30 -49.81
N ASN C 479 -48.94 15.98 -49.25
CA ASN C 479 -49.86 16.96 -48.68
C ASN C 479 -49.24 17.61 -47.45
N ASN C 480 -48.56 16.84 -46.60
CA ASN C 480 -47.87 17.37 -45.41
C ASN C 480 -46.74 18.30 -45.83
N HIS C 481 -45.96 17.91 -46.85
CA HIS C 481 -44.84 18.69 -47.41
C HIS C 481 -45.33 20.04 -47.95
N LEU C 482 -46.50 20.03 -48.59
CA LEU C 482 -47.10 21.26 -49.10
C LEU C 482 -47.52 22.19 -47.93
N MET C 483 -48.10 21.62 -46.86
CA MET C 483 -48.46 22.43 -45.68
C MET C 483 -47.20 23.04 -45.02
N SER C 484 -46.12 22.28 -44.93
CA SER C 484 -44.86 22.82 -44.37
C SER C 484 -44.29 23.89 -45.30
N THR C 485 -44.45 23.72 -46.63
CA THR C 485 -44.02 24.71 -47.65
C THR C 485 -44.73 26.05 -47.39
N ILE C 486 -46.05 26.00 -47.11
CA ILE C 486 -46.84 27.20 -46.81
C ILE C 486 -46.31 27.89 -45.53
N VAL C 487 -46.06 27.13 -44.47
CA VAL C 487 -45.53 27.67 -43.21
C VAL C 487 -44.16 28.35 -43.46
N VAL C 488 -43.24 27.68 -44.19
CA VAL C 488 -41.91 28.22 -44.51
C VAL C 488 -42.02 29.47 -45.40
N ALA C 489 -42.90 29.45 -46.43
CA ALA C 489 -43.08 30.62 -47.29
C ALA C 489 -43.57 31.84 -46.47
N GLU C 490 -44.43 31.59 -45.46
CA GLU C 490 -44.95 32.63 -44.58
C GLU C 490 -43.88 33.15 -43.63
N TRP C 491 -42.98 32.25 -43.18
CA TRP C 491 -41.84 32.61 -42.34
C TRP C 491 -40.90 33.55 -43.13
N VAL C 492 -40.63 33.21 -44.42
CA VAL C 492 -39.79 34.05 -45.29
C VAL C 492 -40.48 35.43 -45.46
N LYS C 493 -41.80 35.45 -45.75
CA LYS C 493 -42.63 36.68 -45.93
C LYS C 493 -42.56 37.59 -44.69
N ALA C 494 -42.57 36.99 -43.48
CA ALA C 494 -42.55 37.75 -42.24
C ALA C 494 -41.15 38.26 -41.84
N GLY C 495 -40.17 38.06 -42.70
CA GLY C 495 -38.80 38.49 -42.44
C GLY C 495 -38.03 37.49 -41.61
N LYS C 496 -38.37 36.20 -41.73
CA LYS C 496 -37.71 35.10 -41.00
C LYS C 496 -37.67 35.33 -39.46
N PRO C 497 -38.83 35.54 -38.78
CA PRO C 497 -38.78 35.71 -37.31
C PRO C 497 -38.21 34.44 -36.65
N ASN C 498 -37.50 34.62 -35.55
CA ASN C 498 -36.93 33.50 -34.82
C ASN C 498 -38.05 32.54 -34.33
N PRO C 499 -37.89 31.21 -34.49
CA PRO C 499 -38.95 30.27 -34.06
C PRO C 499 -39.46 30.36 -32.62
N MET C 500 -38.66 30.95 -31.70
CA MET C 500 -39.04 31.10 -30.29
C MET C 500 -39.87 32.35 -29.99
N THR C 501 -40.15 33.18 -31.02
CA THR C 501 -40.88 34.44 -30.84
C THR C 501 -42.35 34.31 -31.16
N LYS C 502 -43.14 35.30 -30.68
CA LYS C 502 -44.57 35.37 -30.94
C LYS C 502 -44.83 35.57 -32.44
N GLU C 503 -43.95 36.31 -33.14
CA GLU C 503 -44.07 36.56 -34.59
C GLU C 503 -44.02 35.27 -35.39
N PHE C 504 -43.23 34.28 -34.93
CA PHE C 504 -43.18 32.97 -35.56
C PHE C 504 -44.47 32.19 -35.22
N MET C 505 -44.87 32.17 -33.93
CA MET C 505 -46.09 31.44 -33.50
C MET C 505 -47.37 31.99 -34.13
N ASP C 506 -47.38 33.30 -34.49
CA ASP C 506 -48.51 33.94 -35.17
C ASP C 506 -48.74 33.38 -36.58
N LEU C 507 -47.75 32.66 -37.14
CA LEU C 507 -47.89 32.01 -38.46
C LEU C 507 -48.92 30.88 -38.41
N GLU C 508 -49.26 30.36 -37.19
CA GLU C 508 -50.29 29.31 -37.04
C GLU C 508 -51.64 29.84 -37.52
N GLU C 509 -52.06 31.02 -37.00
CA GLU C 509 -53.31 31.64 -37.40
C GLU C 509 -53.27 32.12 -38.86
N LYS C 510 -52.13 32.65 -39.30
CA LYS C 510 -51.98 33.14 -40.67
C LYS C 510 -52.19 32.00 -41.69
N THR C 511 -51.68 30.79 -41.39
CA THR C 511 -51.74 29.64 -42.29
C THR C 511 -52.91 28.69 -42.03
N GLY C 512 -53.48 28.71 -40.82
CA GLY C 512 -54.48 27.73 -40.38
C GLY C 512 -53.82 26.39 -40.06
N ILE C 513 -52.47 26.36 -39.99
CA ILE C 513 -51.69 25.14 -39.75
C ILE C 513 -51.05 25.21 -38.36
N ASN C 514 -51.38 24.24 -37.51
CA ASN C 514 -50.82 24.17 -36.17
C ASN C 514 -49.42 23.58 -36.23
N PHE C 515 -48.52 24.09 -35.40
CA PHE C 515 -47.15 23.55 -35.37
C PHE C 515 -46.55 23.85 -34.00
N LYS C 516 -45.43 23.20 -33.70
CA LYS C 516 -44.72 23.41 -32.45
C LYS C 516 -43.25 23.18 -32.66
N ILE C 517 -42.44 23.84 -31.83
CA ILE C 517 -41.00 23.68 -31.83
C ILE C 517 -40.74 22.46 -30.95
N GLU C 518 -40.16 21.41 -31.53
CA GLU C 518 -39.86 20.17 -30.81
CA GLU C 518 -39.87 20.21 -30.76
C GLU C 518 -38.52 20.28 -30.10
N ARG C 519 -37.55 20.90 -30.75
CA ARG C 519 -36.20 21.03 -30.24
C ARG C 519 -35.59 22.36 -30.64
N GLU C 520 -34.79 22.88 -29.72
CA GLU C 520 -34.01 24.09 -29.86
C GLU C 520 -32.58 23.72 -29.43
N LEU C 521 -31.67 23.61 -30.39
CA LEU C 521 -30.28 23.25 -30.15
C LEU C 521 -29.45 24.53 -30.21
N LYS C 522 -29.19 25.10 -29.02
CA LYS C 522 -28.46 26.36 -28.88
C LYS C 522 -26.95 26.17 -29.07
N ASN C 523 -26.24 27.28 -29.38
CA ASN C 523 -24.78 27.34 -29.54
C ASN C 523 -24.34 26.25 -30.49
N LEU C 524 -24.93 26.26 -31.71
CA LEU C 524 -24.72 25.24 -32.72
C LEU C 524 -23.27 25.10 -33.14
N ARG C 525 -22.62 26.21 -33.47
CA ARG C 525 -21.22 26.30 -33.91
C ARG C 525 -20.32 25.62 -32.84
N GLU C 526 -20.53 25.97 -31.55
CA GLU C 526 -19.77 25.44 -30.41
C GLU C 526 -20.06 23.94 -30.18
N THR C 527 -21.33 23.52 -30.37
CA THR C 527 -21.75 22.12 -30.23
C THR C 527 -21.04 21.26 -31.27
N ILE C 528 -20.95 21.77 -32.53
CA ILE C 528 -20.25 21.09 -33.63
C ILE C 528 -18.75 20.96 -33.33
N VAL C 529 -18.13 22.04 -32.81
CA VAL C 529 -16.70 22.02 -32.42
C VAL C 529 -16.50 20.94 -31.33
N GLU C 530 -17.40 20.91 -30.33
CA GLU C 530 -17.34 19.93 -29.24
C GLU C 530 -17.47 18.47 -29.76
N ALA C 531 -18.35 18.23 -30.74
CA ALA C 531 -18.55 16.90 -31.35
C ALA C 531 -17.26 16.41 -32.03
N VAL C 532 -16.54 17.31 -32.71
CA VAL C 532 -15.27 16.99 -33.37
C VAL C 532 -14.17 16.73 -32.29
N GLU C 533 -14.02 17.65 -31.34
CA GLU C 533 -12.99 17.58 -30.29
C GLU C 533 -13.13 16.42 -29.32
N THR C 534 -14.36 16.03 -28.99
CA THR C 534 -14.59 14.92 -28.06
C THR C 534 -14.66 13.56 -28.75
N ALA C 535 -14.50 13.51 -30.11
CA ALA C 535 -14.52 12.24 -30.85
C ALA C 535 -13.44 11.33 -30.23
N PRO C 536 -13.84 10.09 -29.85
CA PRO C 536 -12.86 9.18 -29.21
C PRO C 536 -11.70 8.80 -30.12
N GLN C 537 -10.59 8.42 -29.50
CA GLN C 537 -9.40 7.94 -30.22
C GLN C 537 -9.47 6.41 -30.37
N ASP C 538 -10.31 5.77 -29.54
CA ASP C 538 -10.43 4.32 -29.46
C ASP C 538 -11.77 3.80 -29.99
N GLY C 539 -11.72 2.62 -30.60
CA GLY C 539 -12.91 1.91 -31.04
C GLY C 539 -13.38 2.13 -32.47
N TYR C 540 -14.63 1.68 -32.71
CA TYR C 540 -15.32 1.77 -33.99
C TYR C 540 -15.22 3.16 -34.56
N LEU C 541 -14.81 3.26 -35.84
CA LEU C 541 -14.73 4.53 -36.58
C LEU C 541 -13.80 5.57 -35.94
N ALA C 542 -12.98 5.15 -34.97
CA ALA C 542 -12.05 6.07 -34.25
C ALA C 542 -10.65 5.61 -34.66
N ASP C 543 -10.19 4.45 -34.15
CA ASP C 543 -8.95 3.85 -34.61
C ASP C 543 -9.29 2.58 -35.45
N GLY C 544 -10.59 2.28 -35.58
CA GLY C 544 -11.09 1.20 -36.42
C GLY C 544 -11.10 -0.19 -35.83
N SER C 545 -10.97 -0.31 -34.50
CA SER C 545 -11.03 -1.62 -33.85
C SER C 545 -12.51 -2.02 -33.72
N ASP C 546 -12.79 -3.29 -33.41
CA ASP C 546 -14.16 -3.81 -33.31
C ASP C 546 -14.76 -3.65 -31.91
N LEU C 547 -14.51 -2.51 -31.28
CA LEU C 547 -14.98 -2.25 -29.93
C LEU C 547 -15.65 -0.90 -29.83
N PRO C 548 -16.67 -0.76 -28.95
CA PRO C 548 -17.26 0.56 -28.76
C PRO C 548 -16.24 1.47 -28.02
N PRO C 549 -16.36 2.81 -28.10
CA PRO C 549 -15.43 3.65 -27.32
C PRO C 549 -15.75 3.50 -25.82
N ILE C 550 -14.77 3.70 -24.96
CA ILE C 550 -15.03 3.66 -23.51
C ILE C 550 -15.91 4.87 -23.15
N ARG C 551 -15.57 6.03 -23.77
CA ARG C 551 -16.30 7.28 -23.59
C ARG C 551 -16.76 7.83 -24.94
N PRO C 552 -18.03 7.62 -25.34
CA PRO C 552 -18.48 8.19 -26.63
C PRO C 552 -18.32 9.71 -26.69
N GLY C 553 -18.12 10.24 -27.90
CA GLY C 553 -18.02 11.68 -28.13
C GLY C 553 -19.39 12.34 -28.06
N LYS C 554 -19.40 13.65 -28.05
CA LYS C 554 -20.63 14.44 -28.01
C LYS C 554 -21.39 14.30 -29.36
N ALA C 555 -22.70 14.02 -29.31
CA ALA C 555 -23.54 13.93 -30.50
C ALA C 555 -24.14 15.32 -30.79
N VAL C 556 -24.30 15.65 -32.09
CA VAL C 556 -24.99 16.88 -32.50
C VAL C 556 -26.44 16.37 -32.63
N GLU C 557 -27.29 16.66 -31.64
CA GLU C 557 -28.66 16.14 -31.58
C GLU C 557 -29.65 16.87 -32.46
N LEU C 558 -29.44 16.78 -33.76
CA LEU C 558 -30.26 17.44 -34.77
C LEU C 558 -31.70 16.91 -34.84
N ASP C 559 -31.89 15.64 -34.46
CA ASP C 559 -33.14 14.91 -34.66
C ASP C 559 -33.56 15.06 -36.13
N LEU C 560 -32.59 14.87 -37.04
CA LEU C 560 -32.83 15.01 -38.45
C LEU C 560 -33.45 13.71 -38.92
N LEU C 561 -34.79 13.68 -38.98
CA LEU C 561 -35.58 12.50 -39.34
C LEU C 561 -35.24 11.34 -38.38
N GLY C 562 -35.02 11.65 -37.10
CA GLY C 562 -34.68 10.67 -36.07
C GLY C 562 -33.20 10.43 -35.86
N TRP C 563 -32.32 11.17 -36.56
CA TRP C 563 -30.87 10.95 -36.48
C TRP C 563 -30.08 12.07 -35.83
N SER C 564 -29.04 11.69 -35.06
CA SER C 564 -28.05 12.59 -34.49
C SER C 564 -26.78 12.40 -35.33
N ALA C 565 -25.82 13.33 -35.23
CA ALA C 565 -24.54 13.26 -35.95
C ALA C 565 -23.40 13.09 -34.93
N ILE C 566 -22.49 12.18 -35.22
CA ILE C 566 -21.32 11.86 -34.40
C ILE C 566 -20.11 11.97 -35.33
N TYR C 567 -19.02 12.54 -34.82
CA TYR C 567 -17.81 12.67 -35.64
C TYR C 567 -16.95 11.40 -35.57
N SER C 568 -16.48 10.94 -36.73
CA SER C 568 -15.60 9.78 -36.88
C SER C 568 -14.18 10.26 -37.19
N ARG C 569 -13.21 9.95 -36.32
CA ARG C 569 -11.80 10.30 -36.55
C ARG C 569 -11.21 9.46 -37.67
N GLN C 570 -11.62 8.18 -37.75
CA GLN C 570 -11.10 7.29 -38.79
C GLN C 570 -11.44 7.81 -40.20
N MET C 571 -12.72 8.11 -40.42
CA MET C 571 -13.28 8.52 -41.71
C MET C 571 -13.23 10.01 -41.94
N GLU C 572 -12.99 10.81 -40.86
CA GLU C 572 -12.92 12.28 -40.91
C GLU C 572 -14.24 12.86 -41.46
N MET C 573 -15.33 12.41 -40.89
CA MET C 573 -16.65 12.84 -41.30
C MET C 573 -17.65 12.58 -40.19
N PHE C 574 -18.81 13.25 -40.27
CA PHE C 574 -19.93 12.99 -39.38
C PHE C 574 -20.67 11.78 -39.92
N VAL C 575 -21.16 10.95 -39.03
CA VAL C 575 -21.93 9.75 -39.35
C VAL C 575 -23.22 9.78 -38.54
N PRO C 576 -24.31 9.14 -39.00
CA PRO C 576 -25.54 9.17 -38.19
C PRO C 576 -25.58 8.11 -37.08
N VAL C 577 -26.29 8.44 -36.00
CA VAL C 577 -26.63 7.52 -34.91
C VAL C 577 -28.07 7.82 -34.59
N LEU C 578 -28.88 6.78 -34.36
CA LEU C 578 -30.28 6.94 -34.03
C LEU C 578 -30.39 7.77 -32.75
N GLU C 579 -31.32 8.76 -32.72
CA GLU C 579 -31.55 9.57 -31.52
C GLU C 579 -31.72 8.63 -30.30
N ASN C 580 -31.04 8.94 -29.22
CA ASN C 580 -30.96 8.12 -28.02
C ASN C 580 -32.30 7.57 -27.51
N GLU C 581 -33.29 8.44 -27.38
CA GLU C 581 -34.63 8.07 -26.90
C GLU C 581 -35.27 6.96 -27.75
N ARG C 582 -35.15 7.06 -29.10
CA ARG C 582 -35.69 6.03 -30.01
C ARG C 582 -34.88 4.73 -29.86
N LEU C 583 -33.54 4.85 -29.76
CA LEU C 583 -32.67 3.68 -29.59
C LEU C 583 -33.03 2.88 -28.33
N ILE C 584 -33.21 3.59 -27.20
CA ILE C 584 -33.56 2.99 -25.91
C ILE C 584 -34.94 2.33 -25.95
N ALA C 585 -35.95 3.03 -26.53
CA ALA C 585 -37.31 2.51 -26.64
C ALA C 585 -37.34 1.22 -27.47
N SER C 586 -36.56 1.19 -28.59
CA SER C 586 -36.47 0.02 -29.44
CA SER C 586 -36.46 0.01 -29.45
C SER C 586 -35.75 -1.14 -28.75
N ALA C 587 -34.72 -0.83 -27.92
CA ALA C 587 -33.99 -1.87 -27.17
C ALA C 587 -34.91 -2.46 -26.09
N ALA C 588 -35.72 -1.61 -25.44
CA ALA C 588 -36.63 -2.03 -24.36
C ALA C 588 -37.81 -2.84 -24.89
N TYR C 589 -38.42 -2.39 -26.00
CA TYR C 589 -39.60 -3.03 -26.60
C TYR C 589 -39.35 -3.31 -28.07
N PRO C 590 -38.62 -4.39 -28.39
CA PRO C 590 -38.40 -4.72 -29.80
C PRO C 590 -39.71 -5.18 -30.47
N LYS C 591 -39.85 -4.89 -31.78
CA LYS C 591 -41.02 -5.35 -32.52
C LYS C 591 -40.76 -6.82 -32.77
N GLY C 592 -41.79 -7.65 -32.68
CA GLY C 592 -41.67 -9.09 -32.96
C GLY C 592 -41.58 -9.38 -34.44
N LEU C 593 -41.53 -10.67 -34.80
CA LEU C 593 -41.46 -11.09 -36.20
C LEU C 593 -42.68 -10.63 -37.02
N GLU C 594 -43.89 -10.68 -36.42
CA GLU C 594 -45.16 -10.19 -37.01
C GLU C 594 -45.42 -10.73 -38.44
N ASN C 595 -45.08 -12.00 -38.67
CA ASN C 595 -45.22 -12.71 -39.93
C ASN C 595 -45.37 -14.18 -39.58
N LYS C 596 -46.64 -14.63 -39.44
CA LYS C 596 -47.01 -16.00 -39.06
C LYS C 596 -46.42 -17.06 -39.98
N ALA C 597 -46.33 -16.76 -41.31
CA ALA C 597 -45.77 -17.66 -42.32
C ALA C 597 -44.27 -17.88 -42.08
N LEU C 598 -43.54 -16.78 -41.83
CA LEU C 598 -42.11 -16.82 -41.58
C LEU C 598 -41.84 -17.48 -40.23
N ALA C 599 -42.65 -17.15 -39.19
CA ALA C 599 -42.54 -17.69 -37.84
C ALA C 599 -42.68 -19.21 -37.74
N ARG C 600 -43.35 -19.85 -38.73
CA ARG C 600 -43.51 -21.31 -38.71
C ARG C 600 -42.34 -22.07 -39.37
N LYS C 601 -41.34 -21.33 -39.88
CA LYS C 601 -40.16 -21.94 -40.48
C LYS C 601 -39.09 -22.16 -39.38
N PRO C 602 -38.49 -23.36 -39.27
CA PRO C 602 -37.44 -23.56 -38.25
C PRO C 602 -36.26 -22.63 -38.48
N GLY C 603 -35.76 -22.03 -37.41
CA GLY C 603 -34.65 -21.09 -37.47
C GLY C 603 -35.01 -19.65 -37.72
N ALA C 604 -36.29 -19.35 -38.07
CA ALA C 604 -36.74 -17.97 -38.33
C ALA C 604 -36.70 -17.09 -37.08
N GLU C 605 -37.11 -17.64 -35.93
CA GLU C 605 -37.11 -16.92 -34.67
C GLU C 605 -35.68 -16.55 -34.21
N ILE C 606 -34.72 -17.52 -34.27
CA ILE C 606 -33.33 -17.28 -33.92
C ILE C 606 -32.69 -16.29 -34.91
N ALA C 607 -33.04 -16.39 -36.22
CA ALA C 607 -32.51 -15.48 -37.24
C ALA C 607 -33.02 -14.06 -36.96
N TYR C 608 -34.32 -13.95 -36.63
CA TYR C 608 -34.95 -12.67 -36.29
C TYR C 608 -34.28 -12.06 -35.03
N GLN C 609 -33.92 -12.89 -34.03
CA GLN C 609 -33.24 -12.43 -32.82
C GLN C 609 -31.86 -11.89 -33.18
N ILE C 610 -31.12 -12.58 -34.08
CA ILE C 610 -29.82 -12.11 -34.55
C ILE C 610 -30.02 -10.75 -35.23
N VAL C 611 -31.03 -10.65 -36.12
CA VAL C 611 -31.37 -9.41 -36.84
C VAL C 611 -31.66 -8.25 -35.85
N ARG C 612 -32.49 -8.50 -34.85
CA ARG C 612 -32.87 -7.54 -33.81
C ARG C 612 -31.61 -6.94 -33.13
N TYR C 613 -30.69 -7.78 -32.68
CA TYR C 613 -29.46 -7.34 -32.01
C TYR C 613 -28.45 -6.71 -32.95
N GLU C 614 -28.35 -7.20 -34.21
CA GLU C 614 -27.44 -6.59 -35.18
C GLU C 614 -27.93 -5.23 -35.59
N ALA C 615 -29.26 -5.11 -35.90
CA ALA C 615 -29.85 -3.85 -36.35
C ALA C 615 -29.77 -2.77 -35.27
N ILE C 616 -29.97 -3.12 -33.98
CA ILE C 616 -29.87 -2.14 -32.90
C ILE C 616 -28.41 -1.60 -32.79
N ARG C 617 -27.42 -2.45 -33.09
CA ARG C 617 -26.02 -2.05 -33.07
C ARG C 617 -25.74 -1.14 -34.26
N LEU C 618 -26.20 -1.52 -35.46
CA LEU C 618 -26.01 -0.80 -36.72
C LEU C 618 -26.52 0.63 -36.71
N VAL C 619 -27.72 0.84 -36.16
CA VAL C 619 -28.34 2.17 -36.14
C VAL C 619 -27.74 3.14 -35.10
N GLY C 620 -26.90 2.65 -34.19
CA GLY C 620 -26.30 3.53 -33.19
C GLY C 620 -25.89 2.87 -31.90
N GLY C 621 -26.36 1.63 -31.67
CA GLY C 621 -26.00 0.88 -30.47
C GLY C 621 -24.50 0.63 -30.38
N TRP C 622 -23.81 0.57 -31.56
CA TRP C 622 -22.35 0.40 -31.64
C TRP C 622 -21.60 1.47 -30.84
N ASN C 623 -22.20 2.68 -30.72
CA ASN C 623 -21.59 3.81 -30.03
C ASN C 623 -22.00 3.94 -28.57
N ASN C 624 -22.75 2.96 -28.06
CA ASN C 624 -23.19 2.91 -26.67
C ASN C 624 -22.46 1.68 -26.12
N PRO C 625 -21.36 1.86 -25.35
CA PRO C 625 -20.55 0.70 -24.93
C PRO C 625 -21.28 -0.44 -24.22
N LEU C 626 -22.17 -0.12 -23.27
CA LEU C 626 -22.93 -1.17 -22.58
C LEU C 626 -23.88 -1.92 -23.52
N LEU C 627 -24.66 -1.18 -24.32
CA LEU C 627 -25.61 -1.76 -25.27
C LEU C 627 -24.90 -2.59 -26.33
N GLU C 628 -23.81 -2.06 -26.89
CA GLU C 628 -22.99 -2.75 -27.88
C GLU C 628 -22.43 -4.05 -27.30
N THR C 629 -21.88 -4.01 -26.07
CA THR C 629 -21.31 -5.20 -25.41
C THR C 629 -22.36 -6.31 -25.24
N ALA C 630 -23.53 -5.96 -24.68
CA ALA C 630 -24.60 -6.93 -24.45
C ALA C 630 -25.19 -7.46 -25.77
N ALA C 631 -25.49 -6.56 -26.74
CA ALA C 631 -26.07 -6.97 -28.03
C ALA C 631 -25.12 -7.82 -28.88
N LYS C 632 -23.80 -7.49 -28.82
CA LYS C 632 -22.78 -8.27 -29.54
C LYS C 632 -22.72 -9.70 -28.96
N HIS C 633 -22.67 -9.81 -27.61
CA HIS C 633 -22.64 -11.11 -26.96
C HIS C 633 -23.83 -11.95 -27.39
N MET C 634 -25.03 -11.37 -27.36
CA MET C 634 -26.27 -12.08 -27.71
C MET C 634 -26.32 -12.55 -29.16
N SER C 635 -25.93 -11.69 -30.12
CA SER C 635 -25.92 -12.13 -31.51
C SER C 635 -24.83 -13.17 -31.75
N LEU C 636 -23.61 -13.01 -31.15
CA LEU C 636 -22.52 -13.99 -31.32
C LEU C 636 -22.87 -15.34 -30.72
N ASP C 637 -23.54 -15.34 -29.57
CA ASP C 637 -23.94 -16.57 -28.86
C ASP C 637 -24.94 -17.35 -29.74
N LYS C 638 -25.87 -16.63 -30.37
CA LYS C 638 -26.86 -17.25 -31.26
C LYS C 638 -26.22 -17.81 -32.53
N ARG C 639 -25.25 -17.08 -33.12
CA ARG C 639 -24.53 -17.53 -34.33
C ARG C 639 -23.69 -18.78 -34.03
N LYS C 640 -23.07 -18.84 -32.84
CA LYS C 640 -22.26 -19.97 -32.39
C LYS C 640 -23.12 -21.22 -32.25
N ARG C 641 -24.32 -21.06 -31.65
CA ARG C 641 -25.28 -22.15 -31.46
C ARG C 641 -25.66 -22.74 -32.82
N LEU C 642 -25.97 -21.89 -33.80
CA LEU C 642 -26.32 -22.28 -35.16
C LEU C 642 -25.19 -23.02 -35.87
N GLU C 643 -23.95 -22.52 -35.72
CA GLU C 643 -22.74 -23.09 -36.29
C GLU C 643 -22.48 -24.50 -35.72
N VAL C 644 -22.55 -24.67 -34.37
CA VAL C 644 -22.39 -25.96 -33.69
C VAL C 644 -23.48 -26.95 -34.15
N LYS C 645 -24.71 -26.46 -34.30
CA LYS C 645 -25.86 -27.28 -34.67
C LYS C 645 -25.95 -27.59 -36.17
N GLY C 646 -25.17 -26.86 -36.97
CA GLY C 646 -25.13 -27.01 -38.42
C GLY C 646 -26.40 -26.53 -39.08
N ILE C 647 -27.03 -25.51 -38.49
CA ILE C 647 -28.27 -24.95 -39.01
C ILE C 647 -27.96 -23.64 -39.73
N ASP C 648 -28.31 -23.59 -41.01
CA ASP C 648 -28.06 -22.47 -41.91
C ASP C 648 -29.24 -21.53 -41.98
N VAL C 649 -29.06 -20.28 -41.54
CA VAL C 649 -30.12 -19.25 -41.60
C VAL C 649 -29.65 -18.06 -42.48
N THR C 650 -28.59 -18.25 -43.32
CA THR C 650 -28.05 -17.20 -44.20
C THR C 650 -29.09 -16.57 -45.10
N GLY C 651 -30.06 -17.37 -45.55
CA GLY C 651 -31.20 -16.92 -46.33
C GLY C 651 -31.96 -15.82 -45.63
N PHE C 652 -32.36 -16.06 -44.35
CA PHE C 652 -33.06 -15.07 -43.53
C PHE C 652 -32.18 -13.84 -43.26
N LEU C 653 -30.88 -14.05 -43.01
CA LEU C 653 -29.94 -12.97 -42.71
C LEU C 653 -29.57 -12.09 -43.91
N ASP C 654 -29.60 -12.65 -45.13
CA ASP C 654 -29.35 -11.91 -46.37
C ASP C 654 -30.58 -11.04 -46.67
N ASP C 655 -31.79 -11.58 -46.40
CA ASP C 655 -33.08 -10.92 -46.62
C ASP C 655 -33.65 -10.37 -45.30
N TRP C 656 -32.79 -9.78 -44.48
CA TRP C 656 -33.12 -9.28 -43.14
C TRP C 656 -34.03 -8.06 -43.08
N ASN C 657 -33.98 -7.19 -44.10
CA ASN C 657 -34.73 -5.93 -44.16
C ASN C 657 -36.20 -6.03 -43.83
N ASN C 658 -36.86 -7.06 -44.33
CA ASN C 658 -38.28 -7.27 -44.13
C ASN C 658 -38.62 -7.70 -42.71
N MET C 659 -37.65 -8.22 -41.95
CA MET C 659 -37.91 -8.63 -40.57
C MET C 659 -37.43 -7.64 -39.48
N SER C 660 -37.11 -6.40 -39.90
CA SER C 660 -36.60 -5.36 -39.00
C SER C 660 -37.29 -4.03 -39.22
N GLU C 661 -37.63 -3.33 -38.12
CA GLU C 661 -38.17 -1.97 -38.21
C GLU C 661 -37.11 -1.00 -38.80
N PHE C 662 -35.84 -1.40 -38.84
CA PHE C 662 -34.77 -0.57 -39.40
C PHE C 662 -34.37 -1.04 -40.80
N GLY C 663 -35.11 -1.98 -41.35
CA GLY C 663 -34.86 -2.57 -42.67
C GLY C 663 -34.86 -1.58 -43.83
N GLY C 664 -35.78 -0.61 -43.78
CA GLY C 664 -35.87 0.43 -44.80
C GLY C 664 -34.72 1.43 -44.72
N ASP C 665 -34.04 1.51 -43.56
CA ASP C 665 -32.93 2.43 -43.35
C ASP C 665 -31.62 1.94 -43.95
N LEU C 666 -31.43 0.59 -44.10
CA LEU C 666 -30.14 0.04 -44.59
C LEU C 666 -30.20 -1.05 -45.67
N GLU C 667 -30.50 -0.68 -46.92
CA GLU C 667 -30.53 -1.68 -48.01
C GLU C 667 -29.11 -1.96 -48.56
N GLY C 668 -28.94 -3.09 -49.24
CA GLY C 668 -27.66 -3.47 -49.84
C GLY C 668 -26.61 -4.07 -48.91
N ILE C 669 -26.94 -4.22 -47.61
CA ILE C 669 -26.05 -4.85 -46.63
C ILE C 669 -26.67 -6.18 -46.14
N THR C 670 -25.83 -7.12 -45.80
CA THR C 670 -26.25 -8.44 -45.32
C THR C 670 -25.84 -8.61 -43.87
N LEU C 671 -26.61 -9.40 -43.11
CA LEU C 671 -26.31 -9.68 -41.69
C LEU C 671 -25.78 -11.09 -41.49
N SER C 672 -25.44 -11.80 -42.61
CA SER C 672 -24.92 -13.16 -42.55
C SER C 672 -23.57 -13.23 -41.86
N GLU C 673 -22.81 -12.15 -41.93
CA GLU C 673 -21.53 -12.04 -41.25
C GLU C 673 -21.72 -11.09 -40.06
N PRO C 674 -21.09 -11.37 -38.90
CA PRO C 674 -21.27 -10.49 -37.73
C PRO C 674 -20.85 -9.05 -38.02
N LEU C 675 -21.47 -8.09 -37.34
CA LEU C 675 -21.12 -6.67 -37.46
C LEU C 675 -19.66 -6.46 -36.99
N THR C 676 -18.87 -5.72 -37.77
CA THR C 676 -17.50 -5.34 -37.42
C THR C 676 -17.35 -3.85 -37.75
N ASN C 677 -16.16 -3.29 -37.55
CA ASN C 677 -15.88 -1.91 -37.93
C ASN C 677 -16.12 -1.73 -39.44
N GLN C 678 -15.79 -2.75 -40.27
CA GLN C 678 -15.98 -2.71 -41.73
C GLN C 678 -17.44 -2.48 -42.12
N THR C 679 -18.39 -3.08 -41.38
CA THR C 679 -19.82 -2.87 -41.60
C THR C 679 -20.16 -1.37 -41.44
N LEU C 680 -19.64 -0.75 -40.37
CA LEU C 680 -19.89 0.66 -40.05
C LEU C 680 -19.24 1.57 -41.08
N VAL C 681 -18.05 1.20 -41.59
CA VAL C 681 -17.37 1.91 -42.66
C VAL C 681 -18.24 1.82 -43.94
N ASP C 682 -18.65 0.60 -44.32
CA ASP C 682 -19.43 0.34 -45.53
C ASP C 682 -20.75 1.09 -45.61
N ILE C 683 -21.51 1.15 -44.52
CA ILE C 683 -22.79 1.88 -44.50
C ILE C 683 -22.59 3.38 -44.57
N ASN C 684 -21.37 3.88 -44.24
CA ASN C 684 -21.10 5.31 -44.25
C ASN C 684 -20.26 5.77 -45.44
N THR C 685 -19.88 4.85 -46.32
CA THR C 685 -19.04 5.18 -47.47
C THR C 685 -19.81 5.93 -48.55
N PRO C 686 -19.40 7.16 -48.91
CA PRO C 686 -20.10 7.86 -50.00
C PRO C 686 -19.63 7.33 -51.37
N LEU C 687 -20.52 7.40 -52.36
CA LEU C 687 -20.17 7.04 -53.75
C LEU C 687 -19.28 8.13 -54.30
N ASP C 688 -19.58 9.39 -53.95
CA ASP C 688 -18.78 10.50 -54.45
C ASP C 688 -18.49 11.54 -53.41
N SER C 689 -17.39 12.28 -53.63
CA SER C 689 -16.97 13.42 -52.82
C SER C 689 -18.03 14.52 -52.99
N PHE C 690 -18.13 15.40 -52.01
CA PHE C 690 -19.16 16.41 -52.03
C PHE C 690 -18.65 17.81 -52.13
N ASP C 691 -19.23 18.55 -53.08
CA ASP C 691 -19.00 19.97 -53.27
C ASP C 691 -20.41 20.58 -53.32
N PRO C 692 -20.84 21.29 -52.24
CA PRO C 692 -22.20 21.87 -52.23
C PRO C 692 -22.49 22.80 -53.42
N LYS C 693 -21.45 23.51 -53.92
CA LYS C 693 -21.56 24.43 -55.06
C LYS C 693 -21.78 23.70 -56.38
N ALA C 694 -21.41 22.41 -56.44
CA ALA C 694 -21.57 21.58 -57.64
C ALA C 694 -22.98 20.96 -57.75
N ARG C 695 -23.82 21.09 -56.70
CA ARG C 695 -25.19 20.53 -56.74
C ARG C 695 -25.98 21.21 -57.87
N PRO C 696 -26.66 20.44 -58.74
CA PRO C 696 -27.48 21.08 -59.79
C PRO C 696 -28.60 21.92 -59.16
N GLN C 697 -29.05 22.91 -59.90
CA GLN C 697 -30.19 23.72 -59.49
C GLN C 697 -31.47 22.91 -59.74
N THR C 698 -32.65 23.41 -59.30
CA THR C 698 -33.92 22.70 -59.47
C THR C 698 -34.28 22.52 -60.96
N PRO C 699 -35.00 21.45 -61.37
CA PRO C 699 -35.38 21.30 -62.80
C PRO C 699 -36.18 22.49 -63.34
N ARG C 700 -37.08 23.08 -62.54
CA ARG C 700 -37.87 24.25 -62.97
C ARG C 700 -37.38 25.45 -62.22
N SER C 701 -37.42 26.63 -62.87
CA SER C 701 -36.91 27.92 -62.34
C SER C 701 -35.57 27.66 -61.63
N PRO C 702 -34.57 27.07 -62.37
CA PRO C 702 -33.28 26.71 -61.72
C PRO C 702 -32.57 27.80 -60.95
N LYS C 703 -32.45 28.98 -61.54
CA LYS C 703 -31.75 30.12 -60.94
C LYS C 703 -32.48 30.76 -59.76
N LYS C 704 -33.80 30.54 -59.63
CA LYS C 704 -34.57 31.10 -58.53
C LYS C 704 -34.39 30.35 -57.23
N THR C 705 -34.52 31.06 -56.11
CA THR C 705 -34.47 30.47 -54.77
C THR C 705 -35.89 30.60 -54.19
N LEU C 706 -36.15 29.93 -53.05
CA LEU C 706 -37.40 30.03 -52.33
C LEU C 706 -37.69 31.51 -51.94
N ASP C 707 -36.65 32.24 -51.50
CA ASP C 707 -36.75 33.65 -51.12
C ASP C 707 -37.19 34.54 -52.29
N GLU C 708 -36.64 34.31 -53.50
CA GLU C 708 -37.03 35.09 -54.70
C GLU C 708 -38.46 34.80 -55.10
N VAL C 709 -38.89 33.54 -55.01
CA VAL C 709 -40.28 33.13 -55.34
C VAL C 709 -41.25 33.82 -54.36
N THR C 710 -40.93 33.81 -53.06
CA THR C 710 -41.74 34.43 -52.01
C THR C 710 -41.89 35.93 -52.29
N THR C 711 -40.78 36.63 -52.67
CA THR C 711 -40.78 38.07 -53.03
C THR C 711 -41.68 38.33 -54.21
N ALA C 712 -41.58 37.48 -55.25
CA ALA C 712 -42.41 37.60 -56.46
C ALA C 712 -43.89 37.45 -56.10
N ILE C 713 -44.24 36.47 -55.24
CA ILE C 713 -45.62 36.25 -54.80
C ILE C 713 -46.17 37.49 -54.04
N THR C 714 -45.38 38.08 -53.12
CA THR C 714 -45.81 39.30 -52.39
C THR C 714 -46.02 40.50 -53.33
N SER C 715 -45.42 40.47 -54.53
CA SER C 715 -45.61 41.53 -55.55
C SER C 715 -46.80 41.17 -56.45
N GLY C 716 -47.50 40.09 -56.15
CA GLY C 716 -48.69 39.68 -56.91
C GLY C 716 -48.41 38.87 -58.17
N THR C 717 -47.17 38.37 -58.32
CA THR C 717 -46.75 37.57 -59.48
C THR C 717 -47.26 36.13 -59.35
N TYR C 718 -47.42 35.47 -60.51
CA TYR C 718 -47.80 34.05 -60.68
C TYR C 718 -49.20 33.70 -60.26
N LYS C 719 -50.12 34.68 -60.25
CA LYS C 719 -51.50 34.39 -59.89
C LYS C 719 -52.10 33.34 -60.83
N ASP C 720 -51.85 33.52 -62.14
CA ASP C 720 -52.33 32.61 -63.17
C ASP C 720 -51.17 32.06 -63.97
N PRO C 721 -51.22 30.77 -64.39
CA PRO C 721 -50.13 30.25 -65.24
C PRO C 721 -50.20 30.85 -66.64
N LYS C 722 -49.05 30.97 -67.36
CA LYS C 722 -49.01 31.50 -68.72
C LYS C 722 -49.57 30.46 -69.68
N SER C 723 -49.22 29.17 -69.48
CA SER C 723 -49.70 28.03 -70.27
C SER C 723 -51.24 27.89 -70.18
N ALA C 724 -51.91 27.86 -71.35
CA ALA C 724 -53.36 27.70 -71.52
C ALA C 724 -53.83 26.33 -70.96
N VAL C 725 -53.01 25.25 -71.16
CA VAL C 725 -53.26 23.90 -70.63
C VAL C 725 -53.36 24.00 -69.09
N TRP C 726 -52.40 24.70 -68.49
CA TRP C 726 -52.33 24.89 -67.05
C TRP C 726 -53.49 25.76 -66.57
N ARG C 727 -53.90 26.77 -67.38
CA ARG C 727 -55.07 27.62 -67.07
C ARG C 727 -56.35 26.80 -67.04
N LEU C 728 -56.49 25.81 -67.96
CA LEU C 728 -57.67 24.93 -67.98
C LEU C 728 -57.71 24.11 -66.70
N LEU C 729 -56.52 23.63 -66.24
CA LEU C 729 -56.42 22.82 -65.03
C LEU C 729 -56.76 23.63 -63.78
N ASP C 730 -56.37 24.92 -63.75
CA ASP C 730 -56.71 25.78 -62.62
C ASP C 730 -58.22 26.11 -62.64
N GLN C 731 -58.80 26.40 -63.82
CA GLN C 731 -60.24 26.67 -63.99
C GLN C 731 -61.09 25.45 -63.54
N ARG C 732 -60.55 24.24 -63.77
CA ARG C 732 -61.14 22.94 -63.39
C ARG C 732 -61.41 22.87 -61.87
N THR C 733 -60.60 23.57 -61.07
CA THR C 733 -60.74 23.61 -59.61
C THR C 733 -61.85 24.56 -59.15
N LYS C 734 -62.37 25.39 -60.06
CA LYS C 734 -63.38 26.40 -59.73
C LYS C 734 -64.77 26.11 -60.29
N LEU C 735 -64.84 25.40 -61.42
CA LEU C 735 -66.09 25.10 -62.10
C LEU C 735 -66.82 23.91 -61.52
N ARG C 736 -68.16 24.02 -61.45
CA ARG C 736 -69.03 22.97 -60.94
C ARG C 736 -69.04 21.76 -61.91
N VAL C 737 -69.34 20.55 -61.38
CA VAL C 737 -69.35 19.31 -62.16
C VAL C 737 -70.23 19.28 -63.40
N SER C 738 -71.30 20.09 -63.44
CA SER C 738 -72.19 20.13 -64.63
C SER C 738 -71.46 20.65 -65.87
N THR C 739 -70.34 21.36 -65.67
CA THR C 739 -69.52 21.92 -66.76
C THR C 739 -68.46 20.91 -67.29
N LEU C 740 -68.38 19.70 -66.72
CA LEU C 740 -67.34 18.71 -67.09
C LEU C 740 -67.25 18.32 -68.57
N ARG C 741 -68.42 18.20 -69.26
CA ARG C 741 -68.44 17.84 -70.68
C ARG C 741 -67.80 18.96 -71.50
N ASP C 742 -68.09 20.23 -71.17
CA ASP C 742 -67.50 21.40 -71.83
C ASP C 742 -66.01 21.53 -71.52
N GLN C 743 -65.60 21.20 -70.27
CA GLN C 743 -64.18 21.22 -69.86
C GLN C 743 -63.40 20.14 -70.63
N ALA C 744 -64.03 18.97 -70.88
CA ALA C 744 -63.42 17.88 -71.65
C ALA C 744 -63.16 18.34 -73.09
N LEU C 745 -64.14 19.08 -73.67
CA LEU C 745 -64.00 19.63 -75.02
C LEU C 745 -62.89 20.68 -75.09
N ALA C 746 -62.71 21.48 -74.03
CA ALA C 746 -61.64 22.50 -73.96
C ALA C 746 -60.24 21.87 -73.91
N LEU C 747 -60.11 20.68 -73.29
CA LEU C 747 -58.85 19.95 -73.14
C LEU C 747 -58.55 18.96 -74.27
N LYS C 748 -59.59 18.48 -74.99
CA LYS C 748 -59.45 17.49 -76.08
C LYS C 748 -58.37 17.82 -77.11
N PRO C 749 -58.26 19.05 -77.70
CA PRO C 749 -57.17 19.30 -78.67
C PRO C 749 -55.77 19.10 -78.11
N ALA C 750 -55.48 19.63 -76.90
CA ALA C 750 -54.17 19.48 -76.24
C ALA C 750 -53.91 18.01 -75.84
N SER C 751 -54.94 17.34 -75.32
CA SER C 751 -54.87 15.94 -74.89
C SER C 751 -54.60 14.98 -76.07
N SER C 752 -55.12 15.31 -77.25
CA SER C 752 -54.96 14.52 -78.48
CA SER C 752 -54.92 14.49 -78.45
C SER C 752 -53.78 15.00 -79.32
N SER C 753 -53.13 16.12 -78.91
CA SER C 753 -52.01 16.76 -79.62
C SER C 753 -52.33 16.98 -81.12
N VAL C 754 -53.54 17.50 -81.40
CA VAL C 754 -53.98 17.80 -82.77
C VAL C 754 -53.10 18.89 -83.38
N ASP C 755 -53.12 19.02 -84.70
CA ASP C 755 -52.35 20.06 -85.36
C ASP C 755 -52.92 21.41 -84.89
N ASN C 756 -52.02 22.30 -84.44
CA ASN C 756 -52.35 23.63 -83.92
C ASN C 756 -53.08 23.58 -82.55
N TRP C 757 -52.83 22.52 -81.75
CA TRP C 757 -53.42 22.35 -80.43
C TRP C 757 -53.16 23.55 -79.50
N ALA C 758 -51.95 24.16 -79.55
CA ALA C 758 -51.58 25.27 -78.66
C ALA C 758 -52.44 26.49 -78.89
N GLU C 759 -52.66 26.88 -80.16
CA GLU C 759 -53.51 28.00 -80.54
C GLU C 759 -54.95 27.71 -80.15
N ALA C 760 -55.44 26.48 -80.47
CA ALA C 760 -56.79 26.00 -80.14
C ALA C 760 -57.02 26.05 -78.63
N THR C 761 -56.03 25.61 -77.83
CA THR C 761 -56.12 25.60 -76.36
C THR C 761 -56.20 27.02 -75.77
N GLU C 762 -55.34 27.94 -76.27
CA GLU C 762 -55.32 29.35 -75.88
C GLU C 762 -56.72 29.99 -76.00
N GLU C 763 -57.37 29.77 -77.15
CA GLU C 763 -58.71 30.28 -77.42
C GLU C 763 -59.74 29.60 -76.50
N LEU C 764 -59.64 28.27 -76.31
CA LEU C 764 -60.57 27.54 -75.42
C LEU C 764 -60.45 27.98 -73.95
N ALA C 765 -59.21 28.27 -73.48
CA ALA C 765 -58.94 28.77 -72.12
C ALA C 765 -59.52 30.17 -71.95
N GLN C 766 -59.38 31.03 -72.98
CA GLN C 766 -59.92 32.39 -72.97
C GLN C 766 -61.43 32.36 -72.86
N GLN C 767 -62.11 31.55 -73.70
CA GLN C 767 -63.58 31.41 -73.68
C GLN C 767 -64.04 30.88 -72.33
N GLN C 768 -63.27 29.94 -71.75
CA GLN C 768 -63.62 29.35 -70.46
C GLN C 768 -63.42 30.32 -69.29
N GLN C 769 -62.43 31.24 -69.38
CA GLN C 769 -62.17 32.26 -68.36
C GLN C 769 -63.40 33.19 -68.18
N LEU C 770 -64.11 33.48 -69.28
CA LEU C 770 -65.33 34.28 -69.31
C LEU C 770 -66.45 33.63 -68.46
N LEU C 771 -66.55 32.28 -68.48
CA LEU C 771 -67.52 31.48 -67.72
C LEU C 771 -67.42 31.72 -66.22
N MET C 772 -66.30 32.22 -65.75
CA MET C 772 -66.12 32.47 -64.35
C MET C 772 -66.62 33.82 -63.80
N LYS C 773 -67.38 34.52 -64.65
CA LYS C 773 -68.10 35.74 -64.33
C LYS C 773 -69.44 35.26 -63.77
N ALA C 774 -69.91 34.06 -64.23
CA ALA C 774 -71.18 33.47 -63.81
C ALA C 774 -71.02 32.73 -62.51
N ASN C 775 -71.35 33.43 -61.39
CA ASN C 775 -71.24 32.92 -60.01
C ASN C 775 -72.04 31.64 -59.76
N ASN C 776 -73.02 31.35 -60.62
CA ASN C 776 -73.83 30.14 -60.55
C ASN C 776 -73.05 28.88 -61.04
N LEU C 777 -72.05 29.03 -61.98
CA LEU C 777 -71.17 27.94 -62.49
C LEU C 777 -70.00 27.66 -61.57
N LEU C 778 -69.81 28.50 -60.56
CA LEU C 778 -68.70 28.45 -59.61
C LEU C 778 -69.05 27.72 -58.33
N LYS C 779 -68.57 26.48 -58.22
CA LYS C 779 -68.74 25.62 -57.06
C LYS C 779 -67.63 24.61 -57.10
N SER C 780 -67.00 24.37 -55.93
CA SER C 780 -65.94 23.40 -55.82
C SER C 780 -66.50 21.98 -56.05
N SER C 781 -65.90 21.25 -57.00
CA SER C 781 -66.28 19.85 -57.27
C SER C 781 -65.88 18.98 -56.05
N LEU C 782 -64.98 19.48 -55.19
CA LEU C 782 -64.56 18.78 -53.96
C LEU C 782 -65.70 18.74 -52.95
N THR C 783 -66.48 19.82 -52.86
CA THR C 783 -67.68 19.91 -52.02
C THR C 783 -68.77 19.00 -52.61
N GLU C 784 -68.96 19.04 -53.95
CA GLU C 784 -69.95 18.21 -54.65
C GLU C 784 -69.59 16.72 -54.48
N THR C 785 -68.29 16.37 -54.55
CA THR C 785 -67.83 14.99 -54.32
C THR C 785 -68.20 14.55 -52.89
N ARG C 786 -67.87 15.36 -51.86
CA ARG C 786 -68.17 15.06 -50.47
C ARG C 786 -69.67 14.87 -50.21
N GLU C 787 -70.51 15.70 -50.85
CA GLU C 787 -71.98 15.58 -50.73
C GLU C 787 -72.47 14.26 -51.36
N ALA C 788 -71.94 13.87 -52.53
CA ALA C 788 -72.34 12.61 -53.16
C ALA C 788 -71.83 11.39 -52.35
N LEU C 789 -70.60 11.47 -51.77
CA LEU C 789 -70.03 10.39 -50.95
C LEU C 789 -70.86 10.13 -49.70
N GLU C 790 -71.43 11.18 -49.11
CA GLU C 790 -72.17 11.11 -47.87
C GLU C 790 -73.68 10.90 -48.04
N LYS C 791 -74.17 10.91 -49.29
CA LYS C 791 -75.59 10.73 -49.62
C LYS C 791 -76.10 9.36 -49.12
N THR C 792 -77.24 9.38 -48.44
CA THR C 792 -77.95 8.17 -47.94
C THR C 792 -79.41 8.18 -48.42
N LYS D 11 52.77 54.48 22.87
CA LYS D 11 52.06 54.91 21.64
C LYS D 11 52.36 54.07 20.44
N ALA D 12 51.31 53.60 19.77
CA ALA D 12 51.40 52.74 18.59
C ALA D 12 50.59 53.29 17.43
N SER D 13 50.92 52.84 16.21
CA SER D 13 50.20 53.27 15.03
C SER D 13 48.79 52.67 15.00
N ILE D 14 47.85 53.33 14.29
CA ILE D 14 46.47 52.86 14.14
C ILE D 14 46.42 51.45 13.52
N LEU D 15 47.36 51.16 12.60
CA LEU D 15 47.50 49.87 11.93
C LEU D 15 47.76 48.76 12.96
N THR D 16 48.70 48.98 13.90
CA THR D 16 49.02 48.07 15.00
C THR D 16 47.79 47.91 15.92
N ALA D 17 47.14 49.04 16.29
CA ALA D 17 45.92 49.07 17.13
C ALA D 17 44.76 48.28 16.49
N LEU D 18 44.61 48.35 15.14
CA LEU D 18 43.57 47.59 14.42
C LEU D 18 43.81 46.08 14.50
N MET D 19 45.08 45.65 14.45
CA MET D 19 45.52 44.26 14.51
C MET D 19 45.89 43.82 15.93
N ILE D 31 60.72 31.55 25.92
CA ILE D 31 60.11 30.25 25.65
C ILE D 31 60.54 29.73 24.27
N PRO D 32 61.12 28.49 24.20
CA PRO D 32 61.53 27.94 22.89
C PRO D 32 60.34 27.79 21.94
N LYS D 33 60.56 28.02 20.63
CA LYS D 33 59.50 27.87 19.62
C LYS D 33 59.15 26.38 19.43
N ARG D 34 57.91 26.07 18.99
CA ARG D 34 57.49 24.68 18.78
C ARG D 34 58.27 24.06 17.64
N PHE D 35 58.63 22.79 17.79
CA PHE D 35 59.33 22.07 16.74
C PHE D 35 58.34 21.67 15.63
N ARG D 36 58.70 21.98 14.39
CA ARG D 36 57.90 21.61 13.22
CA ARG D 36 57.91 21.63 13.21
C ARG D 36 58.74 20.64 12.39
N PRO D 37 58.38 19.33 12.39
CA PRO D 37 59.15 18.36 11.57
C PRO D 37 59.21 18.79 10.10
N ALA D 38 60.32 18.48 9.43
CA ALA D 38 60.49 18.77 8.02
C ALA D 38 59.53 17.89 7.19
N LYS D 39 59.27 18.27 5.94
CA LYS D 39 58.49 17.44 5.02
C LYS D 39 59.27 16.13 4.85
N ASP D 40 58.56 15.02 4.79
CA ASP D 40 59.20 13.71 4.72
C ASP D 40 59.19 13.19 3.28
N PRO D 41 60.36 13.14 2.59
CA PRO D 41 60.38 12.64 1.20
C PRO D 41 60.11 11.13 1.07
N LEU D 42 60.18 10.36 2.18
CA LEU D 42 59.94 8.92 2.14
C LEU D 42 58.52 8.50 2.53
N ASP D 43 57.58 9.47 2.56
CA ASP D 43 56.19 9.24 2.95
C ASP D 43 55.28 8.63 1.86
N SER D 44 55.85 8.02 0.83
CA SER D 44 55.08 7.36 -0.21
C SER D 44 55.67 5.97 -0.44
N PRO D 45 54.87 4.96 -0.87
CA PRO D 45 55.41 3.61 -1.08
C PRO D 45 56.56 3.54 -2.09
N GLN D 46 56.49 4.34 -3.17
CA GLN D 46 57.51 4.36 -4.23
C GLN D 46 58.84 4.88 -3.70
N ALA D 47 58.81 5.99 -2.95
CA ALA D 47 60.03 6.59 -2.39
C ALA D 47 60.61 5.70 -1.28
N ALA D 48 59.76 5.11 -0.44
CA ALA D 48 60.21 4.21 0.64
C ALA D 48 60.83 2.91 0.06
N ALA D 49 60.17 2.27 -0.95
CA ALA D 49 60.68 1.05 -1.59
C ALA D 49 62.04 1.31 -2.27
N GLN D 50 62.18 2.46 -2.98
CA GLN D 50 63.42 2.84 -3.65
C GLN D 50 64.55 3.03 -2.61
N PHE D 51 64.24 3.70 -1.48
CA PHE D 51 65.21 3.93 -0.40
C PHE D 51 65.71 2.58 0.16
N LEU D 52 64.80 1.63 0.38
CA LEU D 52 65.14 0.30 0.92
C LEU D 52 65.96 -0.50 -0.08
N LYS D 53 65.56 -0.45 -1.38
CA LYS D 53 66.29 -1.13 -2.45
C LYS D 53 67.72 -0.58 -2.57
N ASP D 54 67.88 0.77 -2.53
CA ASP D 54 69.19 1.43 -2.60
C ASP D 54 70.09 1.02 -1.44
N ASN D 55 69.48 0.67 -0.30
CA ASN D 55 70.21 0.26 0.90
C ASN D 55 70.24 -1.23 1.11
N LYS D 56 69.86 -2.04 0.11
CA LYS D 56 69.93 -3.52 0.16
C LYS D 56 69.09 -4.17 1.28
N TYR D 57 67.98 -3.52 1.61
CA TYR D 57 67.07 -4.02 2.64
C TYR D 57 66.05 -4.91 1.92
N ARG D 58 65.86 -6.16 2.37
CA ARG D 58 64.93 -7.07 1.69
C ARG D 58 63.43 -6.69 1.79
N ILE D 59 62.77 -6.62 0.61
CA ILE D 59 61.34 -6.37 0.48
C ILE D 59 60.77 -7.71 0.00
N LEU D 60 59.78 -8.27 0.71
CA LEU D 60 59.21 -9.55 0.28
C LEU D 60 58.27 -9.38 -0.89
N ARG D 61 58.05 -10.46 -1.64
CA ARG D 61 57.02 -10.50 -2.68
C ARG D 61 55.71 -10.47 -1.83
N PRO D 62 54.79 -9.50 -2.05
CA PRO D 62 53.63 -9.38 -1.15
C PRO D 62 52.64 -10.55 -1.19
N ARG D 63 52.07 -10.83 -0.02
CA ARG D 63 51.07 -11.87 0.15
C ARG D 63 49.72 -11.19 0.45
N ALA D 64 48.64 -11.85 0.03
CA ALA D 64 47.26 -11.32 0.12
C ALA D 64 46.46 -12.03 1.19
N ILE D 65 45.45 -11.34 1.73
CA ILE D 65 44.58 -11.88 2.79
C ILE D 65 43.14 -11.88 2.29
N PRO D 66 42.40 -13.01 2.45
CA PRO D 66 40.99 -13.05 2.02
C PRO D 66 40.15 -12.00 2.76
N THR D 67 39.11 -11.49 2.10
CA THR D 67 38.19 -10.55 2.73
C THR D 67 37.41 -11.23 3.88
N MET D 68 36.85 -10.43 4.78
CA MET D 68 36.09 -10.92 5.92
C MET D 68 34.72 -11.46 5.54
N VAL D 69 34.33 -12.54 6.21
CA VAL D 69 33.02 -13.20 6.08
C VAL D 69 32.44 -13.28 7.51
N GLU D 70 31.13 -13.03 7.63
CA GLU D 70 30.43 -13.13 8.91
C GLU D 70 30.00 -14.59 9.16
N LEU D 71 30.41 -15.16 10.30
CA LEU D 71 30.02 -16.49 10.72
C LEU D 71 29.27 -16.38 12.03
N GLU D 72 28.41 -17.36 12.36
CA GLU D 72 27.68 -17.38 13.63
C GLU D 72 28.70 -17.74 14.73
N THR D 73 28.74 -16.94 15.80
CA THR D 73 29.64 -17.17 16.93
C THR D 73 29.47 -18.55 17.54
N ASP D 74 28.21 -19.02 17.70
CA ASP D 74 27.96 -20.35 18.28
C ASP D 74 28.38 -21.54 17.41
N ALA D 75 28.56 -21.30 16.10
CA ALA D 75 29.06 -22.35 15.21
C ALA D 75 30.62 -22.31 15.25
N ALA D 76 31.22 -21.11 15.24
CA ALA D 76 32.69 -20.93 15.25
C ALA D 76 33.30 -21.17 16.64
N LEU D 77 32.58 -20.78 17.71
CA LEU D 77 33.03 -20.96 19.10
C LEU D 77 31.95 -21.73 19.89
N PRO D 78 31.76 -23.06 19.63
CA PRO D 78 30.69 -23.80 20.32
C PRO D 78 30.75 -23.82 21.84
N ARG D 79 31.96 -23.76 22.40
CA ARG D 79 32.15 -23.75 23.84
C ARG D 79 31.53 -22.51 24.48
N LEU D 80 31.38 -21.39 23.71
CA LEU D 80 30.85 -20.10 24.19
C LEU D 80 29.36 -19.83 23.83
N ARG D 81 28.60 -20.89 23.47
CA ARG D 81 27.16 -20.81 23.13
C ARG D 81 26.32 -20.07 24.18
N GLN D 82 26.53 -20.37 25.48
CA GLN D 82 25.81 -19.74 26.60
C GLN D 82 26.07 -18.24 26.69
N MET D 83 27.31 -17.79 26.38
CA MET D 83 27.68 -16.38 26.39
C MET D 83 26.91 -15.59 25.32
N VAL D 84 26.67 -16.22 24.16
CA VAL D 84 25.90 -15.63 23.04
C VAL D 84 24.43 -15.52 23.50
N GLU D 85 23.86 -16.64 24.01
CA GLU D 85 22.48 -16.76 24.54
C GLU D 85 22.19 -15.72 25.62
N ASP D 86 23.15 -15.48 26.54
CA ASP D 86 23.01 -14.49 27.61
C ASP D 86 23.22 -13.03 27.14
N GLY D 87 23.51 -12.86 25.85
CA GLY D 87 23.76 -11.55 25.25
C GLY D 87 25.04 -10.89 25.71
N LYS D 88 26.01 -11.68 26.22
CA LYS D 88 27.28 -11.17 26.71
C LYS D 88 28.40 -11.23 25.65
N LEU D 89 28.13 -11.95 24.55
CA LEU D 89 29.06 -12.11 23.42
C LEU D 89 28.30 -11.96 22.12
N LYS D 90 28.81 -11.10 21.20
CA LYS D 90 28.23 -10.85 19.87
C LYS D 90 27.95 -12.15 19.13
N ASP D 91 26.79 -12.23 18.47
CA ASP D 91 26.32 -13.43 17.77
C ASP D 91 27.00 -13.74 16.44
N THR D 92 27.84 -12.83 15.94
CA THR D 92 28.60 -13.07 14.70
C THR D 92 30.09 -12.76 14.90
N VAL D 93 30.95 -13.48 14.17
CA VAL D 93 32.40 -13.27 14.12
C VAL D 93 32.78 -12.99 12.65
N SER D 94 33.73 -12.09 12.43
CA SER D 94 34.19 -11.67 11.10
C SER D 94 35.55 -12.35 10.80
N VAL D 95 35.59 -13.40 9.93
CA VAL D 95 36.80 -14.20 9.65
C VAL D 95 37.32 -14.11 8.22
N PRO D 96 38.67 -14.15 7.99
CA PRO D 96 39.18 -14.01 6.59
C PRO D 96 39.00 -15.24 5.73
N GLU D 97 37.76 -15.44 5.28
CA GLU D 97 37.40 -16.60 4.46
C GLU D 97 36.70 -16.20 3.17
N GLY D 98 36.80 -14.92 2.79
CA GLY D 98 36.16 -14.42 1.58
C GLY D 98 36.69 -15.02 0.31
N THR D 99 35.93 -14.86 -0.77
CA THR D 99 36.25 -15.40 -2.09
C THR D 99 37.39 -14.63 -2.77
N THR D 100 37.68 -13.40 -2.31
CA THR D 100 38.67 -12.50 -2.91
C THR D 100 39.72 -12.16 -1.86
N ALA D 101 40.98 -12.13 -2.28
CA ALA D 101 42.08 -11.78 -1.36
C ALA D 101 42.78 -10.51 -1.82
N PHE D 102 43.18 -9.66 -0.88
CA PHE D 102 43.84 -8.38 -1.21
C PHE D 102 45.06 -8.15 -0.37
N TYR D 103 45.96 -7.28 -0.86
CA TYR D 103 47.17 -6.93 -0.13
C TYR D 103 46.83 -5.96 0.98
N PRO D 104 47.29 -6.24 2.21
CA PRO D 104 47.00 -5.31 3.34
C PRO D 104 47.84 -4.04 3.25
N LYS D 105 47.32 -2.97 3.83
CA LYS D 105 47.99 -1.67 3.89
C LYS D 105 47.87 -1.13 5.29
N TYR D 106 48.98 -0.62 5.80
CA TYR D 106 49.00 -0.06 7.14
C TYR D 106 49.69 1.31 7.13
N TYR D 107 48.95 2.36 7.51
CA TYR D 107 49.46 3.74 7.55
C TYR D 107 49.46 4.25 8.96
N PRO D 108 50.62 4.28 9.63
CA PRO D 108 50.65 4.81 10.99
C PRO D 108 50.44 6.33 11.07
N PHE D 109 50.17 6.84 12.28
CA PHE D 109 50.03 8.26 12.51
C PHE D 109 51.34 8.79 13.02
N HIS D 110 51.91 9.74 12.29
CA HIS D 110 53.17 10.37 12.67
C HIS D 110 52.83 11.76 13.12
N LYS D 111 52.99 12.00 14.42
CA LYS D 111 52.64 13.28 15.02
C LYS D 111 53.69 13.71 16.05
N PRO D 112 54.00 15.03 16.12
CA PRO D 112 53.54 16.09 15.19
C PRO D 112 54.17 15.87 13.80
N ASP D 113 53.69 16.60 12.80
CA ASP D 113 54.29 16.51 11.46
C ASP D 113 54.39 17.91 10.85
N HIS D 114 54.89 18.02 9.61
CA HIS D 114 55.03 19.33 8.96
C HIS D 114 53.73 20.13 8.88
N ASP D 115 52.60 19.45 8.62
CA ASP D 115 51.30 20.10 8.47
C ASP D 115 50.50 20.28 9.74
N GLU D 116 50.83 19.52 10.80
CA GLU D 116 50.07 19.58 12.06
C GLU D 116 50.97 19.61 13.29
N VAL D 117 51.07 20.79 13.91
CA VAL D 117 51.80 21.01 15.16
C VAL D 117 50.74 21.53 16.14
N GLY D 118 50.24 20.65 16.99
CA GLY D 118 49.19 21.01 17.93
C GLY D 118 49.45 20.61 19.36
N THR D 119 48.36 20.28 20.08
CA THR D 119 48.39 19.90 21.48
C THR D 119 49.15 18.59 21.69
N PHE D 120 49.11 17.68 20.70
CA PHE D 120 49.85 16.43 20.80
C PHE D 120 51.38 16.73 20.73
N GLY D 121 52.12 16.27 21.73
CA GLY D 121 53.55 16.51 21.83
C GLY D 121 53.91 17.91 22.28
N ALA D 122 52.92 18.69 22.82
CA ALA D 122 53.21 20.03 23.32
C ALA D 122 54.09 19.98 24.58
N PRO D 123 55.15 20.81 24.67
CA PRO D 123 55.97 20.82 25.90
C PRO D 123 55.18 21.42 27.07
N ASP D 124 55.54 21.11 28.32
CA ASP D 124 54.82 21.70 29.44
C ASP D 124 55.34 23.11 29.75
N ILE D 125 54.86 24.11 28.99
CA ILE D 125 55.23 25.52 29.14
C ILE D 125 54.71 26.10 30.46
N THR D 126 53.55 25.61 30.93
CA THR D 126 52.97 26.04 32.21
C THR D 126 53.95 25.66 33.34
N LEU D 127 54.46 24.42 33.34
CA LEU D 127 55.44 23.98 34.33
C LEU D 127 56.73 24.83 34.23
N LEU D 128 57.22 25.08 33.00
CA LEU D 128 58.41 25.90 32.77
C LEU D 128 58.25 27.30 33.43
N LYS D 129 57.08 27.92 33.26
CA LYS D 129 56.78 29.23 33.84
C LYS D 129 56.73 29.15 35.37
N GLN D 130 56.10 28.09 35.92
CA GLN D 130 56.01 27.86 37.38
C GLN D 130 57.40 27.62 37.99
N LEU D 131 58.27 26.85 37.29
CA LEU D 131 59.64 26.60 37.74
C LEU D 131 60.39 27.94 37.83
N THR D 132 60.14 28.84 36.86
CA THR D 132 60.77 30.16 36.82
C THR D 132 60.29 31.02 37.98
N PHE D 133 58.95 31.09 38.20
CA PHE D 133 58.37 31.85 39.32
C PHE D 133 58.91 31.34 40.65
N PHE D 134 58.91 30.01 40.87
CA PHE D 134 59.40 29.44 42.11
C PHE D 134 60.89 29.60 42.35
N LEU D 135 61.69 29.60 41.29
CA LEU D 135 63.14 29.80 41.42
C LEU D 135 63.44 31.23 41.88
N LEU D 136 62.65 32.21 41.41
CA LEU D 136 62.81 33.59 41.82
C LEU D 136 62.51 33.79 43.31
N GLU D 137 61.58 32.99 43.87
CA GLU D 137 61.19 33.10 45.30
C GLU D 137 61.98 32.19 46.24
N ASN D 138 62.76 31.24 45.72
CA ASN D 138 63.46 30.27 46.57
C ASN D 138 64.92 30.12 46.23
N ASP D 139 65.76 30.07 47.26
CA ASP D 139 67.18 29.89 47.05
C ASP D 139 67.57 28.42 47.11
N PHE D 140 67.19 27.68 46.06
CA PHE D 140 67.54 26.27 46.00
C PHE D 140 68.85 26.18 45.23
N PRO D 141 69.96 25.68 45.81
CA PRO D 141 71.24 25.63 45.05
C PRO D 141 71.20 24.82 43.75
N THR D 142 70.34 23.78 43.67
CA THR D 142 70.22 22.98 42.43
C THR D 142 69.10 23.50 41.51
N GLY D 143 68.36 24.52 41.97
CA GLY D 143 67.26 25.14 41.25
C GLY D 143 67.68 25.67 39.88
N PRO D 144 68.77 26.51 39.77
CA PRO D 144 69.18 27.01 38.45
C PRO D 144 69.46 25.91 37.43
N GLU D 145 70.13 24.82 37.85
CA GLU D 145 70.43 23.70 36.97
C GLU D 145 69.16 22.94 36.55
N THR D 146 68.17 22.79 37.47
CA THR D 146 66.90 22.13 37.13
C THR D 146 66.17 22.94 36.04
N LEU D 147 66.05 24.28 36.24
CA LEU D 147 65.39 25.13 35.25
C LEU D 147 66.10 25.06 33.89
N ARG D 148 67.44 25.15 33.88
CA ARG D 148 68.25 25.09 32.66
C ARG D 148 68.01 23.76 31.90
N GLN D 149 67.97 22.64 32.64
CA GLN D 149 67.75 21.31 32.07
C GLN D 149 66.36 21.14 31.47
N VAL D 150 65.32 21.66 32.15
CA VAL D 150 63.95 21.57 31.63
C VAL D 150 63.85 22.42 30.35
N ARG D 151 64.42 23.64 30.37
CA ARG D 151 64.43 24.55 29.21
C ARG D 151 65.15 23.90 28.02
N GLU D 152 66.33 23.28 28.29
CA GLU D 152 67.14 22.59 27.27
C GLU D 152 66.39 21.38 26.69
N ALA D 153 65.68 20.60 27.54
CA ALA D 153 64.89 19.44 27.09
C ALA D 153 63.73 19.93 26.21
N ILE D 154 63.08 21.05 26.58
CA ILE D 154 61.99 21.62 25.76
C ILE D 154 62.53 22.02 24.35
N ALA D 155 63.69 22.68 24.33
CA ALA D 155 64.32 23.18 23.09
C ALA D 155 64.93 22.07 22.20
N THR D 156 65.39 20.95 22.79
CA THR D 156 66.10 19.92 22.02
C THR D 156 65.33 18.62 21.77
N LEU D 157 64.31 18.32 22.60
CA LEU D 157 63.54 17.08 22.46
C LEU D 157 62.16 17.33 21.90
N GLN D 158 61.48 16.25 21.56
CA GLN D 158 60.12 16.27 21.06
C GLN D 158 59.45 14.95 21.36
N TYR D 159 58.35 14.99 22.12
CA TYR D 159 57.57 13.79 22.31
C TYR D 159 56.68 13.60 21.06
N GLY D 160 56.66 12.39 20.53
CA GLY D 160 55.82 12.10 19.39
C GLY D 160 56.14 10.76 18.78
N SER D 161 55.55 10.49 17.64
CA SER D 161 55.68 9.21 16.98
C SER D 161 56.57 9.20 15.73
N GLY D 162 57.51 10.14 15.67
CA GLY D 162 58.50 10.21 14.60
C GLY D 162 57.95 10.38 13.20
N SER D 163 58.58 9.69 12.24
CA SER D 163 58.24 9.82 10.83
C SER D 163 58.51 8.52 10.07
N TYR D 164 58.06 8.45 8.79
CA TYR D 164 58.34 7.32 7.91
C TYR D 164 59.86 7.19 7.76
N SER D 165 60.57 8.33 7.50
CA SER D 165 62.04 8.37 7.38
C SER D 165 62.71 7.79 8.63
N GLY D 166 62.23 8.17 9.80
CA GLY D 166 62.77 7.68 11.07
C GLY D 166 62.60 6.18 11.21
N GLN D 167 61.40 5.67 10.87
CA GLN D 167 61.08 4.23 10.91
C GLN D 167 61.96 3.43 9.94
N LEU D 168 62.14 3.96 8.72
CA LEU D 168 62.93 3.32 7.66
C LEU D 168 64.42 3.33 7.97
N ASN D 169 64.95 4.45 8.51
CA ASN D 169 66.35 4.53 8.93
C ASN D 169 66.59 3.58 10.11
N ARG D 170 65.60 3.44 11.00
CA ARG D 170 65.69 2.49 12.11
C ARG D 170 65.78 1.04 11.57
N LEU D 171 64.95 0.68 10.58
CA LEU D 171 65.02 -0.64 9.93
C LEU D 171 66.42 -0.92 9.38
N LEU D 172 67.07 0.10 8.76
CA LEU D 172 68.45 -0.06 8.23
C LEU D 172 69.43 -0.34 9.33
N ALA D 173 69.28 0.34 10.50
CA ALA D 173 70.16 0.10 11.64
C ALA D 173 69.97 -1.35 12.18
N MET D 174 68.72 -1.87 12.16
CA MET D 174 68.42 -3.26 12.58
C MET D 174 69.10 -4.26 11.64
N LYS D 175 69.00 -4.01 10.32
CA LYS D 175 69.68 -4.86 9.33
C LYS D 175 71.21 -4.82 9.58
N GLY D 176 71.75 -3.63 9.88
CA GLY D 176 73.18 -3.47 10.13
C GLY D 176 73.65 -4.29 11.32
N VAL D 177 72.84 -4.32 12.40
CA VAL D 177 73.16 -5.09 13.61
C VAL D 177 73.12 -6.60 13.30
N ALA D 178 72.10 -7.03 12.56
CA ALA D 178 71.90 -8.43 12.22
C ALA D 178 72.92 -8.98 11.22
N THR D 179 73.30 -8.16 10.21
CA THR D 179 74.09 -8.67 9.09
C THR D 179 75.35 -7.87 8.72
N GLY D 180 75.60 -6.75 9.38
CA GLY D 180 76.70 -5.85 9.02
C GLY D 180 78.05 -6.17 9.60
N ARG D 181 78.58 -5.27 10.46
CA ARG D 181 79.92 -5.42 11.06
C ARG D 181 80.09 -6.71 11.90
N ASN D 182 79.02 -7.17 12.55
CA ASN D 182 79.05 -8.32 13.42
C ASN D 182 77.82 -9.21 13.14
N PRO D 183 77.84 -10.01 12.05
CA PRO D 183 76.64 -10.83 11.74
C PRO D 183 76.21 -11.77 12.87
N ASN D 184 74.90 -11.98 12.99
CA ASN D 184 74.31 -12.84 14.00
C ASN D 184 74.83 -14.27 13.95
N LYS D 185 74.85 -14.94 15.09
CA LYS D 185 75.27 -16.33 15.19
C LYS D 185 74.24 -17.11 15.97
N THR D 186 73.86 -18.30 15.46
CA THR D 186 72.96 -19.16 16.23
C THR D 186 73.71 -19.66 17.50
N PRO D 187 73.01 -20.05 18.59
CA PRO D 187 73.73 -20.64 19.76
C PRO D 187 74.67 -21.82 19.37
N LYS D 188 74.25 -22.65 18.39
CA LYS D 188 75.04 -23.79 17.88
C LYS D 188 76.41 -23.32 17.26
N THR D 189 76.39 -22.21 16.49
CA THR D 189 77.60 -21.63 15.91
C THR D 189 78.52 -21.13 17.04
N VAL D 190 77.95 -20.49 18.09
CA VAL D 190 78.75 -20.01 19.25
C VAL D 190 79.38 -21.23 19.98
N GLY D 191 78.68 -22.38 19.98
CA GLY D 191 79.15 -23.61 20.57
C GLY D 191 78.30 -24.21 21.69
N TYR D 192 77.03 -23.79 21.81
CA TYR D 192 76.11 -24.31 22.84
C TYR D 192 75.01 -25.17 22.25
N THR D 193 74.69 -26.28 22.92
CA THR D 193 73.52 -27.09 22.54
C THR D 193 72.34 -26.48 23.34
N ASN D 194 71.11 -26.91 23.06
CA ASN D 194 69.94 -26.43 23.81
C ASN D 194 70.01 -26.78 25.29
N GLU D 195 70.54 -27.98 25.63
CA GLU D 195 70.68 -28.41 27.02
C GLU D 195 71.72 -27.55 27.78
N GLN D 196 72.84 -27.20 27.13
CA GLN D 196 73.84 -26.32 27.76
C GLN D 196 73.27 -24.93 28.02
N LEU D 197 72.47 -24.40 27.07
CA LEU D 197 71.80 -23.11 27.26
C LEU D 197 70.81 -23.20 28.41
N ALA D 198 70.06 -24.31 28.49
CA ALA D 198 69.08 -24.54 29.56
C ALA D 198 69.77 -24.56 30.93
N LYS D 199 70.99 -25.16 31.01
CA LYS D 199 71.76 -25.20 32.26
C LYS D 199 72.19 -23.78 32.69
N LEU D 200 72.52 -22.91 31.72
CA LEU D 200 72.85 -21.49 31.99
C LEU D 200 71.60 -20.76 32.48
N LEU D 201 70.48 -20.95 31.78
CA LEU D 201 69.19 -20.31 32.10
C LEU D 201 68.63 -20.73 33.46
N GLU D 202 68.93 -21.96 33.94
CA GLU D 202 68.52 -22.37 35.30
C GLU D 202 69.11 -21.41 36.33
N GLN D 203 70.27 -20.81 36.00
CA GLN D 203 70.92 -19.84 36.87
C GLN D 203 70.55 -18.38 36.56
N THR D 204 70.51 -18.00 35.28
CA THR D 204 70.26 -16.59 34.88
C THR D 204 68.80 -16.22 34.72
N LEU D 205 67.93 -17.23 34.54
CA LEU D 205 66.49 -17.03 34.43
C LEU D 205 65.78 -18.21 35.12
N PRO D 206 65.97 -18.35 36.45
CA PRO D 206 65.31 -19.47 37.17
C PRO D 206 63.81 -19.43 36.99
N ILE D 207 63.22 -20.57 36.68
CA ILE D 207 61.78 -20.63 36.50
C ILE D 207 61.16 -21.76 37.33
N ASN D 208 59.91 -21.58 37.71
CA ASN D 208 59.13 -22.63 38.36
C ASN D 208 58.23 -23.20 37.27
N THR D 209 57.58 -24.32 37.55
CA THR D 209 56.62 -24.85 36.59
C THR D 209 55.31 -23.99 36.73
N PRO D 210 54.38 -23.99 35.72
CA PRO D 210 53.08 -23.36 35.97
C PRO D 210 52.40 -24.05 37.17
N LYS D 211 51.42 -23.37 37.78
CA LYS D 211 50.67 -23.97 38.88
C LYS D 211 50.10 -25.33 38.42
N HIS D 212 49.97 -26.24 39.37
CA HIS D 212 49.45 -27.59 39.13
C HIS D 212 48.05 -27.55 38.52
N GLU D 213 47.22 -26.54 38.91
CA GLU D 213 45.85 -26.34 38.44
C GLU D 213 45.78 -25.67 37.05
N ASP D 214 46.90 -25.09 36.55
CA ASP D 214 46.91 -24.44 35.25
C ASP D 214 46.82 -25.55 34.19
N PRO D 215 45.95 -25.40 33.17
CA PRO D 215 45.87 -26.45 32.14
C PRO D 215 47.21 -26.60 31.41
N ASP D 216 47.54 -27.85 31.06
CA ASP D 216 48.70 -28.21 30.26
C ASP D 216 48.52 -27.63 28.85
N LEU D 217 49.57 -27.67 28.03
CA LEU D 217 49.51 -27.20 26.64
C LEU D 217 48.95 -28.35 25.80
N ARG D 218 47.62 -28.52 25.84
CA ARG D 218 46.96 -29.63 25.17
C ARG D 218 45.68 -29.22 24.43
N TRP D 219 45.27 -27.97 24.57
CA TRP D 219 43.96 -27.52 24.08
C TRP D 219 43.96 -26.34 23.16
N ALA D 220 42.84 -26.16 22.46
CA ALA D 220 42.57 -24.98 21.64
C ALA D 220 42.29 -23.85 22.64
N PRO D 221 42.80 -22.60 22.41
CA PRO D 221 42.57 -21.52 23.39
C PRO D 221 41.15 -21.33 23.92
N SER D 222 40.11 -21.41 23.05
CA SER D 222 38.72 -21.18 23.50
C SER D 222 38.22 -22.20 24.55
N TRP D 223 38.87 -23.37 24.65
CA TRP D 223 38.52 -24.40 25.62
C TRP D 223 38.96 -24.04 27.03
N LEU D 224 39.80 -22.99 27.18
CA LEU D 224 40.33 -22.49 28.44
C LEU D 224 39.43 -21.39 29.05
N ILE D 225 38.27 -21.19 28.46
CA ILE D 225 37.28 -20.22 28.95
C ILE D 225 36.13 -20.99 29.58
N ASN D 226 35.88 -20.74 30.86
CA ASN D 226 34.80 -21.38 31.61
C ASN D 226 33.70 -20.33 31.87
N TYR D 227 32.64 -20.39 31.07
CA TYR D 227 31.53 -19.48 31.22
C TYR D 227 30.22 -20.20 31.52
N THR D 228 29.79 -19.96 32.76
CA THR D 228 28.65 -20.54 33.47
C THR D 228 27.49 -19.56 33.55
N GLY D 229 27.79 -18.33 34.00
CA GLY D 229 26.82 -17.25 34.17
C GLY D 229 27.03 -16.50 35.47
N ASP D 230 27.51 -17.21 36.52
CA ASP D 230 27.81 -16.65 37.84
C ASP D 230 29.09 -15.84 37.74
N LEU D 231 28.98 -14.49 37.83
CA LEU D 231 30.08 -13.52 37.71
C LEU D 231 31.26 -13.77 38.67
N SER D 232 31.02 -14.47 39.79
CA SER D 232 32.05 -14.77 40.79
C SER D 232 32.76 -16.10 40.55
N THR D 233 32.17 -17.00 39.73
CA THR D 233 32.74 -18.33 39.42
C THR D 233 33.35 -18.44 37.99
N ASP D 234 32.87 -17.61 37.04
CA ASP D 234 33.32 -17.57 35.65
C ASP D 234 34.81 -17.34 35.59
N LYS D 235 35.52 -18.08 34.73
CA LYS D 235 36.98 -17.91 34.65
C LYS D 235 37.55 -18.18 33.26
N SER D 236 38.65 -17.51 32.98
CA SER D 236 39.44 -17.70 31.78
C SER D 236 40.84 -18.14 32.28
N TYR D 237 41.36 -19.23 31.73
CA TYR D 237 42.70 -19.73 32.08
C TYR D 237 43.72 -19.21 31.03
N LEU D 238 43.28 -18.27 30.19
CA LEU D 238 44.08 -17.68 29.15
C LEU D 238 44.90 -16.51 29.67
N PRO D 239 45.96 -16.07 28.94
CA PRO D 239 46.68 -14.85 29.37
C PRO D 239 45.78 -13.62 29.28
N HIS D 240 46.12 -12.58 30.06
CA HIS D 240 45.43 -11.30 30.07
C HIS D 240 45.96 -10.47 28.92
N VAL D 241 45.13 -9.54 28.40
CA VAL D 241 45.49 -8.72 27.24
C VAL D 241 45.22 -7.23 27.48
N THR D 242 45.87 -6.37 26.69
CA THR D 242 45.64 -4.93 26.70
C THR D 242 44.54 -4.69 25.68
N ILE D 243 43.32 -4.49 26.18
CA ILE D 243 42.11 -4.27 25.39
C ILE D 243 42.23 -3.19 24.29
N LYS D 244 42.88 -2.06 24.61
CA LYS D 244 43.04 -0.92 23.71
C LYS D 244 44.22 -1.06 22.71
N SER D 245 45.08 -2.07 22.87
CA SER D 245 46.19 -2.30 21.96
C SER D 245 45.68 -2.81 20.59
N SER D 246 46.50 -2.67 19.59
CA SER D 246 46.19 -3.05 18.22
C SER D 246 45.94 -4.56 18.08
N ALA D 247 44.94 -4.94 17.28
CA ALA D 247 44.62 -6.34 16.99
C ALA D 247 45.72 -6.96 16.09
N GLY D 248 46.37 -6.12 15.27
CA GLY D 248 47.35 -6.53 14.28
C GLY D 248 46.63 -7.19 13.11
N LEU D 249 47.40 -7.82 12.20
CA LEU D 249 46.79 -8.56 11.09
C LEU D 249 45.97 -9.73 11.61
N PRO D 250 44.83 -10.09 10.98
CA PRO D 250 44.23 -9.48 9.77
C PRO D 250 43.17 -8.38 10.07
N TYR D 251 43.27 -7.67 11.19
CA TYR D 251 42.29 -6.65 11.59
C TYR D 251 42.93 -5.29 11.80
N ILE D 252 43.52 -4.74 10.73
CA ILE D 252 44.14 -3.40 10.76
C ILE D 252 43.06 -2.38 11.16
N GLY D 253 43.39 -1.49 12.08
CA GLY D 253 42.45 -0.44 12.50
C GLY D 253 41.55 -0.83 13.65
N LYS D 254 41.67 -2.09 14.13
CA LYS D 254 40.86 -2.60 15.24
C LYS D 254 41.73 -2.81 16.46
N THR D 255 41.11 -2.79 17.64
CA THR D 255 41.78 -3.06 18.91
C THR D 255 41.54 -4.53 19.28
N LYS D 256 42.23 -5.02 20.32
CA LYS D 256 42.02 -6.36 20.86
C LYS D 256 40.57 -6.50 21.44
N GLY D 257 40.05 -5.41 22.01
CA GLY D 257 38.68 -5.35 22.50
C GLY D 257 37.63 -5.56 21.43
N ASP D 258 37.92 -5.17 20.17
CA ASP D 258 36.97 -5.38 19.07
C ASP D 258 37.10 -6.77 18.44
N THR D 259 38.18 -7.52 18.73
CA THR D 259 38.52 -8.75 17.99
C THR D 259 38.86 -9.98 18.83
N THR D 260 38.44 -10.02 20.10
CA THR D 260 38.76 -11.17 20.95
C THR D 260 38.18 -12.50 20.44
N ALA D 261 36.89 -12.50 20.06
CA ALA D 261 36.25 -13.70 19.55
C ALA D 261 36.95 -14.17 18.25
N GLU D 262 37.30 -13.22 17.36
CA GLU D 262 37.99 -13.50 16.09
C GLU D 262 39.38 -14.10 16.36
N ALA D 263 40.10 -13.55 17.34
CA ALA D 263 41.44 -14.05 17.70
C ALA D 263 41.36 -15.48 18.20
N LEU D 264 40.31 -15.82 19.00
CA LEU D 264 40.08 -17.17 19.49
C LEU D 264 39.81 -18.13 18.35
N VAL D 265 38.97 -17.72 17.38
CA VAL D 265 38.64 -18.54 16.20
C VAL D 265 39.93 -18.85 15.40
N LEU D 266 40.73 -17.81 15.11
CA LEU D 266 41.95 -17.96 14.34
C LEU D 266 43.02 -18.76 15.06
N ALA D 267 43.22 -18.49 16.38
CA ALA D 267 44.20 -19.23 17.18
C ALA D 267 43.75 -20.71 17.28
N ASP D 268 42.44 -20.99 17.52
CA ASP D 268 41.93 -22.37 17.56
C ASP D 268 42.21 -23.06 16.21
N SER D 269 41.88 -22.37 15.09
CA SER D 269 42.05 -22.96 13.75
C SER D 269 43.49 -23.26 13.42
N PHE D 270 44.39 -22.33 13.76
CA PHE D 270 45.82 -22.53 13.48
C PHE D 270 46.39 -23.75 14.21
N ILE D 271 46.13 -23.86 15.53
CA ILE D 271 46.61 -24.98 16.31
C ILE D 271 45.97 -26.33 15.91
N ARG D 272 44.66 -26.31 15.60
CA ARG D 272 43.93 -27.50 15.15
C ARG D 272 44.48 -28.00 13.80
N ASP D 273 44.62 -27.09 12.81
CA ASP D 273 45.14 -27.44 11.47
C ASP D 273 46.58 -27.91 11.52
N LEU D 274 47.42 -27.28 12.37
CA LEU D 274 48.82 -27.67 12.54
C LEU D 274 48.91 -29.09 13.11
N GLY D 275 48.11 -29.35 14.15
CA GLY D 275 48.04 -30.65 14.82
C GLY D 275 47.63 -31.78 13.90
N ARG D 276 46.56 -31.53 13.09
CA ARG D 276 46.04 -32.50 12.13
C ARG D 276 47.04 -32.76 11.00
N ALA D 277 47.67 -31.68 10.50
CA ALA D 277 48.66 -31.79 9.42
C ALA D 277 49.89 -32.59 9.88
N ALA D 278 50.37 -32.34 11.11
CA ALA D 278 51.56 -32.98 11.67
C ALA D 278 51.44 -34.51 11.77
N THR D 279 50.22 -35.06 11.96
CA THR D 279 50.02 -36.51 12.07
C THR D 279 49.35 -37.11 10.80
N SER D 280 49.22 -36.31 9.73
CA SER D 280 48.60 -36.75 8.47
C SER D 280 49.54 -37.67 7.66
N ALA D 281 49.04 -38.20 6.52
CA ALA D 281 49.79 -39.06 5.60
C ALA D 281 50.95 -38.30 4.94
N ASP D 282 50.86 -36.96 4.83
CA ASP D 282 51.89 -36.08 4.26
C ASP D 282 52.12 -34.86 5.19
N PRO D 283 52.87 -35.03 6.31
CA PRO D 283 53.07 -33.90 7.26
C PRO D 283 53.72 -32.67 6.65
N GLU D 284 54.69 -32.85 5.76
CA GLU D 284 55.33 -31.71 5.11
C GLU D 284 54.34 -30.87 4.29
N ALA D 285 53.54 -31.51 3.40
CA ALA D 285 52.55 -30.78 2.56
C ALA D 285 51.50 -30.09 3.40
N GLY D 286 50.99 -30.78 4.41
CA GLY D 286 49.95 -30.28 5.30
C GLY D 286 50.40 -29.14 6.19
N VAL D 287 51.58 -29.29 6.78
CA VAL D 287 52.15 -28.26 7.69
C VAL D 287 52.47 -26.99 6.88
N LYS D 288 53.12 -27.15 5.72
CA LYS D 288 53.44 -26.01 4.86
C LYS D 288 52.18 -25.28 4.40
N LYS D 289 51.12 -26.04 4.03
CA LYS D 289 49.86 -25.46 3.60
C LYS D 289 49.24 -24.59 4.71
N THR D 290 49.18 -25.11 5.95
CA THR D 290 48.63 -24.39 7.11
C THR D 290 49.41 -23.09 7.37
N ILE D 291 50.74 -23.19 7.32
CA ILE D 291 51.62 -22.05 7.55
C ILE D 291 51.40 -20.96 6.48
N THR D 292 51.34 -21.34 5.19
CA THR D 292 51.07 -20.43 4.07
C THR D 292 49.67 -19.82 4.20
N ASP D 293 48.63 -20.65 4.51
CA ASP D 293 47.25 -20.15 4.71
C ASP D 293 47.17 -19.09 5.83
N PHE D 294 47.98 -19.24 6.88
CA PHE D 294 48.00 -18.31 8.01
C PHE D 294 49.26 -17.46 8.00
N TRP D 295 49.82 -17.14 6.82
CA TRP D 295 51.07 -16.35 6.71
C TRP D 295 51.03 -15.05 7.54
N TYR D 296 49.86 -14.38 7.57
CA TYR D 296 49.67 -13.07 8.22
C TYR D 296 49.88 -13.11 9.72
N LEU D 297 49.87 -14.33 10.31
CA LEU D 297 50.16 -14.54 11.74
C LEU D 297 51.66 -14.29 12.04
N SER D 298 52.50 -14.17 11.00
CA SER D 298 53.93 -13.94 11.15
C SER D 298 54.35 -12.53 10.72
N CYS D 299 53.36 -11.66 10.42
CA CYS D 299 53.67 -10.33 9.90
C CYS D 299 53.19 -9.25 10.88
N GLY D 300 54.13 -8.48 11.41
CA GLY D 300 53.81 -7.43 12.38
C GLY D 300 53.55 -6.08 11.76
N LEU D 301 52.59 -5.31 12.29
CA LEU D 301 52.37 -3.93 11.81
C LEU D 301 53.53 -3.11 12.38
N LEU D 302 54.21 -2.33 11.56
CA LEU D 302 55.37 -1.57 12.04
C LEU D 302 54.90 -0.23 12.63
N PHE D 303 54.52 -0.29 13.89
CA PHE D 303 53.98 0.83 14.65
C PHE D 303 55.10 1.77 15.14
N PRO D 304 55.04 3.09 14.82
CA PRO D 304 56.10 4.01 15.33
C PRO D 304 55.86 4.28 16.81
N LYS D 305 56.84 4.00 17.64
CA LYS D 305 56.71 4.19 19.09
C LYS D 305 56.74 5.69 19.49
N GLY D 306 55.81 6.08 20.38
CA GLY D 306 55.77 7.41 20.94
C GLY D 306 56.90 7.56 21.96
N GLU D 307 57.85 8.47 21.72
CA GLU D 307 58.98 8.69 22.62
C GLU D 307 59.41 10.13 22.59
N ARG D 308 60.33 10.49 23.51
CA ARG D 308 60.92 11.82 23.53
C ARG D 308 62.17 11.75 22.66
N TYR D 309 61.97 11.94 21.35
CA TYR D 309 63.07 11.90 20.40
C TYR D 309 63.82 13.23 20.41
N THR D 310 65.07 13.22 19.94
CA THR D 310 65.88 14.40 19.75
C THR D 310 65.36 15.06 18.46
N GLN D 311 65.10 16.38 18.51
CA GLN D 311 64.58 17.11 17.34
C GLN D 311 65.48 16.99 16.11
N VAL D 312 66.80 17.16 16.27
CA VAL D 312 67.76 17.06 15.15
C VAL D 312 67.81 15.67 14.49
N ASP D 313 67.46 14.61 15.24
CA ASP D 313 67.46 13.23 14.76
C ASP D 313 66.06 12.67 14.48
N TRP D 314 65.02 13.55 14.44
CA TRP D 314 63.62 13.16 14.20
C TRP D 314 63.44 12.17 13.02
N ASP D 315 64.08 12.46 11.87
CA ASP D 315 63.97 11.66 10.64
C ASP D 315 65.05 10.59 10.51
N LYS D 316 65.93 10.47 11.50
CA LYS D 316 67.02 9.50 11.49
C LYS D 316 66.70 8.27 12.31
N LYS D 317 65.79 8.41 13.28
CA LYS D 317 65.49 7.32 14.18
C LYS D 317 64.12 7.45 14.82
N THR D 318 63.24 6.51 14.52
CA THR D 318 61.96 6.33 15.17
C THR D 318 61.99 4.87 15.61
N ARG D 319 61.75 4.60 16.88
CA ARG D 319 61.70 3.22 17.35
C ARG D 319 60.40 2.60 16.90
N ASN D 320 60.44 1.31 16.57
CA ASN D 320 59.25 0.60 16.09
C ASN D 320 58.77 -0.42 17.06
N ILE D 321 57.47 -0.63 17.10
CA ILE D 321 56.85 -1.74 17.82
C ILE D 321 56.35 -2.68 16.72
N TRP D 322 56.83 -3.91 16.71
CA TRP D 322 56.40 -4.94 15.75
C TRP D 322 55.08 -5.42 16.39
N SER D 323 53.94 -4.93 15.84
CA SER D 323 52.64 -5.24 16.43
CA SER D 323 52.62 -5.21 16.41
C SER D 323 52.13 -6.57 15.95
N ALA D 324 52.28 -7.57 16.80
CA ALA D 324 51.95 -8.95 16.55
C ALA D 324 50.48 -9.20 16.33
N PRO D 325 50.18 -10.08 15.37
CA PRO D 325 48.76 -10.49 15.20
C PRO D 325 48.27 -11.07 16.54
N TYR D 326 47.07 -10.66 16.95
CA TYR D 326 46.42 -11.10 18.19
C TYR D 326 46.45 -12.66 18.35
N PRO D 327 46.11 -13.49 17.34
CA PRO D 327 46.16 -14.96 17.56
C PRO D 327 47.55 -15.50 17.90
N THR D 328 48.61 -14.91 17.26
CA THR D 328 50.01 -15.27 17.52
C THR D 328 50.39 -14.86 18.96
N HIS D 329 50.03 -13.64 19.36
CA HIS D 329 50.27 -13.13 20.69
C HIS D 329 49.64 -14.06 21.74
N LEU D 330 48.41 -14.49 21.50
CA LEU D 330 47.70 -15.38 22.38
C LEU D 330 48.37 -16.76 22.48
N LEU D 331 48.72 -17.40 21.36
CA LEU D 331 49.36 -18.72 21.36
C LEU D 331 50.73 -18.70 22.03
N LEU D 332 51.56 -17.67 21.74
CA LEU D 332 52.88 -17.53 22.37
C LEU D 332 52.73 -17.31 23.87
N SER D 333 51.80 -16.41 24.28
CA SER D 333 51.58 -16.08 25.69
C SER D 333 51.07 -17.27 26.51
N MET D 334 50.37 -18.22 25.87
CA MET D 334 49.90 -19.44 26.53
C MET D 334 51.09 -20.32 26.96
N VAL D 335 52.24 -20.22 26.24
CA VAL D 335 53.45 -20.99 26.56
C VAL D 335 54.25 -20.28 27.66
N SER D 336 54.48 -18.97 27.51
CA SER D 336 55.32 -18.20 28.40
C SER D 336 54.69 -17.76 29.73
N THR D 337 53.51 -17.12 29.69
CA THR D 337 52.88 -16.50 30.85
C THR D 337 52.58 -17.44 32.04
N PRO D 338 52.08 -18.68 31.89
CA PRO D 338 51.83 -19.52 33.08
C PRO D 338 53.14 -19.86 33.81
N VAL D 339 54.26 -19.92 33.06
CA VAL D 339 55.59 -20.18 33.64
C VAL D 339 56.09 -18.90 34.32
N MET D 340 56.12 -17.79 33.59
CA MET D 340 56.63 -16.51 34.09
C MET D 340 55.85 -15.93 35.27
N ASN D 341 54.53 -16.16 35.33
CA ASN D 341 53.70 -15.72 36.46
C ASN D 341 54.11 -16.38 37.78
N GLU D 342 54.73 -17.58 37.71
CA GLU D 342 55.20 -18.37 38.85
C GLU D 342 56.72 -18.19 39.08
N SER D 343 57.35 -17.33 38.29
CA SER D 343 58.81 -17.20 38.28
C SER D 343 59.35 -15.76 38.46
N LYS D 344 58.80 -14.99 39.41
CA LYS D 344 59.26 -13.64 39.73
C LYS D 344 60.46 -13.80 40.66
N LEU D 345 61.51 -14.41 40.11
CA LEU D 345 62.71 -14.79 40.83
C LEU D 345 63.84 -13.92 40.35
N ASN D 346 64.40 -13.15 41.27
CA ASN D 346 65.49 -12.24 40.93
C ASN D 346 66.46 -12.15 42.09
N ILE D 347 67.57 -11.44 41.87
CA ILE D 347 68.65 -11.25 42.84
C ILE D 347 68.21 -10.78 44.24
N THR D 348 67.06 -10.08 44.35
CA THR D 348 66.57 -9.60 45.67
C THR D 348 65.88 -10.67 46.47
N ASN D 349 65.46 -11.78 45.83
CA ASN D 349 64.74 -12.82 46.58
C ASN D 349 65.32 -14.23 46.29
N THR D 350 66.31 -14.34 45.39
CA THR D 350 66.88 -15.64 44.98
C THR D 350 68.35 -15.43 44.65
N GLN D 351 69.14 -16.50 44.78
CA GLN D 351 70.55 -16.46 44.44
C GLN D 351 70.71 -16.68 42.91
N THR D 352 70.51 -15.60 42.18
CA THR D 352 70.55 -15.54 40.73
C THR D 352 71.02 -14.15 40.26
N PRO D 353 71.71 -14.01 39.11
CA PRO D 353 71.98 -12.65 38.57
C PRO D 353 70.72 -11.99 37.96
N SER D 354 69.63 -12.75 37.75
CA SER D 354 68.42 -12.21 37.12
C SER D 354 67.79 -11.02 37.85
N LEU D 355 67.26 -10.05 37.10
CA LEU D 355 66.51 -8.92 37.63
C LEU D 355 65.04 -9.05 37.24
N TYR D 356 64.63 -10.22 36.68
CA TYR D 356 63.23 -10.41 36.28
C TYR D 356 62.22 -10.11 37.43
N GLY D 357 61.23 -9.28 37.14
CA GLY D 357 60.19 -8.93 38.12
C GLY D 357 60.67 -7.96 39.19
N PHE D 358 61.88 -7.40 39.02
CA PHE D 358 62.43 -6.47 39.99
C PHE D 358 61.62 -5.18 40.08
N SER D 359 61.38 -4.72 41.29
CA SER D 359 60.80 -3.40 41.53
C SER D 359 61.76 -2.73 42.52
N PRO D 360 62.15 -1.45 42.30
CA PRO D 360 63.02 -0.78 43.29
C PRO D 360 62.24 -0.30 44.53
N PHE D 361 60.90 -0.34 44.44
CA PHE D 361 60.02 0.06 45.54
C PHE D 361 59.87 -1.03 46.55
N HIS D 362 59.26 -0.72 47.72
CA HIS D 362 59.05 -1.68 48.81
C HIS D 362 60.32 -2.37 49.28
N GLY D 363 61.42 -1.61 49.29
CA GLY D 363 62.74 -2.07 49.75
C GLY D 363 63.64 -2.68 48.70
N GLY D 364 63.17 -2.77 47.45
CA GLY D 364 63.94 -3.37 46.36
C GLY D 364 65.30 -2.74 46.12
N MET D 365 65.35 -1.40 46.01
CA MET D 365 66.62 -0.69 45.78
C MET D 365 67.61 -0.91 46.96
N ASP D 366 67.10 -0.92 48.20
CA ASP D 366 67.97 -1.16 49.35
C ASP D 366 68.52 -2.59 49.35
N ARG D 367 67.72 -3.57 48.86
CA ARG D 367 68.22 -4.94 48.76
C ARG D 367 69.37 -5.00 47.75
N ILE D 368 69.21 -4.29 46.60
CA ILE D 368 70.29 -4.21 45.57
C ILE D 368 71.56 -3.60 46.19
N MET D 369 71.38 -2.48 46.92
CA MET D 369 72.50 -1.76 47.55
C MET D 369 73.21 -2.60 48.57
N THR D 370 72.49 -3.46 49.31
CA THR D 370 73.07 -4.39 50.28
C THR D 370 73.95 -5.44 49.55
N ILE D 371 73.46 -5.99 48.43
CA ILE D 371 74.18 -6.96 47.61
C ILE D 371 75.45 -6.30 47.04
N ILE D 372 75.33 -5.08 46.52
CA ILE D 372 76.46 -4.33 45.96
C ILE D 372 77.51 -4.09 47.05
N ARG D 373 77.07 -3.62 48.23
CA ARG D 373 77.96 -3.32 49.36
C ARG D 373 78.68 -4.55 49.88
N ASP D 374 77.98 -5.70 49.96
CA ASP D 374 78.58 -6.97 50.38
C ASP D 374 79.61 -7.44 49.33
N SER D 375 79.31 -7.27 48.02
CA SER D 375 80.26 -7.63 46.96
C SER D 375 81.52 -6.78 47.05
N LEU D 376 81.37 -5.46 47.28
CA LEU D 376 82.49 -4.54 47.44
C LEU D 376 83.34 -4.90 48.67
N ASP D 377 82.69 -5.23 49.82
CA ASP D 377 83.39 -5.62 51.05
C ASP D 377 84.16 -6.92 50.89
N ASN D 378 83.61 -7.88 50.12
CA ASN D 378 84.23 -9.19 49.94
C ASN D 378 85.12 -9.27 48.72
N ASP D 379 85.36 -8.12 48.04
CA ASP D 379 86.17 -8.02 46.82
C ASP D 379 85.70 -9.02 45.74
N GLU D 380 84.37 -9.12 45.56
CA GLU D 380 83.77 -10.04 44.59
C GLU D 380 83.17 -9.30 43.41
N ASP D 381 83.27 -9.91 42.22
CA ASP D 381 82.65 -9.41 41.00
C ASP D 381 81.18 -9.74 41.11
N LEU D 382 80.35 -8.95 40.45
CA LEU D 382 78.92 -9.17 40.48
C LEU D 382 78.37 -8.92 39.10
N VAL D 383 77.40 -9.74 38.69
CA VAL D 383 76.71 -9.56 37.41
C VAL D 383 75.20 -9.63 37.65
N MET D 384 74.45 -8.80 36.92
CA MET D 384 72.99 -8.82 36.94
C MET D 384 72.50 -8.74 35.50
N ILE D 385 71.39 -9.42 35.19
CA ILE D 385 70.86 -9.45 33.83
C ILE D 385 69.37 -9.11 33.81
N TYR D 386 68.97 -8.25 32.86
CA TYR D 386 67.57 -7.92 32.64
C TYR D 386 67.38 -7.76 31.15
N ALA D 387 66.80 -8.78 30.48
CA ALA D 387 66.59 -8.75 29.03
C ALA D 387 67.90 -8.32 28.33
N ASP D 388 67.88 -7.22 27.54
CA ASP D 388 69.06 -6.72 26.83
C ASP D 388 69.99 -5.83 27.68
N ASN D 389 69.84 -5.83 29.02
CA ASN D 389 70.67 -5.04 29.92
C ASN D 389 71.55 -5.97 30.75
N ILE D 390 72.83 -5.62 30.86
CA ILE D 390 73.79 -6.35 31.67
C ILE D 390 74.43 -5.34 32.60
N TYR D 391 74.53 -5.67 33.89
CA TYR D 391 75.19 -4.83 34.88
C TYR D 391 76.35 -5.62 35.44
N ILE D 392 77.53 -5.04 35.42
CA ILE D 392 78.73 -5.68 35.95
C ILE D 392 79.37 -4.77 37.00
N LEU D 393 79.66 -5.35 38.16
CA LEU D 393 80.40 -4.70 39.20
C LEU D 393 81.78 -5.40 39.21
N GLN D 394 82.84 -4.65 38.92
CA GLN D 394 84.18 -5.19 38.91
C GLN D 394 85.17 -4.05 39.09
N ASP D 395 86.28 -4.29 39.80
CA ASP D 395 87.35 -3.28 40.00
C ASP D 395 86.79 -1.96 40.56
N ASN D 396 85.93 -2.05 41.61
CA ASN D 396 85.31 -0.90 42.27
C ASN D 396 84.59 0.04 41.26
N THR D 397 83.98 -0.55 40.22
CA THR D 397 83.32 0.18 39.14
C THR D 397 82.02 -0.52 38.76
N TRP D 398 80.98 0.27 38.52
CA TRP D 398 79.68 -0.23 38.09
C TRP D 398 79.57 0.02 36.57
N TYR D 399 79.29 -1.02 35.80
CA TYR D 399 79.14 -0.92 34.35
C TYR D 399 77.72 -1.26 33.97
N SER D 400 77.10 -0.39 33.20
CA SER D 400 75.77 -0.63 32.64
C SER D 400 76.02 -0.88 31.16
N ILE D 401 75.72 -2.10 30.71
CA ILE D 401 75.94 -2.55 29.34
C ILE D 401 74.59 -2.83 28.67
N ASP D 402 74.46 -2.45 27.39
CA ASP D 402 73.26 -2.76 26.63
C ASP D 402 73.63 -3.51 25.40
N LEU D 403 72.79 -4.46 25.00
CA LEU D 403 72.96 -5.08 23.68
C LEU D 403 72.63 -3.94 22.71
N GLU D 404 73.33 -3.86 21.59
CA GLU D 404 73.08 -2.79 20.62
C GLU D 404 71.87 -3.21 19.79
N LYS D 405 70.74 -2.44 19.93
CA LYS D 405 69.45 -2.74 19.26
C LYS D 405 69.16 -4.23 19.44
N GLY D 406 69.13 -4.66 20.72
CA GLY D 406 69.05 -6.05 21.16
C GLY D 406 68.35 -7.03 20.25
N GLU D 407 67.08 -6.74 19.94
CA GLU D 407 66.18 -7.57 19.11
C GLU D 407 66.78 -7.98 17.77
N ALA D 408 67.57 -7.09 17.14
CA ALA D 408 68.19 -7.32 15.82
C ALA D 408 69.24 -8.45 15.84
N ASN D 409 69.76 -8.82 17.03
CA ASN D 409 70.77 -9.88 17.18
C ASN D 409 70.16 -11.30 17.27
N CYS D 410 68.84 -11.36 17.45
CA CYS D 410 68.12 -12.61 17.66
C CYS D 410 68.00 -13.45 16.39
N THR D 411 68.29 -14.76 16.50
CA THR D 411 68.07 -15.70 15.40
C THR D 411 66.85 -16.54 15.80
N PRO D 412 66.13 -17.19 14.84
CA PRO D 412 65.02 -18.08 15.26
C PRO D 412 65.47 -19.19 16.22
N GLN D 413 66.75 -19.61 16.12
CA GLN D 413 67.39 -20.62 16.99
C GLN D 413 67.54 -20.14 18.43
N HIS D 414 67.69 -18.82 18.67
CA HIS D 414 67.75 -18.30 20.06
C HIS D 414 66.36 -18.51 20.71
N MET D 415 65.27 -18.14 19.99
CA MET D 415 63.91 -18.33 20.50
C MET D 415 63.58 -19.83 20.68
N GLN D 416 64.08 -20.67 19.78
CA GLN D 416 63.88 -22.12 19.86
C GLN D 416 64.55 -22.70 21.14
N ALA D 417 65.72 -22.18 21.50
CA ALA D 417 66.43 -22.58 22.72
C ALA D 417 65.60 -22.13 23.94
N MET D 418 64.94 -20.96 23.87
CA MET D 418 64.08 -20.46 24.95
C MET D 418 62.86 -21.38 25.09
N MET D 419 62.25 -21.76 23.95
CA MET D 419 61.10 -22.70 23.95
C MET D 419 61.51 -24.04 24.57
N TYR D 420 62.71 -24.52 24.25
CA TYR D 420 63.26 -25.76 24.81
C TYR D 420 63.34 -25.65 26.34
N TYR D 421 63.87 -24.51 26.82
CA TYR D 421 64.01 -24.23 28.26
C TYR D 421 62.63 -24.23 28.95
N LEU D 422 61.65 -23.49 28.38
CA LEU D 422 60.30 -23.42 28.93
C LEU D 422 59.62 -24.76 28.96
N LEU D 423 59.73 -25.55 27.88
CA LEU D 423 59.09 -26.86 27.80
C LEU D 423 59.74 -27.96 28.64
N THR D 424 61.04 -27.85 28.91
CA THR D 424 61.74 -28.84 29.74
C THR D 424 61.66 -28.47 31.20
N ARG D 425 61.96 -27.21 31.57
CA ARG D 425 61.97 -26.78 32.97
C ARG D 425 60.62 -26.31 33.48
N GLY D 426 59.77 -25.82 32.59
CA GLY D 426 58.46 -25.30 32.98
C GLY D 426 57.35 -26.31 32.79
N TRP D 427 57.08 -26.68 31.54
CA TRP D 427 55.99 -27.58 31.16
C TRP D 427 56.29 -29.07 31.38
N THR D 428 56.66 -29.39 32.64
CA THR D 428 57.01 -30.75 33.05
CA THR D 428 57.03 -30.74 33.07
C THR D 428 56.34 -31.11 34.38
N ASN D 429 55.88 -32.37 34.50
CA ASN D 429 55.25 -32.86 35.73
C ASN D 429 56.38 -33.32 36.66
N GLU D 430 56.10 -33.52 37.96
CA GLU D 430 57.10 -33.97 38.94
C GLU D 430 57.77 -35.29 38.55
N ASP D 431 57.04 -36.19 37.87
CA ASP D 431 57.58 -37.48 37.42
C ASP D 431 58.42 -37.37 36.12
N GLY D 432 58.56 -36.17 35.57
CA GLY D 432 59.32 -35.93 34.34
C GLY D 432 58.51 -36.04 33.06
N SER D 433 57.20 -36.38 33.17
CA SER D 433 56.33 -36.48 32.00
C SER D 433 55.99 -35.04 31.50
N PRO D 434 55.81 -34.85 30.18
CA PRO D 434 55.54 -33.49 29.67
C PRO D 434 54.14 -32.99 29.98
N ARG D 435 54.01 -31.65 30.15
CA ARG D 435 52.72 -30.97 30.34
C ARG D 435 52.28 -30.37 28.98
N TYR D 436 52.42 -31.18 27.92
CA TYR D 436 52.05 -30.80 26.56
C TYR D 436 51.86 -32.06 25.73
N ASN D 437 51.16 -31.91 24.61
CA ASN D 437 50.96 -33.00 23.66
C ASN D 437 51.82 -32.73 22.38
N PRO D 438 51.92 -33.67 21.43
CA PRO D 438 52.72 -33.41 20.21
C PRO D 438 52.30 -32.16 19.40
N THR D 439 51.01 -31.81 19.38
CA THR D 439 50.53 -30.62 18.65
C THR D 439 51.18 -29.34 19.22
N TRP D 440 51.17 -29.19 20.56
CA TRP D 440 51.76 -28.02 21.18
C TRP D 440 53.29 -28.03 21.11
N ALA D 441 53.93 -29.24 21.14
CA ALA D 441 55.39 -29.33 20.98
C ALA D 441 55.75 -28.86 19.54
N THR D 442 54.89 -29.17 18.55
CA THR D 442 55.08 -28.78 17.14
C THR D 442 54.96 -27.27 17.02
N PHE D 443 53.90 -26.67 17.56
CA PHE D 443 53.76 -25.23 17.50
C PHE D 443 54.98 -24.54 18.17
N ALA D 444 55.25 -24.89 19.42
CA ALA D 444 56.29 -24.25 20.24
C ALA D 444 57.70 -24.40 19.68
N MET D 445 58.09 -25.63 19.32
CA MET D 445 59.43 -25.90 18.83
C MET D 445 59.66 -25.70 17.36
N ASN D 446 58.69 -26.12 16.54
CA ASN D 446 58.87 -26.19 15.10
C ASN D 446 58.45 -25.01 14.29
N VAL D 447 57.47 -24.23 14.79
CA VAL D 447 56.83 -23.16 14.01
C VAL D 447 56.98 -21.80 14.64
N ALA D 448 56.53 -21.64 15.92
CA ALA D 448 56.53 -20.38 16.67
C ALA D 448 57.81 -19.52 16.52
N PRO D 449 59.06 -20.05 16.63
CA PRO D 449 60.23 -19.14 16.50
C PRO D 449 60.32 -18.43 15.15
N SER D 450 59.83 -19.04 14.05
CA SER D 450 59.88 -18.41 12.73
C SER D 450 58.68 -17.48 12.45
N MET D 451 57.72 -17.43 13.38
CA MET D 451 56.58 -16.54 13.23
CA MET D 451 56.56 -16.56 13.25
C MET D 451 56.93 -15.12 13.66
N VAL D 452 57.84 -14.98 14.64
CA VAL D 452 58.22 -13.65 15.15
C VAL D 452 59.70 -13.31 15.05
N VAL D 453 60.53 -14.24 14.53
CA VAL D 453 61.97 -13.98 14.39
C VAL D 453 62.33 -14.20 12.93
N ASP D 454 62.99 -13.21 12.30
CA ASP D 454 63.37 -13.23 10.87
C ASP D 454 62.15 -13.46 9.97
N SER D 455 60.99 -12.90 10.40
CA SER D 455 59.79 -13.03 9.60
C SER D 455 59.60 -11.71 8.83
N SER D 456 58.50 -11.00 9.04
CA SER D 456 58.24 -9.80 8.27
C SER D 456 57.37 -8.80 9.00
N CYS D 457 57.25 -7.60 8.42
CA CYS D 457 56.45 -6.52 8.96
C CYS D 457 55.77 -5.76 7.84
N LEU D 458 54.77 -4.95 8.18
CA LEU D 458 54.03 -4.20 7.18
C LEU D 458 54.13 -2.70 7.45
N LEU D 459 54.49 -1.94 6.42
CA LEU D 459 54.55 -0.49 6.48
C LEU D 459 54.03 0.01 5.14
N MET D 460 52.94 0.81 5.16
CA MET D 460 52.19 1.24 3.95
C MET D 460 51.69 -0.10 3.32
N ASN D 461 51.97 -0.35 2.02
CA ASN D 461 51.60 -1.61 1.37
C ASN D 461 52.84 -2.55 1.27
N LEU D 462 53.97 -2.15 1.86
CA LEU D 462 55.24 -2.91 1.78
C LEU D 462 55.37 -3.98 2.85
N GLN D 463 55.62 -5.21 2.41
CA GLN D 463 55.87 -6.35 3.30
C GLN D 463 57.38 -6.49 3.34
N LEU D 464 57.93 -6.10 4.49
CA LEU D 464 59.36 -5.99 4.68
C LEU D 464 59.93 -7.07 5.54
N LYS D 465 61.14 -7.50 5.24
CA LYS D 465 61.84 -8.49 6.09
C LYS D 465 62.05 -7.87 7.49
N THR D 466 61.90 -8.68 8.54
CA THR D 466 62.26 -8.28 9.88
C THR D 466 63.62 -8.95 10.13
N TYR D 467 64.64 -8.17 10.48
CA TYR D 467 65.97 -8.69 10.81
C TYR D 467 66.01 -8.84 12.32
N GLY D 468 66.10 -10.09 12.77
CA GLY D 468 66.07 -10.42 14.19
C GLY D 468 64.64 -10.59 14.65
N GLN D 469 64.41 -10.42 15.96
CA GLN D 469 63.04 -10.58 16.48
C GLN D 469 62.28 -9.27 16.41
N GLY D 470 60.97 -9.37 16.24
CA GLY D 470 60.10 -8.22 16.24
C GLY D 470 59.93 -7.67 17.65
N SER D 471 60.40 -6.45 17.87
CA SER D 471 60.33 -5.76 19.17
C SER D 471 58.87 -5.54 19.63
N GLY D 472 58.49 -6.19 20.70
CA GLY D 472 57.14 -6.11 21.24
C GLY D 472 56.43 -7.45 21.23
N ASN D 473 56.94 -8.46 20.48
CA ASN D 473 56.35 -9.80 20.50
C ASN D 473 56.41 -10.36 21.97
N ALA D 474 55.54 -11.34 22.31
CA ALA D 474 55.42 -11.94 23.66
C ALA D 474 56.76 -12.45 24.25
N PHE D 475 57.73 -12.85 23.39
CA PHE D 475 59.03 -13.42 23.79
C PHE D 475 60.16 -12.40 23.73
N THR D 476 59.85 -11.10 23.50
CA THR D 476 60.91 -10.07 23.40
C THR D 476 61.87 -10.10 24.58
N PHE D 477 61.33 -9.99 25.81
CA PHE D 477 62.13 -10.00 27.05
C PHE D 477 62.96 -11.32 27.14
N LEU D 478 62.29 -12.48 26.99
CA LEU D 478 62.92 -13.80 27.12
C LEU D 478 64.07 -14.03 26.15
N ASN D 479 63.86 -13.70 24.87
CA ASN D 479 64.86 -13.87 23.83
C ASN D 479 66.06 -12.95 24.09
N ASN D 480 65.80 -11.68 24.47
CA ASN D 480 66.87 -10.72 24.79
C ASN D 480 67.66 -11.20 26.00
N HIS D 481 66.97 -11.70 27.05
CA HIS D 481 67.60 -12.23 28.28
C HIS D 481 68.52 -13.40 27.97
N LEU D 482 68.09 -14.28 27.04
CA LEU D 482 68.91 -15.40 26.62
C LEU D 482 70.18 -14.90 25.89
N MET D 483 70.05 -13.89 25.02
CA MET D 483 71.23 -13.33 24.34
C MET D 483 72.21 -12.70 25.34
N SER D 484 71.71 -11.99 26.35
CA SER D 484 72.57 -11.43 27.41
C SER D 484 73.22 -12.55 28.22
N THR D 485 72.49 -13.67 28.44
CA THR D 485 73.00 -14.85 29.13
C THR D 485 74.21 -15.42 28.40
N ILE D 486 74.13 -15.51 27.05
CA ILE D 486 75.23 -16.00 26.21
C ILE D 486 76.47 -15.06 26.35
N VAL D 487 76.25 -13.74 26.27
CA VAL D 487 77.34 -12.76 26.43
C VAL D 487 78.01 -12.93 27.81
N VAL D 488 77.21 -13.00 28.89
CA VAL D 488 77.72 -13.17 30.26
C VAL D 488 78.45 -14.51 30.42
N ALA D 489 77.90 -15.62 29.89
CA ALA D 489 78.57 -16.93 29.96
C ALA D 489 79.95 -16.88 29.27
N GLU D 490 80.05 -16.14 28.14
CA GLU D 490 81.30 -15.96 27.40
C GLU D 490 82.28 -15.06 28.16
N TRP D 491 81.75 -14.05 28.89
CA TRP D 491 82.55 -13.15 29.73
C TRP D 491 83.18 -13.98 30.87
N VAL D 492 82.37 -14.85 31.51
CA VAL D 492 82.87 -15.73 32.59
C VAL D 492 83.96 -16.65 32.01
N LYS D 493 83.66 -17.28 30.84
CA LYS D 493 84.60 -18.20 30.18
C LYS D 493 85.94 -17.55 29.83
N ALA D 494 85.93 -16.24 29.45
CA ALA D 494 87.14 -15.48 29.08
C ALA D 494 87.92 -14.97 30.28
N GLY D 495 87.51 -15.35 31.49
CA GLY D 495 88.18 -14.93 32.72
C GLY D 495 87.71 -13.56 33.20
N LYS D 496 86.45 -13.21 32.90
CA LYS D 496 85.84 -11.94 33.30
C LYS D 496 86.69 -10.71 32.91
N PRO D 497 87.03 -10.51 31.61
CA PRO D 497 87.80 -9.30 31.25
C PRO D 497 87.01 -8.03 31.60
N ASN D 498 87.73 -6.97 32.00
CA ASN D 498 87.10 -5.70 32.33
C ASN D 498 86.29 -5.15 31.12
N PRO D 499 85.04 -4.66 31.32
CA PRO D 499 84.24 -4.16 30.18
C PRO D 499 84.86 -3.07 29.29
N MET D 500 85.86 -2.34 29.79
CA MET D 500 86.55 -1.27 29.03
C MET D 500 87.69 -1.78 28.15
N THR D 501 87.96 -3.10 28.14
CA THR D 501 89.09 -3.67 27.39
C THR D 501 88.65 -4.28 26.07
N LYS D 502 89.64 -4.51 25.17
CA LYS D 502 89.43 -5.16 23.89
C LYS D 502 88.97 -6.61 24.08
N GLU D 503 89.45 -7.28 25.13
CA GLU D 503 89.08 -8.67 25.44
C GLU D 503 87.58 -8.80 25.70
N PHE D 504 86.98 -7.77 26.32
CA PHE D 504 85.53 -7.75 26.55
C PHE D 504 84.82 -7.47 25.21
N MET D 505 85.27 -6.47 24.44
CA MET D 505 84.65 -6.12 23.14
C MET D 505 84.74 -7.26 22.11
N ASP D 506 85.78 -8.12 22.21
CA ASP D 506 85.95 -9.30 21.35
C ASP D 506 84.83 -10.35 21.54
N LEU D 507 84.05 -10.25 22.63
CA LEU D 507 82.92 -11.14 22.87
C LEU D 507 81.79 -10.88 21.87
N GLU D 508 81.79 -9.71 21.20
CA GLU D 508 80.78 -9.39 20.15
C GLU D 508 80.91 -10.39 19.00
N GLU D 509 82.13 -10.56 18.47
CA GLU D 509 82.38 -11.52 17.38
C GLU D 509 82.19 -12.97 17.84
N LYS D 510 82.62 -13.28 19.06
CA LYS D 510 82.50 -14.63 19.60
C LYS D 510 81.03 -15.07 19.68
N THR D 511 80.13 -14.15 20.06
CA THR D 511 78.71 -14.46 20.25
C THR D 511 77.82 -14.09 19.05
N GLY D 512 78.29 -13.21 18.16
CA GLY D 512 77.46 -12.65 17.09
C GLY D 512 76.48 -11.61 17.63
N ILE D 513 76.64 -11.19 18.89
CA ILE D 513 75.76 -10.25 19.57
C ILE D 513 76.47 -8.92 19.79
N ASN D 514 75.91 -7.83 19.22
CA ASN D 514 76.48 -6.50 19.37
C ASN D 514 76.09 -5.93 20.73
N PHE D 515 77.01 -5.21 21.37
CA PHE D 515 76.70 -4.57 22.66
C PHE D 515 77.60 -3.34 22.84
N LYS D 516 77.30 -2.53 23.83
CA LYS D 516 78.08 -1.33 24.16
C LYS D 516 77.95 -1.01 25.63
N ILE D 517 78.97 -0.34 26.16
CA ILE D 517 79.00 0.11 27.54
C ILE D 517 78.29 1.47 27.54
N GLU D 518 77.17 1.57 28.25
CA GLU D 518 76.38 2.79 28.35
CA GLU D 518 76.44 2.82 28.32
C GLU D 518 76.92 3.71 29.45
N ARG D 519 77.33 3.11 30.57
CA ARG D 519 77.79 3.87 31.73
C ARG D 519 78.91 3.12 32.43
N GLU D 520 79.86 3.88 32.94
CA GLU D 520 80.99 3.45 33.74
C GLU D 520 80.98 4.36 34.99
N LEU D 521 80.55 3.81 36.13
CA LEU D 521 80.47 4.55 37.40
C LEU D 521 81.68 4.17 38.24
N LYS D 522 82.72 5.02 38.17
CA LYS D 522 83.99 4.79 38.85
C LYS D 522 83.90 5.09 40.35
N ASN D 523 84.86 4.54 41.12
CA ASN D 523 85.01 4.76 42.57
C ASN D 523 83.69 4.50 43.27
N LEU D 524 83.15 3.30 43.04
CA LEU D 524 81.83 2.92 43.51
C LEU D 524 81.70 2.98 45.03
N ARG D 525 82.64 2.36 45.74
CA ARG D 525 82.73 2.31 47.21
C ARG D 525 82.65 3.75 47.78
N GLU D 526 83.46 4.66 47.22
CA GLU D 526 83.53 6.08 47.63
C GLU D 526 82.25 6.84 47.30
N THR D 527 81.63 6.54 46.13
CA THR D 527 80.36 7.16 45.69
C THR D 527 79.25 6.78 46.67
N ILE D 528 79.21 5.51 47.11
CA ILE D 528 78.23 5.01 48.07
C ILE D 528 78.41 5.69 49.44
N VAL D 529 79.68 5.83 49.89
CA VAL D 529 79.99 6.53 51.15
C VAL D 529 79.47 7.97 51.06
N GLU D 530 79.75 8.64 49.93
CA GLU D 530 79.31 10.02 49.69
C GLU D 530 77.76 10.15 49.72
N ALA D 531 77.05 9.18 49.12
CA ALA D 531 75.57 9.16 49.10
C ALA D 531 75.00 9.10 50.53
N VAL D 532 75.62 8.30 51.41
CA VAL D 532 75.21 8.18 52.82
C VAL D 532 75.55 9.49 53.59
N GLU D 533 76.79 9.96 53.47
CA GLU D 533 77.27 11.15 54.18
C GLU D 533 76.61 12.46 53.79
N THR D 534 76.23 12.61 52.51
CA THR D 534 75.59 13.85 52.04
C THR D 534 74.07 13.80 52.18
N ALA D 535 73.49 12.67 52.69
CA ALA D 535 72.04 12.57 52.88
C ALA D 535 71.61 13.77 53.74
N PRO D 536 70.58 14.53 53.27
CA PRO D 536 70.16 15.73 54.03
C PRO D 536 69.56 15.37 55.38
N GLN D 537 69.58 16.35 56.29
CA GLN D 537 68.98 16.22 57.62
C GLN D 537 67.53 16.74 57.58
N ASP D 538 67.21 17.51 56.55
CA ASP D 538 65.91 18.17 56.39
C ASP D 538 65.07 17.61 55.24
N GLY D 539 63.75 17.59 55.46
CA GLY D 539 62.78 17.23 54.43
C GLY D 539 62.35 15.77 54.35
N TYR D 540 61.69 15.44 53.23
CA TYR D 540 61.18 14.12 52.91
C TYR D 540 62.21 13.06 53.17
N LEU D 541 61.82 12.00 53.91
CA LEU D 541 62.66 10.84 54.19
C LEU D 541 63.99 11.17 54.92
N ALA D 542 64.11 12.40 55.45
CA ALA D 542 65.32 12.86 56.14
C ALA D 542 64.90 13.05 57.59
N ASP D 543 64.13 14.11 57.90
CA ASP D 543 63.52 14.27 59.22
C ASP D 543 61.99 14.00 59.11
N GLY D 544 61.53 13.68 57.89
CA GLY D 544 60.16 13.29 57.64
C GLY D 544 59.13 14.39 57.48
N SER D 545 59.58 15.63 57.24
CA SER D 545 58.67 16.76 56.99
C SER D 545 58.17 16.66 55.54
N ASP D 546 57.12 17.42 55.18
CA ASP D 546 56.53 17.39 53.84
C ASP D 546 57.17 18.39 52.88
N LEU D 547 58.50 18.51 52.96
CA LEU D 547 59.23 19.46 52.12
C LEU D 547 60.42 18.81 51.46
N PRO D 548 60.79 19.25 50.25
CA PRO D 548 61.99 18.69 49.63
C PRO D 548 63.24 19.20 50.40
N PRO D 549 64.40 18.51 50.32
CA PRO D 549 65.59 19.05 51.00
C PRO D 549 66.04 20.33 50.29
N ILE D 550 66.71 21.24 50.98
CA ILE D 550 67.25 22.43 50.33
C ILE D 550 68.39 21.99 49.41
N ARG D 551 69.20 21.03 49.90
CA ARG D 551 70.33 20.49 49.15
C ARG D 551 70.21 18.96 49.09
N PRO D 552 69.73 18.39 47.98
CA PRO D 552 69.64 16.92 47.92
C PRO D 552 71.01 16.26 48.08
N GLY D 553 71.02 15.05 48.61
CA GLY D 553 72.25 14.29 48.77
C GLY D 553 72.70 13.74 47.42
N LYS D 554 73.89 13.18 47.38
CA LYS D 554 74.46 12.59 46.18
C LYS D 554 73.70 11.29 45.81
N ALA D 555 73.28 11.15 44.53
CA ALA D 555 72.63 9.93 44.05
C ALA D 555 73.69 8.94 43.55
N VAL D 556 73.45 7.62 43.75
CA VAL D 556 74.32 6.57 43.19
C VAL D 556 73.65 6.29 41.84
N GLU D 557 74.24 6.80 40.76
CA GLU D 557 73.64 6.73 39.42
C GLU D 557 73.83 5.41 38.69
N LEU D 558 73.23 4.36 39.26
CA LEU D 558 73.32 3.00 38.75
C LEU D 558 72.65 2.80 37.39
N ASP D 559 71.63 3.63 37.10
CA ASP D 559 70.75 3.45 35.94
C ASP D 559 70.24 2.01 35.95
N LEU D 560 69.80 1.56 37.11
CA LEU D 560 69.33 0.20 37.28
C LEU D 560 67.89 0.20 36.82
N LEU D 561 67.69 -0.18 35.55
CA LEU D 561 66.38 -0.18 34.88
C LEU D 561 65.74 1.22 34.96
N GLY D 562 66.57 2.24 34.80
CA GLY D 562 66.14 3.64 34.85
C GLY D 562 66.18 4.30 36.22
N TRP D 563 66.67 3.60 37.26
CA TRP D 563 66.67 4.13 38.64
C TRP D 563 68.05 4.40 39.22
N SER D 564 68.12 5.49 40.01
CA SER D 564 69.30 5.86 40.81
C SER D 564 68.92 5.55 42.27
N ALA D 565 69.92 5.49 43.17
CA ALA D 565 69.70 5.23 44.60
C ALA D 565 70.09 6.46 45.41
N ILE D 566 69.25 6.82 46.37
CA ILE D 566 69.42 7.96 47.28
C ILE D 566 69.31 7.42 48.69
N TYR D 567 70.15 7.89 49.60
CA TYR D 567 70.07 7.42 50.99
C TYR D 567 69.06 8.23 51.80
N SER D 568 68.20 7.53 52.57
CA SER D 568 67.20 8.12 53.45
C SER D 568 67.68 7.99 54.90
N ARG D 569 67.85 9.13 55.60
CA ARG D 569 68.23 9.13 57.03
C ARG D 569 67.08 8.66 57.89
N GLN D 570 65.85 9.01 57.52
CA GLN D 570 64.67 8.63 58.30
C GLN D 570 64.52 7.10 58.35
N MET D 571 64.57 6.47 57.18
CA MET D 571 64.36 5.04 57.00
C MET D 571 65.63 4.20 57.12
N GLU D 572 66.81 4.85 57.05
CA GLU D 572 68.14 4.22 57.14
C GLU D 572 68.30 3.18 56.04
N MET D 573 68.00 3.60 54.82
CA MET D 573 68.08 2.71 53.67
C MET D 573 68.17 3.54 52.41
N PHE D 574 68.61 2.88 51.32
CA PHE D 574 68.60 3.50 49.99
C PHE D 574 67.20 3.35 49.43
N VAL D 575 66.75 4.38 48.71
CA VAL D 575 65.43 4.40 48.08
C VAL D 575 65.64 4.79 46.61
N PRO D 576 64.76 4.37 45.68
CA PRO D 576 64.97 4.76 44.27
C PRO D 576 64.46 6.15 43.92
N VAL D 577 65.12 6.77 42.94
CA VAL D 577 64.69 8.01 42.29
C VAL D 577 64.93 7.80 40.82
N LEU D 578 63.98 8.25 39.98
CA LEU D 578 64.11 8.11 38.54
C LEU D 578 65.38 8.84 38.09
N GLU D 579 66.19 8.21 37.20
CA GLU D 579 67.39 8.83 36.65
C GLU D 579 67.04 10.25 36.16
N ASN D 580 67.84 11.22 36.56
CA ASN D 580 67.62 12.63 36.28
C ASN D 580 67.20 12.97 34.84
N GLU D 581 67.93 12.45 33.85
CA GLU D 581 67.66 12.68 32.45
C GLU D 581 66.22 12.27 32.06
N ARG D 582 65.75 11.10 32.53
CA ARG D 582 64.38 10.63 32.26
C ARG D 582 63.36 11.51 32.98
N LEU D 583 63.65 11.89 34.24
CA LEU D 583 62.78 12.76 35.03
C LEU D 583 62.55 14.11 34.33
N ILE D 584 63.64 14.74 33.87
CA ILE D 584 63.62 16.03 33.17
C ILE D 584 62.85 15.94 31.84
N ALA D 585 63.13 14.88 31.03
CA ALA D 585 62.47 14.67 29.75
C ALA D 585 60.95 14.52 29.95
N SER D 586 60.54 13.76 31.00
CA SER D 586 59.13 13.55 31.32
CA SER D 586 59.12 13.55 31.32
C SER D 586 58.46 14.84 31.81
N ALA D 587 59.20 15.68 32.57
CA ALA D 587 58.66 16.96 33.05
C ALA D 587 58.50 17.92 31.85
N ALA D 588 59.46 17.92 30.92
CA ALA D 588 59.45 18.80 29.73
C ALA D 588 58.36 18.41 28.74
N TYR D 589 58.24 17.09 28.45
CA TYR D 589 57.27 16.57 27.48
C TYR D 589 56.42 15.48 28.10
N PRO D 590 55.39 15.87 28.87
CA PRO D 590 54.53 14.85 29.48
C PRO D 590 53.68 14.15 28.40
N LYS D 591 53.37 12.86 28.62
CA LYS D 591 52.51 12.11 27.69
C LYS D 591 51.12 12.60 27.99
N GLY D 592 50.29 12.80 26.98
CA GLY D 592 48.91 13.22 27.15
C GLY D 592 48.01 12.09 27.64
N LEU D 593 46.71 12.37 27.76
CA LEU D 593 45.73 11.39 28.20
C LEU D 593 45.65 10.18 27.25
N GLU D 594 45.74 10.42 25.92
CA GLU D 594 45.79 9.37 24.87
C GLU D 594 44.63 8.35 24.97
N ASN D 595 43.44 8.84 25.34
CA ASN D 595 42.21 8.06 25.52
C ASN D 595 41.06 9.03 25.27
N LYS D 596 40.61 9.07 24.00
CA LYS D 596 39.52 9.94 23.51
C LYS D 596 38.21 9.77 24.30
N ALA D 597 37.90 8.53 24.73
CA ALA D 597 36.70 8.20 25.51
C ALA D 597 36.77 8.84 26.89
N LEU D 598 37.92 8.72 27.56
CA LEU D 598 38.16 9.29 28.89
C LEU D 598 38.20 10.82 28.78
N ALA D 599 38.86 11.36 27.74
CA ALA D 599 38.99 12.81 27.49
C ALA D 599 37.68 13.55 27.32
N ARG D 600 36.60 12.85 26.91
CA ARG D 600 35.29 13.48 26.74
C ARG D 600 34.44 13.53 28.02
N LYS D 601 34.96 12.99 29.13
CA LYS D 601 34.28 13.02 30.42
C LYS D 601 34.69 14.30 31.16
N PRO D 602 33.71 15.08 31.71
CA PRO D 602 34.09 16.31 32.47
C PRO D 602 34.96 15.95 33.67
N GLY D 603 36.02 16.74 33.86
CA GLY D 603 36.97 16.52 34.94
C GLY D 603 38.12 15.56 34.66
N ALA D 604 38.09 14.83 33.53
CA ALA D 604 39.15 13.87 33.19
C ALA D 604 40.49 14.54 32.90
N GLU D 605 40.48 15.68 32.20
CA GLU D 605 41.68 16.42 31.87
C GLU D 605 42.34 17.00 33.13
N ILE D 606 41.55 17.63 34.04
CA ILE D 606 42.06 18.17 35.29
C ILE D 606 42.59 17.03 36.21
N ALA D 607 41.89 15.86 36.22
CA ALA D 607 42.32 14.70 37.02
C ALA D 607 43.64 14.18 36.48
N TYR D 608 43.77 14.09 35.15
CA TYR D 608 44.97 13.66 34.47
C TYR D 608 46.15 14.64 34.79
N GLN D 609 45.88 15.95 34.84
CA GLN D 609 46.89 16.95 35.19
C GLN D 609 47.36 16.74 36.62
N ILE D 610 46.42 16.45 37.56
CA ILE D 610 46.79 16.15 38.95
C ILE D 610 47.69 14.90 38.97
N VAL D 611 47.28 13.85 38.23
CA VAL D 611 48.04 12.60 38.12
C VAL D 611 49.48 12.85 37.61
N ARG D 612 49.60 13.61 36.54
CA ARG D 612 50.87 13.94 35.90
C ARG D 612 51.83 14.60 36.93
N TYR D 613 51.36 15.62 37.67
CA TYR D 613 52.18 16.30 38.67
C TYR D 613 52.46 15.46 39.91
N GLU D 614 51.50 14.63 40.37
CA GLU D 614 51.72 13.74 41.51
C GLU D 614 52.72 12.65 41.15
N ALA D 615 52.54 12.01 39.98
CA ALA D 615 53.42 10.92 39.56
C ALA D 615 54.87 11.38 39.35
N ILE D 616 55.08 12.61 38.79
CA ILE D 616 56.44 13.14 38.60
C ILE D 616 57.13 13.35 39.97
N ARG D 617 56.34 13.71 41.00
CA ARG D 617 56.87 13.90 42.36
C ARG D 617 57.22 12.54 42.96
N LEU D 618 56.30 11.55 42.84
CA LEU D 618 56.45 10.19 43.36
C LEU D 618 57.69 9.45 42.89
N VAL D 619 57.99 9.54 41.59
CA VAL D 619 59.13 8.83 40.99
C VAL D 619 60.49 9.44 41.29
N GLY D 620 60.53 10.66 41.83
CA GLY D 620 61.81 11.29 42.15
C GLY D 620 61.80 12.79 42.17
N GLY D 621 60.73 13.41 41.65
CA GLY D 621 60.59 14.86 41.68
C GLY D 621 60.57 15.42 43.09
N TRP D 622 60.11 14.59 44.08
CA TRP D 622 60.08 14.96 45.51
C TRP D 622 61.46 15.37 46.03
N ASN D 623 62.53 14.81 45.43
CA ASN D 623 63.90 15.07 45.85
C ASN D 623 64.59 16.16 45.04
N ASN D 624 63.84 16.83 44.15
CA ASN D 624 64.33 17.94 43.35
C ASN D 624 63.54 19.14 43.89
N PRO D 625 64.15 19.99 44.75
CA PRO D 625 63.38 21.06 45.41
C PRO D 625 62.59 22.00 44.50
N LEU D 626 63.18 22.45 43.38
CA LEU D 626 62.46 23.33 42.46
C LEU D 626 61.28 22.60 41.79
N LEU D 627 61.51 21.40 41.26
CA LEU D 627 60.49 20.58 40.60
C LEU D 627 59.36 20.21 41.58
N GLU D 628 59.72 19.77 42.78
CA GLU D 628 58.77 19.42 43.83
C GLU D 628 57.90 20.63 44.19
N THR D 629 58.52 21.82 44.37
CA THR D 629 57.80 23.05 44.74
C THR D 629 56.77 23.42 43.66
N ALA D 630 57.20 23.47 42.39
CA ALA D 630 56.31 23.81 41.28
C ALA D 630 55.21 22.76 41.07
N ALA D 631 55.56 21.47 41.07
CA ALA D 631 54.58 20.39 40.86
C ALA D 631 53.57 20.27 42.01
N LYS D 632 54.01 20.49 43.26
CA LYS D 632 53.12 20.47 44.41
C LYS D 632 52.11 21.62 44.29
N HIS D 633 52.60 22.84 43.98
CA HIS D 633 51.71 23.99 43.82
C HIS D 633 50.64 23.71 42.77
N MET D 634 51.05 23.19 41.62
CA MET D 634 50.14 22.90 40.52
C MET D 634 49.09 21.85 40.85
N SER D 635 49.48 20.73 41.49
CA SER D 635 48.50 19.73 41.87
C SER D 635 47.57 20.26 42.97
N LEU D 636 48.10 21.00 43.99
CA LEU D 636 47.27 21.56 45.06
C LEU D 636 46.28 22.59 44.55
N ASP D 637 46.70 23.42 43.59
CA ASP D 637 45.86 24.46 43.01
C ASP D 637 44.68 23.82 42.26
N LYS D 638 44.95 22.73 41.53
CA LYS D 638 43.92 22.01 40.82
C LYS D 638 42.92 21.30 41.77
N ARG D 639 43.42 20.69 42.87
CA ARG D 639 42.57 20.05 43.88
C ARG D 639 41.66 21.06 44.56
N LYS D 640 42.19 22.27 44.86
CA LYS D 640 41.46 23.34 45.51
C LYS D 640 40.32 23.84 44.62
N ARG D 641 40.60 24.00 43.31
CA ARG D 641 39.62 24.45 42.31
C ARG D 641 38.45 23.44 42.28
N LEU D 642 38.75 22.15 42.25
CA LEU D 642 37.76 21.08 42.25
C LEU D 642 36.90 21.06 43.50
N GLU D 643 37.53 21.25 44.67
CA GLU D 643 36.89 21.29 45.96
C GLU D 643 35.90 22.49 46.04
N VAL D 644 36.35 23.70 45.62
CA VAL D 644 35.52 24.92 45.60
C VAL D 644 34.33 24.72 44.63
N LYS D 645 34.58 24.08 43.48
CA LYS D 645 33.56 23.86 42.46
C LYS D 645 32.60 22.70 42.75
N GLY D 646 32.97 21.85 43.73
CA GLY D 646 32.18 20.70 44.13
C GLY D 646 32.21 19.61 43.09
N ILE D 647 33.32 19.49 42.35
CA ILE D 647 33.46 18.49 41.31
C ILE D 647 34.36 17.37 41.83
N ASP D 648 33.81 16.14 41.85
CA ASP D 648 34.47 14.94 42.36
C ASP D 648 35.17 14.15 41.26
N VAL D 649 36.49 14.02 41.35
CA VAL D 649 37.30 13.24 40.40
C VAL D 649 38.03 12.06 41.09
N THR D 650 37.60 11.69 42.33
CA THR D 650 38.22 10.61 43.12
C THR D 650 38.29 9.29 42.36
N GLY D 651 37.29 9.03 41.54
CA GLY D 651 37.23 7.86 40.67
C GLY D 651 38.44 7.78 39.76
N PHE D 652 38.74 8.89 39.03
CA PHE D 652 39.90 8.98 38.15
C PHE D 652 41.22 8.87 38.96
N LEU D 653 41.28 9.52 40.13
CA LEU D 653 42.48 9.53 40.99
C LEU D 653 42.78 8.20 41.68
N ASP D 654 41.74 7.39 41.96
CA ASP D 654 41.90 6.06 42.56
C ASP D 654 42.41 5.09 41.47
N ASP D 655 41.93 5.27 40.22
CA ASP D 655 42.30 4.47 39.06
C ASP D 655 43.30 5.21 38.16
N TRP D 656 44.28 5.86 38.78
CA TRP D 656 45.27 6.69 38.12
C TRP D 656 46.29 5.98 37.25
N ASN D 657 46.65 4.73 37.60
CA ASN D 657 47.69 3.93 36.93
C ASN D 657 47.59 3.87 35.42
N ASN D 658 46.38 3.74 34.90
CA ASN D 658 46.12 3.66 33.47
C ASN D 658 46.31 4.97 32.75
N MET D 659 46.26 6.11 33.47
CA MET D 659 46.46 7.41 32.83
C MET D 659 47.86 8.03 33.01
N SER D 660 48.84 7.20 33.48
CA SER D 660 50.20 7.66 33.75
C SER D 660 51.24 6.71 33.17
N GLU D 661 52.30 7.27 32.58
CA GLU D 661 53.42 6.45 32.08
C GLU D 661 54.15 5.78 33.26
N PHE D 662 53.91 6.24 34.50
CA PHE D 662 54.54 5.67 35.69
C PHE D 662 53.57 4.77 36.47
N GLY D 663 52.40 4.52 35.89
CA GLY D 663 51.35 3.69 36.47
C GLY D 663 51.75 2.26 36.81
N GLY D 664 52.55 1.65 35.93
CA GLY D 664 53.08 0.31 36.12
C GLY D 664 54.13 0.23 37.23
N ASP D 665 54.75 1.37 37.57
CA ASP D 665 55.79 1.44 38.60
C ASP D 665 55.28 1.46 40.02
N LEU D 666 54.08 2.03 40.27
CA LEU D 666 53.55 2.15 41.63
C LEU D 666 52.13 1.66 41.78
N GLU D 667 51.94 0.34 41.79
CA GLU D 667 50.59 -0.22 41.96
C GLU D 667 50.20 -0.24 43.43
N GLY D 668 48.90 -0.20 43.68
CA GLY D 668 48.36 -0.25 45.04
C GLY D 668 48.39 1.04 45.83
N ILE D 669 48.53 2.19 45.14
CA ILE D 669 48.47 3.51 45.81
C ILE D 669 47.40 4.36 45.13
N THR D 670 46.79 5.25 45.88
CA THR D 670 45.77 6.15 45.33
C THR D 670 46.31 7.59 45.33
N LEU D 671 45.85 8.41 44.37
CA LEU D 671 46.25 9.81 44.29
C LEU D 671 45.14 10.74 44.72
N SER D 672 44.07 10.20 45.34
CA SER D 672 42.92 10.99 45.79
C SER D 672 43.32 11.94 46.91
N GLU D 673 44.34 11.58 47.69
CA GLU D 673 44.87 12.44 48.74
C GLU D 673 46.24 12.98 48.26
N PRO D 674 46.55 14.26 48.54
CA PRO D 674 47.85 14.80 48.09
C PRO D 674 49.06 14.03 48.65
N LEU D 675 50.15 13.98 47.89
CA LEU D 675 51.39 13.34 48.27
C LEU D 675 51.95 14.01 49.57
N THR D 676 52.41 13.17 50.54
CA THR D 676 53.07 13.64 51.76
C THR D 676 54.28 12.76 52.01
N ASN D 677 55.03 12.99 53.10
CA ASN D 677 56.15 12.13 53.46
C ASN D 677 55.67 10.68 53.65
N GLN D 678 54.46 10.49 54.21
CA GLN D 678 53.89 9.15 54.46
C GLN D 678 53.75 8.34 53.16
N THR D 679 53.36 9.01 52.05
CA THR D 679 53.28 8.36 50.72
C THR D 679 54.67 7.77 50.35
N LEU D 680 55.74 8.57 50.54
CA LEU D 680 57.12 8.18 50.21
C LEU D 680 57.61 7.06 51.11
N VAL D 681 57.22 7.07 52.39
CA VAL D 681 57.52 6.02 53.35
C VAL D 681 56.81 4.73 52.88
N ASP D 682 55.49 4.81 52.61
CA ASP D 682 54.67 3.67 52.23
C ASP D 682 55.15 2.94 50.96
N ILE D 683 55.54 3.68 49.91
CA ILE D 683 56.06 3.05 48.67
C ILE D 683 57.44 2.42 48.88
N ASN D 684 58.17 2.82 49.95
CA ASN D 684 59.50 2.26 50.22
C ASN D 684 59.55 1.24 51.33
N THR D 685 58.40 0.96 51.96
CA THR D 685 58.34 0.03 53.10
C THR D 685 58.51 -1.41 52.67
N PRO D 686 59.53 -2.11 53.20
CA PRO D 686 59.66 -3.54 52.88
C PRO D 686 58.65 -4.37 53.68
N LEU D 687 58.21 -5.47 53.10
CA LEU D 687 57.33 -6.44 53.75
C LEU D 687 58.13 -7.21 54.81
N ASP D 688 59.38 -7.56 54.47
CA ASP D 688 60.30 -8.29 55.33
C ASP D 688 61.69 -7.66 55.34
N SER D 689 62.43 -7.96 56.41
CA SER D 689 63.83 -7.58 56.59
C SER D 689 64.66 -8.44 55.62
N PHE D 690 65.83 -7.96 55.24
CA PHE D 690 66.63 -8.65 54.27
C PHE D 690 67.92 -9.20 54.79
N ASP D 691 68.14 -10.48 54.50
CA ASP D 691 69.38 -11.18 54.78
C ASP D 691 69.75 -11.85 53.45
N PRO D 692 70.78 -11.33 52.73
CA PRO D 692 71.15 -11.92 51.42
C PRO D 692 71.45 -13.42 51.49
N LYS D 693 72.00 -13.91 52.62
CA LYS D 693 72.34 -15.32 52.84
C LYS D 693 71.10 -16.19 52.99
N ALA D 694 69.96 -15.60 53.38
CA ALA D 694 68.69 -16.32 53.54
C ALA D 694 67.92 -16.48 52.21
N ARG D 695 68.38 -15.84 51.10
CA ARG D 695 67.69 -15.98 49.80
C ARG D 695 67.73 -17.44 49.37
N PRO D 696 66.60 -18.03 48.95
CA PRO D 696 66.63 -19.41 48.45
C PRO D 696 67.52 -19.52 47.21
N GLN D 697 68.05 -20.70 46.98
CA GLN D 697 68.84 -20.99 45.79
C GLN D 697 67.84 -21.19 44.62
N THR D 698 68.35 -21.30 43.37
CA THR D 698 67.49 -21.47 42.19
C THR D 698 66.67 -22.79 42.27
N PRO D 699 65.45 -22.86 41.69
CA PRO D 699 64.68 -24.13 41.74
C PRO D 699 65.41 -25.33 41.14
N ARG D 700 66.17 -25.13 40.06
CA ARG D 700 66.97 -26.21 39.44
C ARG D 700 68.41 -25.95 39.69
N SER D 701 69.20 -27.03 39.87
CA SER D 701 70.64 -26.98 40.21
C SER D 701 70.87 -25.94 41.30
N PRO D 702 70.14 -26.06 42.45
CA PRO D 702 70.24 -25.01 43.49
C PRO D 702 71.62 -24.63 43.97
N LYS D 703 72.45 -25.61 44.27
CA LYS D 703 73.81 -25.37 44.79
C LYS D 703 74.78 -24.79 43.77
N LYS D 704 74.49 -24.93 42.47
CA LYS D 704 75.36 -24.44 41.41
C LYS D 704 75.24 -22.94 41.21
N THR D 705 76.33 -22.31 40.77
CA THR D 705 76.36 -20.87 40.42
C THR D 705 76.58 -20.83 38.90
N LEU D 706 76.41 -19.64 38.29
CA LEU D 706 76.67 -19.43 36.87
C LEU D 706 78.14 -19.81 36.51
N ASP D 707 79.10 -19.47 37.38
CA ASP D 707 80.52 -19.79 37.20
C ASP D 707 80.77 -21.31 37.14
N GLU D 708 80.11 -22.08 38.04
CA GLU D 708 80.24 -23.55 38.04
C GLU D 708 79.64 -24.17 36.79
N VAL D 709 78.49 -23.66 36.33
CA VAL D 709 77.84 -24.14 35.08
C VAL D 709 78.76 -23.88 33.89
N THR D 710 79.35 -22.68 33.81
CA THR D 710 80.28 -22.29 32.73
C THR D 710 81.48 -23.27 32.72
N THR D 711 82.06 -23.58 33.90
CA THR D 711 83.19 -24.52 34.03
C THR D 711 82.79 -25.89 33.49
N ALA D 712 81.57 -26.35 33.87
CA ALA D 712 81.07 -27.65 33.42
C ALA D 712 80.91 -27.66 31.87
N ILE D 713 80.34 -26.57 31.29
CA ILE D 713 80.16 -26.45 29.84
C ILE D 713 81.51 -26.46 29.11
N THR D 714 82.50 -25.70 29.63
CA THR D 714 83.85 -25.62 29.05
C THR D 714 84.46 -27.03 28.97
N SER D 715 84.16 -27.86 29.98
CA SER D 715 84.60 -29.24 30.04
C SER D 715 83.84 -30.19 29.12
N GLY D 716 82.82 -29.71 28.39
CA GLY D 716 82.01 -30.53 27.47
C GLY D 716 80.78 -31.17 28.08
N THR D 717 80.43 -30.80 29.29
CA THR D 717 79.26 -31.36 30.01
C THR D 717 77.95 -30.75 29.48
N TYR D 718 76.84 -31.51 29.65
CA TYR D 718 75.46 -31.14 29.33
C TYR D 718 75.15 -31.00 27.86
N LYS D 719 75.92 -31.65 26.98
CA LYS D 719 75.63 -31.58 25.54
C LYS D 719 74.21 -32.10 25.25
N ASP D 720 73.85 -33.22 25.87
CA ASP D 720 72.54 -33.83 25.69
C ASP D 720 71.85 -33.98 27.03
N PRO D 721 70.51 -33.81 27.10
CA PRO D 721 69.82 -34.03 28.38
C PRO D 721 69.77 -35.53 28.70
N LYS D 722 69.69 -35.89 29.99
CA LYS D 722 69.58 -37.30 30.42
C LYS D 722 68.14 -37.79 30.16
N SER D 723 67.13 -36.93 30.44
CA SER D 723 65.71 -37.25 30.21
C SER D 723 65.44 -37.55 28.75
N ALA D 724 64.80 -38.71 28.48
CA ALA D 724 64.44 -39.14 27.11
C ALA D 724 63.38 -38.19 26.50
N VAL D 725 62.43 -37.68 27.33
CA VAL D 725 61.42 -36.69 26.93
C VAL D 725 62.15 -35.44 26.41
N TRP D 726 63.17 -35.00 27.16
CA TRP D 726 63.97 -33.81 26.80
C TRP D 726 64.79 -34.09 25.56
N ARG D 727 65.29 -35.33 25.39
CA ARG D 727 66.04 -35.74 24.19
C ARG D 727 65.13 -35.70 22.96
N LEU D 728 63.86 -36.10 23.09
CA LEU D 728 62.91 -36.03 21.97
C LEU D 728 62.68 -34.58 21.55
N LEU D 729 62.59 -33.67 22.55
CA LEU D 729 62.40 -32.24 22.31
C LEU D 729 63.62 -31.61 21.61
N ASP D 730 64.84 -32.05 21.97
CA ASP D 730 66.04 -31.56 21.32
C ASP D 730 66.15 -32.10 19.88
N GLN D 731 65.83 -33.40 19.69
CA GLN D 731 65.81 -34.02 18.35
C GLN D 731 64.79 -33.32 17.41
N ARG D 732 63.67 -32.84 17.99
CA ARG D 732 62.59 -32.09 17.31
C ARG D 732 63.13 -30.82 16.63
N THR D 733 64.22 -30.24 17.19
CA THR D 733 64.86 -29.04 16.62
C THR D 733 65.75 -29.35 15.41
N LYS D 734 66.03 -30.64 15.17
CA LYS D 734 66.92 -31.09 14.10
C LYS D 734 66.23 -31.79 12.94
N LEU D 735 65.11 -32.44 13.21
CA LEU D 735 64.36 -33.21 12.23
C LEU D 735 63.44 -32.38 11.36
N ARG D 736 63.40 -32.69 10.07
CA ARG D 736 62.56 -31.99 9.10
C ARG D 736 61.05 -32.28 9.37
N VAL D 737 60.16 -31.40 8.89
CA VAL D 737 58.71 -31.52 9.10
C VAL D 737 58.05 -32.81 8.62
N SER D 738 58.62 -33.47 7.59
CA SER D 738 58.05 -34.74 7.09
C SER D 738 58.09 -35.85 8.15
N THR D 739 58.96 -35.70 9.18
CA THR D 739 59.09 -36.68 10.27
C THR D 739 58.11 -36.43 11.43
N LEU D 740 57.26 -35.37 11.37
CA LEU D 740 56.38 -35.00 12.47
C LEU D 740 55.42 -36.08 12.98
N ARG D 741 54.88 -36.92 12.07
CA ARG D 741 53.96 -38.00 12.45
C ARG D 741 54.71 -39.03 13.31
N ASP D 742 55.94 -39.38 12.93
CA ASP D 742 56.79 -40.32 13.68
C ASP D 742 57.24 -39.71 15.02
N GLN D 743 57.52 -38.40 15.05
CA GLN D 743 57.88 -37.68 16.28
C GLN D 743 56.70 -37.66 17.25
N ALA D 744 55.46 -37.53 16.72
CA ALA D 744 54.23 -37.56 17.53
C ALA D 744 54.09 -38.93 18.19
N LEU D 745 54.36 -40.01 17.44
CA LEU D 745 54.32 -41.38 17.96
C LEU D 745 55.37 -41.59 19.04
N ALA D 746 56.57 -40.98 18.91
CA ALA D 746 57.64 -41.10 19.90
C ALA D 746 57.29 -40.42 21.23
N LEU D 747 56.50 -39.31 21.17
CA LEU D 747 56.09 -38.53 22.33
C LEU D 747 54.75 -38.97 22.95
N LYS D 748 53.88 -39.65 22.16
CA LYS D 748 52.55 -40.10 22.62
C LYS D 748 52.56 -40.87 23.96
N PRO D 749 53.41 -41.89 24.22
CA PRO D 749 53.37 -42.56 25.53
C PRO D 749 53.62 -41.62 26.72
N ALA D 750 54.64 -40.73 26.64
CA ALA D 750 54.95 -39.78 27.71
C ALA D 750 53.85 -38.72 27.85
N SER D 751 53.34 -38.23 26.72
CA SER D 751 52.28 -37.23 26.65
C SER D 751 50.95 -37.75 27.27
N SER D 752 50.67 -39.05 27.12
CA SER D 752 49.46 -39.69 27.63
CA SER D 752 49.46 -39.69 27.63
C SER D 752 49.71 -40.35 28.99
N SER D 753 50.96 -40.31 29.49
CA SER D 753 51.37 -40.92 30.76
C SER D 753 50.90 -42.39 30.88
N VAL D 754 51.09 -43.19 29.80
CA VAL D 754 50.72 -44.61 29.78
C VAL D 754 51.57 -45.37 30.79
N ASP D 755 51.11 -46.58 31.16
CA ASP D 755 51.87 -47.42 32.07
C ASP D 755 53.22 -47.75 31.40
N ASN D 756 54.32 -47.52 32.13
CA ASN D 756 55.69 -47.75 31.66
C ASN D 756 56.13 -46.74 30.57
N TRP D 757 55.53 -45.52 30.59
CA TRP D 757 55.86 -44.46 29.63
C TRP D 757 57.36 -44.13 29.60
N ALA D 758 58.05 -44.12 30.77
CA ALA D 758 59.46 -43.75 30.86
C ALA D 758 60.36 -44.71 30.08
N GLU D 759 60.14 -46.02 30.25
CA GLU D 759 60.87 -47.06 29.54
C GLU D 759 60.57 -46.98 28.05
N ALA D 760 59.28 -46.83 27.69
CA ALA D 760 58.81 -46.70 26.30
C ALA D 760 59.46 -45.48 25.63
N THR D 761 59.53 -44.34 26.34
CA THR D 761 60.13 -43.09 25.83
C THR D 761 61.65 -43.26 25.57
N GLU D 762 62.35 -43.90 26.51
CA GLU D 762 63.77 -44.21 26.41
C GLU D 762 64.08 -44.98 25.10
N GLU D 763 63.31 -46.05 24.81
CA GLU D 763 63.45 -46.82 23.58
C GLU D 763 63.12 -45.99 22.34
N LEU D 764 62.01 -45.20 22.38
CA LEU D 764 61.62 -44.35 21.25
C LEU D 764 62.62 -43.24 20.93
N ALA D 765 63.25 -42.63 21.95
CA ALA D 765 64.29 -41.61 21.79
C ALA D 765 65.56 -42.23 21.18
N GLN D 766 65.94 -43.47 21.61
CA GLN D 766 67.10 -44.18 21.08
C GLN D 766 66.87 -44.56 19.60
N GLN D 767 65.65 -44.99 19.27
CA GLN D 767 65.25 -45.33 17.91
C GLN D 767 65.37 -44.09 17.00
N GLN D 768 64.86 -42.94 17.48
CA GLN D 768 64.89 -41.69 16.73
C GLN D 768 66.33 -41.21 16.51
N GLN D 769 67.19 -41.36 17.52
CA GLN D 769 68.60 -41.01 17.46
C GLN D 769 69.35 -41.79 16.37
N LEU D 770 68.99 -43.09 16.18
CA LEU D 770 69.57 -43.95 15.14
C LEU D 770 69.17 -43.46 13.78
N LEU D 771 67.86 -43.25 13.56
CA LEU D 771 67.30 -42.78 12.29
C LEU D 771 67.87 -41.45 11.83
N MET D 772 68.31 -40.60 12.77
CA MET D 772 68.96 -39.31 12.55
C MET D 772 70.38 -39.38 11.95
N LYS D 773 70.94 -40.60 11.80
CA LYS D 773 72.24 -40.77 11.14
C LYS D 773 72.06 -40.55 9.61
N ALA D 774 70.79 -40.51 9.15
CA ALA D 774 70.38 -40.23 7.77
C ALA D 774 70.23 -38.72 7.60
N ASN D 775 71.21 -38.09 6.91
CA ASN D 775 71.32 -36.65 6.64
C ASN D 775 70.07 -36.06 5.97
N ASN D 776 69.42 -36.87 5.09
CA ASN D 776 68.21 -36.49 4.35
C ASN D 776 67.05 -36.11 5.28
N LEU D 777 67.03 -36.61 6.54
CA LEU D 777 65.99 -36.29 7.53
C LEU D 777 66.28 -35.02 8.36
N LEU D 778 67.51 -34.48 8.21
CA LEU D 778 68.00 -33.36 8.98
C LEU D 778 67.86 -32.04 8.24
N LYS D 779 66.88 -31.24 8.67
CA LYS D 779 66.60 -29.90 8.18
C LYS D 779 65.86 -29.15 9.27
N SER D 780 66.23 -27.87 9.49
CA SER D 780 65.54 -27.05 10.49
C SER D 780 64.10 -26.76 10.03
N SER D 781 63.12 -27.09 10.88
CA SER D 781 61.70 -26.78 10.61
C SER D 781 61.49 -25.27 10.64
N LEU D 782 62.44 -24.51 11.25
CA LEU D 782 62.37 -23.03 11.31
C LEU D 782 62.59 -22.45 9.91
N THR D 783 63.50 -23.05 9.14
CA THR D 783 63.78 -22.66 7.75
C THR D 783 62.56 -23.05 6.88
N GLU D 784 62.02 -24.27 7.08
CA GLU D 784 60.84 -24.77 6.36
C GLU D 784 59.61 -23.87 6.66
N THR D 785 59.45 -23.42 7.92
CA THR D 785 58.36 -22.51 8.31
C THR D 785 58.52 -21.19 7.56
N ARG D 786 59.72 -20.57 7.60
CA ARG D 786 59.99 -19.30 6.91
C ARG D 786 59.71 -19.40 5.39
N GLU D 787 60.12 -20.52 4.75
CA GLU D 787 59.85 -20.76 3.31
C GLU D 787 58.35 -20.84 3.03
N ALA D 788 57.57 -21.54 3.88
CA ALA D 788 56.12 -21.62 3.70
C ALA D 788 55.44 -20.24 3.95
N LEU D 789 55.91 -19.46 4.96
CA LEU D 789 55.37 -18.12 5.26
C LEU D 789 55.56 -17.15 4.12
N GLU D 790 56.68 -17.27 3.41
CA GLU D 790 57.04 -16.36 2.34
C GLU D 790 56.58 -16.80 0.93
N LYS D 791 55.99 -18.01 0.82
CA LYS D 791 55.50 -18.56 -0.43
C LYS D 791 54.43 -17.68 -1.06
N THR D 792 54.59 -17.39 -2.36
CA THR D 792 53.63 -16.62 -3.18
C THR D 792 53.34 -17.42 -4.45
N LYS E 11 -4.64 28.68 20.53
CA LYS E 11 -6.10 28.81 20.38
C LYS E 11 -6.50 29.36 19.03
N ALA E 12 -7.49 28.72 18.40
CA ALA E 12 -7.99 29.07 17.07
C ALA E 12 -9.50 29.33 17.08
N SER E 13 -10.00 30.01 16.05
CA SER E 13 -11.42 30.28 15.95
C SER E 13 -12.20 29.00 15.62
N ILE E 14 -13.49 28.96 15.98
CA ILE E 14 -14.40 27.83 15.69
C ILE E 14 -14.46 27.54 14.18
N LEU E 15 -14.40 28.59 13.36
CA LEU E 15 -14.39 28.51 11.89
C LEU E 15 -13.20 27.67 11.40
N THR E 16 -11.98 27.95 11.92
CA THR E 16 -10.75 27.21 11.63
C THR E 16 -10.89 25.77 12.12
N ALA E 17 -11.40 25.57 13.37
CA ALA E 17 -11.64 24.24 13.96
C ALA E 17 -12.63 23.39 13.14
N LEU E 18 -13.68 24.02 12.58
CA LEU E 18 -14.66 23.33 11.72
C LEU E 18 -14.03 22.82 10.42
N MET E 19 -13.08 23.59 9.86
CA MET E 19 -12.37 23.28 8.60
C MET E 19 -11.02 22.61 8.87
N ILE E 31 10.65 22.56 0.58
CA ILE E 31 10.44 21.65 -0.54
C ILE E 31 10.00 22.41 -1.80
N PRO E 32 10.73 22.25 -2.95
CA PRO E 32 10.32 22.94 -4.18
C PRO E 32 8.91 22.53 -4.62
N LYS E 33 8.13 23.45 -5.18
CA LYS E 33 6.76 23.19 -5.66
C LYS E 33 6.84 22.31 -6.93
N ARG E 34 5.78 21.50 -7.19
CA ARG E 34 5.80 20.63 -8.37
C ARG E 34 5.78 21.46 -9.65
N PHE E 35 6.52 21.00 -10.66
CA PHE E 35 6.51 21.68 -11.95
C PHE E 35 5.21 21.37 -12.70
N ARG E 36 4.54 22.44 -13.15
CA ARG E 36 3.32 22.33 -13.95
C ARG E 36 3.64 22.84 -15.36
N PRO E 37 3.77 21.94 -16.37
CA PRO E 37 4.02 22.42 -17.74
C PRO E 37 2.98 23.45 -18.19
N ALA E 38 3.42 24.42 -19.02
CA ALA E 38 2.52 25.42 -19.56
C ALA E 38 1.56 24.75 -20.55
N LYS E 39 0.44 25.41 -20.87
CA LYS E 39 -0.49 24.95 -21.90
C LYS E 39 0.31 24.91 -23.21
N ASP E 40 0.07 23.90 -24.03
CA ASP E 40 0.82 23.73 -25.27
C ASP E 40 0.00 24.23 -26.48
N PRO E 41 0.33 25.39 -27.07
CA PRO E 41 -0.45 25.86 -28.24
C PRO E 41 -0.25 25.02 -29.51
N LEU E 42 0.78 24.13 -29.56
CA LEU E 42 1.02 23.30 -30.75
C LEU E 42 0.41 21.90 -30.64
N ASP E 43 -0.51 21.70 -29.67
CA ASP E 43 -1.16 20.41 -29.42
C ASP E 43 -2.34 20.08 -30.37
N SER E 44 -2.46 20.77 -31.50
CA SER E 44 -3.50 20.53 -32.48
C SER E 44 -2.85 20.39 -33.84
N PRO E 45 -3.42 19.58 -34.77
CA PRO E 45 -2.80 19.41 -36.08
C PRO E 45 -2.62 20.69 -36.87
N GLN E 46 -3.58 21.63 -36.78
CA GLN E 46 -3.56 22.89 -37.53
C GLN E 46 -2.40 23.77 -37.04
N ALA E 47 -2.26 23.92 -35.72
CA ALA E 47 -1.20 24.74 -35.12
C ALA E 47 0.19 24.10 -35.36
N ALA E 48 0.30 22.75 -35.24
CA ALA E 48 1.56 22.03 -35.48
C ALA E 48 1.97 22.12 -36.98
N ALA E 49 1.03 21.89 -37.93
CA ALA E 49 1.32 21.97 -39.37
C ALA E 49 1.76 23.41 -39.75
N GLN E 50 1.09 24.44 -39.21
CA GLN E 50 1.45 25.84 -39.49
C GLN E 50 2.88 26.14 -38.97
N PHE E 51 3.21 25.66 -37.77
CA PHE E 51 4.54 25.81 -37.18
C PHE E 51 5.62 25.18 -38.07
N LEU E 52 5.36 23.96 -38.56
CA LEU E 52 6.29 23.24 -39.43
C LEU E 52 6.43 23.92 -40.80
N LYS E 53 5.31 24.39 -41.38
CA LYS E 53 5.30 25.13 -42.65
C LYS E 53 6.10 26.43 -42.53
N ASP E 54 5.89 27.19 -41.43
CA ASP E 54 6.62 28.45 -41.16
C ASP E 54 8.13 28.20 -41.04
N ASN E 55 8.52 26.99 -40.60
CA ASN E 55 9.91 26.65 -40.42
C ASN E 55 10.44 25.80 -41.58
N LYS E 56 9.66 25.72 -42.71
CA LYS E 56 10.02 25.00 -43.95
C LYS E 56 10.35 23.53 -43.71
N TYR E 57 9.59 22.89 -42.83
CA TYR E 57 9.84 21.50 -42.54
C TYR E 57 8.89 20.72 -43.45
N ARG E 58 9.41 19.73 -44.17
CA ARG E 58 8.61 18.97 -45.12
C ARG E 58 7.49 18.11 -44.49
N ILE E 59 6.28 18.34 -44.95
CA ILE E 59 5.12 17.55 -44.53
C ILE E 59 4.78 16.75 -45.80
N LEU E 60 4.69 15.41 -45.70
CA LEU E 60 4.36 14.61 -46.88
C LEU E 60 2.88 14.70 -47.22
N ARG E 61 2.54 14.43 -48.48
CA ARG E 61 1.14 14.27 -48.92
C ARG E 61 0.75 12.93 -48.20
N PRO E 62 -0.31 12.92 -47.36
CA PRO E 62 -0.58 11.72 -46.55
C PRO E 62 -0.98 10.48 -47.35
N ARG E 63 -0.57 9.33 -46.84
CA ARG E 63 -0.89 8.03 -47.43
C ARG E 63 -1.85 7.33 -46.48
N ALA E 64 -2.72 6.50 -47.06
CA ALA E 64 -3.78 5.80 -46.35
C ALA E 64 -3.47 4.32 -46.20
N ILE E 65 -4.03 3.71 -45.16
CA ILE E 65 -3.83 2.28 -44.86
C ILE E 65 -5.15 1.57 -45.00
N PRO E 66 -5.21 0.43 -45.73
CA PRO E 66 -6.47 -0.32 -45.82
C PRO E 66 -6.96 -0.77 -44.45
N THR E 67 -8.27 -0.91 -44.30
CA THR E 67 -8.86 -1.39 -43.05
C THR E 67 -8.47 -2.86 -42.83
N MET E 68 -8.57 -3.30 -41.56
CA MET E 68 -8.25 -4.67 -41.16
C MET E 68 -9.27 -5.67 -41.64
N VAL E 69 -8.77 -6.83 -42.07
CA VAL E 69 -9.55 -7.98 -42.52
C VAL E 69 -9.07 -9.17 -41.65
N GLU E 70 -10.01 -10.01 -41.20
CA GLU E 70 -9.68 -11.18 -40.41
C GLU E 70 -9.38 -12.34 -41.34
N LEU E 71 -8.19 -12.95 -41.18
CA LEU E 71 -7.78 -14.13 -41.96
C LEU E 71 -7.56 -15.27 -40.98
N GLU E 72 -7.68 -16.53 -41.45
CA GLU E 72 -7.41 -17.71 -40.62
C GLU E 72 -5.90 -17.78 -40.41
N THR E 73 -5.46 -17.91 -39.16
CA THR E 73 -4.03 -18.01 -38.80
C THR E 73 -3.34 -19.16 -39.52
N ASP E 74 -3.99 -20.35 -39.62
CA ASP E 74 -3.38 -21.49 -40.29
C ASP E 74 -3.24 -21.36 -41.80
N ALA E 75 -4.01 -20.44 -42.41
CA ALA E 75 -3.87 -20.17 -43.84
C ALA E 75 -2.74 -19.14 -44.04
N ALA E 76 -2.69 -18.09 -43.18
CA ALA E 76 -1.70 -17.02 -43.24
C ALA E 76 -0.32 -17.45 -42.72
N LEU E 77 -0.28 -18.29 -41.69
CA LEU E 77 0.95 -18.81 -41.09
C LEU E 77 0.90 -20.35 -41.06
N PRO E 78 1.04 -21.01 -42.25
CA PRO E 78 0.95 -22.50 -42.28
C PRO E 78 1.95 -23.24 -41.40
N ARG E 79 3.14 -22.66 -41.19
CA ARG E 79 4.20 -23.25 -40.37
C ARG E 79 3.81 -23.29 -38.88
N LEU E 80 2.76 -22.53 -38.47
CA LEU E 80 2.27 -22.48 -37.09
C LEU E 80 0.89 -23.17 -36.87
N ARG E 81 0.45 -24.05 -37.80
CA ARG E 81 -0.81 -24.81 -37.73
C ARG E 81 -1.01 -25.54 -36.41
N GLN E 82 0.04 -26.23 -35.92
CA GLN E 82 0.01 -26.98 -34.66
C GLN E 82 -0.22 -26.09 -33.45
N MET E 83 0.34 -24.85 -33.47
CA MET E 83 0.15 -23.88 -32.39
C MET E 83 -1.32 -23.44 -32.26
N VAL E 84 -2.00 -23.31 -33.40
CA VAL E 84 -3.43 -22.96 -33.48
C VAL E 84 -4.24 -24.16 -32.90
N GLU E 85 -3.97 -25.38 -33.42
CA GLU E 85 -4.59 -26.65 -32.99
C GLU E 85 -4.46 -26.89 -31.49
N ASP E 86 -3.30 -26.59 -30.91
CA ASP E 86 -3.04 -26.74 -29.46
C ASP E 86 -3.64 -25.61 -28.61
N GLY E 87 -4.30 -24.65 -29.27
CA GLY E 87 -4.91 -23.50 -28.61
C GLY E 87 -3.93 -22.52 -28.00
N LYS E 88 -2.67 -22.55 -28.49
CA LYS E 88 -1.61 -21.67 -27.96
C LYS E 88 -1.45 -20.38 -28.80
N LEU E 89 -2.09 -20.33 -29.97
CA LEU E 89 -2.08 -19.20 -30.89
C LEU E 89 -3.49 -18.97 -31.42
N LYS E 90 -3.96 -17.70 -31.36
CA LYS E 90 -5.28 -17.28 -31.84
C LYS E 90 -5.51 -17.75 -33.28
N ASP E 91 -6.73 -18.24 -33.57
CA ASP E 91 -7.12 -18.79 -34.85
C ASP E 91 -7.34 -17.78 -35.98
N THR E 92 -7.34 -16.49 -35.67
CA THR E 92 -7.47 -15.44 -36.71
C THR E 92 -6.39 -14.37 -36.54
N VAL E 93 -5.98 -13.76 -37.66
CA VAL E 93 -5.02 -12.65 -37.69
C VAL E 93 -5.73 -11.47 -38.39
N SER E 94 -5.49 -10.24 -37.92
CA SER E 94 -6.08 -9.01 -38.45
C SER E 94 -5.05 -8.33 -39.37
N VAL E 95 -5.29 -8.34 -40.69
CA VAL E 95 -4.33 -7.77 -41.67
C VAL E 95 -4.90 -6.62 -42.52
N PRO E 96 -4.07 -5.60 -42.87
CA PRO E 96 -4.61 -4.46 -43.66
C PRO E 96 -4.86 -4.75 -45.13
N GLU E 97 -5.96 -5.45 -45.40
CA GLU E 97 -6.31 -5.82 -46.77
C GLU E 97 -7.74 -5.42 -47.15
N GLY E 98 -8.35 -4.54 -46.35
CA GLY E 98 -9.71 -4.07 -46.60
C GLY E 98 -9.90 -3.30 -47.89
N THR E 99 -11.14 -3.15 -48.33
CA THR E 99 -11.46 -2.45 -49.58
C THR E 99 -11.37 -0.92 -49.45
N THR E 100 -11.37 -0.41 -48.23
CA THR E 100 -11.33 1.03 -47.93
C THR E 100 -10.06 1.37 -47.17
N ALA E 101 -9.44 2.50 -47.47
CA ALA E 101 -8.22 2.88 -46.82
C ALA E 101 -8.41 4.23 -46.09
N PHE E 102 -7.81 4.39 -44.91
CA PHE E 102 -7.93 5.63 -44.11
C PHE E 102 -6.59 6.13 -43.64
N TYR E 103 -6.51 7.42 -43.32
CA TYR E 103 -5.26 8.03 -42.83
C TYR E 103 -5.06 7.69 -41.37
N PRO E 104 -3.85 7.22 -41.01
CA PRO E 104 -3.59 6.91 -39.60
C PRO E 104 -3.35 8.17 -38.74
N LYS E 105 -3.61 8.05 -37.45
CA LYS E 105 -3.44 9.13 -36.46
C LYS E 105 -2.78 8.58 -35.24
N TYR E 106 -1.79 9.30 -34.72
CA TYR E 106 -1.06 8.86 -33.53
C TYR E 106 -0.95 10.01 -32.54
N TYR E 107 -1.50 9.83 -31.33
CA TYR E 107 -1.48 10.83 -30.26
C TYR E 107 -0.71 10.33 -29.07
N PRO E 108 0.54 10.78 -28.90
CA PRO E 108 1.32 10.33 -27.73
C PRO E 108 0.81 10.89 -26.39
N PHE E 109 1.27 10.30 -25.30
CA PHE E 109 0.95 10.76 -23.94
C PHE E 109 2.10 11.63 -23.47
N HIS E 110 1.80 12.88 -23.18
CA HIS E 110 2.79 13.82 -22.67
C HIS E 110 2.48 14.02 -21.20
N LYS E 111 3.37 13.52 -20.33
CA LYS E 111 3.18 13.60 -18.88
C LYS E 111 4.46 14.00 -18.16
N PRO E 112 4.36 14.83 -17.09
CA PRO E 112 3.14 15.54 -16.65
C PRO E 112 2.74 16.59 -17.70
N ASP E 113 1.53 17.14 -17.57
CA ASP E 113 1.09 18.22 -18.45
C ASP E 113 0.35 19.29 -17.65
N HIS E 114 -0.15 20.33 -18.31
CA HIS E 114 -0.83 21.41 -17.62
C HIS E 114 -2.02 20.96 -16.76
N ASP E 115 -2.79 19.98 -17.25
CA ASP E 115 -3.99 19.47 -16.56
C ASP E 115 -3.74 18.33 -15.58
N GLU E 116 -2.61 17.63 -15.69
CA GLU E 116 -2.32 16.50 -14.84
C GLU E 116 -0.88 16.48 -14.32
N VAL E 117 -0.74 16.78 -13.03
CA VAL E 117 0.53 16.74 -12.33
C VAL E 117 0.29 15.74 -11.17
N GLY E 118 0.75 14.51 -11.36
CA GLY E 118 0.55 13.47 -10.38
C GLY E 118 1.80 12.70 -9.99
N THR E 119 1.61 11.42 -9.67
CA THR E 119 2.68 10.52 -9.23
C THR E 119 3.70 10.30 -10.33
N PHE E 120 3.29 10.34 -11.61
CA PHE E 120 4.24 10.15 -12.70
C PHE E 120 5.15 11.40 -12.77
N GLY E 121 6.45 11.18 -12.74
CA GLY E 121 7.43 12.26 -12.75
C GLY E 121 7.60 12.97 -11.40
N ALA E 122 7.06 12.38 -10.32
CA ALA E 122 7.20 12.97 -8.98
C ALA E 122 8.66 12.91 -8.51
N PRO E 123 9.21 14.01 -7.96
CA PRO E 123 10.59 13.96 -7.42
C PRO E 123 10.63 13.10 -6.14
N ASP E 124 11.80 12.57 -5.76
CA ASP E 124 11.87 11.76 -4.54
C ASP E 124 12.02 12.67 -3.31
N ILE E 125 10.89 13.20 -2.83
CA ILE E 125 10.80 14.08 -1.65
C ILE E 125 11.15 13.32 -0.36
N THR E 126 10.82 12.01 -0.30
CA THR E 126 11.14 11.16 0.84
C THR E 126 12.67 11.10 0.99
N LEU E 127 13.40 10.85 -0.12
CA LEU E 127 14.86 10.83 -0.09
C LEU E 127 15.41 12.20 0.34
N LEU E 128 14.86 13.30 -0.23
CA LEU E 128 15.27 14.67 0.13
C LEU E 128 15.18 14.90 1.66
N LYS E 129 14.07 14.46 2.28
CA LYS E 129 13.86 14.56 3.72
C LYS E 129 14.87 13.70 4.51
N GLN E 130 15.11 12.45 4.04
CA GLN E 130 16.11 11.55 4.66
C GLN E 130 17.53 12.12 4.56
N LEU E 131 17.90 12.70 3.40
CA LEU E 131 19.22 13.35 3.23
C LEU E 131 19.37 14.48 4.24
N THR E 132 18.28 15.23 4.49
CA THR E 132 18.27 16.33 5.47
C THR E 132 18.46 15.79 6.88
N PHE E 133 17.68 14.75 7.28
CA PHE E 133 17.80 14.14 8.60
C PHE E 133 19.22 13.60 8.83
N PHE E 134 19.77 12.88 7.85
CA PHE E 134 21.12 12.32 7.99
C PHE E 134 22.25 13.36 7.98
N LEU E 135 22.05 14.48 7.28
CA LEU E 135 23.05 15.55 7.28
C LEU E 135 23.13 16.20 8.66
N LEU E 136 21.99 16.34 9.34
CA LEU E 136 21.94 16.89 10.68
C LEU E 136 22.69 16.02 11.70
N GLU E 137 22.70 14.70 11.50
CA GLU E 137 23.36 13.74 12.41
C GLU E 137 24.81 13.41 12.04
N ASN E 138 25.29 13.80 10.83
CA ASN E 138 26.61 13.40 10.35
C ASN E 138 27.42 14.54 9.81
N ASP E 139 28.69 14.59 10.20
CA ASP E 139 29.59 15.62 9.73
C ASP E 139 30.37 15.17 8.50
N PHE E 140 29.65 15.07 7.38
CA PHE E 140 30.28 14.70 6.11
C PHE E 140 30.67 16.01 5.43
N PRO E 141 31.98 16.28 5.16
CA PRO E 141 32.32 17.57 4.51
C PRO E 141 31.64 17.82 3.15
N THR E 142 31.33 16.77 2.38
CA THR E 142 30.64 16.89 1.07
C THR E 142 29.12 16.79 1.20
N GLY E 143 28.62 16.51 2.41
CA GLY E 143 27.19 16.38 2.71
C GLY E 143 26.39 17.61 2.35
N PRO E 144 26.79 18.83 2.78
CA PRO E 144 26.02 20.04 2.41
C PRO E 144 25.87 20.24 0.90
N GLU E 145 26.93 19.97 0.13
CA GLU E 145 26.90 20.09 -1.33
C GLU E 145 26.01 19.01 -1.97
N THR E 146 26.00 17.78 -1.41
CA THR E 146 25.12 16.72 -1.94
C THR E 146 23.64 17.13 -1.77
N LEU E 147 23.28 17.60 -0.56
CA LEU E 147 21.91 18.03 -0.29
C LEU E 147 21.50 19.20 -1.23
N ARG E 148 22.39 20.20 -1.38
CA ARG E 148 22.15 21.34 -2.26
C ARG E 148 21.91 20.90 -3.73
N GLN E 149 22.73 19.95 -4.22
CA GLN E 149 22.62 19.42 -5.59
C GLN E 149 21.33 18.64 -5.83
N VAL E 150 20.90 17.83 -4.85
CA VAL E 150 19.64 17.07 -4.99
C VAL E 150 18.46 18.06 -5.00
N ARG E 151 18.48 19.05 -4.09
CA ARG E 151 17.45 20.09 -4.00
C ARG E 151 17.37 20.89 -5.32
N GLU E 152 18.54 21.27 -5.88
CA GLU E 152 18.64 22.02 -7.13
C GLU E 152 18.12 21.18 -8.32
N ALA E 153 18.44 19.86 -8.36
CA ALA E 153 17.93 18.96 -9.43
C ALA E 153 16.41 18.82 -9.33
N ILE E 154 15.86 18.74 -8.10
CA ILE E 154 14.40 18.67 -7.90
C ILE E 154 13.73 19.96 -8.43
N ALA E 155 14.32 21.14 -8.12
CA ALA E 155 13.80 22.45 -8.51
C ALA E 155 13.97 22.78 -9.99
N THR E 156 14.99 22.23 -10.68
CA THR E 156 15.27 22.60 -12.07
C THR E 156 14.96 21.54 -13.13
N LEU E 157 14.89 20.26 -12.74
CA LEU E 157 14.62 19.18 -13.70
C LEU E 157 13.22 18.63 -13.56
N GLN E 158 12.84 17.79 -14.51
CA GLN E 158 11.55 17.11 -14.51
C GLN E 158 11.67 15.84 -15.31
N TYR E 159 11.39 14.71 -14.67
CA TYR E 159 11.33 13.47 -15.43
C TYR E 159 9.92 13.41 -16.09
N GLY E 160 9.90 13.06 -17.37
CA GLY E 160 8.62 12.93 -18.06
C GLY E 160 8.81 12.83 -19.56
N SER E 161 7.70 12.88 -20.29
CA SER E 161 7.69 12.69 -21.74
C SER E 161 7.49 13.97 -22.57
N GLY E 162 7.86 15.10 -22.00
CA GLY E 162 7.85 16.39 -22.70
C GLY E 162 6.50 16.84 -23.21
N SER E 163 6.50 17.45 -24.42
CA SER E 163 5.29 18.01 -25.03
C SER E 163 5.35 17.96 -26.55
N TYR E 164 4.21 18.29 -27.22
CA TYR E 164 4.16 18.40 -28.67
C TYR E 164 5.16 19.47 -29.12
N SER E 165 5.18 20.65 -28.46
CA SER E 165 6.11 21.74 -28.77
C SER E 165 7.57 21.27 -28.69
N GLY E 166 7.89 20.50 -27.66
CA GLY E 166 9.23 19.96 -27.48
C GLY E 166 9.61 19.01 -28.62
N GLN E 167 8.67 18.11 -29.00
CA GLN E 167 8.86 17.15 -30.10
C GLN E 167 9.07 17.85 -31.42
N LEU E 168 8.25 18.91 -31.68
CA LEU E 168 8.30 19.67 -32.92
C LEU E 168 9.56 20.51 -33.04
N ASN E 169 10.00 21.15 -31.92
CA ASN E 169 11.26 21.90 -31.89
C ASN E 169 12.43 20.97 -32.11
N ARG E 170 12.35 19.76 -31.55
CA ARG E 170 13.39 18.74 -31.76
C ARG E 170 13.48 18.35 -33.26
N LEU E 171 12.32 18.13 -33.92
CA LEU E 171 12.31 17.84 -35.36
C LEU E 171 13.01 18.95 -36.17
N LEU E 172 12.78 20.23 -35.80
CA LEU E 172 13.43 21.36 -36.48
C LEU E 172 14.95 21.31 -36.31
N ALA E 173 15.43 20.94 -35.11
CA ALA E 173 16.87 20.82 -34.86
C ALA E 173 17.46 19.69 -35.72
N MET E 174 16.73 18.57 -35.90
CA MET E 174 17.15 17.45 -36.76
C MET E 174 17.26 17.90 -38.22
N LYS E 175 16.25 18.64 -38.71
CA LYS E 175 16.30 19.22 -40.07
C LYS E 175 17.52 20.14 -40.23
N GLY E 176 17.78 20.97 -39.21
CA GLY E 176 18.91 21.90 -39.24
C GLY E 176 20.24 21.18 -39.37
N VAL E 177 20.39 20.06 -38.63
CA VAL E 177 21.63 19.25 -38.68
C VAL E 177 21.79 18.60 -40.07
N ALA E 178 20.69 18.07 -40.62
CA ALA E 178 20.70 17.40 -41.91
C ALA E 178 20.89 18.34 -43.10
N THR E 179 20.29 19.54 -43.05
CA THR E 179 20.23 20.39 -44.24
C THR E 179 20.66 21.85 -44.04
N GLY E 180 20.98 22.25 -42.81
CA GLY E 180 21.27 23.65 -42.51
C GLY E 180 22.70 24.09 -42.74
N ARG E 181 23.40 24.48 -41.66
CA ARG E 181 24.79 25.02 -41.77
C ARG E 181 25.79 24.02 -42.41
N ASN E 182 25.57 22.72 -42.20
CA ASN E 182 26.47 21.68 -42.66
C ASN E 182 25.66 20.53 -43.28
N PRO E 183 25.16 20.69 -44.53
CA PRO E 183 24.32 19.62 -45.11
C PRO E 183 25.02 18.25 -45.18
N ASN E 184 24.23 17.19 -45.01
CA ASN E 184 24.70 15.81 -45.04
C ASN E 184 25.40 15.44 -46.34
N LYS E 185 26.35 14.50 -46.25
CA LYS E 185 27.08 14.02 -47.43
C LYS E 185 27.06 12.51 -47.44
N THR E 186 26.80 11.91 -48.59
CA THR E 186 26.87 10.45 -48.68
C THR E 186 28.37 10.04 -48.54
N PRO E 187 28.70 8.79 -48.12
CA PRO E 187 30.12 8.37 -48.11
C PRO E 187 30.84 8.58 -49.46
N LYS E 188 30.14 8.36 -50.59
CA LYS E 188 30.66 8.58 -51.94
C LYS E 188 31.06 10.04 -52.17
N THR E 189 30.24 11.02 -51.73
CA THR E 189 30.57 12.45 -51.84
C THR E 189 31.84 12.77 -51.00
N VAL E 190 31.97 12.17 -49.79
CA VAL E 190 33.15 12.35 -48.93
C VAL E 190 34.40 11.76 -49.63
N GLY E 191 34.20 10.69 -50.41
CA GLY E 191 35.26 10.07 -51.18
C GLY E 191 35.55 8.60 -50.89
N TYR E 192 34.62 7.89 -50.23
CA TYR E 192 34.78 6.46 -49.90
C TYR E 192 33.86 5.56 -50.68
N THR E 193 34.37 4.42 -51.17
CA THR E 193 33.53 3.38 -51.77
C THR E 193 33.06 2.49 -50.60
N ASN E 194 32.13 1.57 -50.84
CA ASN E 194 31.67 0.63 -49.79
C ASN E 194 32.80 -0.26 -49.26
N GLU E 195 33.69 -0.71 -50.15
CA GLU E 195 34.83 -1.54 -49.75
C GLU E 195 35.83 -0.77 -48.87
N GLN E 196 36.10 0.50 -49.19
CA GLN E 196 36.98 1.35 -48.35
C GLN E 196 36.38 1.55 -46.97
N LEU E 197 35.05 1.77 -46.89
CA LEU E 197 34.38 1.89 -45.59
C LEU E 197 34.45 0.59 -44.83
N ALA E 198 34.28 -0.56 -45.52
CA ALA E 198 34.37 -1.89 -44.90
C ALA E 198 35.78 -2.13 -44.32
N LYS E 199 36.82 -1.65 -45.01
CA LYS E 199 38.21 -1.77 -44.53
C LYS E 199 38.44 -0.95 -43.26
N LEU E 200 37.77 0.23 -43.16
CA LEU E 200 37.82 1.06 -41.94
C LEU E 200 37.06 0.33 -40.81
N LEU E 201 35.87 -0.19 -41.10
CA LEU E 201 35.02 -0.91 -40.14
C LEU E 201 35.65 -2.20 -39.62
N GLU E 202 36.49 -2.88 -40.43
CA GLU E 202 37.22 -4.07 -39.93
C GLU E 202 38.06 -3.70 -38.71
N GLN E 203 38.50 -2.42 -38.65
CA GLN E 203 39.30 -1.90 -37.54
C GLN E 203 38.44 -1.25 -36.45
N THR E 204 37.44 -0.41 -36.82
CA THR E 204 36.62 0.34 -35.86
C THR E 204 35.42 -0.39 -35.33
N LEU E 205 34.95 -1.41 -36.07
CA LEU E 205 33.82 -2.24 -35.64
C LEU E 205 34.11 -3.70 -36.07
N PRO E 206 35.15 -4.33 -35.51
CA PRO E 206 35.44 -5.72 -35.89
C PRO E 206 34.23 -6.64 -35.60
N ILE E 207 33.91 -7.51 -36.56
CA ILE E 207 32.77 -8.41 -36.38
C ILE E 207 33.18 -9.85 -36.66
N ASN E 208 32.45 -10.79 -36.05
CA ASN E 208 32.58 -12.21 -36.37
C ASN E 208 31.37 -12.56 -37.22
N THR E 209 31.35 -13.74 -37.80
CA THR E 209 30.17 -14.15 -38.56
C THR E 209 29.10 -14.65 -37.56
N PRO E 210 27.80 -14.77 -37.93
CA PRO E 210 26.86 -15.43 -37.01
C PRO E 210 27.33 -16.90 -36.76
N LYS E 211 26.81 -17.58 -35.73
CA LYS E 211 27.15 -18.99 -35.44
C LYS E 211 26.74 -19.82 -36.64
N HIS E 212 27.48 -20.92 -36.88
CA HIS E 212 27.18 -21.79 -37.99
C HIS E 212 25.79 -22.38 -37.92
N GLU E 213 25.27 -22.57 -36.71
CA GLU E 213 23.93 -23.09 -36.45
C GLU E 213 22.84 -22.05 -36.59
N ASP E 214 23.18 -20.73 -36.64
CA ASP E 214 22.17 -19.68 -36.86
C ASP E 214 21.74 -19.77 -38.34
N PRO E 215 20.43 -19.75 -38.63
CA PRO E 215 20.02 -19.85 -40.04
C PRO E 215 20.56 -18.68 -40.88
N ASP E 216 20.92 -18.98 -42.14
CA ASP E 216 21.32 -17.99 -43.13
C ASP E 216 20.13 -17.06 -43.44
N LEU E 217 20.36 -15.94 -44.15
CA LEU E 217 19.29 -15.02 -44.55
C LEU E 217 18.68 -15.58 -45.84
N ARG E 218 17.81 -16.59 -45.68
CA ARG E 218 17.23 -17.29 -46.83
C ARG E 218 15.74 -17.54 -46.69
N TRP E 219 15.17 -17.21 -45.53
CA TRP E 219 13.79 -17.60 -45.25
C TRP E 219 12.87 -16.48 -44.85
N ALA E 220 11.57 -16.75 -44.93
CA ALA E 220 10.52 -15.87 -44.40
C ALA E 220 10.64 -15.98 -42.85
N PRO E 221 10.49 -14.87 -42.09
CA PRO E 221 10.65 -14.96 -40.62
C PRO E 221 9.89 -16.09 -39.91
N SER E 222 8.64 -16.38 -40.29
CA SER E 222 7.84 -17.44 -39.61
C SER E 222 8.44 -18.85 -39.74
N TRP E 223 9.32 -19.08 -40.73
CA TRP E 223 9.98 -20.38 -40.93
C TRP E 223 11.11 -20.60 -39.91
N LEU E 224 11.47 -19.57 -39.12
CA LEU E 224 12.50 -19.62 -38.08
C LEU E 224 11.90 -19.95 -36.71
N ILE E 225 10.62 -20.33 -36.69
CA ILE E 225 9.92 -20.74 -35.48
C ILE E 225 9.71 -22.25 -35.56
N ASN E 226 10.25 -22.96 -34.58
CA ASN E 226 10.11 -24.40 -34.46
C ASN E 226 9.13 -24.71 -33.31
N TYR E 227 7.88 -25.03 -33.67
CA TYR E 227 6.87 -25.39 -32.69
C TYR E 227 6.21 -26.69 -33.11
N THR E 228 6.26 -27.71 -32.25
CA THR E 228 5.58 -28.99 -32.50
C THR E 228 4.81 -29.41 -31.24
N GLY E 229 4.90 -28.60 -30.19
CA GLY E 229 4.28 -28.90 -28.92
C GLY E 229 5.27 -29.54 -27.97
N ASP E 230 6.54 -29.78 -28.43
CA ASP E 230 7.58 -30.35 -27.57
C ASP E 230 8.19 -29.20 -26.79
N LEU E 231 7.84 -29.10 -25.51
CA LEU E 231 8.31 -28.05 -24.62
C LEU E 231 9.84 -28.09 -24.36
N SER E 232 10.48 -29.21 -24.73
CA SER E 232 11.91 -29.35 -24.56
C SER E 232 12.70 -28.85 -25.78
N THR E 233 12.07 -28.75 -26.97
CA THR E 233 12.76 -28.35 -28.20
C THR E 233 12.19 -27.12 -28.93
N ASP E 234 10.88 -26.78 -28.72
CA ASP E 234 10.22 -25.63 -29.33
C ASP E 234 11.09 -24.42 -29.10
N LYS E 235 11.50 -23.80 -30.18
CA LYS E 235 12.47 -22.69 -30.25
C LYS E 235 12.12 -21.71 -31.38
N SER E 236 12.56 -20.48 -31.21
CA SER E 236 12.48 -19.43 -32.20
C SER E 236 13.96 -19.02 -32.51
N TYR E 237 14.33 -18.97 -33.78
CA TYR E 237 15.66 -18.51 -34.20
C TYR E 237 15.63 -17.02 -34.57
N LEU E 238 14.51 -16.36 -34.25
CA LEU E 238 14.29 -14.97 -34.53
C LEU E 238 14.89 -14.07 -33.46
N PRO E 239 15.11 -12.76 -33.73
CA PRO E 239 15.60 -11.87 -32.65
C PRO E 239 14.56 -11.76 -31.52
N HIS E 240 15.01 -11.38 -30.32
CA HIS E 240 14.15 -11.18 -29.16
C HIS E 240 13.54 -9.80 -29.26
N VAL E 241 12.35 -9.63 -28.69
CA VAL E 241 11.61 -8.37 -28.75
C VAL E 241 11.14 -7.90 -27.38
N THR E 242 10.83 -6.61 -27.27
CA THR E 242 10.26 -6.04 -26.05
C THR E 242 8.75 -6.17 -26.22
N ILE E 243 8.15 -7.14 -25.55
CA ILE E 243 6.72 -7.45 -25.63
C ILE E 243 5.78 -6.25 -25.40
N LYS E 244 6.13 -5.40 -24.41
CA LYS E 244 5.35 -4.22 -24.03
C LYS E 244 5.57 -2.98 -24.90
N SER E 245 6.57 -3.00 -25.79
CA SER E 245 6.84 -1.88 -26.68
C SER E 245 5.76 -1.79 -27.77
N SER E 246 5.64 -0.63 -28.37
CA SER E 246 4.66 -0.33 -29.38
C SER E 246 4.84 -1.22 -30.64
N ALA E 247 3.72 -1.69 -31.21
CA ALA E 247 3.69 -2.46 -32.45
C ALA E 247 4.08 -1.57 -33.65
N GLY E 248 3.80 -0.28 -33.54
CA GLY E 248 3.99 0.68 -34.62
C GLY E 248 2.92 0.49 -35.66
N LEU E 249 3.07 1.16 -36.81
CA LEU E 249 2.11 0.99 -37.91
C LEU E 249 2.18 -0.44 -38.42
N PRO E 250 1.05 -1.04 -38.85
CA PRO E 250 -0.32 -0.49 -38.93
C PRO E 250 -1.20 -0.78 -37.69
N TYR E 251 -0.59 -0.96 -36.50
CA TYR E 251 -1.34 -1.31 -35.28
C TYR E 251 -1.14 -0.30 -34.16
N ILE E 252 -1.53 0.96 -34.43
CA ILE E 252 -1.42 2.04 -33.44
C ILE E 252 -2.25 1.65 -32.19
N GLY E 253 -1.68 1.85 -31.00
CA GLY E 253 -2.36 1.53 -29.76
C GLY E 253 -2.17 0.11 -29.28
N LYS E 254 -1.45 -0.72 -30.06
CA LYS E 254 -1.17 -2.11 -29.71
C LYS E 254 0.28 -2.29 -29.35
N THR E 255 0.58 -3.32 -28.56
CA THR E 255 1.96 -3.68 -28.19
C THR E 255 2.43 -4.79 -29.13
N LYS E 256 3.73 -5.12 -29.08
CA LYS E 256 4.31 -6.24 -29.83
C LYS E 256 3.67 -7.58 -29.36
N GLY E 257 3.37 -7.68 -28.06
CA GLY E 257 2.68 -8.84 -27.48
C GLY E 257 1.29 -9.09 -28.07
N ASP E 258 0.59 -8.04 -28.53
CA ASP E 258 -0.75 -8.20 -29.11
C ASP E 258 -0.69 -8.47 -30.61
N THR E 259 0.48 -8.29 -31.25
CA THR E 259 0.58 -8.31 -32.73
C THR E 259 1.71 -9.14 -33.33
N THR E 260 2.25 -10.11 -32.59
CA THR E 260 3.35 -10.93 -33.09
C THR E 260 2.94 -11.75 -34.33
N ALA E 261 1.76 -12.39 -34.32
CA ALA E 261 1.31 -13.18 -35.47
C ALA E 261 1.13 -12.26 -36.70
N GLU E 262 0.54 -11.07 -36.50
CA GLU E 262 0.33 -10.07 -37.57
C GLU E 262 1.68 -9.58 -38.12
N ALA E 263 2.68 -9.35 -37.24
CA ALA E 263 4.00 -8.89 -37.67
C ALA E 263 4.67 -9.96 -38.53
N LEU E 264 4.51 -11.24 -38.17
CA LEU E 264 5.07 -12.36 -38.94
C LEU E 264 4.41 -12.44 -40.30
N VAL E 265 3.09 -12.27 -40.38
CA VAL E 265 2.34 -12.30 -41.65
C VAL E 265 2.84 -11.19 -42.56
N LEU E 266 2.92 -9.95 -42.03
CA LEU E 266 3.38 -8.79 -42.80
C LEU E 266 4.83 -8.89 -43.22
N ALA E 267 5.73 -9.29 -42.30
CA ALA E 267 7.15 -9.46 -42.62
C ALA E 267 7.32 -10.57 -43.66
N ASP E 268 6.62 -11.74 -43.50
CA ASP E 268 6.69 -12.81 -44.49
C ASP E 268 6.19 -12.30 -45.84
N SER E 269 5.03 -11.59 -45.87
CA SER E 269 4.47 -11.09 -47.13
C SER E 269 5.37 -10.10 -47.82
N PHE E 270 5.98 -9.18 -47.07
CA PHE E 270 6.86 -8.17 -47.66
C PHE E 270 8.08 -8.81 -48.32
N ILE E 271 8.77 -9.74 -47.61
CA ILE E 271 9.95 -10.41 -48.15
C ILE E 271 9.60 -11.34 -49.34
N ARG E 272 8.46 -12.06 -49.24
CA ARG E 272 7.98 -12.95 -50.29
C ARG E 272 7.64 -12.16 -51.56
N ASP E 273 6.84 -11.06 -51.43
CA ASP E 273 6.44 -10.23 -52.57
C ASP E 273 7.63 -9.53 -53.21
N LEU E 274 8.58 -9.07 -52.40
CA LEU E 274 9.80 -8.42 -52.88
C LEU E 274 10.63 -9.43 -53.70
N GLY E 275 10.82 -10.64 -53.17
CA GLY E 275 11.57 -11.70 -53.81
C GLY E 275 10.98 -12.15 -55.13
N ARG E 276 9.64 -12.32 -55.17
CA ARG E 276 8.91 -12.73 -56.38
C ARG E 276 8.92 -11.62 -57.43
N ALA E 277 8.75 -10.34 -57.00
CA ALA E 277 8.75 -9.20 -57.90
C ALA E 277 10.14 -9.04 -58.52
N ALA E 278 11.21 -9.21 -57.73
CA ALA E 278 12.60 -9.05 -58.16
C ALA E 278 13.00 -10.00 -59.31
N THR E 279 12.42 -11.22 -59.38
CA THR E 279 12.73 -12.19 -60.44
C THR E 279 11.62 -12.31 -61.50
N SER E 280 10.61 -11.42 -61.46
CA SER E 280 9.49 -11.42 -62.41
C SER E 280 9.91 -10.84 -63.78
N ALA E 281 8.98 -10.88 -64.77
CA ALA E 281 9.16 -10.32 -66.11
C ALA E 281 9.33 -8.79 -66.10
N ASP E 282 8.78 -8.11 -65.05
CA ASP E 282 8.87 -6.67 -64.86
C ASP E 282 9.28 -6.34 -63.38
N PRO E 283 10.59 -6.49 -63.04
CA PRO E 283 11.01 -6.25 -61.64
C PRO E 283 10.74 -4.84 -61.13
N GLU E 284 10.88 -3.82 -61.98
CA GLU E 284 10.61 -2.46 -61.55
C GLU E 284 9.14 -2.26 -61.14
N ALA E 285 8.17 -2.67 -62.00
CA ALA E 285 6.73 -2.53 -61.70
C ALA E 285 6.35 -3.28 -60.44
N GLY E 286 6.83 -4.52 -60.31
CA GLY E 286 6.52 -5.39 -59.18
C GLY E 286 7.12 -4.92 -57.87
N VAL E 287 8.39 -4.51 -57.90
CA VAL E 287 9.09 -4.04 -56.70
C VAL E 287 8.47 -2.72 -56.21
N LYS E 288 8.22 -1.76 -57.13
CA LYS E 288 7.60 -0.48 -56.76
C LYS E 288 6.20 -0.68 -56.18
N LYS E 289 5.43 -1.61 -56.78
CA LYS E 289 4.08 -1.89 -56.31
C LYS E 289 4.11 -2.41 -54.85
N THR E 290 5.01 -3.37 -54.54
CA THR E 290 5.18 -3.96 -53.21
C THR E 290 5.54 -2.86 -52.21
N ILE E 291 6.50 -2.01 -52.58
CA ILE E 291 6.98 -0.94 -51.71
C ILE E 291 5.83 0.07 -51.38
N THR E 292 5.07 0.50 -52.40
CA THR E 292 3.91 1.39 -52.25
C THR E 292 2.83 0.70 -51.40
N ASP E 293 2.50 -0.58 -51.68
CA ASP E 293 1.50 -1.33 -50.90
C ASP E 293 1.88 -1.43 -49.41
N PHE E 294 3.18 -1.51 -49.12
CA PHE E 294 3.69 -1.61 -47.74
C PHE E 294 4.35 -0.32 -47.28
N TRP E 295 3.91 0.85 -47.79
CA TRP E 295 4.51 2.15 -47.45
C TRP E 295 4.68 2.36 -45.93
N TYR E 296 3.66 1.91 -45.15
CA TYR E 296 3.59 2.13 -43.69
C TYR E 296 4.72 1.44 -42.92
N LEU E 297 5.42 0.49 -43.57
CA LEU E 297 6.60 -0.17 -43.00
C LEU E 297 7.81 0.79 -42.91
N SER E 298 7.71 1.96 -43.57
CA SER E 298 8.78 2.96 -43.56
C SER E 298 8.40 4.20 -42.72
N CYS E 299 7.28 4.15 -42.00
CA CYS E 299 6.82 5.31 -41.26
C CYS E 299 6.81 5.02 -39.75
N GLY E 300 7.64 5.76 -39.00
CA GLY E 300 7.75 5.56 -37.56
C GLY E 300 6.79 6.41 -36.75
N LEU E 301 6.24 5.85 -35.65
CA LEU E 301 5.40 6.68 -34.75
C LEU E 301 6.39 7.55 -33.98
N LEU E 302 6.13 8.87 -33.92
CA LEU E 302 7.06 9.77 -33.24
C LEU E 302 6.75 9.81 -31.73
N PHE E 303 7.32 8.86 -31.00
CA PHE E 303 7.13 8.64 -29.58
C PHE E 303 8.01 9.61 -28.76
N PRO E 304 7.42 10.39 -27.84
CA PRO E 304 8.26 11.28 -26.99
C PRO E 304 9.01 10.48 -25.92
N LYS E 305 10.32 10.59 -25.90
CA LYS E 305 11.14 9.83 -24.94
C LYS E 305 11.05 10.37 -23.49
N GLY E 306 10.89 9.47 -22.52
CA GLY E 306 10.88 9.80 -21.09
C GLY E 306 12.29 10.10 -20.63
N GLU E 307 12.55 11.34 -20.19
CA GLU E 307 13.88 11.77 -19.73
C GLU E 307 13.79 12.79 -18.62
N ARG E 308 14.93 13.11 -18.00
CA ARG E 308 15.00 14.18 -17.00
C ARG E 308 15.30 15.46 -17.78
N TYR E 309 14.25 16.10 -18.28
CA TYR E 309 14.40 17.34 -19.01
C TYR E 309 14.57 18.51 -18.04
N THR E 310 15.12 19.62 -18.53
CA THR E 310 15.24 20.87 -17.79
C THR E 310 13.85 21.52 -17.86
N GLN E 311 13.32 21.95 -16.71
CA GLN E 311 11.98 22.57 -16.64
C GLN E 311 11.83 23.78 -17.56
N VAL E 312 12.82 24.70 -17.57
CA VAL E 312 12.78 25.91 -18.43
C VAL E 312 12.82 25.61 -19.93
N ASP E 313 13.34 24.44 -20.33
CA ASP E 313 13.40 24.02 -21.74
C ASP E 313 12.39 22.94 -22.10
N TRP E 314 11.40 22.67 -21.21
CA TRP E 314 10.36 21.63 -21.41
C TRP E 314 9.75 21.64 -22.84
N ASP E 315 9.35 22.82 -23.33
CA ASP E 315 8.69 23.00 -24.65
C ASP E 315 9.66 23.28 -25.81
N LYS E 316 10.96 23.29 -25.52
CA LYS E 316 11.99 23.57 -26.52
C LYS E 316 12.64 22.29 -27.03
N LYS E 317 12.58 21.22 -26.22
CA LYS E 317 13.27 19.99 -26.59
C LYS E 317 12.68 18.78 -25.89
N THR E 318 12.14 17.88 -26.69
CA THR E 318 11.70 16.57 -26.24
C THR E 318 12.40 15.62 -27.22
N ARG E 319 13.16 14.65 -26.71
CA ARG E 319 13.78 13.69 -27.59
C ARG E 319 12.72 12.73 -28.10
N ASN E 320 12.88 12.27 -29.33
CA ASN E 320 11.90 11.36 -29.96
C ASN E 320 12.45 10.01 -30.18
N ILE E 321 11.60 8.98 -30.09
CA ILE E 321 11.92 7.64 -30.49
C ILE E 321 11.10 7.41 -31.77
N TRP E 322 11.77 7.13 -32.88
CA TRP E 322 11.13 6.80 -34.15
C TRP E 322 10.71 5.33 -33.95
N SER E 323 9.43 5.08 -33.65
CA SER E 323 8.91 3.74 -33.33
CA SER E 323 8.96 3.74 -33.34
C SER E 323 8.62 2.98 -34.60
N ALA E 324 9.54 2.12 -34.96
CA ALA E 324 9.48 1.34 -36.15
C ALA E 324 8.33 0.35 -36.20
N PRO E 325 7.72 0.21 -37.38
CA PRO E 325 6.71 -0.85 -37.55
C PRO E 325 7.38 -2.20 -37.18
N TYR E 326 6.67 -3.00 -36.38
CA TYR E 326 7.12 -4.31 -35.91
C TYR E 326 7.69 -5.19 -37.09
N PRO E 327 7.03 -5.32 -38.26
CA PRO E 327 7.61 -6.15 -39.35
C PRO E 327 8.99 -5.67 -39.81
N THR E 328 9.17 -4.34 -39.93
CA THR E 328 10.44 -3.70 -40.32
C THR E 328 11.52 -3.97 -39.27
N HIS E 329 11.17 -3.79 -37.99
CA HIS E 329 12.08 -4.03 -36.88
C HIS E 329 12.56 -5.48 -36.90
N LEU E 330 11.64 -6.42 -37.15
CA LEU E 330 11.96 -7.83 -37.21
C LEU E 330 12.91 -8.15 -38.37
N LEU E 331 12.60 -7.67 -39.59
CA LEU E 331 13.45 -7.92 -40.77
C LEU E 331 14.85 -7.34 -40.63
N LEU E 332 14.96 -6.10 -40.14
CA LEU E 332 16.27 -5.47 -39.92
C LEU E 332 17.07 -6.20 -38.87
N SER E 333 16.42 -6.57 -37.72
CA SER E 333 17.09 -7.27 -36.60
C SER E 333 17.60 -8.64 -37.00
N MET E 334 16.95 -9.30 -37.99
CA MET E 334 17.39 -10.60 -38.49
C MET E 334 18.77 -10.48 -39.18
N VAL E 335 19.07 -9.30 -39.73
CA VAL E 335 20.35 -9.06 -40.42
C VAL E 335 21.45 -8.70 -39.40
N SER E 336 21.15 -7.75 -38.50
CA SER E 336 22.12 -7.25 -37.54
C SER E 336 22.43 -8.11 -36.31
N THR E 337 21.39 -8.55 -35.60
CA THR E 337 21.54 -9.26 -34.30
C THR E 337 22.37 -10.54 -34.30
N PRO E 338 22.23 -11.46 -35.29
CA PRO E 338 23.07 -12.69 -35.24
C PRO E 338 24.56 -12.37 -35.39
N VAL E 339 24.88 -11.27 -36.10
CA VAL E 339 26.28 -10.83 -36.27
C VAL E 339 26.76 -10.19 -34.96
N MET E 340 26.00 -9.17 -34.50
CA MET E 340 26.40 -8.39 -33.32
C MET E 340 26.48 -9.22 -32.01
N ASN E 341 25.61 -10.26 -31.87
CA ASN E 341 25.64 -11.16 -30.72
C ASN E 341 26.95 -11.94 -30.62
N GLU E 342 27.66 -12.13 -31.75
CA GLU E 342 28.95 -12.83 -31.84
C GLU E 342 30.14 -11.86 -31.92
N SER E 343 29.87 -10.54 -31.80
CA SER E 343 30.90 -9.52 -32.02
C SER E 343 31.07 -8.49 -30.89
N LYS E 344 31.12 -8.96 -29.64
CA LYS E 344 31.33 -8.08 -28.47
C LYS E 344 32.85 -7.84 -28.36
N LEU E 345 33.38 -7.20 -29.38
CA LEU E 345 34.81 -6.92 -29.54
C LEU E 345 35.06 -5.46 -29.36
N ASN E 346 35.88 -5.15 -28.35
CA ASN E 346 36.18 -3.75 -28.03
C ASN E 346 37.61 -3.63 -27.54
N ILE E 347 38.06 -2.38 -27.32
CA ILE E 347 39.41 -2.02 -26.88
C ILE E 347 39.92 -2.80 -25.64
N THR E 348 39.01 -3.28 -24.77
CA THR E 348 39.42 -4.02 -23.56
C THR E 348 39.76 -5.47 -23.86
N ASN E 349 39.34 -6.01 -24.99
CA ASN E 349 39.62 -7.43 -25.29
C ASN E 349 40.20 -7.62 -26.70
N THR E 350 40.32 -6.54 -27.50
CA THR E 350 40.77 -6.62 -28.90
C THR E 350 41.51 -5.34 -29.22
N GLN E 351 42.41 -5.40 -30.19
CA GLN E 351 43.16 -4.24 -30.66
C GLN E 351 42.32 -3.47 -31.66
N THR E 352 41.40 -2.67 -31.13
CA THR E 352 40.44 -1.87 -31.89
C THR E 352 40.09 -0.59 -31.12
N PRO E 353 39.78 0.55 -31.77
CA PRO E 353 39.26 1.71 -31.02
C PRO E 353 37.79 1.50 -30.56
N SER E 354 37.09 0.47 -31.05
CA SER E 354 35.69 0.23 -30.70
C SER E 354 35.43 0.05 -29.20
N LEU E 355 34.30 0.58 -28.71
CA LEU E 355 33.85 0.39 -27.34
C LEU E 355 32.59 -0.49 -27.36
N TYR E 356 32.24 -1.10 -28.51
CA TYR E 356 31.03 -1.94 -28.59
C TYR E 356 31.01 -3.07 -27.52
N GLY E 357 29.93 -3.16 -26.77
CA GLY E 357 29.76 -4.18 -25.74
C GLY E 357 30.58 -3.91 -24.48
N PHE E 358 31.17 -2.71 -24.38
CA PHE E 358 31.97 -2.33 -23.20
C PHE E 358 31.13 -2.28 -21.93
N SER E 359 31.67 -2.83 -20.85
CA SER E 359 31.09 -2.69 -19.54
C SER E 359 32.22 -2.18 -18.64
N PRO E 360 31.99 -1.13 -17.81
CA PRO E 360 33.08 -0.67 -16.90
C PRO E 360 33.24 -1.60 -15.69
N PHE E 361 32.29 -2.52 -15.50
CA PHE E 361 32.31 -3.48 -14.39
C PHE E 361 33.22 -4.65 -14.71
N HIS E 362 33.50 -5.51 -13.70
CA HIS E 362 34.39 -6.68 -13.86
C HIS E 362 35.77 -6.35 -14.43
N GLY E 363 36.30 -5.20 -14.02
CA GLY E 363 37.62 -4.74 -14.42
C GLY E 363 37.69 -3.91 -15.67
N GLY E 364 36.55 -3.67 -16.32
CA GLY E 364 36.50 -2.90 -17.56
C GLY E 364 37.09 -1.51 -17.46
N MET E 365 36.68 -0.73 -16.44
CA MET E 365 37.20 0.63 -16.25
C MET E 365 38.73 0.61 -16.01
N ASP E 366 39.21 -0.35 -15.23
CA ASP E 366 40.66 -0.45 -14.99
C ASP E 366 41.43 -0.83 -16.26
N ARG E 367 40.83 -1.63 -17.15
CA ARG E 367 41.47 -1.98 -18.44
C ARG E 367 41.58 -0.68 -19.26
N ILE E 368 40.53 0.15 -19.29
CA ILE E 368 40.56 1.45 -19.99
C ILE E 368 41.68 2.35 -19.42
N MET E 369 41.74 2.43 -18.08
CA MET E 369 42.75 3.24 -17.39
C MET E 369 44.17 2.78 -17.66
N THR E 370 44.37 1.46 -17.81
CA THR E 370 45.68 0.88 -18.17
C THR E 370 46.08 1.32 -19.59
N ILE E 371 45.13 1.25 -20.55
CA ILE E 371 45.35 1.67 -21.94
C ILE E 371 45.67 3.17 -21.97
N ILE E 372 44.91 4.00 -21.24
CA ILE E 372 45.14 5.44 -21.16
C ILE E 372 46.53 5.74 -20.58
N ARG E 373 46.89 5.08 -19.46
CA ARG E 373 48.17 5.27 -18.80
C ARG E 373 49.35 4.85 -19.68
N ASP E 374 49.22 3.72 -20.41
CA ASP E 374 50.26 3.27 -21.35
C ASP E 374 50.41 4.27 -22.50
N SER E 375 49.28 4.82 -23.02
CA SER E 375 49.33 5.82 -24.09
C SER E 375 50.06 7.07 -23.62
N LEU E 376 49.74 7.54 -22.40
CA LEU E 376 50.39 8.71 -21.80
C LEU E 376 51.89 8.47 -21.62
N ASP E 377 52.30 7.29 -21.12
CA ASP E 377 53.70 6.93 -20.90
C ASP E 377 54.49 6.85 -22.19
N ASN E 378 53.85 6.37 -23.28
CA ASN E 378 54.50 6.21 -24.57
C ASN E 378 54.33 7.39 -25.49
N ASP E 379 53.75 8.50 -24.99
CA ASP E 379 53.46 9.72 -25.75
C ASP E 379 52.67 9.41 -27.06
N GLU E 380 51.66 8.53 -26.95
CA GLU E 380 50.84 8.12 -28.09
C GLU E 380 49.43 8.69 -28.02
N ASP E 381 48.87 9.02 -29.19
CA ASP E 381 47.48 9.47 -29.31
C ASP E 381 46.61 8.24 -29.22
N LEU E 382 45.40 8.42 -28.75
CA LEU E 382 44.49 7.30 -28.60
C LEU E 382 43.10 7.76 -29.03
N VAL E 383 42.36 6.87 -29.70
CA VAL E 383 41.00 7.14 -30.10
C VAL E 383 40.12 5.96 -29.73
N MET E 384 38.88 6.25 -29.30
CA MET E 384 37.89 5.22 -29.00
C MET E 384 36.55 5.66 -29.62
N ILE E 385 35.75 4.70 -30.09
CA ILE E 385 34.47 4.99 -30.75
C ILE E 385 33.34 4.18 -30.16
N TYR E 386 32.21 4.84 -29.91
CA TYR E 386 30.99 4.16 -29.46
C TYR E 386 29.82 4.87 -30.12
N ALA E 387 29.25 4.30 -31.18
CA ALA E 387 28.12 4.92 -31.91
C ALA E 387 28.47 6.39 -32.22
N ASP E 388 27.65 7.36 -31.76
CA ASP E 388 27.88 8.79 -32.00
C ASP E 388 28.84 9.45 -30.99
N ASN E 389 29.63 8.66 -30.25
CA ASN E 389 30.61 9.18 -29.28
C ASN E 389 32.01 8.87 -29.77
N ILE E 390 32.88 9.87 -29.67
CA ILE E 390 34.29 9.74 -30.03
C ILE E 390 35.09 10.22 -28.80
N TYR E 391 36.09 9.45 -28.41
CA TYR E 391 36.99 9.84 -27.33
C TYR E 391 38.38 9.94 -27.92
N ILE E 392 39.03 11.06 -27.69
CA ILE E 392 40.40 11.29 -28.16
C ILE E 392 41.29 11.66 -26.99
N LEU E 393 42.42 10.99 -26.90
CA LEU E 393 43.47 11.29 -25.96
C LEU E 393 44.61 11.86 -26.81
N GLN E 394 44.97 13.12 -26.54
CA GLN E 394 46.03 13.81 -27.26
C GLN E 394 46.53 14.97 -26.44
N ASP E 395 47.85 15.25 -26.49
CA ASP E 395 48.47 16.40 -25.80
C ASP E 395 48.08 16.44 -24.31
N ASN E 396 48.21 15.29 -23.61
CA ASN E 396 47.90 15.13 -22.19
C ASN E 396 46.47 15.64 -21.85
N THR E 397 45.53 15.43 -22.76
CA THR E 397 44.15 15.89 -22.65
C THR E 397 43.18 14.81 -23.14
N TRP E 398 42.08 14.64 -22.42
CA TRP E 398 41.02 13.71 -22.78
C TRP E 398 39.87 14.53 -23.39
N TYR E 399 39.45 14.17 -24.59
CA TYR E 399 38.34 14.85 -25.26
C TYR E 399 37.20 13.89 -25.45
N SER E 400 36.01 14.31 -25.02
CA SER E 400 34.79 13.57 -25.23
C SER E 400 34.04 14.36 -26.32
N ILE E 401 33.85 13.74 -27.47
CA ILE E 401 33.22 14.37 -28.64
C ILE E 401 31.92 13.65 -28.95
N ASP E 402 30.89 14.42 -29.34
CA ASP E 402 29.63 13.83 -29.76
C ASP E 402 29.29 14.31 -31.11
N LEU E 403 28.72 13.43 -31.94
CA LEU E 403 28.13 13.91 -33.19
C LEU E 403 26.94 14.77 -32.73
N GLU E 404 26.67 15.86 -33.43
CA GLU E 404 25.57 16.74 -33.03
C GLU E 404 24.29 16.12 -33.57
N LYS E 405 23.38 15.66 -32.66
CA LYS E 405 22.13 14.98 -32.97
C LYS E 405 22.42 13.93 -34.04
N GLY E 406 23.35 13.03 -33.70
CA GLY E 406 23.95 12.03 -34.57
C GLY E 406 23.12 11.51 -35.71
N GLU E 407 21.94 10.96 -35.38
CA GLU E 407 20.96 10.36 -36.31
C GLU E 407 20.61 11.25 -37.51
N ALA E 408 20.53 12.57 -37.28
CA ALA E 408 20.17 13.55 -38.31
C ALA E 408 21.21 13.68 -39.43
N ASN E 409 22.46 13.22 -39.20
CA ASN E 409 23.55 13.28 -40.19
C ASN E 409 23.54 12.10 -41.17
N CYS E 410 22.76 11.06 -40.85
CA CYS E 410 22.72 9.82 -41.61
C CYS E 410 22.02 9.97 -42.96
N THR E 411 22.63 9.41 -44.01
CA THR E 411 22.01 9.34 -45.34
C THR E 411 21.63 7.86 -45.55
N PRO E 412 20.69 7.53 -46.46
CA PRO E 412 20.41 6.10 -46.74
C PRO E 412 21.66 5.33 -47.19
N GLN E 413 22.60 6.03 -47.85
CA GLN E 413 23.89 5.47 -48.32
C GLN E 413 24.83 5.08 -47.16
N HIS E 414 24.73 5.75 -45.99
CA HIS E 414 25.52 5.34 -44.81
C HIS E 414 25.03 3.95 -44.36
N MET E 415 23.70 3.78 -44.23
CA MET E 415 23.12 2.51 -43.83
C MET E 415 23.40 1.40 -44.88
N GLN E 416 23.40 1.77 -46.17
CA GLN E 416 23.69 0.82 -47.24
C GLN E 416 25.13 0.30 -47.13
N ALA E 417 26.07 1.19 -46.76
CA ALA E 417 27.47 0.83 -46.54
C ALA E 417 27.58 -0.12 -45.35
N MET E 418 26.76 0.09 -44.31
CA MET E 418 26.70 -0.80 -43.12
C MET E 418 26.17 -2.18 -43.53
N MET E 419 25.09 -2.20 -44.34
CA MET E 419 24.54 -3.46 -44.85
C MET E 419 25.58 -4.23 -45.66
N TYR E 420 26.35 -3.50 -46.49
CA TYR E 420 27.44 -4.09 -47.29
C TYR E 420 28.48 -4.73 -46.36
N TYR E 421 28.86 -4.03 -45.29
CA TYR E 421 29.82 -4.52 -44.28
C TYR E 421 29.30 -5.80 -43.60
N LEU E 422 28.05 -5.78 -43.14
CA LEU E 422 27.43 -6.93 -42.49
C LEU E 422 27.32 -8.13 -43.41
N LEU E 423 26.92 -7.93 -44.66
CA LEU E 423 26.76 -9.00 -45.63
C LEU E 423 28.05 -9.58 -46.17
N THR E 424 29.12 -8.77 -46.21
CA THR E 424 30.42 -9.26 -46.71
C THR E 424 31.24 -9.86 -45.56
N ARG E 425 31.34 -9.16 -44.41
CA ARG E 425 32.15 -9.65 -43.28
C ARG E 425 31.40 -10.56 -42.31
N GLY E 426 30.08 -10.44 -42.25
CA GLY E 426 29.27 -11.24 -41.33
C GLY E 426 28.62 -12.43 -42.02
N TRP E 427 27.71 -12.17 -42.96
CA TRP E 427 26.93 -13.20 -43.66
C TRP E 427 27.70 -13.90 -44.78
N THR E 428 28.85 -14.47 -44.40
CA THR E 428 29.76 -15.16 -45.34
CA THR E 428 29.77 -15.14 -45.33
C THR E 428 30.23 -16.49 -44.74
N ASN E 429 30.35 -17.51 -45.57
CA ASN E 429 30.87 -18.81 -45.15
C ASN E 429 32.41 -18.74 -45.22
N GLU E 430 33.12 -19.69 -44.57
CA GLU E 430 34.60 -19.70 -44.58
C GLU E 430 35.19 -19.72 -46.01
N ASP E 431 34.49 -20.37 -46.97
CA ASP E 431 34.95 -20.43 -48.38
C ASP E 431 34.63 -19.15 -49.19
N GLY E 432 34.00 -18.15 -48.55
CA GLY E 432 33.66 -16.90 -49.22
C GLY E 432 32.28 -16.89 -49.88
N SER E 433 31.54 -18.01 -49.79
CA SER E 433 30.18 -18.08 -50.35
C SER E 433 29.22 -17.32 -49.43
N PRO E 434 28.17 -16.68 -49.98
CA PRO E 434 27.26 -15.88 -49.13
C PRO E 434 26.34 -16.72 -48.24
N ARG E 435 25.98 -16.18 -47.06
CA ARG E 435 25.01 -16.80 -46.15
C ARG E 435 23.66 -16.09 -46.33
N TYR E 436 23.28 -15.87 -47.59
CA TYR E 436 22.05 -15.21 -48.00
C TYR E 436 21.72 -15.57 -49.43
N ASN E 437 20.47 -15.39 -49.82
CA ASN E 437 20.01 -15.62 -51.18
C ASN E 437 19.72 -14.23 -51.87
N PRO E 438 19.39 -14.20 -53.17
CA PRO E 438 19.10 -12.89 -53.83
C PRO E 438 17.95 -12.10 -53.20
N THR E 439 16.92 -12.78 -52.67
CA THR E 439 15.78 -12.09 -52.04
C THR E 439 16.25 -11.26 -50.83
N TRP E 440 17.05 -11.86 -49.95
CA TRP E 440 17.56 -11.15 -48.78
C TRP E 440 18.60 -10.10 -49.14
N ALA E 441 19.41 -10.32 -50.21
CA ALA E 441 20.36 -9.30 -50.67
C ALA E 441 19.55 -8.07 -51.19
N THR E 442 18.38 -8.32 -51.83
CA THR E 442 17.48 -7.27 -52.34
C THR E 442 16.91 -6.46 -51.19
N PHE E 443 16.33 -7.13 -50.20
CA PHE E 443 15.80 -6.41 -49.05
C PHE E 443 16.90 -5.58 -48.37
N ALA E 444 18.01 -6.25 -47.99
CA ALA E 444 19.09 -5.62 -47.22
C ALA E 444 19.78 -4.46 -47.94
N MET E 445 20.16 -4.67 -49.20
CA MET E 445 20.88 -3.64 -49.97
C MET E 445 20.03 -2.65 -50.68
N ASN E 446 18.94 -3.11 -51.29
CA ASN E 446 18.15 -2.27 -52.19
C ASN E 446 17.01 -1.49 -51.60
N VAL E 447 16.42 -1.99 -50.52
CA VAL E 447 15.18 -1.43 -49.99
C VAL E 447 15.33 -0.94 -48.54
N ALA E 448 15.78 -1.83 -47.61
CA ALA E 448 15.92 -1.55 -46.16
C ALA E 448 16.51 -0.16 -45.82
N PRO E 449 17.63 0.33 -46.41
CA PRO E 449 18.13 1.66 -45.99
C PRO E 449 17.14 2.81 -46.17
N SER E 450 16.25 2.74 -47.20
CA SER E 450 15.24 3.79 -47.44
C SER E 450 13.97 3.62 -46.60
N MET E 451 13.87 2.52 -45.87
CA MET E 451 12.71 2.30 -45.00
CA MET E 451 12.72 2.27 -45.00
C MET E 451 12.86 3.05 -43.69
N VAL E 452 14.10 3.23 -43.21
CA VAL E 452 14.35 3.88 -41.90
C VAL E 452 15.25 5.10 -41.95
N VAL E 453 15.75 5.46 -43.16
CA VAL E 453 16.61 6.64 -43.30
C VAL E 453 15.99 7.53 -44.32
N ASP E 454 15.77 8.82 -43.96
CA ASP E 454 15.15 9.80 -44.87
C ASP E 454 13.76 9.34 -45.33
N SER E 455 13.06 8.63 -44.44
CA SER E 455 11.72 8.20 -44.76
C SER E 455 10.73 9.14 -44.07
N SER E 456 9.88 8.65 -43.19
CA SER E 456 8.87 9.52 -42.58
C SER E 456 8.45 9.05 -41.18
N CYS E 457 7.69 9.91 -40.50
CA CYS E 457 7.19 9.62 -39.17
C CYS E 457 5.75 10.15 -39.04
N LEU E 458 5.05 9.71 -38.02
CA LEU E 458 3.68 10.11 -37.82
C LEU E 458 3.51 10.80 -36.46
N LEU E 459 2.89 11.98 -36.48
CA LEU E 459 2.60 12.72 -35.26
C LEU E 459 1.24 13.33 -35.49
N MET E 460 0.26 12.99 -34.62
CA MET E 460 -1.18 13.36 -34.80
C MET E 460 -1.59 12.71 -36.15
N ASN E 461 -2.16 13.47 -37.10
CA ASN E 461 -2.51 12.93 -38.42
C ASN E 461 -1.45 13.35 -39.48
N LEU E 462 -0.36 13.98 -39.03
CA LEU E 462 0.69 14.49 -39.93
C LEU E 462 1.78 13.46 -40.25
N GLN E 463 2.00 13.24 -41.55
CA GLN E 463 3.04 12.35 -42.02
C GLN E 463 4.20 13.28 -42.40
N LEU E 464 5.22 13.23 -41.55
CA LEU E 464 6.34 14.15 -41.63
C LEU E 464 7.57 13.50 -42.15
N LYS E 465 8.36 14.26 -42.91
CA LYS E 465 9.66 13.78 -43.36
C LYS E 465 10.56 13.49 -42.13
N THR E 466 11.35 12.42 -42.19
CA THR E 466 12.37 12.15 -41.20
C THR E 466 13.67 12.60 -41.88
N TYR E 467 14.40 13.52 -41.25
CA TYR E 467 15.69 13.99 -41.74
C TYR E 467 16.75 13.14 -41.04
N GLY E 468 17.43 12.32 -41.82
CA GLY E 468 18.42 11.38 -41.30
C GLY E 468 17.76 10.07 -40.91
N GLN E 469 18.41 9.31 -40.01
CA GLN E 469 17.83 8.04 -39.59
C GLN E 469 16.90 8.23 -38.41
N GLY E 470 15.89 7.38 -38.33
CA GLY E 470 14.96 7.41 -37.22
C GLY E 470 15.62 6.86 -35.98
N SER E 471 15.75 7.68 -34.94
CA SER E 471 16.38 7.32 -33.66
C SER E 471 15.58 6.22 -32.94
N GLY E 472 16.21 5.07 -32.78
CA GLY E 472 15.59 3.91 -32.16
C GLY E 472 15.43 2.73 -33.10
N ASN E 473 15.58 2.95 -34.45
CA ASN E 473 15.51 1.85 -35.41
C ASN E 473 16.66 0.83 -35.05
N ALA E 474 16.52 -0.43 -35.48
CA ALA E 474 17.46 -1.52 -35.20
C ALA E 474 18.96 -1.20 -35.56
N PHE E 475 19.18 -0.31 -36.55
CA PHE E 475 20.54 0.06 -37.04
C PHE E 475 21.04 1.40 -36.48
N THR E 476 20.33 1.97 -35.48
CA THR E 476 20.73 3.27 -34.91
C THR E 476 22.21 3.29 -34.49
N PHE E 477 22.61 2.36 -33.62
CA PHE E 477 23.98 2.27 -33.11
C PHE E 477 24.98 2.10 -34.30
N LEU E 478 24.73 1.12 -35.17
CA LEU E 478 25.61 0.78 -36.30
C LEU E 478 25.85 1.95 -37.26
N ASN E 479 24.76 2.63 -37.66
CA ASN E 479 24.83 3.78 -38.58
C ASN E 479 25.59 4.93 -37.93
N ASN E 480 25.33 5.21 -36.64
CA ASN E 480 26.04 6.26 -35.89
C ASN E 480 27.53 5.93 -35.79
N HIS E 481 27.86 4.66 -35.49
CA HIS E 481 29.24 4.18 -35.36
C HIS E 481 30.01 4.36 -36.68
N LEU E 482 29.32 4.10 -37.81
CA LEU E 482 29.91 4.29 -39.13
C LEU E 482 30.19 5.79 -39.38
N MET E 483 29.26 6.67 -38.99
CA MET E 483 29.49 8.12 -39.15
C MET E 483 30.68 8.59 -38.30
N SER E 484 30.80 8.10 -37.07
CA SER E 484 31.96 8.44 -36.22
C SER E 484 33.24 7.89 -36.82
N THR E 485 33.18 6.69 -37.45
CA THR E 485 34.32 6.06 -38.13
C THR E 485 34.83 6.98 -39.26
N ILE E 486 33.90 7.58 -40.03
CA ILE E 486 34.25 8.51 -41.12
C ILE E 486 34.96 9.75 -40.54
N VAL E 487 34.40 10.34 -39.47
CA VAL E 487 35.00 11.51 -38.81
C VAL E 487 36.44 11.18 -38.33
N VAL E 488 36.61 10.04 -37.64
CA VAL E 488 37.93 9.60 -37.13
C VAL E 488 38.90 9.32 -38.29
N ALA E 489 38.44 8.66 -39.37
CA ALA E 489 39.31 8.37 -40.52
C ALA E 489 39.82 9.70 -41.15
N GLU E 490 38.93 10.73 -41.19
CA GLU E 490 39.28 12.05 -41.72
C GLU E 490 40.23 12.80 -40.79
N TRP E 491 40.07 12.60 -39.44
CA TRP E 491 40.96 13.17 -38.43
C TRP E 491 42.38 12.59 -38.61
N VAL E 492 42.48 11.25 -38.80
CA VAL E 492 43.76 10.58 -39.05
C VAL E 492 44.38 11.14 -40.35
N LYS E 493 43.57 11.23 -41.42
CA LYS E 493 44.01 11.73 -42.71
C LYS E 493 44.56 13.18 -42.63
N ALA E 494 43.95 14.04 -41.78
CA ALA E 494 44.35 15.43 -41.61
C ALA E 494 45.59 15.60 -40.71
N GLY E 495 46.20 14.50 -40.30
CA GLY E 495 47.37 14.52 -39.42
C GLY E 495 47.00 14.66 -37.96
N LYS E 496 45.81 14.16 -37.57
CA LYS E 496 45.33 14.20 -36.18
C LYS E 496 45.32 15.64 -35.58
N PRO E 497 44.68 16.64 -36.20
CA PRO E 497 44.65 17.97 -35.57
C PRO E 497 43.98 17.91 -34.18
N ASN E 498 44.45 18.75 -33.27
CA ASN E 498 43.88 18.79 -31.92
C ASN E 498 42.37 19.17 -31.97
N PRO E 499 41.50 18.47 -31.20
CA PRO E 499 40.06 18.78 -31.25
C PRO E 499 39.61 20.23 -31.00
N MET E 500 40.47 21.05 -30.34
CA MET E 500 40.17 22.45 -30.03
C MET E 500 40.51 23.42 -31.16
N THR E 501 41.07 22.92 -32.28
CA THR E 501 41.51 23.76 -33.39
C THR E 501 40.49 23.84 -34.52
N LYS E 502 40.65 24.85 -35.39
CA LYS E 502 39.82 25.04 -36.57
C LYS E 502 40.01 23.88 -37.55
N GLU E 503 41.22 23.32 -37.64
CA GLU E 503 41.52 22.18 -38.52
C GLU E 503 40.69 20.94 -38.16
N PHE E 504 40.39 20.75 -36.86
CA PHE E 504 39.53 19.67 -36.42
C PHE E 504 38.07 20.02 -36.77
N MET E 505 37.62 21.25 -36.47
CA MET E 505 36.24 21.67 -36.76
C MET E 505 35.90 21.67 -38.26
N ASP E 506 36.93 21.88 -39.13
CA ASP E 506 36.79 21.81 -40.60
C ASP E 506 36.42 20.40 -41.10
N LEU E 507 36.57 19.37 -40.26
CA LEU E 507 36.16 18.00 -40.61
C LEU E 507 34.64 17.88 -40.71
N GLU E 508 33.88 18.85 -40.14
CA GLU E 508 32.41 18.85 -40.24
C GLU E 508 32.00 18.99 -41.70
N GLU E 509 32.55 20.01 -42.41
CA GLU E 509 32.26 20.23 -43.81
C GLU E 509 32.82 19.11 -44.70
N LYS E 510 34.00 18.64 -44.38
CA LYS E 510 34.63 17.57 -45.15
C LYS E 510 33.76 16.27 -45.15
N THR E 511 33.16 15.96 -44.01
CA THR E 511 32.36 14.73 -43.86
C THR E 511 30.84 14.92 -44.03
N GLY E 512 30.34 16.16 -43.90
CA GLY E 512 28.91 16.44 -43.87
C GLY E 512 28.30 16.05 -42.52
N ILE E 513 29.16 15.72 -41.52
CA ILE E 513 28.73 15.26 -40.20
C ILE E 513 29.02 16.32 -39.15
N ASN E 514 27.98 16.81 -38.47
CA ASN E 514 28.11 17.82 -37.41
C ASN E 514 28.59 17.15 -36.14
N PHE E 515 29.45 17.82 -35.38
CA PHE E 515 29.92 17.27 -34.10
C PHE E 515 30.34 18.44 -33.20
N LYS E 516 30.55 18.13 -31.92
CA LYS E 516 30.99 19.12 -30.94
C LYS E 516 31.77 18.45 -29.85
N ILE E 517 32.67 19.22 -29.23
CA ILE E 517 33.49 18.77 -28.11
C ILE E 517 32.60 18.98 -26.86
N GLU E 518 32.27 17.92 -26.16
CA GLU E 518 31.44 17.97 -24.96
CA GLU E 518 31.45 18.03 -24.97
C GLU E 518 32.29 18.26 -23.72
N ARG E 519 33.47 17.64 -23.67
CA ARG E 519 34.37 17.75 -22.53
C ARG E 519 35.81 17.76 -22.98
N GLU E 520 36.60 18.57 -22.31
CA GLU E 520 38.03 18.71 -22.47
C GLU E 520 38.60 18.55 -21.06
N LEU E 521 39.22 17.40 -20.77
CA LEU E 521 39.82 17.09 -19.48
C LEU E 521 41.32 17.30 -19.57
N LYS E 522 41.74 18.51 -19.16
CA LYS E 522 43.15 18.94 -19.23
C LYS E 522 44.01 18.29 -18.14
N ASN E 523 45.34 18.27 -18.35
CA ASN E 523 46.34 17.75 -17.40
C ASN E 523 45.94 16.36 -16.95
N LEU E 524 45.75 15.47 -17.93
CA LEU E 524 45.27 14.12 -17.71
C LEU E 524 46.17 13.29 -16.79
N ARG E 525 47.46 13.26 -17.10
CA ARG E 525 48.50 12.55 -16.35
C ARG E 525 48.44 12.98 -14.85
N GLU E 526 48.37 14.30 -14.58
CA GLU E 526 48.31 14.88 -13.23
C GLU E 526 46.97 14.56 -12.54
N THR E 527 45.85 14.57 -13.30
CA THR E 527 44.51 14.26 -12.77
C THR E 527 44.48 12.80 -12.30
N ILE E 528 45.10 11.88 -13.08
CA ILE E 528 45.19 10.46 -12.74
C ILE E 528 46.05 10.27 -11.48
N VAL E 529 47.18 10.99 -11.37
CA VAL E 529 48.05 10.93 -10.17
C VAL E 529 47.21 11.40 -8.94
N GLU E 530 46.47 12.50 -9.08
CA GLU E 530 45.62 13.04 -8.01
C GLU E 530 44.53 12.02 -7.57
N ALA E 531 43.90 11.32 -8.54
CA ALA E 531 42.87 10.30 -8.24
C ALA E 531 43.45 9.16 -7.40
N VAL E 532 44.69 8.73 -7.69
CA VAL E 532 45.39 7.68 -6.94
C VAL E 532 45.76 8.21 -5.51
N GLU E 533 46.41 9.37 -5.44
CA GLU E 533 46.89 9.97 -4.19
C GLU E 533 45.79 10.38 -3.21
N THR E 534 44.64 10.84 -3.72
CA THR E 534 43.54 11.26 -2.84
C THR E 534 42.59 10.10 -2.49
N ALA E 535 42.85 8.87 -3.00
CA ALA E 535 42.02 7.70 -2.68
C ALA E 535 41.97 7.58 -1.14
N PRO E 536 40.75 7.47 -0.58
CA PRO E 536 40.64 7.40 0.90
C PRO E 536 41.27 6.14 1.47
N GLN E 537 41.63 6.20 2.77
CA GLN E 537 42.17 5.06 3.50
C GLN E 537 41.02 4.32 4.18
N ASP E 538 39.86 4.98 4.31
CA ASP E 538 38.70 4.46 5.04
C ASP E 538 37.52 4.17 4.15
N GLY E 539 36.78 3.11 4.49
CA GLY E 539 35.53 2.75 3.86
C GLY E 539 35.59 1.76 2.72
N TYR E 540 34.46 1.70 1.98
CA TYR E 540 34.26 0.82 0.83
C TYR E 540 35.44 0.89 -0.12
N LEU E 541 35.98 -0.29 -0.49
CA LEU E 541 37.07 -0.40 -1.47
C LEU E 541 38.36 0.34 -1.09
N ALA E 542 38.47 0.77 0.18
CA ALA E 542 39.63 1.52 0.67
C ALA E 542 40.29 0.60 1.70
N ASP E 543 39.68 0.42 2.89
CA ASP E 543 40.12 -0.58 3.86
C ASP E 543 39.10 -1.74 3.87
N GLY E 544 38.04 -1.62 3.07
CA GLY E 544 37.04 -2.67 2.89
C GLY E 544 35.94 -2.77 3.93
N SER E 545 35.72 -1.71 4.72
CA SER E 545 34.63 -1.68 5.69
C SER E 545 33.33 -1.35 4.93
N ASP E 546 32.17 -1.54 5.57
CA ASP E 546 30.85 -1.31 4.95
C ASP E 546 30.34 0.12 5.11
N LEU E 547 31.25 1.08 4.99
CA LEU E 547 30.92 2.48 5.17
C LEU E 547 31.45 3.33 4.04
N PRO E 548 30.75 4.43 3.70
CA PRO E 548 31.30 5.31 2.67
C PRO E 548 32.53 6.06 3.24
N PRO E 549 33.45 6.59 2.40
CA PRO E 549 34.57 7.37 2.98
C PRO E 549 34.02 8.67 3.56
N ILE E 550 34.68 9.24 4.54
CA ILE E 550 34.25 10.53 5.10
C ILE E 550 34.51 11.60 4.02
N ARG E 551 35.65 11.48 3.32
CA ARG E 551 36.06 12.37 2.27
C ARG E 551 36.39 11.56 0.98
N PRO E 552 35.47 11.50 0.01
CA PRO E 552 35.78 10.74 -1.23
C PRO E 552 37.02 11.29 -1.97
N GLY E 553 37.71 10.42 -2.71
CA GLY E 553 38.86 10.80 -3.51
C GLY E 553 38.44 11.49 -4.80
N LYS E 554 39.41 12.04 -5.52
CA LYS E 554 39.18 12.73 -6.80
C LYS E 554 38.77 11.71 -7.90
N ALA E 555 37.68 11.98 -8.63
CA ALA E 555 37.26 11.15 -9.77
C ALA E 555 37.94 11.62 -11.06
N VAL E 556 38.28 10.68 -11.97
CA VAL E 556 38.80 11.02 -13.31
C VAL E 556 37.50 11.09 -14.14
N GLU E 557 37.06 12.31 -14.44
CA GLU E 557 35.76 12.54 -15.11
C GLU E 557 35.78 12.34 -16.62
N LEU E 558 36.02 11.10 -17.02
CA LEU E 558 36.12 10.72 -18.44
C LEU E 558 34.81 10.84 -19.19
N ASP E 559 33.68 10.70 -18.46
CA ASP E 559 32.34 10.58 -19.05
C ASP E 559 32.39 9.49 -20.12
N LEU E 560 32.98 8.35 -19.76
CA LEU E 560 33.13 7.25 -20.67
C LEU E 560 31.82 6.50 -20.62
N LEU E 561 30.94 6.80 -21.59
CA LEU E 561 29.58 6.24 -21.67
C LEU E 561 28.81 6.48 -20.35
N GLY E 562 29.01 7.66 -19.75
CA GLY E 562 28.37 8.06 -18.50
C GLY E 562 29.13 7.72 -17.23
N TRP E 563 30.35 7.17 -17.35
CA TRP E 563 31.14 6.74 -16.18
C TRP E 563 32.40 7.55 -15.92
N SER E 564 32.69 7.79 -14.62
CA SER E 564 33.93 8.37 -14.13
C SER E 564 34.71 7.21 -13.51
N ALA E 565 36.03 7.42 -13.28
CA ALA E 565 36.91 6.42 -12.69
C ALA E 565 37.38 6.92 -11.32
N ILE E 566 37.33 6.03 -10.32
CA ILE E 566 37.75 6.30 -8.94
C ILE E 566 38.77 5.23 -8.60
N TYR E 567 39.85 5.62 -7.89
CA TYR E 567 40.85 4.64 -7.52
C TYR E 567 40.49 3.93 -6.20
N SER E 568 40.63 2.60 -6.20
CA SER E 568 40.38 1.75 -5.02
C SER E 568 41.73 1.30 -4.43
N ARG E 569 42.02 1.67 -3.17
CA ARG E 569 43.25 1.25 -2.49
C ARG E 569 43.19 -0.23 -2.18
N GLN E 570 42.01 -0.73 -1.83
CA GLN E 570 41.85 -2.15 -1.47
C GLN E 570 42.21 -3.06 -2.67
N MET E 571 41.61 -2.78 -3.81
CA MET E 571 41.74 -3.57 -5.03
C MET E 571 42.90 -3.17 -5.92
N GLU E 572 43.47 -1.97 -5.68
CA GLU E 572 44.60 -1.40 -6.43
C GLU E 572 44.25 -1.28 -7.91
N MET E 573 43.10 -0.68 -8.16
CA MET E 573 42.59 -0.50 -9.50
C MET E 573 41.57 0.61 -9.52
N PHE E 574 41.31 1.13 -10.73
CA PHE E 574 40.24 2.09 -10.95
C PHE E 574 38.94 1.33 -11.10
N VAL E 575 37.88 1.89 -10.55
CA VAL E 575 36.54 1.30 -10.60
C VAL E 575 35.59 2.37 -11.12
N PRO E 576 34.47 2.00 -11.78
CA PRO E 576 33.56 3.04 -12.28
C PRO E 576 32.59 3.57 -11.22
N VAL E 577 32.24 4.86 -11.36
CA VAL E 577 31.16 5.50 -10.60
C VAL E 577 30.39 6.30 -11.65
N LEU E 578 29.06 6.26 -11.55
CA LEU E 578 28.22 7.03 -12.45
C LEU E 578 28.59 8.52 -12.36
N GLU E 579 28.74 9.24 -13.51
CA GLU E 579 29.04 10.67 -13.52
C GLU E 579 28.11 11.37 -12.50
N ASN E 580 28.66 12.23 -11.63
CA ASN E 580 27.92 12.89 -10.54
C ASN E 580 26.57 13.49 -10.92
N GLU E 581 26.55 14.27 -12.00
CA GLU E 581 25.34 14.93 -12.49
C GLU E 581 24.22 13.92 -12.81
N ARG E 582 24.55 12.80 -13.45
CA ARG E 582 23.56 11.74 -13.75
C ARG E 582 23.10 11.07 -12.45
N LEU E 583 24.03 10.80 -11.51
CA LEU E 583 23.70 10.18 -10.22
C LEU E 583 22.69 11.04 -9.45
N ILE E 584 22.94 12.36 -9.36
CA ILE E 584 22.09 13.32 -8.66
C ILE E 584 20.70 13.42 -9.33
N ALA E 585 20.66 13.51 -10.68
CA ALA E 585 19.41 13.59 -11.46
C ALA E 585 18.54 12.34 -11.21
N SER E 586 19.19 11.15 -11.16
CA SER E 586 18.49 9.89 -10.93
CA SER E 586 18.49 9.89 -10.93
C SER E 586 17.98 9.80 -9.50
N ALA E 587 18.74 10.34 -8.51
CA ALA E 587 18.32 10.36 -7.10
C ALA E 587 17.13 11.31 -6.94
N ALA E 588 17.16 12.47 -7.63
CA ALA E 588 16.10 13.49 -7.56
C ALA E 588 14.82 13.03 -8.23
N TYR E 589 14.93 12.44 -9.44
CA TYR E 589 13.77 11.99 -10.24
C TYR E 589 13.93 10.53 -10.63
N PRO E 590 13.63 9.61 -9.70
CA PRO E 590 13.73 8.18 -10.06
C PRO E 590 12.65 7.78 -11.05
N LYS E 591 12.96 6.81 -11.93
CA LYS E 591 11.96 6.31 -12.87
C LYS E 591 11.11 5.36 -12.03
N GLY E 592 9.80 5.40 -12.26
CA GLY E 592 8.85 4.54 -11.55
C GLY E 592 8.90 3.11 -12.05
N LEU E 593 8.03 2.25 -11.50
CA LEU E 593 7.95 0.85 -11.90
C LEU E 593 7.63 0.69 -13.41
N GLU E 594 6.72 1.53 -13.95
CA GLU E 594 6.34 1.59 -15.37
C GLU E 594 5.95 0.23 -15.98
N ASN E 595 5.27 -0.60 -15.18
CA ASN E 595 4.82 -1.95 -15.51
C ASN E 595 3.59 -2.21 -14.67
N LYS E 596 2.40 -1.90 -15.24
CA LYS E 596 1.09 -2.01 -14.59
C LYS E 596 0.81 -3.43 -14.07
N ALA E 597 1.26 -4.46 -14.82
CA ALA E 597 1.10 -5.88 -14.46
C ALA E 597 1.89 -6.21 -13.20
N LEU E 598 3.16 -5.75 -13.12
CA LEU E 598 4.03 -5.97 -11.99
C LEU E 598 3.53 -5.17 -10.79
N ALA E 599 3.10 -3.91 -11.01
CA ALA E 599 2.57 -3.01 -9.98
C ALA E 599 1.34 -3.54 -9.24
N ARG E 600 0.56 -4.45 -9.86
CA ARG E 600 -0.62 -5.01 -9.20
C ARG E 600 -0.33 -6.26 -8.34
N LYS E 601 0.93 -6.69 -8.28
CA LYS E 601 1.34 -7.82 -7.46
C LYS E 601 1.72 -7.29 -6.05
N PRO E 602 1.19 -7.91 -4.96
CA PRO E 602 1.55 -7.43 -3.60
C PRO E 602 3.05 -7.56 -3.36
N GLY E 603 3.64 -6.52 -2.77
CA GLY E 603 5.07 -6.48 -2.49
C GLY E 603 5.95 -5.96 -3.61
N ALA E 604 5.41 -5.76 -4.83
CA ALA E 604 6.19 -5.27 -5.99
C ALA E 604 6.67 -3.85 -5.80
N GLU E 605 5.82 -2.96 -5.25
CA GLU E 605 6.15 -1.57 -5.02
C GLU E 605 7.27 -1.43 -3.96
N ILE E 606 7.18 -2.16 -2.83
CA ILE E 606 8.20 -2.14 -1.79
C ILE E 606 9.52 -2.76 -2.32
N ALA E 607 9.42 -3.83 -3.13
CA ALA E 607 10.60 -4.46 -3.74
C ALA E 607 11.28 -3.47 -4.70
N TYR E 608 10.48 -2.76 -5.52
CA TYR E 608 10.95 -1.74 -6.45
C TYR E 608 11.66 -0.58 -5.68
N GLN E 609 11.11 -0.20 -4.52
CA GLN E 609 11.72 0.84 -3.69
C GLN E 609 13.06 0.38 -3.15
N ILE E 610 13.16 -0.90 -2.72
CA ILE E 610 14.45 -1.47 -2.29
C ILE E 610 15.44 -1.43 -3.47
N VAL E 611 14.98 -1.86 -4.65
CA VAL E 611 15.79 -1.87 -5.89
C VAL E 611 16.31 -0.44 -6.21
N ARG E 612 15.43 0.57 -6.12
CA ARG E 612 15.76 1.99 -6.41
C ARG E 612 16.95 2.45 -5.53
N TYR E 613 16.86 2.17 -4.23
CA TYR E 613 17.89 2.60 -3.31
C TYR E 613 19.15 1.76 -3.38
N GLU E 614 19.04 0.45 -3.64
CA GLU E 614 20.21 -0.41 -3.80
C GLU E 614 20.97 -0.05 -5.07
N ALA E 615 20.24 0.09 -6.20
CA ALA E 615 20.86 0.39 -7.49
C ALA E 615 21.56 1.75 -7.49
N ILE E 616 20.98 2.79 -6.83
CA ILE E 616 21.63 4.11 -6.75
C ILE E 616 22.95 4.02 -5.96
N ARG E 617 23.02 3.12 -4.95
CA ARG E 617 24.23 2.90 -4.18
C ARG E 617 25.27 2.18 -5.03
N LEU E 618 24.85 1.10 -5.73
CA LEU E 618 25.69 0.27 -6.59
C LEU E 618 26.42 1.01 -7.69
N VAL E 619 25.71 1.92 -8.38
CA VAL E 619 26.28 2.68 -9.51
C VAL E 619 27.22 3.83 -9.12
N GLY E 620 27.29 4.18 -7.84
CA GLY E 620 28.19 5.24 -7.39
C GLY E 620 27.78 5.96 -6.13
N GLY E 621 26.53 5.77 -5.69
CA GLY E 621 26.02 6.37 -4.46
C GLY E 621 26.81 5.92 -3.24
N TRP E 622 27.40 4.70 -3.30
CA TRP E 622 28.25 4.14 -2.21
C TRP E 622 29.42 5.08 -1.87
N ASN E 623 29.89 5.87 -2.87
CA ASN E 623 31.04 6.76 -2.70
C ASN E 623 30.62 8.21 -2.36
N ASN E 624 29.32 8.42 -2.10
CA ASN E 624 28.79 9.72 -1.72
C ASN E 624 28.27 9.48 -0.29
N PRO E 625 29.02 9.91 0.75
CA PRO E 625 28.63 9.55 2.13
C PRO E 625 27.20 9.88 2.57
N LEU E 626 26.71 11.08 2.25
CA LEU E 626 25.34 11.45 2.60
C LEU E 626 24.29 10.58 1.85
N LEU E 627 24.46 10.43 0.54
CA LEU E 627 23.56 9.64 -0.30
C LEU E 627 23.55 8.17 0.12
N GLU E 628 24.75 7.61 0.33
CA GLU E 628 24.92 6.23 0.80
C GLU E 628 24.22 6.02 2.14
N THR E 629 24.41 6.95 3.09
CA THR E 629 23.80 6.85 4.43
C THR E 629 22.27 6.83 4.35
N ALA E 630 21.69 7.79 3.62
CA ALA E 630 20.23 7.89 3.47
C ALA E 630 19.66 6.70 2.70
N ALA E 631 20.26 6.33 1.56
CA ALA E 631 19.77 5.21 0.74
C ALA E 631 19.90 3.85 1.46
N LYS E 632 20.99 3.64 2.24
CA LYS E 632 21.17 2.43 3.02
C LYS E 632 20.06 2.33 4.08
N HIS E 633 19.82 3.43 4.83
CA HIS E 633 18.75 3.44 5.84
C HIS E 633 17.40 3.07 5.22
N MET E 634 17.05 3.67 4.09
CA MET E 634 15.78 3.44 3.41
C MET E 634 15.61 1.99 2.94
N SER E 635 16.64 1.42 2.32
CA SER E 635 16.54 0.03 1.88
C SER E 635 16.50 -0.92 3.09
N LEU E 636 17.33 -0.68 4.14
CA LEU E 636 17.33 -1.54 5.36
C LEU E 636 16.01 -1.47 6.11
N ASP E 637 15.40 -0.29 6.18
CA ASP E 637 14.13 -0.08 6.87
C ASP E 637 13.02 -0.89 6.16
N LYS E 638 13.03 -0.87 4.83
CA LYS E 638 12.06 -1.62 4.04
C LYS E 638 12.27 -3.14 4.17
N ARG E 639 13.53 -3.61 4.20
CA ARG E 639 13.85 -5.04 4.36
C ARG E 639 13.41 -5.53 5.73
N LYS E 640 13.60 -4.70 6.78
CA LYS E 640 13.23 -5.03 8.16
C LYS E 640 11.70 -5.17 8.28
N ARG E 641 10.95 -4.25 7.63
CA ARG E 641 9.49 -4.28 7.63
C ARG E 641 9.00 -5.59 7.02
N LEU E 642 9.59 -6.00 5.88
CA LEU E 642 9.25 -7.23 5.18
C LEU E 642 9.55 -8.48 6.03
N GLU E 643 10.71 -8.49 6.69
CA GLU E 643 11.16 -9.56 7.56
C GLU E 643 10.19 -9.73 8.76
N VAL E 644 9.81 -8.62 9.43
CA VAL E 644 8.87 -8.63 10.56
C VAL E 644 7.48 -9.12 10.09
N LYS E 645 7.07 -8.70 8.88
CA LYS E 645 5.76 -9.04 8.33
C LYS E 645 5.71 -10.46 7.72
N GLY E 646 6.88 -11.08 7.51
CA GLY E 646 7.02 -12.40 6.93
C GLY E 646 6.65 -12.42 5.47
N ILE E 647 6.89 -11.29 4.76
CA ILE E 647 6.57 -11.17 3.34
C ILE E 647 7.87 -11.32 2.56
N ASP E 648 7.88 -12.32 1.66
CA ASP E 648 9.03 -12.68 0.85
C ASP E 648 8.95 -12.03 -0.53
N VAL E 649 9.93 -11.15 -0.83
CA VAL E 649 10.01 -10.48 -2.14
C VAL E 649 11.34 -10.86 -2.85
N THR E 650 12.02 -11.94 -2.37
CA THR E 650 13.30 -12.42 -2.95
C THR E 650 13.21 -12.66 -4.45
N GLY E 651 12.05 -13.13 -4.93
CA GLY E 651 11.78 -13.32 -6.35
C GLY E 651 11.98 -12.04 -7.13
N PHE E 652 11.35 -10.92 -6.68
CA PHE E 652 11.51 -9.60 -7.32
C PHE E 652 12.95 -9.10 -7.21
N LEU E 653 13.59 -9.32 -6.06
CA LEU E 653 14.96 -8.85 -5.80
C LEU E 653 16.05 -9.63 -6.58
N ASP E 654 15.79 -10.93 -6.88
CA ASP E 654 16.69 -11.76 -7.70
C ASP E 654 16.55 -11.31 -9.16
N ASP E 655 15.34 -10.97 -9.61
CA ASP E 655 15.02 -10.53 -10.96
C ASP E 655 14.81 -9.00 -11.03
N TRP E 656 15.67 -8.27 -10.35
CA TRP E 656 15.63 -6.81 -10.20
C TRP E 656 15.89 -5.99 -11.45
N ASN E 657 16.72 -6.52 -12.38
CA ASN E 657 17.17 -5.83 -13.59
C ASN E 657 16.08 -5.17 -14.40
N ASN E 658 14.94 -5.84 -14.55
CA ASN E 658 13.81 -5.35 -15.33
C ASN E 658 13.10 -4.20 -14.67
N MET E 659 13.27 -4.02 -13.35
CA MET E 659 12.62 -2.92 -12.68
C MET E 659 13.52 -1.71 -12.34
N SER E 660 14.69 -1.63 -12.96
CA SER E 660 15.65 -0.57 -12.71
C SER E 660 16.23 -0.01 -14.02
N GLU E 661 16.39 1.31 -14.10
CA GLU E 661 17.07 1.95 -15.24
C GLU E 661 18.55 1.52 -15.28
N PHE E 662 19.08 0.96 -14.18
CA PHE E 662 20.48 0.50 -14.13
C PHE E 662 20.58 -1.02 -14.29
N GLY E 663 19.45 -1.67 -14.58
CA GLY E 663 19.35 -3.12 -14.76
C GLY E 663 20.25 -3.71 -15.84
N GLY E 664 20.39 -3.01 -16.95
CA GLY E 664 21.25 -3.44 -18.05
C GLY E 664 22.73 -3.30 -17.72
N ASP E 665 23.08 -2.48 -16.70
CA ASP E 665 24.46 -2.24 -16.30
C ASP E 665 25.03 -3.35 -15.42
N LEU E 666 24.19 -4.10 -14.67
CA LEU E 666 24.65 -5.13 -13.73
C LEU E 666 23.86 -6.43 -13.81
N GLU E 667 23.97 -7.06 -14.97
CA GLU E 667 23.21 -8.25 -15.35
C GLU E 667 23.30 -9.53 -14.51
N GLY E 668 24.42 -9.79 -13.84
CA GLY E 668 24.56 -11.03 -13.07
C GLY E 668 24.39 -11.04 -11.56
N ILE E 669 23.99 -9.90 -10.96
CA ILE E 669 23.89 -9.84 -9.48
C ILE E 669 22.46 -9.94 -8.93
N THR E 670 22.36 -10.23 -7.64
CA THR E 670 21.09 -10.25 -6.94
C THR E 670 21.03 -9.16 -5.84
N LEU E 671 19.84 -8.62 -5.56
CA LEU E 671 19.63 -7.60 -4.52
C LEU E 671 18.92 -8.16 -3.31
N SER E 672 18.77 -9.51 -3.23
CA SER E 672 18.07 -10.13 -2.10
CA SER E 672 18.09 -10.17 -2.11
C SER E 672 18.83 -9.96 -0.80
N GLU E 673 20.16 -9.79 -0.88
CA GLU E 673 20.98 -9.52 0.30
C GLU E 673 21.39 -8.04 0.25
N PRO E 674 21.40 -7.33 1.39
CA PRO E 674 21.80 -5.91 1.37
C PRO E 674 23.21 -5.71 0.83
N LEU E 675 23.44 -4.57 0.18
CA LEU E 675 24.74 -4.20 -0.35
C LEU E 675 25.80 -4.11 0.79
N THR E 676 26.99 -4.68 0.56
CA THR E 676 28.14 -4.60 1.49
C THR E 676 29.37 -4.30 0.64
N ASN E 677 30.56 -4.19 1.27
CA ASN E 677 31.81 -4.01 0.54
C ASN E 677 32.02 -5.16 -0.44
N GLN E 678 31.65 -6.41 -0.05
CA GLN E 678 31.81 -7.60 -0.90
C GLN E 678 31.04 -7.48 -2.22
N THR E 679 29.85 -6.85 -2.21
CA THR E 679 29.06 -6.59 -3.42
C THR E 679 29.89 -5.72 -4.40
N LEU E 680 30.52 -4.65 -3.86
CA LEU E 680 31.33 -3.70 -4.65
C LEU E 680 32.58 -4.36 -5.18
N VAL E 681 33.19 -5.25 -4.40
CA VAL E 681 34.35 -6.04 -4.82
C VAL E 681 33.91 -6.97 -5.96
N ASP E 682 32.81 -7.72 -5.76
CA ASP E 682 32.31 -8.71 -6.74
C ASP E 682 31.97 -8.12 -8.11
N ILE E 683 31.31 -6.96 -8.16
CA ILE E 683 30.98 -6.29 -9.44
C ILE E 683 32.22 -5.74 -10.13
N ASN E 684 33.34 -5.57 -9.39
CA ASN E 684 34.57 -5.01 -9.97
C ASN E 684 35.65 -6.04 -10.21
N THR E 685 35.40 -7.30 -9.85
CA THR E 685 36.41 -8.37 -9.97
C THR E 685 36.62 -8.77 -11.43
N PRO E 686 37.87 -8.57 -11.93
CA PRO E 686 38.15 -8.99 -13.29
C PRO E 686 38.14 -10.52 -13.35
N LEU E 687 37.61 -11.05 -14.42
CA LEU E 687 37.61 -12.50 -14.55
C LEU E 687 38.90 -13.04 -15.17
N ASP E 688 39.71 -12.18 -15.83
CA ASP E 688 41.00 -12.57 -16.42
C ASP E 688 42.04 -11.48 -16.17
N SER E 689 43.34 -11.84 -16.07
CA SER E 689 44.41 -10.85 -15.91
C SER E 689 44.53 -10.05 -17.22
N PHE E 690 44.95 -8.78 -17.14
CA PHE E 690 45.01 -7.94 -18.31
C PHE E 690 46.41 -7.57 -18.71
N ASP E 691 46.75 -7.83 -19.96
CA ASP E 691 47.99 -7.43 -20.60
C ASP E 691 47.51 -6.83 -21.92
N PRO E 692 47.57 -5.50 -22.08
CA PRO E 692 47.10 -4.88 -23.35
C PRO E 692 47.76 -5.45 -24.62
N LYS E 693 49.03 -5.88 -24.53
CA LYS E 693 49.78 -6.46 -25.65
C LYS E 693 49.28 -7.86 -26.00
N ALA E 694 48.62 -8.55 -25.06
CA ALA E 694 48.07 -9.90 -25.27
C ALA E 694 46.67 -9.88 -25.91
N ARG E 695 46.05 -8.70 -26.08
CA ARG E 695 44.72 -8.60 -26.72
C ARG E 695 44.82 -9.13 -28.15
N PRO E 696 43.92 -10.02 -28.58
CA PRO E 696 43.97 -10.48 -29.99
C PRO E 696 43.76 -9.30 -30.94
N GLN E 697 44.29 -9.44 -32.14
CA GLN E 697 44.11 -8.47 -33.20
C GLN E 697 42.68 -8.65 -33.78
N THR E 698 42.23 -7.74 -34.65
CA THR E 698 40.88 -7.82 -35.25
C THR E 698 40.71 -9.10 -36.09
N PRO E 699 39.46 -9.69 -36.19
CA PRO E 699 39.27 -10.90 -37.02
C PRO E 699 39.75 -10.72 -38.48
N ARG E 700 39.51 -9.54 -39.08
CA ARG E 700 39.93 -9.26 -40.46
C ARG E 700 41.05 -8.26 -40.41
N SER E 701 41.99 -8.36 -41.38
CA SER E 701 43.20 -7.52 -41.47
C SER E 701 43.82 -7.36 -40.07
N PRO E 702 44.12 -8.50 -39.38
CA PRO E 702 44.61 -8.43 -37.99
C PRO E 702 45.79 -7.52 -37.72
N LYS E 703 46.83 -7.60 -38.54
CA LYS E 703 48.06 -6.83 -38.37
C LYS E 703 47.92 -5.34 -38.68
N LYS E 704 46.89 -4.97 -39.45
CA LYS E 704 46.65 -3.57 -39.82
C LYS E 704 46.04 -2.75 -38.69
N THR E 705 46.36 -1.47 -38.67
CA THR E 705 45.78 -0.53 -37.71
C THR E 705 44.89 0.42 -38.52
N LEU E 706 44.07 1.22 -37.82
CA LEU E 706 43.23 2.24 -38.46
C LEU E 706 44.10 3.22 -39.29
N ASP E 707 45.27 3.62 -38.75
CA ASP E 707 46.22 4.52 -39.42
C ASP E 707 46.74 3.96 -40.75
N GLU E 708 47.09 2.66 -40.78
CA GLU E 708 47.57 1.99 -42.00
C GLU E 708 46.46 1.91 -43.04
N VAL E 709 45.21 1.60 -42.62
CA VAL E 709 44.06 1.55 -43.53
C VAL E 709 43.82 2.92 -44.16
N THR E 710 43.88 3.99 -43.37
CA THR E 710 43.67 5.37 -43.83
C THR E 710 44.73 5.77 -44.87
N THR E 711 45.99 5.38 -44.63
CA THR E 711 47.10 5.64 -45.55
C THR E 711 46.83 4.92 -46.86
N ALA E 712 46.43 3.62 -46.79
CA ALA E 712 46.13 2.82 -47.99
C ALA E 712 44.98 3.46 -48.80
N ILE E 713 43.90 3.91 -48.11
CA ILE E 713 42.76 4.57 -48.76
C ILE E 713 43.16 5.87 -49.47
N THR E 714 43.95 6.71 -48.77
CA THR E 714 44.49 7.94 -49.34
C THR E 714 45.17 7.68 -50.70
N SER E 715 45.93 6.58 -50.83
CA SER E 715 46.63 6.26 -52.09
C SER E 715 45.72 5.62 -53.14
N GLY E 716 44.44 5.41 -52.80
CA GLY E 716 43.49 4.84 -53.75
C GLY E 716 43.28 3.35 -53.66
N THR E 717 43.76 2.70 -52.60
CA THR E 717 43.60 1.25 -52.40
C THR E 717 42.18 0.93 -51.89
N TYR E 718 41.73 -0.32 -52.14
CA TYR E 718 40.46 -0.91 -51.72
C TYR E 718 39.22 -0.31 -52.33
N LYS E 719 39.34 0.29 -53.52
CA LYS E 719 38.16 0.86 -54.18
C LYS E 719 37.12 -0.23 -54.44
N ASP E 720 37.58 -1.39 -54.92
CA ASP E 720 36.72 -2.53 -55.23
C ASP E 720 37.16 -3.76 -54.43
N PRO E 721 36.20 -4.58 -53.96
CA PRO E 721 36.58 -5.81 -53.26
C PRO E 721 37.14 -6.83 -54.23
N LYS E 722 37.91 -7.78 -53.68
CA LYS E 722 38.56 -8.81 -54.50
C LYS E 722 37.55 -9.80 -55.10
N SER E 723 36.73 -10.41 -54.25
CA SER E 723 35.85 -11.47 -54.68
C SER E 723 34.66 -11.00 -55.49
N ALA E 724 34.27 -11.85 -56.44
CA ALA E 724 33.14 -11.60 -57.34
C ALA E 724 31.81 -11.50 -56.55
N VAL E 725 31.67 -12.25 -55.41
CA VAL E 725 30.46 -12.20 -54.57
C VAL E 725 30.32 -10.76 -54.02
N TRP E 726 31.40 -10.23 -53.45
CA TRP E 726 31.42 -8.90 -52.84
C TRP E 726 31.26 -7.81 -53.91
N ARG E 727 31.85 -8.03 -55.11
CA ARG E 727 31.70 -7.12 -56.25
C ARG E 727 30.25 -7.07 -56.73
N LEU E 728 29.54 -8.22 -56.75
CA LEU E 728 28.12 -8.24 -57.13
C LEU E 728 27.30 -7.43 -56.11
N LEU E 729 27.65 -7.52 -54.80
CA LEU E 729 26.96 -6.80 -53.74
C LEU E 729 27.20 -5.28 -53.85
N ASP E 730 28.40 -4.87 -54.23
CA ASP E 730 28.69 -3.45 -54.45
C ASP E 730 27.95 -2.93 -55.72
N GLN E 731 27.95 -3.72 -56.81
CA GLN E 731 27.24 -3.38 -58.07
C GLN E 731 25.72 -3.23 -57.83
N ARG E 732 25.18 -4.03 -56.89
CA ARG E 732 23.78 -4.04 -56.45
C ARG E 732 23.36 -2.64 -55.92
N THR E 733 24.32 -1.87 -55.37
CA THR E 733 24.05 -0.50 -54.86
C THR E 733 23.98 0.53 -55.99
N LYS E 734 24.39 0.14 -57.22
CA LYS E 734 24.46 1.06 -58.38
C LYS E 734 23.41 0.81 -59.45
N LEU E 735 22.95 -0.43 -59.57
CA LEU E 735 22.00 -0.84 -60.60
C LEU E 735 20.56 -0.57 -60.21
N ARG E 736 19.74 -0.10 -61.18
CA ARG E 736 18.33 0.19 -60.94
C ARG E 736 17.54 -1.12 -60.73
N VAL E 737 16.39 -1.01 -60.07
CA VAL E 737 15.53 -2.16 -59.76
C VAL E 737 15.12 -3.03 -60.94
N SER E 738 15.04 -2.46 -62.17
CA SER E 738 14.67 -3.26 -63.36
C SER E 738 15.68 -4.37 -63.64
N THR E 739 16.93 -4.25 -63.13
CA THR E 739 18.00 -5.23 -63.33
C THR E 739 18.01 -6.36 -62.27
N LEU E 740 17.08 -6.32 -61.31
CA LEU E 740 17.08 -7.30 -60.19
C LEU E 740 17.04 -8.80 -60.59
N ARG E 741 16.31 -9.11 -61.68
CA ARG E 741 16.21 -10.51 -62.15
C ARG E 741 17.59 -11.00 -62.64
N ASP E 742 18.31 -10.14 -63.37
CA ASP E 742 19.67 -10.45 -63.86
C ASP E 742 20.67 -10.54 -62.70
N GLN E 743 20.51 -9.67 -61.70
CA GLN E 743 21.36 -9.69 -60.50
C GLN E 743 21.15 -10.98 -59.70
N ALA E 744 19.90 -11.47 -59.66
CA ALA E 744 19.55 -12.73 -58.97
C ALA E 744 20.25 -13.90 -59.67
N LEU E 745 20.24 -13.90 -61.02
CA LEU E 745 20.92 -14.93 -61.81
C LEU E 745 22.44 -14.92 -61.58
N ALA E 746 23.04 -13.71 -61.41
CA ALA E 746 24.47 -13.57 -61.17
C ALA E 746 24.88 -14.14 -59.80
N LEU E 747 24.00 -14.05 -58.80
CA LEU E 747 24.25 -14.50 -57.42
C LEU E 747 23.81 -15.96 -57.15
N LYS E 748 22.86 -16.50 -57.94
CA LYS E 748 22.32 -17.86 -57.76
C LYS E 748 23.38 -18.98 -57.57
N PRO E 749 24.43 -19.13 -58.42
CA PRO E 749 25.43 -20.22 -58.17
C PRO E 749 26.15 -20.12 -56.81
N ALA E 750 26.56 -18.90 -56.39
CA ALA E 750 27.24 -18.69 -55.09
C ALA E 750 26.27 -18.91 -53.92
N SER E 751 25.02 -18.42 -54.08
CA SER E 751 23.91 -18.54 -53.13
CA SER E 751 23.97 -18.57 -53.07
C SER E 751 23.57 -20.03 -52.87
N SER E 752 23.64 -20.87 -53.91
CA SER E 752 23.31 -22.31 -53.87
C SER E 752 24.55 -23.16 -53.57
N SER E 753 25.75 -22.53 -53.54
CA SER E 753 27.05 -23.20 -53.36
C SER E 753 27.21 -24.38 -54.32
N VAL E 754 26.84 -24.20 -55.61
CA VAL E 754 26.97 -25.23 -56.64
C VAL E 754 28.45 -25.59 -56.82
N ASP E 755 28.73 -26.74 -57.42
CA ASP E 755 30.11 -27.13 -57.68
C ASP E 755 30.70 -26.10 -58.66
N ASN E 756 31.89 -25.56 -58.33
CA ASN E 756 32.61 -24.54 -59.12
C ASN E 756 31.90 -23.16 -59.07
N TRP E 757 31.13 -22.89 -57.99
CA TRP E 757 30.43 -21.61 -57.80
C TRP E 757 31.38 -20.39 -57.91
N ALA E 758 32.64 -20.48 -57.42
CA ALA E 758 33.58 -19.35 -57.43
C ALA E 758 33.94 -18.91 -58.84
N GLU E 759 34.25 -19.88 -59.71
CA GLU E 759 34.56 -19.61 -61.12
C GLU E 759 33.32 -19.08 -61.82
N ALA E 760 32.15 -19.71 -61.57
CA ALA E 760 30.86 -19.34 -62.16
C ALA E 760 30.50 -17.91 -61.75
N THR E 761 30.73 -17.53 -60.47
CA THR E 761 30.46 -16.17 -59.95
C THR E 761 31.32 -15.13 -60.68
N GLU E 762 32.60 -15.44 -60.93
CA GLU E 762 33.44 -14.50 -61.66
C GLU E 762 32.97 -14.34 -63.12
N GLU E 763 32.58 -15.42 -63.76
CA GLU E 763 32.04 -15.38 -65.13
C GLU E 763 30.75 -14.57 -65.18
N LEU E 764 29.89 -14.72 -64.15
CA LEU E 764 28.64 -14.00 -64.06
C LEU E 764 28.85 -12.53 -63.73
N ALA E 765 29.92 -12.21 -62.99
CA ALA E 765 30.32 -10.84 -62.68
C ALA E 765 30.79 -10.16 -64.00
N GLN E 766 31.46 -10.90 -64.89
CA GLN E 766 31.89 -10.37 -66.19
C GLN E 766 30.66 -10.07 -67.06
N GLN E 767 29.65 -10.95 -66.99
CA GLN E 767 28.40 -10.78 -67.71
C GLN E 767 27.66 -9.52 -67.16
N GLN E 768 27.64 -9.34 -65.85
CA GLN E 768 27.00 -8.19 -65.21
C GLN E 768 27.70 -6.88 -65.54
N GLN E 769 29.03 -6.90 -65.68
CA GLN E 769 29.83 -5.72 -66.08
C GLN E 769 29.38 -5.15 -67.42
N LEU E 770 28.77 -5.99 -68.27
CA LEU E 770 28.22 -5.55 -69.57
C LEU E 770 27.07 -4.55 -69.42
N LEU E 771 26.34 -4.59 -68.28
CA LEU E 771 25.25 -3.65 -67.93
C LEU E 771 25.79 -2.33 -67.46
N MET E 772 26.98 -2.35 -66.82
CA MET E 772 27.61 -1.18 -66.17
C MET E 772 27.88 -0.02 -67.10
N LYS E 773 28.02 -0.28 -68.41
CA LYS E 773 28.24 0.74 -69.43
C LYS E 773 26.92 1.39 -69.91
N ALA E 774 25.75 0.78 -69.55
CA ALA E 774 24.43 1.34 -69.94
C ALA E 774 23.91 2.29 -68.84
N ASN E 775 24.14 3.61 -69.04
CA ASN E 775 23.75 4.68 -68.11
C ASN E 775 22.29 4.66 -67.69
N ASN E 776 21.37 4.24 -68.59
CA ASN E 776 19.95 4.11 -68.28
C ASN E 776 19.71 3.07 -67.16
N LEU E 777 20.66 2.12 -66.95
CA LEU E 777 20.58 1.08 -65.92
C LEU E 777 21.14 1.51 -64.57
N LEU E 778 21.78 2.68 -64.51
CA LEU E 778 22.43 3.18 -63.32
C LEU E 778 21.56 4.20 -62.58
N LYS E 779 20.95 3.74 -61.49
CA LYS E 779 20.09 4.53 -60.61
C LYS E 779 20.08 3.86 -59.26
N SER E 780 20.18 4.65 -58.19
CA SER E 780 20.12 4.11 -56.83
C SER E 780 18.71 3.54 -56.56
N SER E 781 18.64 2.27 -56.13
CA SER E 781 17.37 1.63 -55.75
C SER E 781 16.85 2.31 -54.47
N LEU E 782 17.73 3.03 -53.72
CA LEU E 782 17.31 3.74 -52.49
C LEU E 782 16.44 4.92 -52.84
N THR E 783 16.73 5.59 -53.97
CA THR E 783 15.93 6.72 -54.49
C THR E 783 14.62 6.15 -55.03
N GLU E 784 14.66 5.02 -55.77
CA GLU E 784 13.48 4.35 -56.32
C GLU E 784 12.57 3.89 -55.18
N THR E 785 13.16 3.37 -54.08
CA THR E 785 12.40 2.93 -52.90
C THR E 785 11.67 4.13 -52.28
N ARG E 786 12.40 5.22 -52.00
CA ARG E 786 11.82 6.43 -51.45
C ARG E 786 10.64 6.99 -52.32
N GLU E 787 10.81 7.01 -53.66
CA GLU E 787 9.78 7.48 -54.59
C GLU E 787 8.53 6.57 -54.51
N ALA E 788 8.71 5.23 -54.45
CA ALA E 788 7.57 4.32 -54.34
C ALA E 788 6.87 4.47 -52.94
N LEU E 789 7.66 4.69 -51.85
CA LEU E 789 7.12 4.87 -50.49
C LEU E 789 6.27 6.11 -50.36
N GLU E 790 6.64 7.16 -51.07
CA GLU E 790 5.97 8.45 -50.99
C GLU E 790 4.87 8.66 -52.03
N LYS E 791 4.69 7.70 -52.95
CA LYS E 791 3.68 7.75 -54.01
C LYS E 791 2.26 7.86 -53.43
N THR E 792 1.51 8.85 -53.94
CA THR E 792 0.08 9.10 -53.61
C THR E 792 -0.63 9.27 -54.96
MG MG F . -16.39 -31.30 20.11
K K G . -17.31 -48.58 20.01
CL CL H . -19.73 -42.87 7.37
MG MG I . 0.88 31.63 44.86
K K J . -12.55 24.32 52.72
CL CL K . -8.16 17.07 41.50
MG MG L . -39.91 16.26 -36.65
K K M . -55.36 23.77 -38.04
CL CL N . -56.27 9.80 -36.59
MG MG O . 70.45 -0.59 29.93
K K P . 74.78 -9.13 15.57
CL CL Q . 62.70 -1.98 14.32
MG MG R . 29.25 11.32 -25.62
K K S . 25.09 17.26 -41.27
CL CL T . 13.87 13.26 -33.69
CL CL U . 33.46 -7.17 -61.63
#